data_9OG7
#
_entry.id   9OG7
#
_cell.length_a   1.00
_cell.length_b   1.00
_cell.length_c   1.00
_cell.angle_alpha   90.00
_cell.angle_beta   90.00
_cell.angle_gamma   90.00
#
_symmetry.space_group_name_H-M   'P 1'
#
loop_
_entity.id
_entity.type
_entity.pdbx_description
1 polymer 'Spike glycoprotein'
2 branched 2-acetamido-2-deoxy-beta-D-glucopyranose-(1-4)-2-acetamido-2-deoxy-beta-D-glucopyranose
3 branched beta-D-mannopyranose-(1-4)-2-acetamido-2-deoxy-beta-D-glucopyranose-(1-4)-2-acetamido-2-deoxy-beta-D-glucopyranose
4 branched beta-D-mannopyranose-(1-3)-2-acetamido-2-deoxy-beta-D-glucopyranose-(1-4)-2-acetamido-2-deoxy-beta-D-glucopyranose
5 non-polymer 2-acetamido-2-deoxy-beta-D-glucopyranose
#
_entity_poly.entity_id   1
_entity_poly.type   'polypeptide(L)'
_entity_poly.pdbx_seq_one_letter_code
;MFVFLVLLPLVSSQCVNLTTRTQLPPAYTNSFTRGVYYPDKVFRSSVLHSTQDLFLPFFSNVTWFHAIHVSGTNGTKRFD
NPVLPFNDGVYFASTEKSNIIRGWIFGTTLDSKTQSLLIVNNATNVVIKVCEFQFCNDPFLGVYYHKNNKSWMESEFRVY
SSANNCTFEYVSQPFLMDLEGKQGNFKNLREFVFKNIDGYFKIYSKHTPINLVRDLPQGFSALEPLVDLPIGINITRFQT
LLALHRSYLTPGDSSSGWTAGAAAYYVGYLQPRTFLLKYNENGTITDAVDCALDPLSETKCTLKSFTVEKGIYQTSNFRV
QPTESIVRFPNITNLCPFGEVFNATRFASVYAWNRKRISNCVADYSVLYNSASFSTFKCYGVSPTKLNDLCFTNVYADSF
VIRGDEVRQIAPGQTGKIADYNYKLPDDFTGCVIAWNSNNLDSKVGGNYNYLYRLFRKSNLKPFERDISTEIYQAGSTPC
NGVEGFNCYFPLQSYGFQPTNGVGYQPYRVVVLSFELLHAPATVCGPKKSTNLVKNKCVNFNFNGLTGTGVLTESNKKFL
PFQQFGRDIADTTDAVRDPQTLEILDITPCSFGGVSVITPGTNTSNQVAVLYQDVNCTEVPVAIHADQLTPTWRVYSTGS
NVFQTRAGCLIGAEHVNNSYECDIPIGAGICASYQTQTNSPGSASSVASQSIIAYTMSLGAENSCAYSNNSIAIPTNFTI
SVTTEILPVSMTKTSVDCTMYICGDSTECSNLLLQYGSFCTQLNRALTGIAVEQDKNTQEVFAQVKQIYKTPPIKDFGGF
NFSQILPDPSKPSKRSPIEDLLFNKVTLADAGFIKQYGDCLGDIAARDLICAQKFNGLTVLPPLLTDEMIAQYTSALLAG
TICSGWTFGAGPALQIPFPMQMAYRFNGIGVTQNVLYENQKLIANQFNSAIGKIQDSLSSTPSALGKLQDVVNQNAQALN
TLVKQLSSNFGAISSVLNDILSRLDPPEAEVQIDRLITGRLQSLQTYVTQQLIRAAEIRASANLAATKMSECVLGQSKRV
DFCGKGYHLMSFPQSAPHGVVFLHVTYVPAQEKNFTTAPAICHDGKAHFPREGVFVSNGTHWFVTQRNFYEPQIITTDNT
FVSGNCDVVIGIVNNTVYDPLQPELDSFKEELDKYFKNHTSPDVDLGDISGINASVVNIQKEIDRLNEVAKNLNESLIDL
QELGKYEQGSGYIPEAPRDGQAYVRKDGEWVLLSTFLGRSLEVLFQGPGSAWSHPQFEKGGGSGGGGSGGSAWSHPQFEK
;
_entity_poly.pdbx_strand_id   A,C,B
#
# COMPACT_ATOMS: atom_id res chain seq x y z
N GLN A 14 -49.89 -14.96 -53.27
CA GLN A 14 -50.48 -13.67 -52.91
C GLN A 14 -50.70 -13.59 -51.40
N CYS A 15 -50.39 -12.43 -50.82
CA CYS A 15 -50.56 -12.21 -49.39
C CYS A 15 -52.04 -12.24 -49.05
N VAL A 16 -52.48 -13.30 -48.37
CA VAL A 16 -53.89 -13.51 -48.08
C VAL A 16 -54.06 -13.70 -46.57
N ASN A 17 -55.20 -13.23 -46.07
CA ASN A 17 -55.54 -13.39 -44.66
C ASN A 17 -55.72 -14.87 -44.35
N LEU A 18 -54.84 -15.41 -43.51
CA LEU A 18 -54.84 -16.82 -43.20
C LEU A 18 -55.93 -17.16 -42.18
N THR A 19 -56.03 -18.45 -41.85
CA THR A 19 -57.08 -18.96 -40.97
C THR A 19 -56.44 -20.01 -40.06
N THR A 20 -57.30 -20.82 -39.44
CA THR A 20 -56.90 -21.94 -38.57
C THR A 20 -56.01 -21.44 -37.42
N ARG A 21 -56.62 -20.60 -36.58
CA ARG A 21 -55.98 -20.07 -35.38
C ARG A 21 -56.31 -20.88 -34.13
N THR A 22 -56.52 -22.20 -34.28
CA THR A 22 -56.84 -23.05 -33.13
C THR A 22 -55.75 -22.95 -32.08
N GLN A 23 -56.17 -22.80 -30.82
CA GLN A 23 -55.25 -22.56 -29.71
C GLN A 23 -54.24 -23.68 -29.56
N LEU A 24 -52.96 -23.38 -29.83
CA LEU A 24 -51.88 -24.35 -29.67
C LEU A 24 -51.27 -24.20 -28.29
N PRO A 25 -51.19 -25.28 -27.50
CA PRO A 25 -50.59 -25.17 -26.17
C PRO A 25 -49.13 -24.74 -26.25
N PRO A 26 -48.74 -23.75 -25.44
CA PRO A 26 -47.34 -23.29 -25.47
C PRO A 26 -46.41 -24.21 -24.70
N ALA A 27 -45.93 -25.27 -25.35
CA ALA A 27 -45.03 -26.20 -24.68
C ALA A 27 -43.70 -25.55 -24.35
N TYR A 28 -43.17 -25.83 -23.18
CA TYR A 28 -41.88 -25.31 -22.74
C TYR A 28 -40.80 -26.37 -22.90
N THR A 29 -39.55 -25.90 -22.91
CA THR A 29 -38.39 -26.77 -22.99
C THR A 29 -37.24 -26.12 -22.24
N ASN A 30 -36.30 -26.95 -21.78
CA ASN A 30 -35.14 -26.45 -21.05
C ASN A 30 -34.01 -26.18 -22.03
N SER A 31 -33.37 -25.02 -21.88
CA SER A 31 -32.34 -24.59 -22.82
C SER A 31 -31.02 -25.33 -22.64
N PHE A 32 -30.81 -25.95 -21.48
CA PHE A 32 -29.57 -26.68 -21.18
C PHE A 32 -28.39 -25.70 -21.28
N THR A 33 -27.24 -26.18 -21.74
CA THR A 33 -26.04 -25.36 -21.89
C THR A 33 -25.93 -24.84 -23.32
N ARG A 34 -26.95 -24.10 -23.74
CA ARG A 34 -27.05 -23.62 -25.12
C ARG A 34 -27.28 -22.12 -25.11
N GLY A 35 -26.96 -21.49 -26.25
CA GLY A 35 -27.13 -20.06 -26.42
C GLY A 35 -25.89 -19.23 -26.24
N VAL A 36 -24.73 -19.86 -26.05
CA VAL A 36 -23.49 -19.12 -25.85
C VAL A 36 -22.93 -18.71 -27.20
N TYR A 37 -22.59 -17.42 -27.32
CA TYR A 37 -22.01 -16.89 -28.54
C TYR A 37 -20.72 -16.14 -28.20
N TYR A 38 -19.88 -15.96 -29.21
CA TYR A 38 -18.65 -15.21 -29.04
C TYR A 38 -18.97 -13.74 -28.80
N PRO A 39 -18.54 -13.15 -27.69
CA PRO A 39 -18.92 -11.76 -27.40
C PRO A 39 -18.10 -10.73 -28.18
N ASP A 40 -16.83 -11.04 -28.43
CA ASP A 40 -15.95 -10.11 -29.13
C ASP A 40 -14.99 -10.91 -29.99
N LYS A 41 -14.62 -10.32 -31.13
CA LYS A 41 -13.71 -10.95 -32.09
C LYS A 41 -12.28 -10.72 -31.63
N VAL A 42 -11.89 -11.44 -30.58
CA VAL A 42 -10.54 -11.38 -30.03
C VAL A 42 -10.08 -12.81 -29.77
N PHE A 43 -8.86 -13.12 -30.21
CA PHE A 43 -8.29 -14.46 -30.03
C PHE A 43 -7.70 -14.55 -28.63
N ARG A 44 -8.37 -15.28 -27.75
CA ARG A 44 -7.88 -15.56 -26.41
C ARG A 44 -7.64 -17.06 -26.29
N SER A 45 -6.48 -17.44 -25.76
CA SER A 45 -6.07 -18.84 -25.71
C SER A 45 -5.74 -19.23 -24.28
N SER A 46 -6.25 -20.41 -23.89
CA SER A 46 -5.96 -21.01 -22.58
C SER A 46 -6.20 -20.04 -21.43
N VAL A 47 -7.37 -19.41 -21.44
CA VAL A 47 -7.73 -18.41 -20.43
C VAL A 47 -9.13 -18.70 -19.91
N LEU A 48 -9.49 -17.98 -18.85
CA LEU A 48 -10.82 -18.06 -18.24
C LEU A 48 -11.35 -16.63 -18.14
N HIS A 49 -12.06 -16.21 -19.19
CA HIS A 49 -12.54 -14.84 -19.27
C HIS A 49 -13.93 -14.71 -18.66
N SER A 50 -14.28 -13.48 -18.28
CA SER A 50 -15.59 -13.18 -17.71
C SER A 50 -16.21 -12.05 -18.52
N THR A 51 -17.41 -12.28 -19.04
CA THR A 51 -18.11 -11.30 -19.89
C THR A 51 -19.50 -11.05 -19.34
N GLN A 52 -19.86 -9.79 -19.19
CA GLN A 52 -21.21 -9.38 -18.80
C GLN A 52 -21.92 -8.89 -20.04
N ASP A 53 -22.94 -9.63 -20.48
CA ASP A 53 -23.59 -9.34 -21.75
C ASP A 53 -24.97 -9.98 -21.76
N LEU A 54 -25.67 -9.81 -22.88
CA LEU A 54 -27.00 -10.37 -23.06
C LEU A 54 -26.87 -11.83 -23.49
N PHE A 55 -26.95 -12.74 -22.52
CA PHE A 55 -26.84 -14.16 -22.77
C PHE A 55 -28.15 -14.85 -22.43
N LEU A 56 -28.38 -15.99 -23.06
CA LEU A 56 -29.53 -16.82 -22.71
C LEU A 56 -29.24 -17.54 -21.39
N PRO A 57 -30.07 -17.37 -20.37
CA PRO A 57 -29.77 -17.98 -19.07
C PRO A 57 -29.69 -19.49 -19.15
N PHE A 58 -28.77 -20.06 -18.36
CA PHE A 58 -28.63 -21.50 -18.30
C PHE A 58 -29.87 -22.14 -17.69
N PHE A 59 -30.31 -23.25 -18.28
CA PHE A 59 -31.48 -23.99 -17.83
C PHE A 59 -32.72 -23.11 -17.78
N SER A 60 -32.84 -22.21 -18.77
CA SER A 60 -34.01 -21.37 -18.89
C SER A 60 -35.10 -22.09 -19.68
N ASN A 61 -36.34 -21.62 -19.52
CA ASN A 61 -37.49 -22.24 -20.17
C ASN A 61 -37.77 -21.52 -21.48
N VAL A 62 -37.25 -22.08 -22.58
CA VAL A 62 -37.57 -21.57 -23.90
C VAL A 62 -38.89 -22.15 -24.38
N THR A 63 -39.46 -21.54 -25.41
CA THR A 63 -40.72 -22.00 -25.97
C THR A 63 -40.46 -22.73 -27.28
N TRP A 64 -41.26 -23.76 -27.54
CA TRP A 64 -41.13 -24.59 -28.73
C TRP A 64 -42.45 -24.52 -29.50
N PHE A 65 -42.58 -23.49 -30.34
CA PHE A 65 -43.74 -23.38 -31.19
C PHE A 65 -43.62 -24.36 -32.36
N HIS A 66 -44.68 -25.12 -32.59
CA HIS A 66 -44.73 -26.18 -33.60
C HIS A 66 -45.67 -25.71 -34.71
N ALA A 67 -45.09 -25.17 -35.78
CA ALA A 67 -45.87 -24.63 -36.90
C ALA A 67 -45.98 -25.69 -38.00
N ILE A 68 -46.70 -26.76 -37.68
CA ILE A 68 -46.92 -27.86 -38.60
C ILE A 68 -48.41 -27.99 -38.87
N HIS A 69 -48.74 -28.64 -39.98
CA HIS A 69 -50.13 -28.85 -40.37
C HIS A 69 -50.85 -29.76 -39.38
N ARG A 78 -51.90 -26.70 -37.27
CA ARG A 78 -52.33 -25.43 -37.83
C ARG A 78 -51.14 -24.52 -38.12
N PHE A 79 -51.39 -23.40 -38.79
CA PHE A 79 -50.38 -22.40 -39.05
C PHE A 79 -50.23 -21.53 -37.80
N ASP A 80 -49.13 -21.70 -37.08
CA ASP A 80 -48.89 -20.99 -35.81
C ASP A 80 -47.63 -20.15 -35.97
N ASN A 81 -47.79 -18.87 -36.28
CA ASN A 81 -46.68 -17.93 -36.42
C ASN A 81 -46.99 -16.67 -35.61
N PRO A 82 -46.96 -16.77 -34.28
CA PRO A 82 -47.26 -15.60 -33.45
C PRO A 82 -46.14 -14.59 -33.51
N VAL A 83 -46.50 -13.33 -33.24
CA VAL A 83 -45.54 -12.24 -33.21
C VAL A 83 -45.07 -12.11 -31.75
N LEU A 84 -43.82 -12.53 -31.50
CA LEU A 84 -43.27 -12.56 -30.15
C LEU A 84 -42.40 -11.33 -29.91
N PRO A 85 -42.54 -10.66 -28.78
CA PRO A 85 -41.74 -9.45 -28.53
C PRO A 85 -40.25 -9.76 -28.44
N PHE A 86 -39.45 -8.77 -28.87
CA PHE A 86 -38.00 -8.90 -28.79
C PHE A 86 -37.49 -8.75 -27.36
N ASN A 87 -38.04 -7.78 -26.63
CA ASN A 87 -37.58 -7.43 -25.28
C ASN A 87 -36.11 -7.02 -25.31
N ASP A 88 -35.21 -7.96 -25.00
CA ASP A 88 -33.77 -7.73 -25.04
C ASP A 88 -33.11 -8.39 -26.24
N GLY A 89 -33.33 -9.68 -26.43
CA GLY A 89 -32.79 -10.41 -27.56
C GLY A 89 -33.68 -11.59 -27.88
N VAL A 90 -33.26 -12.37 -28.87
CA VAL A 90 -34.01 -13.54 -29.31
C VAL A 90 -33.04 -14.65 -29.64
N TYR A 91 -33.29 -15.84 -29.09
CA TYR A 91 -32.56 -17.05 -29.42
C TYR A 91 -33.40 -17.88 -30.39
N PHE A 92 -32.72 -18.72 -31.17
CA PHE A 92 -33.39 -19.53 -32.18
C PHE A 92 -32.60 -20.81 -32.38
N ALA A 93 -33.23 -21.95 -32.12
CA ALA A 93 -32.56 -23.23 -32.25
C ALA A 93 -33.29 -24.13 -33.24
N SER A 94 -33.67 -23.57 -34.39
CA SER A 94 -34.39 -24.32 -35.41
C SER A 94 -33.61 -25.53 -35.89
N THR A 95 -34.08 -26.72 -35.57
CA THR A 95 -33.49 -27.97 -36.04
C THR A 95 -34.13 -28.48 -37.32
N GLU A 96 -35.18 -27.81 -37.81
CA GLU A 96 -35.85 -28.26 -39.02
C GLU A 96 -34.92 -28.16 -40.22
N LYS A 97 -35.07 -29.11 -41.14
CA LYS A 97 -34.24 -29.17 -42.33
C LYS A 97 -35.01 -29.28 -43.63
N SER A 98 -36.30 -29.57 -43.60
CA SER A 98 -37.07 -29.74 -44.84
C SER A 98 -37.73 -28.43 -45.28
N ASN A 99 -36.93 -27.36 -45.33
CA ASN A 99 -37.31 -26.09 -45.95
C ASN A 99 -38.66 -25.58 -45.44
N ILE A 100 -38.70 -25.28 -44.15
CA ILE A 100 -39.91 -24.76 -43.49
C ILE A 100 -39.73 -23.31 -43.07
N ILE A 101 -38.69 -23.01 -42.30
CA ILE A 101 -38.44 -21.63 -41.85
C ILE A 101 -37.49 -20.99 -42.86
N ARG A 102 -38.04 -20.12 -43.71
CA ARG A 102 -37.23 -19.44 -44.72
C ARG A 102 -36.40 -18.31 -44.10
N GLY A 103 -36.97 -17.57 -43.16
CA GLY A 103 -36.29 -16.45 -42.56
C GLY A 103 -37.03 -15.82 -41.40
N TRP A 104 -36.81 -14.53 -41.19
CA TRP A 104 -37.37 -13.82 -40.05
C TRP A 104 -37.75 -12.40 -40.43
N ILE A 105 -38.61 -11.81 -39.61
CA ILE A 105 -38.99 -10.41 -39.74
C ILE A 105 -38.93 -9.76 -38.36
N PHE A 106 -38.65 -8.46 -38.35
CA PHE A 106 -38.48 -7.70 -37.11
C PHE A 106 -39.08 -6.32 -37.31
N GLY A 107 -40.05 -5.96 -36.47
CA GLY A 107 -40.67 -4.67 -36.54
C GLY A 107 -41.59 -4.41 -35.37
N THR A 108 -41.89 -3.14 -35.16
CA THR A 108 -42.79 -2.75 -34.07
C THR A 108 -44.25 -2.91 -34.46
N THR A 109 -44.68 -2.18 -35.48
CA THR A 109 -46.06 -2.25 -35.96
C THR A 109 -46.24 -3.19 -37.13
N LEU A 110 -45.22 -3.33 -37.98
CA LEU A 110 -45.24 -4.23 -39.13
C LEU A 110 -46.43 -3.95 -40.06
N ASP A 111 -46.79 -2.68 -40.21
CA ASP A 111 -47.88 -2.26 -41.09
C ASP A 111 -47.48 -1.02 -41.88
N SER A 112 -46.25 -1.02 -42.39
CA SER A 112 -45.64 0.03 -43.21
C SER A 112 -45.45 1.34 -42.46
N LYS A 113 -45.77 1.40 -41.16
CA LYS A 113 -45.56 2.62 -40.38
C LYS A 113 -44.14 2.68 -39.83
N THR A 114 -43.70 1.62 -39.16
CA THR A 114 -42.35 1.52 -38.61
C THR A 114 -41.53 0.55 -39.46
N GLN A 115 -40.29 0.31 -39.03
CA GLN A 115 -39.40 -0.55 -39.77
C GLN A 115 -39.89 -2.00 -39.76
N SER A 116 -39.62 -2.70 -40.86
CA SER A 116 -40.09 -4.05 -41.11
C SER A 116 -38.96 -4.92 -41.63
N LEU A 117 -37.84 -4.93 -40.91
CA LEU A 117 -36.63 -5.63 -41.37
C LEU A 117 -36.94 -7.08 -41.69
N LEU A 118 -36.43 -7.55 -42.82
CA LEU A 118 -36.73 -8.88 -43.34
C LEU A 118 -35.43 -9.58 -43.72
N ILE A 119 -35.32 -10.85 -43.33
CA ILE A 119 -34.19 -11.69 -43.69
C ILE A 119 -34.74 -12.98 -44.29
N VAL A 120 -34.25 -13.36 -45.47
CA VAL A 120 -34.66 -14.58 -46.16
C VAL A 120 -33.42 -15.24 -46.73
N ASN A 121 -33.61 -16.43 -47.29
CA ASN A 121 -32.49 -17.22 -47.83
C ASN A 121 -32.63 -17.57 -49.30
N ASN A 122 -33.82 -17.96 -49.75
CA ASN A 122 -34.08 -18.37 -51.14
C ASN A 122 -33.03 -19.35 -51.67
N ALA A 123 -32.39 -20.08 -50.75
CA ALA A 123 -31.46 -21.17 -51.05
C ALA A 123 -30.15 -20.73 -51.68
N THR A 124 -30.00 -19.45 -52.03
CA THR A 124 -28.70 -18.98 -52.52
C THR A 124 -28.27 -17.61 -52.01
N ASN A 125 -29.17 -16.76 -51.54
CA ASN A 125 -28.83 -15.41 -51.09
C ASN A 125 -29.15 -15.26 -49.61
N VAL A 126 -28.72 -14.13 -49.03
CA VAL A 126 -29.11 -13.78 -47.67
C VAL A 126 -29.63 -12.35 -47.67
N VAL A 127 -30.25 -11.94 -48.78
CA VAL A 127 -30.67 -10.55 -48.98
C VAL A 127 -31.42 -10.03 -47.75
N ILE A 128 -31.05 -8.84 -47.30
CA ILE A 128 -31.66 -8.18 -46.17
C ILE A 128 -32.47 -7.01 -46.70
N LYS A 129 -33.76 -6.99 -46.41
CA LYS A 129 -34.67 -5.94 -46.88
C LYS A 129 -35.13 -5.13 -45.68
N VAL A 130 -34.66 -3.88 -45.60
CA VAL A 130 -35.05 -2.99 -44.52
C VAL A 130 -36.26 -2.15 -44.88
N CYS A 131 -36.83 -2.34 -46.07
CA CYS A 131 -38.01 -1.56 -46.45
C CYS A 131 -39.17 -1.86 -45.51
N GLU A 132 -39.93 -0.81 -45.20
CA GLU A 132 -41.10 -0.94 -44.34
C GLU A 132 -42.34 -1.32 -45.16
N PHE A 133 -42.26 -2.50 -45.77
CA PHE A 133 -43.38 -3.01 -46.56
C PHE A 133 -44.56 -3.36 -45.66
N GLN A 134 -45.76 -3.16 -46.19
CA GLN A 134 -46.99 -3.39 -45.44
C GLN A 134 -47.33 -4.87 -45.49
N PHE A 135 -47.00 -5.59 -44.42
CA PHE A 135 -47.36 -7.00 -44.32
C PHE A 135 -48.87 -7.16 -44.19
N CYS A 136 -49.40 -8.23 -44.76
CA CYS A 136 -50.82 -8.53 -44.63
C CYS A 136 -51.09 -9.29 -43.33
N ASN A 137 -50.61 -8.74 -42.21
CA ASN A 137 -50.68 -9.35 -40.89
C ASN A 137 -49.80 -10.58 -40.81
N ASP A 138 -50.19 -11.66 -41.49
CA ASP A 138 -49.42 -12.90 -41.48
C ASP A 138 -48.59 -13.01 -42.74
N PRO A 139 -47.27 -12.98 -42.66
CA PRO A 139 -46.43 -13.14 -43.85
C PRO A 139 -46.02 -14.59 -44.07
N PHE A 140 -45.86 -14.94 -45.35
CA PHE A 140 -45.53 -16.31 -45.71
C PHE A 140 -44.96 -16.33 -47.12
N LEU A 141 -44.15 -17.35 -47.39
CA LEU A 141 -43.56 -17.59 -48.70
C LEU A 141 -43.83 -19.04 -49.09
N GLY A 142 -43.58 -19.37 -50.36
CA GLY A 142 -43.84 -20.70 -50.85
C GLY A 142 -43.03 -21.00 -52.09
N VAL A 143 -42.96 -22.28 -52.42
CA VAL A 143 -42.23 -22.74 -53.60
C VAL A 143 -43.05 -23.80 -54.33
N GLU A 154 -42.10 -20.13 -55.73
CA GLU A 154 -42.83 -20.16 -56.99
C GLU A 154 -44.33 -20.03 -56.75
N SER A 155 -44.86 -20.85 -55.84
CA SER A 155 -46.27 -20.80 -55.52
C SER A 155 -46.64 -19.52 -54.79
N GLU A 156 -45.85 -19.15 -53.78
CA GLU A 156 -46.07 -17.95 -52.98
C GLU A 156 -44.81 -17.12 -52.96
N PHE A 157 -44.93 -15.83 -53.26
CA PHE A 157 -43.76 -14.95 -53.22
C PHE A 157 -44.08 -13.58 -52.64
N ARG A 158 -45.22 -13.40 -52.00
CA ARG A 158 -45.62 -12.11 -51.43
C ARG A 158 -45.79 -12.27 -49.92
N VAL A 159 -44.68 -12.13 -49.19
CA VAL A 159 -44.77 -12.11 -47.73
C VAL A 159 -45.45 -10.82 -47.27
N TYR A 160 -45.31 -9.74 -48.03
CA TYR A 160 -45.97 -8.47 -47.78
C TYR A 160 -46.95 -8.17 -48.91
N SER A 161 -47.59 -7.01 -48.82
CA SER A 161 -48.57 -6.58 -49.82
C SER A 161 -47.96 -5.56 -50.80
N SER A 162 -47.40 -4.47 -50.29
CA SER A 162 -46.85 -3.41 -51.12
C SER A 162 -45.46 -3.04 -50.65
N ALA A 163 -44.62 -2.64 -51.59
CA ALA A 163 -43.26 -2.20 -51.30
C ALA A 163 -43.27 -0.77 -50.76
N ASN A 164 -42.13 -0.35 -50.23
CA ASN A 164 -42.01 0.96 -49.60
C ASN A 164 -40.64 1.52 -49.95
N ASN A 165 -40.22 2.56 -49.21
CA ASN A 165 -38.98 3.29 -49.46
C ASN A 165 -37.80 2.39 -49.75
N CYS A 166 -37.42 1.57 -48.77
CA CYS A 166 -36.17 0.80 -48.79
C CYS A 166 -34.97 1.72 -49.03
N THR A 167 -35.02 2.92 -48.45
CA THR A 167 -33.88 3.83 -48.50
C THR A 167 -32.86 3.52 -47.41
N PHE A 168 -33.18 2.63 -46.47
CA PHE A 168 -32.27 2.20 -45.42
C PHE A 168 -31.81 0.76 -45.63
N GLU A 169 -31.93 0.24 -46.85
CA GLU A 169 -31.64 -1.15 -47.13
C GLU A 169 -30.15 -1.43 -46.97
N TYR A 170 -29.78 -2.07 -45.88
CA TYR A 170 -28.41 -2.52 -45.67
C TYR A 170 -28.27 -3.99 -46.08
N VAL A 171 -28.50 -4.23 -47.35
CA VAL A 171 -28.51 -5.58 -47.90
C VAL A 171 -27.08 -6.09 -48.02
N SER A 172 -26.83 -7.26 -47.46
CA SER A 172 -25.52 -7.91 -47.51
C SER A 172 -25.72 -9.37 -47.87
N GLN A 173 -25.26 -9.78 -49.04
CA GLN A 173 -25.44 -11.14 -49.54
C GLN A 173 -24.10 -11.73 -49.98
N PRO A 174 -23.26 -12.14 -49.03
CA PRO A 174 -22.06 -12.89 -49.42
C PRO A 174 -22.39 -14.25 -50.00
N PHE A 175 -23.17 -15.05 -49.27
CA PHE A 175 -23.62 -16.37 -49.71
C PHE A 175 -24.70 -16.83 -48.74
N LEU A 176 -25.30 -17.97 -49.05
CA LEU A 176 -26.36 -18.53 -48.20
C LEU A 176 -25.82 -18.82 -46.81
N MET A 177 -26.58 -18.41 -45.79
CA MET A 177 -26.16 -18.60 -44.40
C MET A 177 -27.06 -19.55 -43.61
N ASP A 178 -28.29 -19.81 -44.07
CA ASP A 178 -29.15 -20.78 -43.39
C ASP A 178 -28.69 -22.21 -43.61
N LEU A 179 -27.72 -22.43 -44.49
CA LEU A 179 -27.20 -23.78 -44.78
C LEU A 179 -28.32 -24.72 -45.22
N GLU A 180 -29.21 -24.22 -46.08
CA GLU A 180 -30.30 -25.04 -46.59
C GLU A 180 -29.75 -26.12 -47.51
N GLY A 181 -30.24 -27.34 -47.35
CA GLY A 181 -29.78 -28.46 -48.14
C GLY A 181 -28.42 -28.97 -47.72
N LEU A 189 -28.37 -29.54 -36.17
CA LEU A 189 -29.01 -28.45 -35.43
C LEU A 189 -28.48 -27.10 -35.89
N ARG A 190 -29.40 -26.17 -36.14
CA ARG A 190 -29.06 -24.82 -36.58
C ARG A 190 -29.43 -23.84 -35.46
N GLU A 191 -28.47 -23.01 -35.08
CA GLU A 191 -28.65 -22.04 -34.00
C GLU A 191 -28.40 -20.64 -34.53
N PHE A 192 -29.26 -19.70 -34.14
CA PHE A 192 -29.16 -18.31 -34.56
C PHE A 192 -29.52 -17.42 -33.38
N VAL A 193 -28.75 -16.35 -33.20
CA VAL A 193 -28.99 -15.38 -32.13
C VAL A 193 -29.12 -14.01 -32.77
N PHE A 194 -30.24 -13.33 -32.52
CA PHE A 194 -30.47 -11.98 -32.99
C PHE A 194 -30.57 -11.04 -31.80
N LYS A 195 -29.78 -9.98 -31.81
CA LYS A 195 -29.81 -8.98 -30.74
C LYS A 195 -29.75 -7.60 -31.36
N ASN A 196 -30.63 -6.71 -30.90
CA ASN A 196 -30.63 -5.31 -31.31
C ASN A 196 -30.15 -4.49 -30.12
N ILE A 197 -28.98 -3.85 -30.28
CA ILE A 197 -28.34 -3.09 -29.21
C ILE A 197 -28.17 -1.66 -29.69
N ASP A 198 -27.47 -0.84 -28.89
CA ASP A 198 -27.20 0.57 -29.16
C ASP A 198 -26.98 0.85 -30.64
N GLY A 199 -26.18 0.00 -31.31
CA GLY A 199 -25.98 0.14 -32.74
C GLY A 199 -26.08 -1.20 -33.43
N TYR A 200 -26.15 -1.14 -34.76
CA TYR A 200 -26.14 -2.31 -35.64
C TYR A 200 -27.23 -3.32 -35.32
N PHE A 201 -27.07 -4.54 -35.84
CA PHE A 201 -27.98 -5.65 -35.57
C PHE A 201 -27.17 -6.93 -35.77
N LYS A 202 -26.77 -7.56 -34.66
CA LYS A 202 -25.85 -8.68 -34.72
C LYS A 202 -26.57 -10.00 -34.94
N ILE A 203 -25.91 -10.90 -35.66
CA ILE A 203 -26.41 -12.24 -35.92
C ILE A 203 -25.26 -13.23 -35.70
N TYR A 204 -25.52 -14.28 -34.92
CA TYR A 204 -24.56 -15.33 -34.67
C TYR A 204 -25.16 -16.66 -35.09
N SER A 205 -24.30 -17.60 -35.51
CA SER A 205 -24.79 -18.89 -35.96
C SER A 205 -23.69 -19.94 -35.80
N LYS A 206 -24.13 -21.19 -35.67
CA LYS A 206 -23.23 -22.34 -35.62
C LYS A 206 -24.04 -23.59 -35.90
N HIS A 207 -23.54 -24.44 -36.80
CA HIS A 207 -24.20 -25.68 -37.17
C HIS A 207 -23.39 -26.86 -36.65
N THR A 208 -24.03 -27.72 -35.88
CA THR A 208 -23.39 -28.89 -35.32
C THR A 208 -24.26 -30.12 -35.56
N PRO A 209 -23.64 -31.28 -35.79
CA PRO A 209 -24.42 -32.51 -35.97
C PRO A 209 -25.04 -32.96 -34.67
N ILE A 210 -26.31 -33.37 -34.73
CA ILE A 210 -27.01 -33.86 -33.55
C ILE A 210 -27.64 -35.21 -33.86
N ASN A 211 -28.30 -35.80 -32.88
CA ASN A 211 -28.92 -37.11 -33.03
C ASN A 211 -30.15 -37.16 -32.13
N LEU A 212 -30.64 -38.37 -31.87
CA LEU A 212 -31.79 -38.60 -30.99
C LEU A 212 -33.04 -37.92 -31.52
N VAL A 213 -33.49 -36.87 -30.84
CA VAL A 213 -34.73 -36.19 -31.18
C VAL A 213 -34.45 -34.70 -31.45
N ARG A 214 -35.50 -33.94 -31.74
CA ARG A 214 -35.36 -32.52 -32.02
C ARG A 214 -35.17 -31.69 -30.76
N ASP A 215 -35.28 -32.30 -29.58
CA ASP A 215 -35.08 -31.57 -28.33
C ASP A 215 -33.63 -31.09 -28.22
N LEU A 216 -33.47 -29.95 -27.54
CA LEU A 216 -32.16 -29.33 -27.38
C LEU A 216 -31.18 -30.28 -26.72
N PRO A 217 -30.12 -30.68 -27.42
CA PRO A 217 -29.13 -31.57 -26.81
C PRO A 217 -28.33 -30.86 -25.74
N GLN A 218 -27.84 -31.64 -24.78
CA GLN A 218 -27.00 -31.12 -23.71
C GLN A 218 -25.54 -31.14 -24.16
N GLY A 219 -24.97 -29.96 -24.35
CA GLY A 219 -23.61 -29.85 -24.81
C GLY A 219 -23.28 -28.40 -25.09
N PHE A 220 -22.00 -28.16 -25.37
CA PHE A 220 -21.48 -26.82 -25.58
C PHE A 220 -21.02 -26.65 -27.02
N SER A 221 -21.55 -25.63 -27.69
CA SER A 221 -21.11 -25.27 -29.04
C SER A 221 -21.27 -23.76 -29.17
N ALA A 222 -20.18 -23.03 -29.04
CA ALA A 222 -20.23 -21.58 -29.12
C ALA A 222 -20.56 -21.13 -30.54
N LEU A 223 -21.43 -20.13 -30.64
CA LEU A 223 -21.87 -19.61 -31.93
C LEU A 223 -20.94 -18.49 -32.37
N GLU A 224 -20.26 -18.70 -33.49
CA GLU A 224 -19.38 -17.68 -34.04
C GLU A 224 -20.20 -16.60 -34.75
N PRO A 225 -19.70 -15.36 -34.77
CA PRO A 225 -20.45 -14.29 -35.44
C PRO A 225 -20.58 -14.55 -36.93
N LEU A 226 -21.82 -14.44 -37.42
CA LEU A 226 -22.08 -14.63 -38.85
C LEU A 226 -21.80 -13.36 -39.63
N VAL A 227 -22.54 -12.30 -39.32
CA VAL A 227 -22.36 -11.01 -39.98
C VAL A 227 -23.06 -9.95 -39.13
N ASP A 228 -22.41 -8.79 -38.99
CA ASP A 228 -22.97 -7.67 -38.24
C ASP A 228 -23.59 -6.70 -39.22
N LEU A 229 -24.91 -6.61 -39.22
CA LEU A 229 -25.62 -5.75 -40.16
C LEU A 229 -25.70 -4.33 -39.59
N PRO A 230 -25.09 -3.34 -40.22
CA PRO A 230 -25.12 -1.95 -39.70
C PRO A 230 -26.36 -1.17 -40.12
N ILE A 231 -27.48 -1.43 -39.45
CA ILE A 231 -28.77 -0.83 -39.78
C ILE A 231 -29.22 0.15 -38.70
N GLY A 232 -29.41 -0.34 -37.47
CA GLY A 232 -29.83 0.53 -36.38
C GLY A 232 -31.28 0.91 -36.38
N ILE A 233 -32.18 0.00 -36.77
CA ILE A 233 -33.61 0.26 -36.77
C ILE A 233 -34.18 0.04 -35.38
N ASN A 234 -35.43 0.47 -35.18
CA ASN A 234 -36.16 0.23 -33.95
C ASN A 234 -36.83 -1.14 -34.04
N ILE A 235 -36.53 -2.03 -33.09
CA ILE A 235 -37.08 -3.37 -33.07
C ILE A 235 -37.83 -3.56 -31.76
N THR A 236 -39.09 -3.99 -31.85
CA THR A 236 -39.90 -4.30 -30.68
C THR A 236 -40.58 -5.66 -30.74
N ARG A 237 -40.92 -6.17 -31.93
CA ARG A 237 -41.54 -7.47 -32.06
C ARG A 237 -40.87 -8.21 -33.20
N PHE A 238 -40.94 -9.54 -33.15
CA PHE A 238 -40.28 -10.38 -34.13
C PHE A 238 -41.17 -11.55 -34.49
N GLN A 239 -41.01 -12.04 -35.72
CA GLN A 239 -41.77 -13.18 -36.21
C GLN A 239 -40.89 -13.96 -37.18
N THR A 240 -41.45 -15.02 -37.76
CA THR A 240 -40.72 -15.88 -38.67
C THR A 240 -41.52 -16.08 -39.96
N LEU A 241 -40.82 -16.48 -41.02
CA LEU A 241 -41.40 -16.68 -42.33
C LEU A 241 -41.40 -18.17 -42.65
N LEU A 242 -42.55 -18.69 -43.08
CA LEU A 242 -42.70 -20.11 -43.39
C LEU A 242 -42.81 -20.29 -44.90
N ALA A 243 -42.05 -21.27 -45.42
CA ALA A 243 -42.10 -21.62 -46.84
C ALA A 243 -43.09 -22.77 -47.05
N LEU A 244 -44.36 -22.45 -46.85
CA LEU A 244 -45.42 -23.44 -47.02
C LEU A 244 -45.50 -23.89 -48.47
N HIS A 245 -45.64 -25.20 -48.67
CA HIS A 245 -45.69 -25.79 -50.01
C HIS A 245 -47.12 -25.69 -50.53
N ARG A 246 -47.42 -24.56 -51.17
CA ARG A 246 -48.75 -24.35 -51.74
C ARG A 246 -48.83 -24.87 -53.16
N ALA A 260 -45.74 -29.44 -44.94
CA ALA A 260 -45.48 -28.74 -43.69
C ALA A 260 -44.24 -29.32 -43.00
N GLY A 261 -43.98 -30.60 -43.23
CA GLY A 261 -42.83 -31.24 -42.60
C GLY A 261 -42.93 -31.22 -41.09
N ALA A 262 -41.84 -30.85 -40.44
CA ALA A 262 -41.76 -30.76 -38.98
C ALA A 262 -41.11 -29.44 -38.62
N ALA A 263 -41.92 -28.47 -38.20
CA ALA A 263 -41.42 -27.17 -37.81
C ALA A 263 -40.64 -27.25 -36.50
N ALA A 264 -39.72 -26.31 -36.33
CA ALA A 264 -38.80 -26.27 -35.19
C ALA A 264 -38.73 -24.86 -34.63
N TYR A 265 -39.88 -24.27 -34.33
CA TYR A 265 -39.91 -22.87 -33.89
C TYR A 265 -39.41 -22.73 -32.45
N TYR A 266 -38.10 -22.86 -32.24
CA TYR A 266 -37.52 -22.73 -30.91
C TYR A 266 -37.19 -21.27 -30.66
N VAL A 267 -37.71 -20.72 -29.56
CA VAL A 267 -37.49 -19.32 -29.22
C VAL A 267 -37.04 -19.23 -27.77
N GLY A 268 -35.84 -18.68 -27.56
CA GLY A 268 -35.37 -18.29 -26.26
C GLY A 268 -35.28 -16.77 -26.18
N TYR A 269 -35.06 -16.29 -24.96
CA TYR A 269 -34.98 -14.85 -24.71
C TYR A 269 -33.69 -14.54 -23.97
N LEU A 270 -32.95 -13.56 -24.48
CA LEU A 270 -31.69 -13.16 -23.87
C LEU A 270 -31.94 -12.26 -22.67
N GLN A 271 -31.05 -12.36 -21.68
CA GLN A 271 -31.12 -11.58 -20.47
C GLN A 271 -29.72 -11.07 -20.13
N PRO A 272 -29.62 -9.91 -19.48
CA PRO A 272 -28.29 -9.41 -19.09
C PRO A 272 -27.69 -10.21 -17.95
N ARG A 273 -26.69 -11.05 -18.26
CA ARG A 273 -26.10 -11.93 -17.28
C ARG A 273 -24.58 -11.89 -17.43
N THR A 274 -23.89 -12.35 -16.38
CA THR A 274 -22.45 -12.48 -16.37
C THR A 274 -22.08 -13.95 -16.55
N PHE A 275 -21.17 -14.21 -17.47
CA PHE A 275 -20.75 -15.57 -17.80
C PHE A 275 -19.24 -15.69 -17.67
N LEU A 276 -18.79 -16.88 -17.32
CA LEU A 276 -17.37 -17.21 -17.27
C LEU A 276 -17.09 -18.23 -18.36
N LEU A 277 -16.37 -17.82 -19.39
CA LEU A 277 -16.07 -18.66 -20.54
C LEU A 277 -14.62 -19.16 -20.46
N LYS A 278 -14.40 -20.39 -20.88
CA LYS A 278 -13.07 -20.98 -20.91
C LYS A 278 -12.61 -21.08 -22.36
N TYR A 279 -11.47 -20.46 -22.66
CA TYR A 279 -10.87 -20.52 -23.98
C TYR A 279 -9.70 -21.50 -23.94
N ASN A 280 -9.72 -22.49 -24.83
CA ASN A 280 -8.66 -23.49 -24.88
C ASN A 280 -7.44 -22.92 -25.60
N GLU A 281 -6.41 -23.74 -25.73
CA GLU A 281 -5.14 -23.26 -26.31
C GLU A 281 -5.30 -22.85 -27.79
N ASN A 282 -6.49 -22.97 -28.37
CA ASN A 282 -6.64 -22.67 -29.83
C ASN A 282 -7.66 -21.55 -30.00
N GLY A 283 -8.09 -20.92 -28.92
CA GLY A 283 -9.00 -19.75 -29.04
C GLY A 283 -10.46 -20.14 -29.14
N THR A 284 -10.77 -21.41 -28.98
CA THR A 284 -12.16 -21.88 -29.08
C THR A 284 -12.72 -22.03 -27.69
N ILE A 285 -13.93 -21.51 -27.47
CA ILE A 285 -14.59 -21.58 -26.17
C ILE A 285 -15.10 -23.00 -25.95
N THR A 286 -14.66 -23.61 -24.84
CA THR A 286 -14.99 -25.00 -24.56
C THR A 286 -16.21 -25.15 -23.65
N ASP A 287 -16.35 -24.27 -22.66
CA ASP A 287 -17.49 -24.33 -21.76
C ASP A 287 -17.64 -22.97 -21.06
N ALA A 288 -18.78 -22.82 -20.37
CA ALA A 288 -19.10 -21.57 -19.71
C ALA A 288 -19.92 -21.85 -18.46
N VAL A 289 -19.84 -20.91 -17.51
CA VAL A 289 -20.60 -20.95 -16.27
C VAL A 289 -21.45 -19.70 -16.19
N ASP A 290 -22.73 -19.88 -15.88
CA ASP A 290 -23.66 -18.76 -15.69
C ASP A 290 -23.64 -18.38 -14.21
N CYS A 291 -23.05 -17.23 -13.90
CA CYS A 291 -22.88 -16.84 -12.49
C CYS A 291 -24.12 -16.15 -11.95
N ALA A 292 -25.28 -16.71 -12.22
CA ALA A 292 -26.51 -16.30 -11.54
C ALA A 292 -27.46 -17.46 -11.28
N LEU A 293 -27.08 -18.70 -11.60
CA LEU A 293 -28.02 -19.81 -11.61
C LEU A 293 -28.18 -20.43 -10.22
N ASP A 294 -27.06 -20.69 -9.55
CA ASP A 294 -27.08 -21.36 -8.25
C ASP A 294 -25.81 -20.98 -7.50
N PRO A 295 -25.77 -21.16 -6.17
CA PRO A 295 -24.58 -20.77 -5.42
C PRO A 295 -23.31 -21.46 -5.86
N LEU A 296 -23.39 -22.67 -6.41
CA LEU A 296 -22.20 -23.35 -6.90
C LEU A 296 -21.58 -22.58 -8.07
N SER A 297 -22.42 -22.06 -8.98
CA SER A 297 -21.90 -21.27 -10.07
C SER A 297 -21.29 -19.96 -9.58
N GLU A 298 -21.90 -19.35 -8.55
CA GLU A 298 -21.32 -18.15 -7.97
C GLU A 298 -19.95 -18.43 -7.37
N THR A 299 -19.81 -19.57 -6.69
CA THR A 299 -18.51 -19.96 -6.15
C THR A 299 -17.50 -20.20 -7.26
N LYS A 300 -17.93 -20.86 -8.34
CA LYS A 300 -17.03 -21.13 -9.45
C LYS A 300 -16.56 -19.83 -10.10
N CYS A 301 -17.46 -18.87 -10.27
CA CYS A 301 -17.10 -17.62 -10.93
C CYS A 301 -16.27 -16.72 -10.02
N THR A 302 -16.57 -16.68 -8.72
CA THR A 302 -15.80 -15.86 -7.81
C THR A 302 -14.37 -16.38 -7.61
N LEU A 303 -14.13 -17.66 -7.91
CA LEU A 303 -12.79 -18.23 -7.89
C LEU A 303 -12.15 -18.25 -9.26
N LYS A 304 -12.88 -17.85 -10.30
CA LYS A 304 -12.38 -17.85 -11.68
C LYS A 304 -11.87 -19.23 -12.09
N SER A 305 -12.64 -20.26 -11.72
CA SER A 305 -12.26 -21.63 -12.03
C SER A 305 -13.52 -22.47 -12.23
N PHE A 306 -13.36 -23.59 -12.94
CA PHE A 306 -14.46 -24.50 -13.20
C PHE A 306 -14.60 -25.59 -12.14
N THR A 307 -13.65 -25.70 -11.21
CA THR A 307 -13.70 -26.72 -10.17
C THR A 307 -13.37 -26.07 -8.83
N VAL A 308 -14.16 -26.39 -7.81
CA VAL A 308 -13.99 -25.85 -6.47
C VAL A 308 -13.73 -26.99 -5.51
N GLU A 309 -12.80 -26.78 -4.57
CA GLU A 309 -12.52 -27.77 -3.55
C GLU A 309 -13.55 -27.70 -2.42
N LYS A 310 -13.35 -28.52 -1.40
CA LYS A 310 -14.28 -28.58 -0.27
C LYS A 310 -13.97 -27.46 0.71
N GLY A 311 -15.01 -26.74 1.14
CA GLY A 311 -14.84 -25.72 2.15
C GLY A 311 -15.93 -24.67 2.04
N ILE A 312 -15.67 -23.57 2.75
CA ILE A 312 -16.52 -22.38 2.74
C ILE A 312 -15.86 -21.34 1.86
N TYR A 313 -16.59 -20.83 0.87
CA TYR A 313 -16.12 -19.75 0.01
C TYR A 313 -17.09 -18.58 0.10
N GLN A 314 -16.55 -17.40 0.41
CA GLN A 314 -17.38 -16.21 0.52
C GLN A 314 -17.73 -15.70 -0.87
N THR A 315 -19.00 -15.79 -1.24
CA THR A 315 -19.49 -15.34 -2.54
C THR A 315 -20.49 -14.21 -2.30
N SER A 316 -20.12 -13.00 -2.72
CA SER A 316 -20.97 -11.81 -2.61
C SER A 316 -21.29 -11.48 -1.15
N ASN A 317 -21.99 -10.37 -0.94
CA ASN A 317 -22.41 -9.94 0.38
C ASN A 317 -23.92 -9.78 0.41
N PHE A 318 -24.47 -9.65 1.62
CA PHE A 318 -25.90 -9.56 1.81
C PHE A 318 -26.23 -8.23 2.49
N ARG A 319 -27.30 -7.59 2.04
CA ARG A 319 -27.72 -6.31 2.59
C ARG A 319 -29.21 -6.13 2.35
N VAL A 320 -29.95 -5.84 3.40
CA VAL A 320 -31.40 -5.61 3.28
C VAL A 320 -31.64 -4.25 2.67
N GLN A 321 -32.41 -4.22 1.58
CA GLN A 321 -32.67 -2.98 0.89
C GLN A 321 -33.66 -2.12 1.67
N PRO A 322 -33.53 -0.79 1.58
CA PRO A 322 -34.49 0.08 2.28
C PRO A 322 -35.87 -0.02 1.65
N THR A 323 -36.88 -0.06 2.51
CA THR A 323 -38.26 -0.20 2.03
C THR A 323 -38.77 1.11 1.44
N GLU A 324 -38.48 2.23 2.08
CA GLU A 324 -38.98 3.53 1.62
C GLU A 324 -38.09 4.63 2.18
N SER A 325 -38.40 5.87 1.79
CA SER A 325 -37.70 7.05 2.26
C SER A 325 -38.66 7.94 3.04
N ILE A 326 -38.12 8.63 4.05
CA ILE A 326 -38.93 9.49 4.91
C ILE A 326 -38.30 10.87 4.97
N VAL A 327 -39.04 11.87 4.49
CA VAL A 327 -38.71 13.28 4.62
C VAL A 327 -39.89 14.00 5.27
N ARG A 328 -41.07 13.88 4.65
CA ARG A 328 -42.32 14.42 5.20
C ARG A 328 -42.21 15.93 5.43
N PHE A 329 -42.24 16.65 4.31
CA PHE A 329 -41.93 18.07 4.12
C PHE A 329 -42.48 18.98 5.21
N PRO A 330 -41.83 20.15 5.44
CA PRO A 330 -41.81 20.77 6.77
C PRO A 330 -43.05 21.53 7.23
N ASN A 331 -42.83 22.24 8.34
CA ASN A 331 -43.82 22.94 9.13
C ASN A 331 -44.37 24.15 8.41
N ILE A 332 -45.27 24.87 9.09
CA ILE A 332 -45.70 26.20 8.68
C ILE A 332 -44.56 27.19 8.90
N THR A 333 -43.80 26.98 9.98
CA THR A 333 -42.73 27.87 10.41
C THR A 333 -43.16 29.33 10.35
N ASN A 334 -42.25 30.21 9.94
CA ASN A 334 -42.56 31.61 9.70
C ASN A 334 -42.83 31.80 8.22
N LEU A 335 -44.08 32.09 7.88
CA LEU A 335 -44.49 32.25 6.49
C LEU A 335 -44.27 33.67 6.02
N CYS A 336 -43.95 33.81 4.73
CA CYS A 336 -43.78 35.12 4.13
C CYS A 336 -45.15 35.76 3.89
N PRO A 337 -45.37 36.98 4.36
CA PRO A 337 -46.69 37.63 4.21
C PRO A 337 -46.91 38.22 2.83
N PHE A 338 -47.01 37.34 1.82
CA PHE A 338 -47.30 37.78 0.47
C PHE A 338 -48.75 38.21 0.31
N GLY A 339 -49.66 37.69 1.14
CA GLY A 339 -51.04 38.12 1.06
C GLY A 339 -51.24 39.57 1.40
N GLU A 340 -50.39 40.13 2.27
CA GLU A 340 -50.49 41.55 2.58
C GLU A 340 -50.10 42.42 1.39
N VAL A 341 -49.09 42.01 0.64
CA VAL A 341 -48.67 42.78 -0.52
C VAL A 341 -49.53 42.51 -1.74
N PHE A 342 -50.26 41.39 -1.77
CA PHE A 342 -51.17 41.11 -2.88
C PHE A 342 -52.56 41.67 -2.62
N ASN A 343 -53.19 41.27 -1.52
CA ASN A 343 -54.52 41.74 -1.16
C ASN A 343 -54.42 43.04 -0.37
N ALA A 344 -54.03 44.09 -1.08
CA ALA A 344 -53.89 45.44 -0.51
C ALA A 344 -54.96 46.33 -1.14
N THR A 345 -55.94 46.71 -0.33
CA THR A 345 -57.01 47.59 -0.82
C THR A 345 -56.46 48.95 -1.23
N ARG A 346 -55.53 49.50 -0.44
CA ARG A 346 -54.92 50.79 -0.73
C ARG A 346 -53.68 50.60 -1.60
N PHE A 347 -53.89 50.07 -2.80
CA PHE A 347 -52.79 49.80 -3.71
C PHE A 347 -52.15 51.11 -4.16
N ALA A 348 -50.82 51.12 -4.19
CA ALA A 348 -50.08 52.34 -4.51
C ALA A 348 -49.98 52.51 -6.02
N SER A 349 -49.28 53.56 -6.43
CA SER A 349 -49.09 53.89 -7.83
C SER A 349 -47.67 53.55 -8.28
N VAL A 350 -47.39 53.78 -9.56
CA VAL A 350 -46.11 53.36 -10.12
C VAL A 350 -45.00 54.33 -9.72
N TYR A 351 -45.34 55.58 -9.40
CA TYR A 351 -44.31 56.53 -9.00
C TYR A 351 -43.84 56.25 -7.58
N ALA A 352 -44.75 55.85 -6.70
CA ALA A 352 -44.41 55.54 -5.31
C ALA A 352 -45.08 54.22 -4.95
N TRP A 353 -44.28 53.19 -4.72
CA TRP A 353 -44.77 51.85 -4.43
C TRP A 353 -44.90 51.65 -2.92
N ASN A 354 -45.48 50.51 -2.55
CA ASN A 354 -45.48 50.04 -1.17
C ASN A 354 -44.25 49.16 -1.01
N ARG A 355 -43.13 49.79 -0.64
CA ARG A 355 -41.84 49.11 -0.56
C ARG A 355 -41.86 48.14 0.60
N LYS A 356 -42.04 46.85 0.30
CA LYS A 356 -42.10 45.80 1.32
C LYS A 356 -40.80 45.00 1.25
N ARG A 357 -39.90 45.26 2.19
CA ARG A 357 -38.64 44.53 2.28
C ARG A 357 -38.86 43.33 3.19
N ILE A 358 -39.04 42.16 2.59
CA ILE A 358 -39.38 40.94 3.32
C ILE A 358 -38.10 40.12 3.51
N SER A 359 -38.06 39.40 4.62
CA SER A 359 -36.84 38.84 5.19
C SER A 359 -37.15 37.39 5.56
N ASN A 360 -36.34 36.81 6.45
CA ASN A 360 -36.40 35.39 6.76
C ASN A 360 -37.81 34.87 6.95
N CYS A 361 -38.23 33.99 6.03
CA CYS A 361 -39.52 33.28 6.07
C CYS A 361 -39.57 32.31 4.90
N VAL A 362 -40.64 31.52 4.81
CA VAL A 362 -40.85 30.60 3.70
C VAL A 362 -41.91 31.20 2.79
N ALA A 363 -41.53 31.48 1.55
CA ALA A 363 -42.45 32.01 0.56
C ALA A 363 -42.98 30.86 -0.28
N ASP A 364 -44.25 30.52 -0.10
CA ASP A 364 -44.85 29.38 -0.80
C ASP A 364 -45.30 29.84 -2.18
N TYR A 365 -44.38 29.78 -3.14
CA TYR A 365 -44.73 30.11 -4.52
C TYR A 365 -45.72 29.12 -5.10
N SER A 366 -45.77 27.90 -4.57
CA SER A 366 -46.75 26.92 -5.03
C SER A 366 -48.17 27.37 -4.71
N VAL A 367 -48.37 28.08 -3.60
CA VAL A 367 -49.69 28.58 -3.25
C VAL A 367 -50.17 29.58 -4.30
N LEU A 368 -49.29 30.48 -4.73
CA LEU A 368 -49.64 31.46 -5.76
C LEU A 368 -49.59 30.89 -7.17
N TYR A 369 -49.04 29.68 -7.33
CA TYR A 369 -48.87 29.08 -8.64
C TYR A 369 -49.95 28.06 -8.99
N ASN A 370 -50.47 27.32 -8.00
CA ASN A 370 -51.55 26.39 -8.26
C ASN A 370 -52.92 27.05 -8.29
N SER A 371 -53.01 28.34 -7.96
CA SER A 371 -54.24 29.10 -7.98
C SER A 371 -54.17 30.15 -9.08
N ALA A 372 -55.21 30.20 -9.92
CA ALA A 372 -55.26 31.12 -11.05
C ALA A 372 -56.07 32.37 -10.74
N SER A 373 -56.04 32.84 -9.49
CA SER A 373 -56.78 34.03 -9.12
C SER A 373 -56.27 35.25 -9.88
N PHE A 374 -54.94 35.40 -9.97
CA PHE A 374 -54.36 36.50 -10.71
C PHE A 374 -54.28 36.16 -12.19
N SER A 375 -54.29 37.20 -13.03
CA SER A 375 -54.36 36.99 -14.47
C SER A 375 -53.05 36.42 -15.02
N THR A 376 -51.92 37.00 -14.62
CA THR A 376 -50.62 36.59 -15.16
C THR A 376 -49.59 36.50 -14.04
N PHE A 377 -48.87 35.39 -14.00
CA PHE A 377 -47.74 35.19 -13.10
C PHE A 377 -46.49 34.96 -13.94
N LYS A 378 -45.42 35.69 -13.63
CA LYS A 378 -44.13 35.51 -14.30
C LYS A 378 -43.05 35.39 -13.24
N CYS A 379 -42.07 34.52 -13.47
CA CYS A 379 -40.92 34.42 -12.60
C CYS A 379 -39.69 34.19 -13.47
N TYR A 380 -38.61 34.92 -13.19
CA TYR A 380 -37.48 35.02 -14.10
C TYR A 380 -36.70 33.71 -14.13
N GLY A 381 -36.76 33.00 -15.25
CA GLY A 381 -35.89 31.86 -15.49
C GLY A 381 -36.03 30.73 -14.49
N VAL A 382 -37.23 30.56 -13.91
CA VAL A 382 -37.42 29.52 -12.92
C VAL A 382 -38.89 29.07 -12.92
N SER A 383 -39.10 27.76 -13.00
CA SER A 383 -40.45 27.24 -12.88
C SER A 383 -40.95 27.44 -11.44
N PRO A 384 -42.23 27.77 -11.25
CA PRO A 384 -42.72 28.06 -9.90
C PRO A 384 -42.52 26.91 -8.92
N THR A 385 -42.73 25.67 -9.36
CA THR A 385 -42.60 24.53 -8.46
C THR A 385 -41.19 24.44 -7.89
N LYS A 386 -40.18 24.43 -8.76
CA LYS A 386 -38.80 24.40 -8.28
C LYS A 386 -38.44 25.68 -7.52
N LEU A 387 -39.28 26.71 -7.62
CA LEU A 387 -39.08 27.91 -6.80
C LEU A 387 -39.14 27.58 -5.32
N ASN A 388 -39.79 26.48 -4.93
CA ASN A 388 -39.84 26.08 -3.53
C ASN A 388 -38.62 25.27 -3.11
N ASP A 389 -37.70 24.98 -4.02
CA ASP A 389 -36.51 24.19 -3.72
C ASP A 389 -35.23 25.01 -3.73
N LEU A 390 -34.94 25.70 -4.83
CA LEU A 390 -33.78 26.58 -4.89
C LEU A 390 -34.16 27.92 -4.28
N CYS A 391 -33.44 28.35 -3.24
CA CYS A 391 -33.85 29.51 -2.47
C CYS A 391 -32.74 30.54 -2.45
N PHE A 392 -33.01 31.65 -1.76
CA PHE A 392 -32.28 32.89 -1.91
C PHE A 392 -32.15 33.54 -0.53
N THR A 393 -31.76 34.82 -0.50
CA THR A 393 -31.42 35.49 0.75
C THR A 393 -32.55 36.34 1.32
N ASN A 394 -32.99 37.35 0.58
CA ASN A 394 -34.05 38.26 1.02
C ASN A 394 -34.84 38.68 -0.20
N VAL A 395 -36.04 39.24 0.03
CA VAL A 395 -36.87 39.65 -1.09
C VAL A 395 -37.37 41.07 -0.86
N TYR A 396 -37.69 41.75 -1.96
CA TYR A 396 -38.24 43.09 -1.94
C TYR A 396 -39.38 43.15 -2.94
N ALA A 397 -40.54 43.60 -2.47
CA ALA A 397 -41.76 43.66 -3.27
C ALA A 397 -42.21 45.10 -3.42
N ASP A 398 -42.44 45.49 -4.67
CA ASP A 398 -43.02 46.80 -4.99
C ASP A 398 -44.35 46.59 -5.69
N SER A 399 -45.41 47.18 -5.15
CA SER A 399 -46.75 47.02 -5.68
C SER A 399 -47.23 48.34 -6.26
N PHE A 400 -47.87 48.28 -7.42
CA PHE A 400 -48.33 49.49 -8.10
C PHE A 400 -49.48 49.15 -9.02
N VAL A 401 -50.09 50.20 -9.56
CA VAL A 401 -51.21 50.07 -10.50
C VAL A 401 -50.84 50.85 -11.76
N ILE A 402 -51.09 50.24 -12.92
CA ILE A 402 -50.76 50.85 -14.21
C ILE A 402 -51.97 50.85 -15.13
N ARG A 403 -51.78 51.33 -16.36
CA ARG A 403 -52.86 51.55 -17.32
C ARG A 403 -52.86 50.44 -18.37
N GLY A 404 -53.48 49.31 -18.03
CA GLY A 404 -53.90 48.34 -19.03
C GLY A 404 -52.84 47.78 -19.96
N ASP A 405 -52.87 48.24 -21.22
CA ASP A 405 -52.09 47.59 -22.28
C ASP A 405 -50.60 47.54 -21.96
N GLU A 406 -50.07 48.56 -21.30
CA GLU A 406 -48.62 48.65 -21.11
C GLU A 406 -48.14 47.83 -19.91
N VAL A 407 -48.53 46.55 -19.89
CA VAL A 407 -48.01 45.64 -18.87
C VAL A 407 -46.66 45.09 -19.28
N ARG A 408 -46.37 45.04 -20.57
CA ARG A 408 -45.15 44.42 -21.08
C ARG A 408 -43.95 45.34 -21.05
N GLN A 409 -44.13 46.63 -20.79
CA GLN A 409 -42.99 47.54 -20.72
C GLN A 409 -42.06 47.17 -19.57
N ILE A 410 -42.63 46.87 -18.40
CA ILE A 410 -41.84 46.52 -17.23
C ILE A 410 -41.29 45.12 -17.44
N ALA A 411 -39.99 45.03 -17.75
CA ALA A 411 -39.38 43.74 -18.04
C ALA A 411 -37.87 43.84 -17.87
N PRO A 412 -37.22 42.81 -17.35
CA PRO A 412 -35.74 42.86 -17.23
C PRO A 412 -35.04 42.98 -18.56
N GLY A 413 -35.61 42.41 -19.61
CA GLY A 413 -34.98 42.37 -20.92
C GLY A 413 -35.52 43.42 -21.86
N GLN A 414 -36.47 43.01 -22.72
CA GLN A 414 -37.08 43.93 -23.68
C GLN A 414 -37.55 45.20 -22.99
N THR A 415 -37.38 46.32 -23.68
CA THR A 415 -37.67 47.63 -23.11
C THR A 415 -39.08 48.07 -23.47
N GLY A 416 -39.54 49.12 -22.80
CA GLY A 416 -40.82 49.73 -23.08
C GLY A 416 -40.78 51.19 -22.71
N LYS A 417 -41.67 51.96 -23.34
CA LYS A 417 -41.69 53.40 -23.09
C LYS A 417 -42.04 53.70 -21.63
N ILE A 418 -43.02 52.97 -21.06
CA ILE A 418 -43.38 53.18 -19.67
C ILE A 418 -42.22 52.86 -18.76
N ALA A 419 -41.55 51.73 -19.01
CA ALA A 419 -40.36 51.38 -18.24
C ALA A 419 -39.27 52.43 -18.38
N ASP A 420 -39.31 53.25 -19.44
CA ASP A 420 -38.32 54.29 -19.61
C ASP A 420 -38.56 55.49 -18.70
N TYR A 421 -39.75 55.63 -18.13
CA TYR A 421 -40.05 56.78 -17.29
C TYR A 421 -40.59 56.39 -15.92
N ASN A 422 -41.42 55.35 -15.84
CA ASN A 422 -42.09 55.01 -14.59
C ASN A 422 -41.20 54.13 -13.72
N TYR A 423 -40.83 52.95 -14.22
CA TYR A 423 -39.99 52.04 -13.46
C TYR A 423 -39.40 51.01 -14.41
N LYS A 424 -38.07 50.88 -14.39
CA LYS A 424 -37.36 49.90 -15.20
C LYS A 424 -36.87 48.77 -14.30
N LEU A 425 -37.24 47.54 -14.63
CA LEU A 425 -36.75 46.39 -13.89
C LEU A 425 -35.25 46.23 -14.13
N PRO A 426 -34.52 45.72 -13.14
CA PRO A 426 -33.07 45.56 -13.30
C PRO A 426 -32.73 44.63 -14.46
N ASP A 427 -31.58 44.91 -15.09
CA ASP A 427 -31.12 44.04 -16.18
C ASP A 427 -30.88 42.63 -15.68
N ASP A 428 -30.23 42.49 -14.53
CA ASP A 428 -30.08 41.19 -13.88
C ASP A 428 -31.17 40.98 -12.83
N PHE A 429 -32.42 41.11 -13.29
CA PHE A 429 -33.57 40.91 -12.41
C PHE A 429 -33.85 39.42 -12.27
N THR A 430 -34.05 38.98 -11.04
CA THR A 430 -34.56 37.64 -10.77
C THR A 430 -35.51 37.77 -9.58
N GLY A 431 -36.81 37.64 -9.86
CA GLY A 431 -37.84 37.79 -8.86
C GLY A 431 -39.12 37.14 -9.33
N CYS A 432 -40.27 37.69 -8.93
CA CYS A 432 -41.55 37.22 -9.48
C CYS A 432 -42.48 38.40 -9.65
N VAL A 433 -42.99 38.58 -10.86
CA VAL A 433 -43.89 39.68 -11.20
C VAL A 433 -45.29 39.12 -11.43
N ILE A 434 -46.25 39.60 -10.65
CA ILE A 434 -47.64 39.16 -10.77
C ILE A 434 -48.47 40.36 -11.20
N ALA A 435 -49.19 40.21 -12.30
CA ALA A 435 -50.01 41.28 -12.85
C ALA A 435 -51.42 40.78 -13.07
N TRP A 436 -52.42 41.59 -12.72
CA TRP A 436 -53.80 41.23 -12.94
C TRP A 436 -54.65 42.48 -13.06
N ASN A 437 -55.63 42.44 -13.97
CA ASN A 437 -56.59 43.53 -14.14
C ASN A 437 -57.65 43.39 -13.04
N SER A 438 -57.32 43.90 -11.85
CA SER A 438 -58.19 43.74 -10.70
C SER A 438 -59.54 44.44 -10.92
N ASN A 439 -59.49 45.71 -11.27
CA ASN A 439 -60.68 46.54 -11.49
C ASN A 439 -61.57 46.48 -10.24
N ASN A 440 -62.88 46.67 -10.42
CA ASN A 440 -63.90 46.66 -9.37
C ASN A 440 -63.46 47.32 -8.06
N LEU A 441 -62.88 46.54 -7.16
CA LEU A 441 -62.60 47.04 -5.80
C LEU A 441 -61.65 48.23 -5.83
N ASP A 442 -60.60 48.18 -6.64
CA ASP A 442 -59.64 49.27 -6.71
C ASP A 442 -60.01 50.33 -7.75
N SER A 443 -61.15 50.17 -8.43
CA SER A 443 -61.60 51.11 -9.43
C SER A 443 -62.84 51.85 -8.93
N LYS A 444 -62.91 53.14 -9.26
CA LYS A 444 -64.05 53.97 -8.84
C LYS A 444 -64.52 54.87 -9.98
N ASN A 450 -55.49 60.87 -7.56
CA ASN A 450 -55.25 59.64 -6.82
C ASN A 450 -54.27 58.74 -7.57
N TYR A 451 -54.72 58.20 -8.70
CA TYR A 451 -53.91 57.31 -9.53
C TYR A 451 -53.33 58.12 -10.69
N LEU A 452 -52.09 58.57 -10.52
CA LEU A 452 -51.40 59.37 -11.53
C LEU A 452 -50.08 58.68 -11.88
N TYR A 453 -49.75 58.67 -13.16
CA TYR A 453 -48.62 57.89 -13.67
C TYR A 453 -47.58 58.80 -14.30
N ARG A 454 -46.31 58.37 -14.20
CA ARG A 454 -45.20 59.17 -14.69
C ARG A 454 -45.29 59.35 -16.20
N LEU A 455 -45.09 60.58 -16.67
CA LEU A 455 -45.13 60.89 -18.09
C LEU A 455 -44.02 61.85 -18.52
N PHE A 456 -43.22 62.37 -17.60
CA PHE A 456 -42.23 63.41 -17.91
C PHE A 456 -40.87 63.00 -17.33
N ARG A 457 -40.04 62.38 -18.17
CA ARG A 457 -38.67 62.07 -17.80
C ARG A 457 -37.86 61.92 -19.08
N LYS A 458 -36.53 61.80 -18.92
CA LYS A 458 -35.64 61.70 -20.06
C LYS A 458 -34.67 60.53 -19.98
N SER A 459 -34.59 59.84 -18.84
CA SER A 459 -33.70 58.70 -18.69
C SER A 459 -34.45 57.53 -18.07
N ASN A 460 -34.08 56.32 -18.46
CA ASN A 460 -34.67 55.13 -17.88
C ASN A 460 -34.31 55.06 -16.39
N LEU A 461 -35.30 54.68 -15.58
CA LEU A 461 -35.08 54.58 -14.14
C LEU A 461 -33.99 53.54 -13.85
N LYS A 462 -33.09 53.89 -12.94
CA LYS A 462 -31.96 53.04 -12.63
C LYS A 462 -32.45 51.68 -12.14
N PRO A 463 -31.83 50.57 -12.56
CA PRO A 463 -32.18 49.26 -12.02
C PRO A 463 -32.33 49.24 -10.51
N PHE A 464 -33.55 48.91 -10.04
CA PHE A 464 -33.87 48.88 -8.62
C PHE A 464 -33.62 50.24 -7.95
N GLU A 465 -34.38 51.24 -8.41
CA GLU A 465 -34.30 52.59 -7.89
C GLU A 465 -35.69 53.07 -7.47
N ARG A 466 -35.71 54.03 -6.56
CA ARG A 466 -36.94 54.61 -6.03
C ARG A 466 -36.96 56.09 -6.33
N ASP A 467 -37.81 56.50 -7.28
CA ASP A 467 -37.91 57.88 -7.70
C ASP A 467 -39.36 58.34 -7.62
N ILE A 468 -39.59 59.47 -6.96
CA ILE A 468 -40.94 60.01 -6.78
C ILE A 468 -40.97 61.47 -7.20
N SER A 469 -40.05 61.86 -8.08
CA SER A 469 -39.95 63.26 -8.49
C SER A 469 -41.20 63.69 -9.26
N THR A 470 -41.64 64.93 -9.00
CA THR A 470 -42.84 65.45 -9.64
C THR A 470 -42.69 66.92 -10.06
N GLU A 471 -41.46 67.41 -10.17
CA GLU A 471 -41.25 68.80 -10.55
C GLU A 471 -41.67 69.03 -12.00
N ILE A 472 -42.30 70.16 -12.25
CA ILE A 472 -42.92 70.47 -13.54
C ILE A 472 -41.87 71.00 -14.51
N TYR A 473 -41.81 70.39 -15.70
CA TYR A 473 -40.89 70.75 -16.77
C TYR A 473 -41.28 69.90 -17.98
N GLN A 474 -40.92 70.38 -19.18
CA GLN A 474 -41.34 69.68 -20.40
C GLN A 474 -40.27 68.69 -20.86
N ALA A 475 -39.16 69.18 -21.40
CA ALA A 475 -37.94 68.38 -21.38
C ALA A 475 -36.72 69.16 -20.92
N GLY A 476 -36.26 70.11 -21.74
CA GLY A 476 -35.22 71.04 -21.36
C GLY A 476 -35.26 72.36 -22.10
N SER A 477 -36.23 72.52 -23.01
CA SER A 477 -36.11 73.53 -24.05
C SER A 477 -36.26 74.94 -23.49
N THR A 478 -37.27 75.15 -22.66
CA THR A 478 -37.51 76.48 -22.11
C THR A 478 -36.43 76.82 -21.09
N PRO A 479 -35.72 77.95 -21.26
CA PRO A 479 -34.74 78.34 -20.23
C PRO A 479 -35.37 78.54 -18.86
N CYS A 480 -36.60 79.05 -18.82
CA CYS A 480 -37.37 79.16 -17.60
C CYS A 480 -38.71 78.46 -17.83
N ASN A 481 -39.05 77.51 -16.96
CA ASN A 481 -40.27 76.74 -17.17
C ASN A 481 -41.51 77.56 -16.84
N GLY A 482 -41.39 78.52 -15.92
CA GLY A 482 -42.51 79.37 -15.57
C GLY A 482 -43.69 78.63 -14.99
N VAL A 483 -43.42 77.75 -14.02
CA VAL A 483 -44.42 76.88 -13.42
C VAL A 483 -45.06 76.07 -14.53
N GLU A 484 -46.31 76.37 -14.87
CA GLU A 484 -47.00 75.74 -15.99
C GLU A 484 -47.23 76.80 -17.06
N GLY A 485 -46.24 76.97 -17.93
CA GLY A 485 -46.35 77.96 -18.98
C GLY A 485 -47.29 77.57 -20.10
N PHE A 486 -46.89 76.62 -20.94
CA PHE A 486 -47.75 76.12 -22.00
C PHE A 486 -47.82 74.61 -22.10
N ASN A 487 -46.79 73.87 -21.67
CA ASN A 487 -46.79 72.42 -21.79
C ASN A 487 -46.20 71.70 -20.58
N CYS A 488 -45.70 72.42 -19.58
CA CYS A 488 -45.03 71.80 -18.43
C CYS A 488 -46.07 71.43 -17.37
N TYR A 489 -46.86 70.42 -17.70
CA TYR A 489 -47.84 69.89 -16.77
C TYR A 489 -47.15 69.05 -15.69
N PHE A 490 -47.94 68.56 -14.75
CA PHE A 490 -47.40 67.66 -13.74
C PHE A 490 -46.88 66.39 -14.39
N PRO A 491 -45.70 65.91 -14.02
CA PRO A 491 -45.23 64.63 -14.59
C PRO A 491 -46.20 63.48 -14.31
N LEU A 492 -46.85 63.50 -13.16
CA LEU A 492 -47.85 62.48 -12.81
C LEU A 492 -49.15 62.83 -13.53
N GLN A 493 -49.27 62.36 -14.77
CA GLN A 493 -50.49 62.56 -15.53
C GLN A 493 -51.63 61.74 -14.95
N SER A 494 -52.81 62.35 -14.87
CA SER A 494 -53.99 61.70 -14.31
C SER A 494 -54.79 61.01 -15.41
N TYR A 495 -55.37 59.87 -15.08
CA TYR A 495 -56.16 59.07 -16.01
C TYR A 495 -57.46 58.66 -15.35
N GLY A 496 -58.39 58.15 -16.17
CA GLY A 496 -59.66 57.66 -15.67
C GLY A 496 -59.59 56.19 -15.34
N PHE A 497 -59.95 55.86 -14.10
CA PHE A 497 -59.88 54.48 -13.60
C PHE A 497 -61.28 54.00 -13.22
N GLN A 498 -62.24 54.25 -14.10
CA GLN A 498 -63.63 53.90 -13.92
C GLN A 498 -63.95 52.60 -14.66
N PRO A 499 -65.01 51.90 -14.26
CA PRO A 499 -65.36 50.65 -14.96
C PRO A 499 -65.66 50.83 -16.44
N THR A 500 -66.08 52.04 -16.86
CA THR A 500 -66.36 52.27 -18.27
C THR A 500 -65.10 52.17 -19.13
N ASN A 501 -63.92 52.28 -18.53
CA ASN A 501 -62.68 52.14 -19.29
C ASN A 501 -62.51 50.72 -19.79
N GLY A 502 -61.78 50.59 -20.90
CA GLY A 502 -61.52 49.30 -21.49
C GLY A 502 -60.45 48.52 -20.75
N VAL A 503 -60.15 47.33 -21.29
CA VAL A 503 -59.14 46.47 -20.69
C VAL A 503 -57.78 47.15 -20.69
N GLY A 504 -57.45 47.83 -21.79
CA GLY A 504 -56.19 48.53 -21.90
C GLY A 504 -56.10 49.87 -21.21
N TYR A 505 -57.19 50.32 -20.59
CA TYR A 505 -57.19 51.57 -19.83
C TYR A 505 -57.75 51.37 -18.43
N GLN A 506 -57.77 50.14 -17.94
CA GLN A 506 -58.26 49.79 -16.62
C GLN A 506 -57.10 49.67 -15.63
N PRO A 507 -57.36 49.84 -14.34
CA PRO A 507 -56.29 49.67 -13.34
C PRO A 507 -55.75 48.24 -13.35
N TYR A 508 -54.46 48.12 -13.59
CA TYR A 508 -53.77 46.83 -13.65
C TYR A 508 -52.82 46.76 -12.46
N ARG A 509 -53.12 45.89 -11.50
CA ARG A 509 -52.27 45.71 -10.34
C ARG A 509 -51.06 44.87 -10.72
N VAL A 510 -49.87 45.46 -10.63
CA VAL A 510 -48.61 44.78 -10.91
C VAL A 510 -47.74 44.85 -9.68
N VAL A 511 -47.26 43.70 -9.22
CA VAL A 511 -46.39 43.61 -8.06
C VAL A 511 -45.13 42.87 -8.46
N VAL A 512 -43.98 43.49 -8.23
CA VAL A 512 -42.68 42.87 -8.49
C VAL A 512 -42.12 42.36 -7.17
N LEU A 513 -41.44 41.21 -7.25
CA LEU A 513 -41.01 40.41 -6.10
C LEU A 513 -39.54 40.03 -6.29
N SER A 514 -38.70 41.06 -6.45
CA SER A 514 -37.29 40.83 -6.74
C SER A 514 -36.57 40.38 -5.48
N PHE A 515 -35.99 39.18 -5.51
CA PHE A 515 -35.20 38.69 -4.39
C PHE A 515 -33.71 38.89 -4.66
N GLU A 516 -33.00 39.35 -3.64
CA GLU A 516 -31.57 39.59 -3.73
C GLU A 516 -30.82 38.29 -3.99
N LEU A 517 -29.73 38.39 -4.75
CA LEU A 517 -28.94 37.22 -5.11
C LEU A 517 -28.23 36.67 -3.87
N LEU A 518 -27.58 35.53 -4.06
CA LEU A 518 -27.01 34.79 -2.94
C LEU A 518 -25.82 35.53 -2.34
N HIS A 519 -25.85 35.68 -1.02
CA HIS A 519 -24.74 36.23 -0.25
C HIS A 519 -24.33 35.23 0.83
N ALA A 520 -23.49 35.67 1.78
CA ALA A 520 -23.04 34.80 2.86
C ALA A 520 -24.19 34.14 3.63
N PRO A 521 -25.26 34.83 4.01
CA PRO A 521 -26.40 34.14 4.62
C PRO A 521 -27.42 33.72 3.57
N ALA A 522 -28.40 32.94 4.04
CA ALA A 522 -29.50 32.50 3.17
C ALA A 522 -30.69 32.19 4.08
N THR A 523 -31.66 33.11 4.13
CA THR A 523 -32.76 33.01 5.07
C THR A 523 -34.11 32.75 4.42
N VAL A 524 -34.43 33.44 3.33
CA VAL A 524 -35.71 33.27 2.65
C VAL A 524 -35.60 31.98 1.83
N CYS A 525 -36.11 30.88 2.37
CA CYS A 525 -36.04 29.60 1.70
C CYS A 525 -37.39 28.89 1.76
N GLY A 526 -37.63 28.05 0.77
CA GLY A 526 -38.88 27.33 0.66
C GLY A 526 -38.99 26.22 1.68
N PRO A 527 -39.90 25.27 1.44
CA PRO A 527 -40.15 24.21 2.42
C PRO A 527 -39.00 23.20 2.46
N LYS A 528 -38.32 23.16 3.60
CA LYS A 528 -37.36 22.11 3.92
C LYS A 528 -37.36 21.95 5.44
N LYS A 529 -36.93 20.75 5.89
CA LYS A 529 -36.79 20.25 7.27
C LYS A 529 -37.99 19.40 7.67
N SER A 530 -38.03 18.98 8.94
CA SER A 530 -39.08 18.18 9.55
C SER A 530 -39.06 16.74 9.04
N THR A 531 -39.57 15.82 9.85
CA THR A 531 -39.45 14.38 9.60
C THR A 531 -40.72 13.69 10.07
N ASN A 532 -40.65 12.37 10.25
CA ASN A 532 -41.72 11.57 10.81
C ASN A 532 -41.10 10.33 11.44
N LEU A 533 -41.92 9.34 11.75
CA LEU A 533 -41.44 8.10 12.34
C LEU A 533 -42.03 6.90 11.61
N VAL A 534 -41.16 6.03 11.11
CA VAL A 534 -41.52 4.68 10.67
C VAL A 534 -40.52 3.75 11.35
N LYS A 535 -40.88 3.24 12.51
CA LYS A 535 -39.92 2.57 13.39
C LYS A 535 -39.82 1.09 13.07
N ASN A 536 -38.65 0.51 13.37
CA ASN A 536 -38.38 -0.91 13.18
C ASN A 536 -38.50 -1.32 11.72
N LYS A 537 -37.84 -0.55 10.85
CA LYS A 537 -37.82 -0.84 9.42
C LYS A 537 -36.59 -0.19 8.79
N CYS A 538 -35.90 -0.95 7.95
CA CYS A 538 -34.78 -0.40 7.20
C CYS A 538 -35.29 0.61 6.18
N VAL A 539 -35.07 1.90 6.44
CA VAL A 539 -35.56 2.96 5.59
C VAL A 539 -34.47 3.99 5.38
N ASN A 540 -34.60 4.75 4.29
CA ASN A 540 -33.82 5.97 4.12
C ASN A 540 -34.52 7.10 4.87
N PHE A 541 -33.75 7.91 5.58
CA PHE A 541 -34.29 9.02 6.34
C PHE A 541 -33.51 10.29 6.00
N ASN A 542 -34.24 11.41 5.94
CA ASN A 542 -33.65 12.73 5.79
C ASN A 542 -34.10 13.56 6.98
N PHE A 543 -33.31 13.56 8.04
CA PHE A 543 -33.64 14.25 9.29
C PHE A 543 -32.85 15.56 9.34
N ASN A 544 -33.49 16.66 8.94
CA ASN A 544 -32.92 18.00 9.04
C ASN A 544 -31.59 18.10 8.30
N GLY A 545 -31.49 17.43 7.15
CA GLY A 545 -30.29 17.40 6.36
C GLY A 545 -29.40 16.21 6.60
N LEU A 546 -29.65 15.46 7.68
CA LEU A 546 -28.91 14.24 7.97
C LEU A 546 -29.57 13.10 7.19
N THR A 547 -28.93 12.67 6.11
CA THR A 547 -29.49 11.65 5.22
C THR A 547 -28.74 10.34 5.43
N GLY A 548 -29.49 9.26 5.60
CA GLY A 548 -28.85 7.96 5.79
C GLY A 548 -29.87 6.85 5.87
N THR A 549 -29.38 5.63 5.73
CA THR A 549 -30.21 4.43 5.72
C THR A 549 -30.01 3.66 7.03
N GLY A 550 -31.12 3.21 7.62
CA GLY A 550 -31.05 2.44 8.83
C GLY A 550 -32.43 2.16 9.39
N VAL A 551 -32.43 1.58 10.59
CA VAL A 551 -33.66 1.31 11.34
C VAL A 551 -33.75 2.30 12.48
N LEU A 552 -34.88 3.01 12.55
CA LEU A 552 -35.10 4.03 13.57
C LEU A 552 -35.91 3.42 14.71
N THR A 553 -35.23 2.62 15.54
CA THR A 553 -35.89 2.04 16.69
C THR A 553 -36.12 3.10 17.76
N GLU A 554 -37.06 2.82 18.66
CA GLU A 554 -37.27 3.67 19.82
C GLU A 554 -36.06 3.61 20.74
N SER A 555 -35.67 4.75 21.29
CA SER A 555 -34.47 4.86 22.09
C SER A 555 -34.80 5.43 23.46
N ASN A 556 -34.01 5.05 24.45
CA ASN A 556 -34.13 5.55 25.81
C ASN A 556 -33.04 6.57 26.13
N LYS A 557 -32.50 7.22 25.11
CA LYS A 557 -31.48 8.23 25.30
C LYS A 557 -32.12 9.53 25.78
N LYS A 558 -31.28 10.38 26.39
CA LYS A 558 -31.74 11.64 26.99
C LYS A 558 -30.89 12.77 26.43
N PHE A 559 -31.32 13.32 25.29
CA PHE A 559 -30.64 14.46 24.71
C PHE A 559 -30.93 15.72 25.52
N LEU A 560 -29.92 16.57 25.65
CA LEU A 560 -30.15 17.90 26.18
C LEU A 560 -31.01 18.70 25.20
N PRO A 561 -31.79 19.67 25.68
CA PRO A 561 -32.75 20.33 24.78
C PRO A 561 -32.12 21.38 23.88
N PHE A 562 -30.90 21.12 23.40
CA PHE A 562 -30.32 21.88 22.31
C PHE A 562 -29.61 21.02 21.28
N GLN A 563 -29.43 19.73 21.55
CA GLN A 563 -28.73 18.82 20.64
C GLN A 563 -29.72 18.04 19.80
N GLN A 564 -29.37 17.84 18.53
CA GLN A 564 -30.19 17.07 17.60
C GLN A 564 -29.53 15.76 17.17
N PHE A 565 -28.28 15.82 16.72
CA PHE A 565 -27.58 14.60 16.32
C PHE A 565 -27.11 13.82 17.55
N GLY A 566 -26.69 12.58 17.30
CA GLY A 566 -26.31 11.69 18.38
C GLY A 566 -25.04 10.91 18.13
N ARG A 567 -24.07 11.52 17.46
CA ARG A 567 -22.79 10.87 17.17
C ARG A 567 -22.08 10.47 18.46
N ASP A 568 -21.96 9.17 18.70
CA ASP A 568 -21.33 8.64 19.91
C ASP A 568 -20.21 7.69 19.51
N ILE A 569 -18.98 8.03 19.92
CA ILE A 569 -17.76 7.26 19.65
C ILE A 569 -17.48 7.21 18.15
N ALA A 570 -16.21 7.18 17.78
CA ALA A 570 -15.79 7.35 16.39
C ALA A 570 -16.45 8.58 15.80
N ASP A 571 -17.16 8.42 14.67
CA ASP A 571 -17.90 9.54 14.11
C ASP A 571 -19.24 9.11 13.53
N THR A 572 -19.77 7.97 13.95
CA THR A 572 -21.03 7.46 13.43
C THR A 572 -22.21 8.04 14.21
N THR A 573 -23.30 8.32 13.51
CA THR A 573 -24.50 8.87 14.12
C THR A 573 -25.33 7.72 14.68
N ASP A 574 -25.29 7.56 16.00
CA ASP A 574 -26.00 6.48 16.67
C ASP A 574 -27.38 6.90 17.18
N ALA A 575 -27.75 8.16 17.04
CA ALA A 575 -29.05 8.63 17.51
C ALA A 575 -29.41 9.91 16.77
N VAL A 576 -30.69 10.26 16.83
CA VAL A 576 -31.19 11.43 16.13
C VAL A 576 -32.43 11.93 16.87
N ARG A 577 -32.80 13.19 16.61
CA ARG A 577 -33.98 13.79 17.18
C ARG A 577 -34.86 14.34 16.06
N ASP A 578 -36.10 13.87 16.01
CA ASP A 578 -37.05 14.34 15.00
C ASP A 578 -37.62 15.69 15.41
N PRO A 579 -37.59 16.69 14.53
CA PRO A 579 -38.09 18.02 14.93
C PRO A 579 -39.59 18.18 14.76
N GLN A 580 -40.36 17.14 15.07
CA GLN A 580 -41.81 17.22 15.16
C GLN A 580 -42.32 16.87 16.54
N THR A 581 -41.85 15.76 17.10
CA THR A 581 -42.24 15.33 18.44
C THR A 581 -41.10 15.47 19.45
N LEU A 582 -39.90 15.82 19.01
CA LEU A 582 -38.75 16.03 19.89
C LEU A 582 -38.43 14.77 20.70
N GLU A 583 -38.54 13.61 20.06
CA GLU A 583 -38.17 12.35 20.66
C GLU A 583 -36.87 11.85 20.05
N ILE A 584 -36.24 10.89 20.72
CA ILE A 584 -34.93 10.38 20.34
C ILE A 584 -35.10 9.03 19.66
N LEU A 585 -34.54 8.90 18.46
CA LEU A 585 -34.60 7.67 17.67
C LEU A 585 -33.20 7.10 17.53
N ASP A 586 -33.06 5.81 17.80
CA ASP A 586 -31.77 5.12 17.75
C ASP A 586 -31.55 4.58 16.34
N ILE A 587 -30.52 5.08 15.67
CA ILE A 587 -30.19 4.62 14.32
C ILE A 587 -29.34 3.36 14.41
N THR A 588 -29.73 2.32 13.69
CA THR A 588 -29.02 1.05 13.68
C THR A 588 -28.90 0.56 12.24
N PRO A 589 -27.76 -0.02 11.87
CA PRO A 589 -27.69 -0.71 10.57
C PRO A 589 -28.69 -1.84 10.52
N CYS A 590 -29.60 -1.77 9.53
CA CYS A 590 -30.76 -2.66 9.54
C CYS A 590 -30.34 -4.13 9.45
N SER A 591 -29.53 -4.48 8.45
CA SER A 591 -28.98 -5.82 8.34
C SER A 591 -27.95 -5.86 7.24
N PHE A 592 -26.85 -6.56 7.49
CA PHE A 592 -25.89 -6.91 6.45
C PHE A 592 -25.04 -8.06 6.97
N GLY A 593 -24.37 -8.74 6.04
CA GLY A 593 -23.54 -9.86 6.40
C GLY A 593 -22.73 -10.37 5.23
N GLY A 594 -22.62 -11.70 5.12
CA GLY A 594 -21.87 -12.29 4.03
C GLY A 594 -22.39 -13.64 3.64
N VAL A 595 -22.65 -13.82 2.35
CA VAL A 595 -23.13 -15.09 1.82
C VAL A 595 -21.93 -15.99 1.59
N SER A 596 -21.91 -17.14 2.26
CA SER A 596 -20.83 -18.10 2.12
C SER A 596 -21.41 -19.43 1.65
N VAL A 597 -20.74 -20.03 0.66
CA VAL A 597 -21.17 -21.29 0.09
C VAL A 597 -20.32 -22.40 0.69
N ILE A 598 -20.98 -23.37 1.32
CA ILE A 598 -20.34 -24.56 1.85
C ILE A 598 -20.49 -25.65 0.80
N THR A 599 -19.37 -26.11 0.24
CA THR A 599 -19.42 -27.10 -0.82
C THR A 599 -18.42 -28.21 -0.54
N PRO A 600 -18.82 -29.48 -0.63
CA PRO A 600 -17.90 -30.61 -0.44
C PRO A 600 -17.11 -30.95 -1.71
N GLY A 601 -16.58 -29.93 -2.36
CA GLY A 601 -15.84 -30.11 -3.59
C GLY A 601 -16.74 -30.31 -4.78
N THR A 602 -16.11 -30.36 -5.95
CA THR A 602 -16.79 -30.62 -7.21
C THR A 602 -16.70 -32.10 -7.62
N ASN A 603 -15.55 -32.72 -7.39
CA ASN A 603 -15.40 -34.14 -7.70
C ASN A 603 -16.36 -34.99 -6.88
N THR A 604 -16.51 -34.68 -5.59
CA THR A 604 -17.37 -35.50 -4.73
C THR A 604 -18.84 -35.34 -5.09
N SER A 605 -19.30 -34.10 -5.24
CA SER A 605 -20.72 -33.84 -5.47
C SER A 605 -20.87 -32.43 -6.05
N ASN A 606 -22.12 -32.01 -6.20
CA ASN A 606 -22.45 -30.69 -6.71
C ASN A 606 -23.46 -29.96 -5.84
N GLN A 607 -23.77 -30.50 -4.66
CA GLN A 607 -24.71 -29.86 -3.74
C GLN A 607 -23.98 -28.88 -2.84
N VAL A 608 -24.68 -27.81 -2.44
CA VAL A 608 -24.10 -26.74 -1.64
C VAL A 608 -25.07 -26.33 -0.55
N ALA A 609 -24.52 -25.68 0.48
CA ALA A 609 -25.29 -25.02 1.52
C ALA A 609 -24.91 -23.55 1.55
N VAL A 610 -25.80 -22.72 2.09
CA VAL A 610 -25.61 -21.27 2.09
C VAL A 610 -25.69 -20.75 3.51
N LEU A 611 -24.67 -20.03 3.96
CA LEU A 611 -24.61 -19.46 5.29
C LEU A 611 -24.61 -17.94 5.19
N TYR A 612 -25.51 -17.29 5.92
CA TYR A 612 -25.55 -15.84 6.04
C TYR A 612 -24.99 -15.48 7.41
N GLN A 613 -24.04 -14.55 7.42
CA GLN A 613 -23.10 -14.42 8.54
C GLN A 613 -23.80 -14.00 9.83
N ASP A 614 -24.45 -12.83 9.83
CA ASP A 614 -25.01 -12.28 11.06
C ASP A 614 -26.41 -11.74 10.83
N VAL A 615 -27.26 -12.54 10.18
CA VAL A 615 -28.65 -12.16 9.97
C VAL A 615 -29.55 -13.23 10.56
N ASN A 616 -30.79 -12.84 10.83
CA ASN A 616 -31.79 -13.78 11.30
C ASN A 616 -32.32 -14.62 10.13
N CYS A 617 -32.88 -15.77 10.46
CA CYS A 617 -33.41 -16.66 9.43
C CYS A 617 -34.72 -16.16 8.84
N THR A 618 -35.35 -15.16 9.44
CA THR A 618 -36.54 -14.54 8.87
C THR A 618 -36.20 -13.39 7.92
N GLU A 619 -35.06 -12.74 8.12
CA GLU A 619 -34.68 -11.61 7.28
C GLU A 619 -34.24 -12.06 5.88
N VAL A 620 -33.93 -13.34 5.70
CA VAL A 620 -33.53 -13.84 4.39
C VAL A 620 -34.78 -14.08 3.55
N PRO A 621 -34.91 -13.43 2.39
CA PRO A 621 -36.08 -13.58 1.51
C PRO A 621 -36.20 -15.00 0.95
N ARG A 634 -32.65 -15.17 -3.95
CA ARG A 634 -32.22 -16.12 -4.96
C ARG A 634 -32.74 -17.53 -4.60
N VAL A 635 -33.26 -18.22 -5.63
CA VAL A 635 -33.96 -19.51 -5.53
C VAL A 635 -34.72 -19.61 -4.21
N TYR A 636 -34.44 -20.66 -3.44
CA TYR A 636 -35.08 -20.89 -2.15
C TYR A 636 -34.10 -20.56 -1.04
N SER A 637 -34.51 -19.69 -0.12
CA SER A 637 -33.64 -19.28 0.97
C SER A 637 -34.33 -19.18 2.32
N THR A 638 -35.60 -19.57 2.43
CA THR A 638 -36.29 -19.53 3.71
C THR A 638 -37.19 -20.73 3.96
N GLY A 639 -37.24 -21.70 3.05
CA GLY A 639 -38.14 -22.83 3.21
C GLY A 639 -37.43 -24.15 3.47
N SER A 640 -37.60 -24.68 4.69
CA SER A 640 -37.07 -25.98 5.11
C SER A 640 -35.54 -26.00 5.15
N ASN A 641 -34.99 -26.87 5.99
CA ASN A 641 -33.54 -27.00 6.16
C ASN A 641 -32.90 -25.67 6.52
N VAL A 642 -33.58 -24.92 7.37
CA VAL A 642 -33.14 -23.59 7.79
C VAL A 642 -32.82 -23.67 9.28
N PHE A 643 -31.55 -23.44 9.63
CA PHE A 643 -31.08 -23.62 11.00
C PHE A 643 -30.34 -22.34 11.40
N GLN A 644 -30.74 -21.76 12.52
CA GLN A 644 -30.16 -20.52 13.01
C GLN A 644 -29.12 -20.85 14.08
N THR A 645 -27.85 -20.74 13.71
CA THR A 645 -26.73 -20.92 14.63
C THR A 645 -26.17 -19.55 15.00
N ARG A 646 -25.30 -19.54 16.02
CA ARG A 646 -24.67 -18.30 16.44
C ARG A 646 -23.87 -17.66 15.31
N ALA A 647 -23.34 -18.47 14.40
CA ALA A 647 -22.60 -17.99 13.24
C ALA A 647 -23.50 -17.59 12.08
N GLY A 648 -24.81 -17.47 12.30
CA GLY A 648 -25.72 -16.97 11.31
C GLY A 648 -26.77 -17.98 10.91
N CYS A 649 -27.42 -17.72 9.78
CA CYS A 649 -28.51 -18.54 9.29
C CYS A 649 -27.99 -19.46 8.18
N LEU A 650 -28.15 -20.76 8.36
CA LEU A 650 -27.64 -21.76 7.43
C LEU A 650 -28.81 -22.47 6.77
N ILE A 651 -28.84 -22.46 5.44
CA ILE A 651 -29.87 -23.11 4.65
C ILE A 651 -29.21 -24.18 3.80
N GLY A 652 -29.96 -25.25 3.54
CA GLY A 652 -29.47 -26.37 2.77
C GLY A 652 -28.72 -27.42 3.57
N ALA A 653 -28.67 -27.29 4.90
CA ALA A 653 -27.97 -28.23 5.74
C ALA A 653 -28.89 -28.69 6.86
N GLU A 654 -28.84 -29.99 7.16
CA GLU A 654 -29.68 -30.61 8.18
C GLU A 654 -28.91 -30.73 9.48
N HIS A 655 -29.55 -30.36 10.59
CA HIS A 655 -28.91 -30.40 11.89
C HIS A 655 -28.97 -31.82 12.45
N VAL A 656 -27.81 -32.38 12.76
CA VAL A 656 -27.70 -33.72 13.33
C VAL A 656 -27.15 -33.61 14.74
N ASN A 657 -27.75 -34.36 15.67
CA ASN A 657 -27.35 -34.29 17.06
C ASN A 657 -26.02 -34.99 17.32
N ASN A 658 -25.68 -35.99 16.51
CA ASN A 658 -24.40 -36.66 16.66
C ASN A 658 -23.26 -35.71 16.34
N SER A 659 -22.20 -35.79 17.13
CA SER A 659 -21.05 -34.90 16.99
C SER A 659 -19.89 -35.68 16.37
N TYR A 660 -19.38 -35.18 15.25
CA TYR A 660 -18.24 -35.77 14.57
C TYR A 660 -17.08 -34.78 14.55
N GLU A 661 -15.95 -35.22 13.98
CA GLU A 661 -14.82 -34.33 13.80
C GLU A 661 -15.15 -33.25 12.78
N CYS A 662 -14.63 -32.05 13.01
CA CYS A 662 -14.93 -30.93 12.14
C CYS A 662 -14.37 -31.17 10.73
N ASP A 663 -15.20 -30.89 9.72
CA ASP A 663 -14.81 -31.00 8.33
C ASP A 663 -14.76 -29.65 7.65
N ILE A 664 -15.85 -28.89 7.69
CA ILE A 664 -15.90 -27.54 7.13
C ILE A 664 -16.26 -26.58 8.26
N PRO A 665 -15.30 -25.80 8.77
CA PRO A 665 -15.59 -24.94 9.93
C PRO A 665 -16.54 -23.80 9.62
N ILE A 666 -17.74 -23.85 10.21
CA ILE A 666 -18.70 -22.75 10.07
C ILE A 666 -18.45 -21.67 11.11
N GLY A 667 -18.29 -22.05 12.36
CA GLY A 667 -17.94 -21.12 13.42
C GLY A 667 -18.76 -21.36 14.68
N ALA A 668 -18.27 -20.81 15.78
CA ALA A 668 -18.92 -20.90 17.09
C ALA A 668 -19.13 -22.35 17.52
N GLY A 669 -18.21 -23.22 17.17
CA GLY A 669 -18.32 -24.62 17.50
C GLY A 669 -19.15 -25.44 16.53
N ILE A 670 -19.70 -24.81 15.49
CA ILE A 670 -20.56 -25.48 14.52
C ILE A 670 -19.74 -25.75 13.27
N CYS A 671 -19.80 -26.99 12.78
CA CYS A 671 -19.14 -27.41 11.55
C CYS A 671 -20.15 -28.07 10.63
N ALA A 672 -19.73 -28.30 9.38
CA ALA A 672 -20.57 -28.92 8.38
C ALA A 672 -19.77 -29.99 7.65
N SER A 673 -20.49 -30.97 7.10
CA SER A 673 -19.85 -32.09 6.43
C SER A 673 -20.81 -32.70 5.43
N TYR A 674 -20.29 -33.60 4.60
CA TYR A 674 -21.06 -34.33 3.60
C TYR A 674 -21.22 -35.77 4.08
N GLN A 675 -22.44 -36.12 4.49
CA GLN A 675 -22.70 -37.47 4.97
C GLN A 675 -24.16 -37.82 4.72
N THR A 676 -24.45 -39.12 4.72
CA THR A 676 -25.81 -39.60 4.53
C THR A 676 -26.69 -39.30 5.73
N SER A 689 -30.17 -40.38 0.87
CA SER A 689 -28.84 -40.41 0.27
C SER A 689 -27.90 -39.43 0.97
N GLN A 690 -26.78 -39.12 0.32
CA GLN A 690 -25.83 -38.18 0.89
C GLN A 690 -26.41 -36.78 0.93
N SER A 691 -26.09 -36.04 1.99
CA SER A 691 -26.56 -34.68 2.16
C SER A 691 -25.52 -33.89 2.94
N ILE A 692 -25.84 -32.62 3.22
CA ILE A 692 -24.97 -31.74 3.97
C ILE A 692 -25.52 -31.64 5.38
N ILE A 693 -24.70 -32.02 6.37
CA ILE A 693 -25.11 -32.01 7.76
C ILE A 693 -24.33 -30.94 8.50
N ALA A 694 -25.01 -30.30 9.44
CA ALA A 694 -24.41 -29.29 10.32
C ALA A 694 -24.51 -29.77 11.75
N TYR A 695 -23.38 -29.79 12.45
CA TYR A 695 -23.32 -30.35 13.79
C TYR A 695 -22.41 -29.49 14.66
N THR A 696 -22.31 -29.86 15.93
CA THR A 696 -21.33 -29.28 16.83
C THR A 696 -20.11 -30.19 16.86
N MET A 697 -18.95 -29.62 16.55
CA MET A 697 -17.74 -30.43 16.42
C MET A 697 -17.40 -31.09 17.74
N SER A 698 -16.88 -32.31 17.66
CA SER A 698 -16.47 -33.07 18.83
C SER A 698 -15.00 -32.79 19.13
N LEU A 699 -14.70 -32.52 20.39
CA LEU A 699 -13.33 -32.20 20.78
C LEU A 699 -12.40 -33.40 20.67
N GLY A 700 -12.94 -34.61 20.69
CA GLY A 700 -12.14 -35.80 20.53
C GLY A 700 -12.80 -36.98 21.21
N ALA A 701 -12.07 -38.10 21.22
CA ALA A 701 -12.56 -39.31 21.88
C ALA A 701 -12.73 -39.09 23.37
N GLU A 702 -13.78 -39.66 23.93
CA GLU A 702 -14.12 -39.48 25.34
C GLU A 702 -13.43 -40.57 26.16
N ASN A 703 -12.26 -40.25 26.68
CA ASN A 703 -11.50 -41.17 27.51
C ASN A 703 -11.86 -40.95 28.98
N SER A 704 -11.96 -42.06 29.71
CA SER A 704 -12.21 -42.03 31.15
C SER A 704 -10.87 -42.18 31.87
N CYS A 705 -10.58 -41.26 32.78
CA CYS A 705 -9.29 -41.26 33.46
C CYS A 705 -9.43 -41.94 34.81
N ALA A 706 -8.62 -42.97 35.03
CA ALA A 706 -8.71 -43.80 36.23
C ALA A 706 -7.48 -43.52 37.10
N TYR A 707 -7.58 -42.49 37.94
CA TYR A 707 -6.53 -42.21 38.90
C TYR A 707 -6.72 -43.07 40.14
N SER A 708 -5.63 -43.66 40.62
CA SER A 708 -5.69 -44.47 41.83
C SER A 708 -4.29 -44.54 42.41
N ASN A 709 -4.14 -44.17 43.67
CA ASN A 709 -2.86 -44.31 44.33
C ASN A 709 -2.53 -45.79 44.52
N ASN A 710 -1.26 -46.07 44.77
CA ASN A 710 -0.68 -47.42 44.87
C ASN A 710 -1.03 -48.30 43.66
N SER A 711 -1.36 -47.69 42.53
CA SER A 711 -1.65 -48.42 41.30
C SER A 711 -0.94 -47.73 40.15
N ILE A 712 -0.26 -48.52 39.31
CA ILE A 712 0.50 -48.01 38.19
C ILE A 712 0.16 -48.85 36.95
N ALA A 713 0.44 -48.27 35.78
CA ALA A 713 0.24 -48.95 34.50
C ALA A 713 1.57 -49.00 33.77
N ILE A 714 2.02 -50.20 33.44
CA ILE A 714 3.31 -50.43 32.81
C ILE A 714 3.06 -51.04 31.43
N PRO A 715 3.67 -50.53 30.37
CA PRO A 715 3.48 -51.13 29.05
C PRO A 715 4.25 -52.43 28.91
N THR A 716 3.61 -53.41 28.27
CA THR A 716 4.23 -54.70 28.01
C THR A 716 4.58 -54.91 26.55
N ASN A 717 4.44 -53.89 25.71
CA ASN A 717 4.76 -53.99 24.30
C ASN A 717 5.00 -52.60 23.75
N PHE A 718 5.51 -52.54 22.52
CA PHE A 718 5.81 -51.26 21.90
C PHE A 718 5.35 -51.27 20.45
N THR A 719 5.44 -50.09 19.83
CA THR A 719 5.16 -49.90 18.42
C THR A 719 6.17 -48.90 17.87
N ILE A 720 6.67 -49.18 16.67
CA ILE A 720 7.60 -48.30 15.98
C ILE A 720 6.80 -47.53 14.95
N SER A 721 6.53 -46.27 15.22
CA SER A 721 5.64 -45.46 14.40
C SER A 721 6.45 -44.48 13.57
N VAL A 722 6.25 -44.51 12.26
CA VAL A 722 6.89 -43.57 11.34
C VAL A 722 5.82 -42.59 10.89
N THR A 723 5.86 -41.38 11.42
CA THR A 723 4.96 -40.31 11.04
C THR A 723 5.64 -39.40 10.03
N THR A 724 4.86 -38.50 9.45
CA THR A 724 5.36 -37.59 8.43
C THR A 724 5.14 -36.14 8.87
N GLU A 725 6.03 -35.27 8.40
CA GLU A 725 5.94 -33.85 8.73
C GLU A 725 6.41 -33.05 7.52
N ILE A 726 5.51 -32.25 6.93
CA ILE A 726 5.80 -31.47 5.74
C ILE A 726 6.09 -30.04 6.17
N LEU A 727 7.19 -29.48 5.67
CA LEU A 727 7.57 -28.13 6.04
C LEU A 727 8.01 -27.34 4.81
N PRO A 728 7.33 -26.26 4.46
CA PRO A 728 7.83 -25.39 3.39
C PRO A 728 9.15 -24.76 3.78
N VAL A 729 10.02 -24.57 2.80
CA VAL A 729 11.36 -24.04 2.99
C VAL A 729 11.58 -22.76 2.18
N SER A 730 11.21 -22.79 0.90
CA SER A 730 11.42 -21.64 0.03
C SER A 730 10.21 -21.48 -0.89
N MET A 731 10.07 -20.28 -1.43
CA MET A 731 9.05 -19.94 -2.39
C MET A 731 9.70 -19.68 -3.75
N THR A 732 8.87 -19.42 -4.75
CA THR A 732 9.38 -19.09 -6.07
C THR A 732 10.03 -17.72 -6.06
N LYS A 733 11.25 -17.64 -6.58
CA LYS A 733 11.95 -16.36 -6.70
C LYS A 733 11.40 -15.62 -7.91
N THR A 734 10.88 -14.42 -7.69
CA THR A 734 10.22 -13.65 -8.74
C THR A 734 10.85 -12.28 -8.84
N SER A 735 11.12 -11.85 -10.07
CA SER A 735 11.60 -10.50 -10.34
C SER A 735 10.60 -9.79 -11.25
N VAL A 736 10.49 -8.48 -11.06
CA VAL A 736 9.56 -7.66 -11.84
C VAL A 736 10.34 -6.47 -12.40
N ASP A 737 10.28 -6.31 -13.72
CA ASP A 737 10.83 -5.13 -14.38
C ASP A 737 9.82 -4.00 -14.18
N CYS A 738 10.12 -3.09 -13.25
CA CYS A 738 9.17 -2.04 -12.90
C CYS A 738 8.86 -1.15 -14.09
N THR A 739 9.88 -0.78 -14.86
CA THR A 739 9.65 0.09 -16.01
C THR A 739 8.82 -0.62 -17.07
N MET A 740 9.10 -1.90 -17.33
CA MET A 740 8.33 -2.64 -18.33
C MET A 740 6.90 -2.86 -17.87
N TYR A 741 6.69 -3.08 -16.58
CA TYR A 741 5.35 -3.29 -16.06
C TYR A 741 4.53 -2.02 -16.13
N ILE A 742 5.09 -0.89 -15.68
CA ILE A 742 4.31 0.34 -15.59
C ILE A 742 4.21 1.03 -16.93
N CYS A 743 5.34 1.24 -17.59
CA CYS A 743 5.43 2.06 -18.79
C CYS A 743 6.15 1.32 -19.91
N GLY A 744 5.68 0.10 -20.20
CA GLY A 744 6.31 -0.77 -21.18
C GLY A 744 6.70 -0.12 -22.49
N ASP A 745 8.00 -0.15 -22.78
CA ASP A 745 8.64 0.39 -23.99
C ASP A 745 7.97 1.66 -24.50
N SER A 746 7.74 2.59 -23.57
CA SER A 746 7.18 3.90 -23.88
C SER A 746 8.07 4.96 -23.23
N THR A 747 8.77 5.73 -24.06
CA THR A 747 9.74 6.68 -23.50
C THR A 747 9.06 7.86 -22.81
N GLU A 748 7.88 8.27 -23.29
CA GLU A 748 7.16 9.34 -22.62
C GLU A 748 6.72 8.90 -21.23
N CYS A 749 6.19 7.68 -21.12
CA CYS A 749 5.79 7.17 -19.82
C CYS A 749 6.98 6.95 -18.91
N SER A 750 8.13 6.55 -19.47
CA SER A 750 9.33 6.41 -18.65
C SER A 750 9.80 7.76 -18.11
N ASN A 751 9.76 8.80 -18.95
CA ASN A 751 10.13 10.13 -18.49
C ASN A 751 9.17 10.62 -17.41
N LEU A 752 7.87 10.32 -17.56
CA LEU A 752 6.91 10.70 -16.53
C LEU A 752 7.14 9.92 -15.24
N LEU A 753 7.51 8.63 -15.36
CA LEU A 753 7.77 7.81 -14.18
C LEU A 753 9.03 8.24 -13.46
N LEU A 754 9.98 8.86 -14.19
CA LEU A 754 11.20 9.32 -13.54
C LEU A 754 10.94 10.41 -12.51
N GLN A 755 9.76 11.03 -12.53
CA GLN A 755 9.43 12.08 -11.57
C GLN A 755 9.00 11.54 -10.22
N TYR A 756 8.83 10.22 -10.09
CA TYR A 756 8.43 9.61 -8.83
C TYR A 756 9.62 9.17 -7.99
N GLY A 757 10.85 9.46 -8.43
CA GLY A 757 12.01 9.13 -7.64
C GLY A 757 12.42 7.68 -7.78
N SER A 758 13.11 7.18 -6.75
CA SER A 758 13.62 5.81 -6.74
C SER A 758 12.57 4.87 -6.16
N PHE A 759 11.54 4.63 -6.97
CA PHE A 759 10.48 3.68 -6.61
C PHE A 759 10.69 2.31 -7.22
N CYS A 760 11.08 2.25 -8.50
CA CYS A 760 11.40 0.97 -9.11
C CYS A 760 12.63 0.35 -8.46
N THR A 761 13.60 1.17 -8.09
CA THR A 761 14.80 0.67 -7.43
C THR A 761 14.47 0.00 -6.09
N GLN A 762 13.57 0.61 -5.31
CA GLN A 762 13.19 0.03 -4.03
C GLN A 762 12.52 -1.32 -4.20
N LEU A 763 11.59 -1.43 -5.15
CA LEU A 763 10.91 -2.69 -5.40
C LEU A 763 11.88 -3.76 -5.89
N ASN A 764 12.78 -3.39 -6.79
CA ASN A 764 13.78 -4.34 -7.28
C ASN A 764 14.68 -4.81 -6.15
N ARG A 765 15.07 -3.89 -5.26
CA ARG A 765 15.91 -4.27 -4.12
C ARG A 765 15.17 -5.23 -3.20
N ALA A 766 13.89 -4.96 -2.92
CA ALA A 766 13.11 -5.84 -2.07
C ALA A 766 12.97 -7.22 -2.68
N LEU A 767 12.68 -7.29 -3.98
CA LEU A 767 12.49 -8.59 -4.63
C LEU A 767 13.81 -9.36 -4.70
N THR A 768 14.92 -8.67 -4.95
CA THR A 768 16.22 -9.33 -4.94
C THR A 768 16.56 -9.87 -3.56
N GLY A 769 16.26 -9.09 -2.52
CA GLY A 769 16.45 -9.57 -1.17
C GLY A 769 15.61 -10.80 -0.87
N ILE A 770 14.36 -10.82 -1.35
CA ILE A 770 13.50 -11.98 -1.14
C ILE A 770 14.07 -13.21 -1.83
N ALA A 771 14.55 -13.05 -3.07
CA ALA A 771 15.11 -14.20 -3.80
C ALA A 771 16.37 -14.72 -3.13
N VAL A 772 17.26 -13.82 -2.71
CA VAL A 772 18.46 -14.23 -2.00
C VAL A 772 18.10 -14.92 -0.70
N GLU A 773 17.03 -14.43 -0.04
CA GLU A 773 16.57 -15.06 1.19
C GLU A 773 16.07 -16.48 0.93
N GLN A 774 15.38 -16.69 -0.20
CA GLN A 774 14.92 -18.04 -0.53
C GLN A 774 16.10 -18.97 -0.77
N ASP A 775 17.12 -18.50 -1.49
CA ASP A 775 18.32 -19.31 -1.68
C ASP A 775 18.99 -19.63 -0.36
N LYS A 776 19.06 -18.63 0.53
CA LYS A 776 19.66 -18.85 1.85
C LYS A 776 18.83 -19.84 2.67
N ASN A 777 17.51 -19.77 2.57
CA ASN A 777 16.65 -20.71 3.27
C ASN A 777 16.94 -22.14 2.82
N THR A 778 17.01 -22.36 1.51
CA THR A 778 17.31 -23.69 1.01
C THR A 778 18.69 -24.16 1.48
N GLN A 779 19.69 -23.27 1.42
CA GLN A 779 21.04 -23.65 1.82
C GLN A 779 21.12 -23.99 3.31
N GLU A 780 20.46 -23.20 4.15
CA GLU A 780 20.49 -23.47 5.58
C GLU A 780 19.75 -24.75 5.94
N VAL A 781 18.63 -25.02 5.25
CA VAL A 781 17.86 -26.23 5.56
C VAL A 781 18.63 -27.47 5.14
N PHE A 782 19.15 -27.50 3.90
CA PHE A 782 19.69 -28.73 3.36
C PHE A 782 21.21 -28.85 3.48
N ALA A 783 21.96 -27.77 3.26
CA ALA A 783 23.42 -27.84 3.27
C ALA A 783 23.96 -27.69 4.70
N GLN A 784 23.55 -28.62 5.56
CA GLN A 784 24.04 -28.64 6.93
C GLN A 784 25.46 -29.17 6.99
N VAL A 785 25.67 -30.41 6.54
CA VAL A 785 26.99 -31.03 6.51
C VAL A 785 27.52 -30.97 5.08
N LYS A 786 28.78 -30.56 4.94
CA LYS A 786 29.42 -30.42 3.63
C LYS A 786 30.30 -31.61 3.30
N GLN A 787 29.92 -32.80 3.73
CA GLN A 787 30.60 -34.04 3.37
C GLN A 787 29.59 -34.97 2.71
N ILE A 788 29.81 -35.30 1.45
CA ILE A 788 28.86 -36.06 0.67
C ILE A 788 29.20 -37.54 0.85
N TYR A 789 28.48 -38.20 1.76
CA TYR A 789 28.66 -39.63 1.98
C TYR A 789 28.00 -40.42 0.85
N LYS A 790 28.53 -41.61 0.61
CA LYS A 790 28.06 -42.46 -0.47
C LYS A 790 26.91 -43.35 -0.02
N THR A 791 25.98 -43.60 -0.94
CA THR A 791 24.89 -44.51 -0.66
C THR A 791 25.44 -45.90 -0.37
N PRO A 792 24.90 -46.60 0.63
CA PRO A 792 25.45 -47.92 1.01
C PRO A 792 25.43 -48.88 -0.16
N PRO A 793 26.58 -49.49 -0.48
CA PRO A 793 26.64 -50.40 -1.63
C PRO A 793 25.90 -51.71 -1.39
N ILE A 794 26.19 -52.36 -0.26
CA ILE A 794 25.57 -53.63 0.10
C ILE A 794 24.55 -53.34 1.20
N LYS A 795 23.30 -53.69 0.96
CA LYS A 795 22.18 -53.30 1.82
C LYS A 795 21.82 -54.48 2.72
N ASP A 796 22.46 -54.54 3.89
CA ASP A 796 22.11 -55.52 4.92
C ASP A 796 22.31 -54.82 6.27
N PHE A 797 21.22 -54.34 6.86
CA PHE A 797 21.26 -53.51 8.05
C PHE A 797 20.58 -54.18 9.24
N GLY A 798 20.73 -55.50 9.35
CA GLY A 798 20.14 -56.22 10.45
C GLY A 798 18.64 -56.45 10.36
N GLY A 799 18.04 -56.19 9.20
CA GLY A 799 16.62 -56.39 9.04
C GLY A 799 15.90 -55.15 8.53
N PHE A 800 16.45 -53.98 8.83
CA PHE A 800 15.86 -52.73 8.36
C PHE A 800 16.06 -52.60 6.86
N ASN A 801 15.01 -52.11 6.18
CA ASN A 801 14.93 -52.18 4.73
C ASN A 801 15.57 -50.98 4.04
N PHE A 802 15.07 -49.78 4.31
CA PHE A 802 15.61 -48.49 3.83
C PHE A 802 15.53 -48.32 2.32
N SER A 803 14.97 -49.26 1.58
CA SER A 803 14.98 -49.14 0.12
C SER A 803 14.03 -48.04 -0.36
N GLN A 804 12.99 -47.73 0.43
CA GLN A 804 12.03 -46.71 0.02
C GLN A 804 12.49 -45.29 0.31
N ILE A 805 13.59 -45.12 1.03
CA ILE A 805 14.11 -43.78 1.32
C ILE A 805 15.49 -43.54 0.70
N LEU A 806 16.20 -44.57 0.30
CA LEU A 806 17.49 -44.41 -0.35
C LEU A 806 17.31 -44.12 -1.83
N PRO A 807 18.28 -43.46 -2.48
CA PRO A 807 18.13 -43.12 -3.89
C PRO A 807 18.00 -44.34 -4.77
N ASP A 808 17.28 -44.17 -5.88
CA ASP A 808 17.03 -45.26 -6.81
C ASP A 808 17.91 -45.09 -8.03
N PRO A 809 18.97 -45.90 -8.19
CA PRO A 809 19.82 -45.76 -9.39
C PRO A 809 19.09 -46.06 -10.68
N SER A 810 18.12 -46.98 -10.67
CA SER A 810 17.37 -47.35 -11.87
C SER A 810 16.20 -46.39 -12.08
N LYS A 811 16.55 -45.16 -12.41
CA LYS A 811 15.58 -44.09 -12.60
C LYS A 811 16.27 -42.91 -13.28
N PRO A 812 15.56 -42.14 -14.12
CA PRO A 812 16.19 -40.96 -14.74
C PRO A 812 16.80 -40.00 -13.74
N SER A 813 16.16 -39.82 -12.58
CA SER A 813 16.71 -39.02 -11.49
C SER A 813 17.04 -39.94 -10.32
N LYS A 814 18.12 -39.62 -9.62
CA LYS A 814 18.55 -40.42 -8.46
C LYS A 814 17.77 -39.98 -7.23
N ARG A 815 16.48 -40.31 -7.26
CA ARG A 815 15.53 -39.93 -6.20
C ARG A 815 14.91 -41.19 -5.61
N SER A 816 14.63 -41.15 -4.30
CA SER A 816 14.00 -42.27 -3.64
C SER A 816 12.54 -42.38 -4.08
N PRO A 817 11.94 -43.57 -3.96
CA PRO A 817 10.52 -43.70 -4.33
C PRO A 817 9.59 -42.77 -3.56
N ILE A 818 9.86 -42.56 -2.26
CA ILE A 818 9.05 -41.62 -1.50
C ILE A 818 9.25 -40.20 -2.01
N GLU A 819 10.48 -39.85 -2.38
CA GLU A 819 10.74 -38.54 -2.97
C GLU A 819 10.03 -38.40 -4.31
N ASP A 820 9.96 -39.48 -5.08
CA ASP A 820 9.20 -39.44 -6.34
C ASP A 820 7.72 -39.18 -6.07
N LEU A 821 7.16 -39.87 -5.08
CA LEU A 821 5.76 -39.65 -4.73
C LEU A 821 5.52 -38.21 -4.28
N LEU A 822 6.44 -37.67 -3.48
CA LEU A 822 6.31 -36.29 -3.02
C LEU A 822 6.41 -35.31 -4.18
N PHE A 823 7.29 -35.57 -5.13
CA PHE A 823 7.45 -34.69 -6.29
C PHE A 823 6.33 -34.83 -7.30
N ASN A 824 5.56 -35.92 -7.24
CA ASN A 824 4.44 -36.13 -8.16
C ASN A 824 3.11 -35.71 -7.57
N LYS A 825 3.10 -35.00 -6.43
CA LYS A 825 1.87 -34.59 -5.79
C LYS A 825 1.70 -33.09 -5.67
N VAL A 826 2.71 -32.29 -6.00
CA VAL A 826 2.61 -30.84 -6.03
C VAL A 826 2.62 -30.42 -7.49
N THR A 827 1.49 -29.87 -7.96
CA THR A 827 1.30 -29.56 -9.36
C THR A 827 1.09 -28.06 -9.54
N LEU A 828 1.47 -27.58 -10.73
CA LEU A 828 1.32 -26.18 -11.10
C LEU A 828 0.25 -25.97 -12.17
N ALA A 829 -0.71 -26.90 -12.27
CA ALA A 829 -1.68 -26.85 -13.36
C ALA A 829 -2.51 -25.58 -13.31
N ASP A 830 -2.99 -25.22 -12.12
CA ASP A 830 -3.76 -24.00 -11.92
C ASP A 830 -2.85 -22.97 -11.24
N ALA A 831 -2.10 -22.23 -12.05
CA ALA A 831 -1.13 -21.29 -11.53
C ALA A 831 -0.95 -20.15 -12.52
N GLY A 832 -0.23 -19.12 -12.08
CA GLY A 832 0.04 -17.97 -12.94
C GLY A 832 1.44 -17.98 -13.53
N PHE A 833 2.29 -18.89 -13.06
CA PHE A 833 3.62 -19.06 -13.61
C PHE A 833 3.78 -20.33 -14.41
N ILE A 834 2.74 -21.17 -14.48
CA ILE A 834 2.77 -22.30 -15.40
C ILE A 834 2.87 -21.80 -16.84
N LYS A 835 2.32 -20.62 -17.11
CA LYS A 835 2.52 -20.00 -18.42
C LYS A 835 3.98 -19.60 -18.62
N GLN A 836 4.67 -19.20 -17.56
CA GLN A 836 6.08 -18.83 -17.69
C GLN A 836 6.95 -20.06 -17.93
N TYR A 837 6.75 -21.12 -17.16
CA TYR A 837 7.56 -22.32 -17.32
C TYR A 837 7.17 -23.11 -18.56
N GLY A 838 5.90 -23.06 -18.96
CA GLY A 838 5.46 -23.67 -20.20
C GLY A 838 5.70 -22.83 -21.43
N ASP A 839 6.27 -21.64 -21.28
CA ASP A 839 6.55 -20.77 -22.41
C ASP A 839 7.78 -21.24 -23.17
N CYS A 840 8.91 -21.38 -22.47
CA CYS A 840 10.15 -21.76 -23.13
C CYS A 840 10.73 -23.06 -22.58
N LEU A 841 9.87 -24.07 -22.41
CA LEU A 841 10.32 -25.43 -22.17
C LEU A 841 9.97 -26.37 -23.31
N GLY A 842 9.13 -25.94 -24.25
CA GLY A 842 8.81 -26.79 -25.39
C GLY A 842 9.97 -26.99 -26.33
N ASP A 843 10.81 -25.96 -26.48
CA ASP A 843 11.99 -26.00 -27.35
C ASP A 843 11.63 -26.25 -28.81
N ILE A 844 10.44 -25.86 -29.23
CA ILE A 844 9.97 -26.13 -30.58
C ILE A 844 9.69 -24.86 -31.38
N ALA A 845 9.46 -23.72 -30.71
CA ALA A 845 9.14 -22.49 -31.43
C ALA A 845 10.33 -22.03 -32.27
N ALA A 846 10.01 -21.37 -33.39
CA ALA A 846 11.05 -20.92 -34.30
C ALA A 846 11.99 -19.92 -33.63
N ARG A 847 11.44 -18.97 -32.89
CA ARG A 847 12.26 -18.04 -32.14
C ARG A 847 11.90 -18.00 -30.65
N ASP A 848 10.61 -18.03 -30.32
CA ASP A 848 10.14 -17.91 -28.94
C ASP A 848 10.82 -16.72 -28.24
N LEU A 849 10.51 -15.54 -28.76
CA LEU A 849 11.23 -14.33 -28.38
C LEU A 849 11.14 -14.08 -26.89
N ILE A 850 12.27 -14.28 -26.19
CA ILE A 850 12.50 -13.96 -24.79
C ILE A 850 11.30 -14.21 -23.87
N CYS A 851 11.42 -15.23 -23.01
CA CYS A 851 10.37 -15.51 -22.04
C CYS A 851 10.07 -14.29 -21.17
N ALA A 852 11.08 -13.46 -20.89
CA ALA A 852 10.88 -12.29 -20.05
C ALA A 852 10.01 -11.24 -20.72
N GLN A 853 10.22 -11.00 -22.02
CA GLN A 853 9.50 -9.93 -22.71
C GLN A 853 8.04 -10.29 -22.99
N LYS A 854 7.72 -11.58 -23.12
CA LYS A 854 6.34 -11.95 -23.43
C LYS A 854 5.37 -11.49 -22.35
N PHE A 855 5.75 -11.68 -21.08
CA PHE A 855 4.98 -11.13 -19.98
C PHE A 855 5.43 -9.71 -19.67
N ASN A 856 4.63 -9.02 -18.86
CA ASN A 856 4.82 -7.58 -18.61
C ASN A 856 5.86 -7.36 -17.51
N GLY A 857 7.07 -7.87 -17.75
CA GLY A 857 8.18 -7.68 -16.86
C GLY A 857 8.30 -8.70 -15.75
N LEU A 858 7.31 -9.55 -15.56
CA LEU A 858 7.32 -10.53 -14.49
C LEU A 858 8.05 -11.78 -14.97
N THR A 859 9.13 -12.14 -14.29
CA THR A 859 9.88 -13.34 -14.60
C THR A 859 10.14 -14.11 -13.32
N VAL A 860 10.37 -15.41 -13.46
CA VAL A 860 10.65 -16.31 -12.34
C VAL A 860 12.10 -16.76 -12.46
N LEU A 861 12.91 -16.37 -11.49
CA LEU A 861 14.31 -16.78 -11.47
C LEU A 861 14.43 -18.23 -11.02
N PRO A 862 15.39 -18.97 -11.55
CA PRO A 862 15.54 -20.37 -11.17
C PRO A 862 16.21 -20.50 -9.82
N PRO A 863 15.86 -21.52 -9.04
CA PRO A 863 16.52 -21.72 -7.75
C PRO A 863 18.00 -22.02 -7.94
N LEU A 864 18.82 -21.52 -7.02
CA LEU A 864 20.26 -21.69 -7.12
C LEU A 864 20.65 -23.17 -6.96
N LEU A 865 19.99 -23.88 -6.05
CA LEU A 865 20.22 -25.29 -5.83
C LEU A 865 19.17 -26.08 -6.60
N THR A 866 19.63 -26.82 -7.61
CA THR A 866 18.71 -27.64 -8.41
C THR A 866 18.18 -28.80 -7.57
N ASP A 867 17.08 -29.37 -8.05
CA ASP A 867 16.45 -30.48 -7.33
C ASP A 867 17.39 -31.68 -7.23
N GLU A 868 18.25 -31.89 -8.23
CA GLU A 868 19.21 -32.98 -8.16
C GLU A 868 20.23 -32.75 -7.05
N MET A 869 20.68 -31.50 -6.89
CA MET A 869 21.63 -31.19 -5.83
C MET A 869 20.98 -31.32 -4.46
N ILE A 870 19.73 -30.91 -4.32
CA ILE A 870 19.02 -31.07 -3.06
C ILE A 870 18.82 -32.55 -2.75
N ALA A 871 18.52 -33.36 -3.76
CA ALA A 871 18.41 -34.79 -3.56
C ALA A 871 19.75 -35.41 -3.16
N GLN A 872 20.85 -34.89 -3.73
CA GLN A 872 22.17 -35.37 -3.33
C GLN A 872 22.47 -35.02 -1.88
N TYR A 873 22.08 -33.81 -1.46
CA TYR A 873 22.25 -33.42 -0.05
C TYR A 873 21.45 -34.34 0.87
N THR A 874 20.21 -34.62 0.49
CA THR A 874 19.36 -35.51 1.29
C THR A 874 19.96 -36.91 1.34
N SER A 875 20.46 -37.41 0.22
CA SER A 875 21.08 -38.73 0.18
C SER A 875 22.32 -38.79 1.05
N ALA A 876 23.13 -37.73 1.04
CA ALA A 876 24.31 -37.68 1.91
C ALA A 876 23.91 -37.69 3.37
N LEU A 877 22.87 -36.92 3.72
CA LEU A 877 22.39 -36.93 5.10
C LEU A 877 21.91 -38.32 5.51
N LEU A 878 21.14 -38.98 4.64
CA LEU A 878 20.63 -40.31 4.95
C LEU A 878 21.76 -41.33 5.09
N ALA A 879 22.75 -41.29 4.20
CA ALA A 879 23.89 -42.19 4.28
C ALA A 879 24.70 -41.96 5.55
N GLY A 880 24.93 -40.70 5.92
CA GLY A 880 25.61 -40.42 7.17
C GLY A 880 24.85 -40.89 8.38
N THR A 881 23.52 -40.71 8.38
CA THR A 881 22.71 -41.19 9.49
C THR A 881 22.77 -42.72 9.59
N ILE A 882 22.71 -43.41 8.46
CA ILE A 882 22.70 -44.87 8.48
C ILE A 882 24.06 -45.42 8.91
N CYS A 883 25.15 -44.87 8.36
CA CYS A 883 26.46 -45.46 8.61
C CYS A 883 26.95 -45.18 10.03
N SER A 884 26.80 -43.95 10.50
CA SER A 884 27.38 -43.54 11.77
C SER A 884 26.35 -43.18 12.83
N GLY A 885 25.25 -42.55 12.45
CA GLY A 885 24.24 -42.14 13.42
C GLY A 885 24.23 -40.66 13.65
N TRP A 886 24.32 -40.24 14.91
CA TRP A 886 24.41 -38.83 15.25
C TRP A 886 25.84 -38.32 15.32
N THR A 887 26.83 -39.19 15.11
CA THR A 887 28.23 -38.79 15.27
C THR A 887 28.77 -38.04 14.06
N PHE A 888 28.09 -38.10 12.92
CA PHE A 888 28.58 -37.41 11.74
C PHE A 888 28.22 -35.93 11.73
N GLY A 889 27.31 -35.50 12.59
CA GLY A 889 26.95 -34.10 12.72
C GLY A 889 27.61 -33.38 13.87
N ALA A 890 28.45 -34.06 14.65
CA ALA A 890 29.15 -33.45 15.77
C ALA A 890 30.66 -33.67 15.67
N GLY A 891 31.17 -33.91 14.47
CA GLY A 891 32.57 -34.19 14.27
C GLY A 891 32.79 -35.22 13.19
N PRO A 892 33.88 -35.96 13.28
CA PRO A 892 34.12 -37.03 12.29
C PRO A 892 33.10 -38.15 12.44
N ALA A 893 32.77 -38.76 11.30
CA ALA A 893 31.80 -39.84 11.26
C ALA A 893 32.43 -41.12 11.82
N LEU A 894 31.81 -41.68 12.85
CA LEU A 894 32.30 -42.91 13.48
C LEU A 894 31.31 -44.03 13.17
N GLN A 895 31.77 -45.02 12.40
CA GLN A 895 30.90 -46.09 11.97
C GLN A 895 30.37 -46.90 13.14
N ILE A 896 29.15 -47.40 12.99
CA ILE A 896 28.52 -48.26 13.99
C ILE A 896 27.46 -49.10 13.28
N PRO A 897 27.32 -50.38 13.61
CA PRO A 897 26.24 -51.17 13.01
C PRO A 897 24.88 -50.60 13.37
N PHE A 898 23.95 -50.67 12.43
CA PHE A 898 22.64 -50.08 12.66
C PHE A 898 21.88 -50.70 13.84
N PRO A 899 21.88 -52.02 14.06
CA PRO A 899 21.30 -52.51 15.32
C PRO A 899 21.97 -51.93 16.56
N MET A 900 23.29 -51.75 16.52
CA MET A 900 23.99 -51.21 17.67
C MET A 900 23.73 -49.72 17.86
N GLN A 901 23.32 -49.02 16.80
CA GLN A 901 22.91 -47.62 16.89
C GLN A 901 21.46 -47.50 17.35
N MET A 902 20.61 -48.40 16.91
CA MET A 902 19.24 -48.45 17.44
C MET A 902 19.24 -48.81 18.91
N ALA A 903 20.23 -49.57 19.36
CA ALA A 903 20.38 -49.82 20.80
C ALA A 903 20.67 -48.52 21.54
N TYR A 904 21.55 -47.67 20.99
CA TYR A 904 21.83 -46.38 21.60
C TYR A 904 20.58 -45.51 21.62
N ARG A 905 19.82 -45.51 20.52
CA ARG A 905 18.62 -44.69 20.45
C ARG A 905 17.48 -45.23 21.32
N PHE A 906 17.50 -46.52 21.62
CA PHE A 906 16.58 -47.06 22.62
C PHE A 906 17.01 -46.64 24.02
N ASN A 907 18.31 -46.69 24.31
CA ASN A 907 18.81 -46.23 25.59
C ASN A 907 18.52 -44.76 25.81
N GLY A 908 18.47 -43.98 24.72
CA GLY A 908 18.23 -42.55 24.84
C GLY A 908 16.84 -42.18 25.28
N ILE A 909 15.89 -43.11 25.21
CA ILE A 909 14.51 -42.85 25.61
C ILE A 909 14.14 -43.54 26.91
N GLY A 910 15.09 -44.20 27.57
CA GLY A 910 14.81 -44.87 28.82
C GLY A 910 14.57 -46.36 28.73
N VAL A 911 14.78 -46.99 27.58
CA VAL A 911 14.57 -48.41 27.39
C VAL A 911 15.92 -49.06 27.17
N THR A 912 16.15 -50.20 27.84
CA THR A 912 17.46 -50.82 27.84
C THR A 912 17.78 -51.46 26.49
N GLN A 913 19.04 -51.88 26.34
CA GLN A 913 19.50 -52.42 25.07
C GLN A 913 18.90 -53.79 24.78
N ASN A 914 18.72 -54.61 25.82
CA ASN A 914 18.19 -55.96 25.60
C ASN A 914 16.80 -55.93 25.00
N VAL A 915 16.05 -54.86 25.23
CA VAL A 915 14.71 -54.77 24.63
C VAL A 915 14.81 -54.75 23.11
N LEU A 916 15.75 -53.99 22.57
CA LEU A 916 15.96 -54.00 21.12
C LEU A 916 16.58 -55.32 20.67
N TYR A 917 17.64 -55.76 21.35
CA TYR A 917 18.40 -56.91 20.86
C TYR A 917 17.56 -58.18 20.87
N GLU A 918 16.73 -58.37 21.88
CA GLU A 918 15.87 -59.55 21.96
C GLU A 918 14.70 -59.47 21.00
N ASN A 919 14.27 -58.26 20.62
CA ASN A 919 13.14 -58.06 19.71
C ASN A 919 13.59 -57.35 18.44
N GLN A 920 14.74 -57.76 17.91
CA GLN A 920 15.28 -57.07 16.73
C GLN A 920 14.44 -57.33 15.49
N LYS A 921 14.03 -58.59 15.28
CA LYS A 921 13.23 -58.92 14.09
C LYS A 921 11.89 -58.22 14.12
N LEU A 922 11.23 -58.21 15.28
CA LEU A 922 9.93 -57.55 15.38
C LEU A 922 10.05 -56.05 15.14
N ILE A 923 11.09 -55.43 15.69
CA ILE A 923 11.28 -53.99 15.50
C ILE A 923 11.58 -53.68 14.05
N ALA A 924 12.41 -54.49 13.39
CA ALA A 924 12.71 -54.28 11.98
C ALA A 924 11.45 -54.42 11.13
N ASN A 925 10.64 -55.44 11.42
CA ASN A 925 9.40 -55.63 10.67
C ASN A 925 8.45 -54.47 10.88
N GLN A 926 8.35 -53.97 12.11
CA GLN A 926 7.49 -52.82 12.38
C GLN A 926 7.98 -51.59 11.64
N PHE A 927 9.30 -51.37 11.61
CA PHE A 927 9.85 -50.23 10.88
C PHE A 927 9.53 -50.33 9.39
N ASN A 928 9.75 -51.51 8.81
CA ASN A 928 9.48 -51.69 7.38
C ASN A 928 8.00 -51.50 7.07
N SER A 929 7.12 -52.06 7.92
CA SER A 929 5.69 -51.89 7.71
C SER A 929 5.26 -50.44 7.84
N ALA A 930 5.85 -49.71 8.80
CA ALA A 930 5.53 -48.31 8.95
C ALA A 930 5.96 -47.51 7.72
N ILE A 931 7.14 -47.82 7.17
CA ILE A 931 7.59 -47.13 5.96
C ILE A 931 6.66 -47.43 4.80
N GLY A 932 6.27 -48.70 4.63
CA GLY A 932 5.35 -49.05 3.56
C GLY A 932 4.00 -48.37 3.72
N LYS A 933 3.49 -48.30 4.94
CA LYS A 933 2.22 -47.61 5.19
C LYS A 933 2.34 -46.12 4.95
N ILE A 934 3.50 -45.53 5.24
CA ILE A 934 3.72 -44.12 4.91
C ILE A 934 3.63 -43.92 3.41
N GLN A 935 4.26 -44.81 2.65
CA GLN A 935 4.17 -44.72 1.19
C GLN A 935 2.73 -44.86 0.71
N ASP A 936 1.99 -45.83 1.26
CA ASP A 936 0.62 -46.05 0.83
C ASP A 936 -0.27 -44.85 1.17
N SER A 937 -0.09 -44.29 2.36
CA SER A 937 -0.87 -43.11 2.76
C SER A 937 -0.55 -41.91 1.87
N LEU A 938 0.73 -41.71 1.55
CA LEU A 938 1.09 -40.62 0.66
C LEU A 938 0.47 -40.80 -0.72
N SER A 939 0.53 -42.02 -1.26
CA SER A 939 0.01 -42.25 -2.60
C SER A 939 -1.51 -42.19 -2.65
N SER A 940 -2.19 -42.65 -1.60
CA SER A 940 -3.65 -42.73 -1.64
C SER A 940 -4.30 -41.37 -1.49
N THR A 941 -3.79 -40.53 -0.59
CA THR A 941 -4.44 -39.27 -0.28
C THR A 941 -3.91 -38.17 -1.19
N PRO A 942 -4.73 -37.59 -2.07
CA PRO A 942 -4.22 -36.54 -2.97
C PRO A 942 -3.82 -35.27 -2.24
N SER A 943 -4.40 -34.98 -1.09
CA SER A 943 -4.16 -33.73 -0.37
C SER A 943 -3.16 -33.91 0.77
N ALA A 944 -2.21 -34.84 0.62
CA ALA A 944 -1.21 -35.05 1.65
C ALA A 944 -0.27 -33.85 1.78
N LEU A 945 0.24 -33.37 0.64
CA LEU A 945 1.20 -32.26 0.63
C LEU A 945 0.45 -30.93 0.43
N GLY A 946 -0.44 -30.64 1.37
CA GLY A 946 -1.30 -29.49 1.29
C GLY A 946 -0.71 -28.18 1.76
N LYS A 947 0.53 -28.17 2.24
CA LYS A 947 1.19 -26.94 2.67
C LYS A 947 2.07 -26.33 1.59
N LEU A 948 2.92 -27.15 0.97
CA LEU A 948 3.70 -26.68 -0.18
C LEU A 948 2.78 -26.29 -1.32
N GLN A 949 1.72 -27.06 -1.55
CA GLN A 949 0.76 -26.72 -2.59
C GLN A 949 0.05 -25.41 -2.27
N ASP A 950 -0.26 -25.18 -0.98
CA ASP A 950 -0.86 -23.91 -0.60
C ASP A 950 0.09 -22.74 -0.83
N VAL A 951 1.38 -22.94 -0.55
CA VAL A 951 2.36 -21.89 -0.81
C VAL A 951 2.41 -21.57 -2.31
N VAL A 952 2.45 -22.62 -3.14
CA VAL A 952 2.48 -22.43 -4.59
C VAL A 952 1.23 -21.70 -5.06
N ASN A 953 0.07 -22.10 -4.53
CA ASN A 953 -1.18 -21.45 -4.92
C ASN A 953 -1.20 -19.99 -4.51
N GLN A 954 -0.69 -19.68 -3.32
CA GLN A 954 -0.65 -18.29 -2.86
C GLN A 954 0.23 -17.44 -3.78
N ASN A 955 1.42 -17.96 -4.12
CA ASN A 955 2.30 -17.21 -5.00
C ASN A 955 1.67 -17.03 -6.39
N ALA A 956 1.05 -18.09 -6.91
CA ALA A 956 0.41 -18.01 -8.22
C ALA A 956 -0.73 -17.00 -8.22
N GLN A 957 -1.54 -16.99 -7.15
CA GLN A 957 -2.63 -16.04 -7.06
C GLN A 957 -2.12 -14.60 -6.97
N ALA A 958 -1.05 -14.38 -6.21
CA ALA A 958 -0.47 -13.05 -6.13
C ALA A 958 0.02 -12.58 -7.50
N LEU A 959 0.72 -13.45 -8.22
CA LEU A 959 1.23 -13.07 -9.54
C LEU A 959 0.08 -12.86 -10.53
N ASN A 960 -0.97 -13.67 -10.43
CA ASN A 960 -2.13 -13.51 -11.31
C ASN A 960 -2.81 -12.18 -11.05
N THR A 961 -2.98 -11.81 -9.78
CA THR A 961 -3.56 -10.50 -9.47
C THR A 961 -2.70 -9.37 -10.01
N LEU A 962 -1.38 -9.48 -9.84
CA LEU A 962 -0.49 -8.44 -10.34
C LEU A 962 -0.59 -8.31 -11.85
N VAL A 963 -0.64 -9.43 -12.58
CA VAL A 963 -0.70 -9.37 -14.03
C VAL A 963 -2.09 -9.00 -14.54
N LYS A 964 -3.13 -9.23 -13.76
CA LYS A 964 -4.48 -8.85 -14.15
C LYS A 964 -4.83 -7.41 -13.80
N GLN A 965 -4.05 -6.78 -12.91
CA GLN A 965 -4.27 -5.38 -12.59
C GLN A 965 -3.78 -4.44 -13.70
N LEU A 966 -3.28 -4.97 -14.80
CA LEU A 966 -2.86 -4.17 -15.94
C LEU A 966 -4.01 -3.82 -16.88
N SER A 967 -5.21 -4.34 -16.62
CA SER A 967 -6.38 -4.09 -17.44
C SER A 967 -7.33 -3.10 -16.80
N SER A 968 -6.88 -2.34 -15.82
CA SER A 968 -7.70 -1.39 -15.10
C SER A 968 -7.41 0.02 -15.56
N ASN A 969 -8.46 0.82 -15.71
CA ASN A 969 -8.29 2.21 -16.16
C ASN A 969 -7.65 3.06 -15.07
N PHE A 970 -8.00 2.82 -13.81
CA PHE A 970 -7.56 3.64 -12.68
C PHE A 970 -8.00 5.08 -12.81
N GLY A 971 -9.04 5.35 -13.58
CA GLY A 971 -9.53 6.69 -13.83
C GLY A 971 -9.17 7.23 -15.19
N ALA A 972 -8.21 6.62 -15.87
CA ALA A 972 -7.81 7.08 -17.19
C ALA A 972 -8.87 6.69 -18.23
N ILE A 973 -8.73 7.25 -19.43
CA ILE A 973 -9.66 6.97 -20.50
C ILE A 973 -9.50 5.56 -21.05
N SER A 974 -8.36 4.91 -20.80
CA SER A 974 -8.12 3.57 -21.31
C SER A 974 -7.10 2.88 -20.42
N SER A 975 -7.12 1.56 -20.45
CA SER A 975 -6.13 0.75 -19.76
C SER A 975 -4.92 0.43 -20.63
N VAL A 976 -4.88 0.95 -21.86
CA VAL A 976 -3.79 0.71 -22.81
C VAL A 976 -3.00 2.00 -22.94
N LEU A 977 -1.69 1.92 -22.72
CA LEU A 977 -0.83 3.09 -22.86
C LEU A 977 -0.81 3.59 -24.30
N ASN A 978 -0.78 2.68 -25.26
CA ASN A 978 -0.67 3.03 -26.67
C ASN A 978 -1.95 3.63 -27.23
N ASP A 979 -3.06 3.55 -26.51
CA ASP A 979 -4.27 4.25 -26.92
C ASP A 979 -4.29 5.69 -26.45
N ILE A 980 -3.90 5.93 -25.20
CA ILE A 980 -3.78 7.30 -24.71
C ILE A 980 -2.68 8.04 -25.44
N LEU A 981 -1.59 7.35 -25.79
CA LEU A 981 -0.51 7.99 -26.51
C LEU A 981 -0.78 8.15 -28.00
N SER A 982 -1.89 7.58 -28.51
CA SER A 982 -2.24 7.73 -29.91
C SER A 982 -3.50 8.55 -30.15
N ARG A 983 -4.32 8.78 -29.11
CA ARG A 983 -5.53 9.56 -29.27
C ARG A 983 -5.46 10.97 -28.70
N LEU A 984 -4.48 11.26 -27.85
CA LEU A 984 -4.42 12.54 -27.16
C LEU A 984 -3.10 13.25 -27.44
N ASP A 985 -3.16 14.58 -27.46
CA ASP A 985 -1.96 15.38 -27.59
C ASP A 985 -1.12 15.28 -26.33
N PRO A 986 0.19 15.51 -26.42
CA PRO A 986 1.08 15.33 -25.26
C PRO A 986 0.65 16.14 -24.04
N PRO A 987 0.19 17.40 -24.18
CA PRO A 987 -0.22 18.12 -22.97
C PRO A 987 -1.35 17.45 -22.21
N GLU A 988 -2.31 16.84 -22.90
CA GLU A 988 -3.44 16.19 -22.26
C GLU A 988 -3.23 14.69 -22.11
N ALA A 989 -2.15 14.15 -22.64
CA ALA A 989 -1.84 12.74 -22.49
C ALA A 989 -1.00 12.43 -21.27
N GLU A 990 -0.53 13.45 -20.56
CA GLU A 990 0.27 13.26 -19.36
C GLU A 990 -0.56 13.26 -18.08
N VAL A 991 -1.87 13.41 -18.18
CA VAL A 991 -2.74 13.37 -17.02
C VAL A 991 -3.39 12.00 -16.86
N GLN A 992 -3.79 11.37 -17.98
CA GLN A 992 -4.28 9.99 -17.91
C GLN A 992 -3.14 9.02 -17.67
N ILE A 993 -1.99 9.25 -18.31
CA ILE A 993 -0.81 8.44 -18.08
C ILE A 993 -0.37 8.56 -16.62
N ASP A 994 -0.55 9.74 -16.02
CA ASP A 994 -0.25 9.88 -14.60
C ASP A 994 -1.13 8.98 -13.74
N ARG A 995 -2.42 8.90 -14.07
CA ARG A 995 -3.31 8.00 -13.33
C ARG A 995 -2.91 6.54 -13.52
N LEU A 996 -2.57 6.16 -14.75
CA LEU A 996 -2.11 4.80 -14.99
C LEU A 996 -0.84 4.48 -14.21
N ILE A 997 0.10 5.43 -14.18
CA ILE A 997 1.35 5.25 -13.45
C ILE A 997 1.07 5.09 -11.96
N THR A 998 0.20 5.94 -11.41
CA THR A 998 -0.13 5.85 -10.00
C THR A 998 -0.77 4.51 -9.66
N GLY A 999 -1.73 4.07 -10.48
CA GLY A 999 -2.37 2.80 -10.22
C GLY A 999 -1.42 1.62 -10.30
N ARG A 1000 -0.57 1.59 -11.33
CA ARG A 1000 0.35 0.47 -11.49
C ARG A 1000 1.43 0.47 -10.41
N LEU A 1001 1.89 1.66 -10.00
CA LEU A 1001 2.83 1.75 -8.89
C LEU A 1001 2.21 1.26 -7.60
N GLN A 1002 0.94 1.62 -7.35
CA GLN A 1002 0.26 1.14 -6.15
C GLN A 1002 0.11 -0.38 -6.18
N SER A 1003 -0.24 -0.95 -7.34
CA SER A 1003 -0.35 -2.40 -7.46
C SER A 1003 0.99 -3.07 -7.19
N LEU A 1004 2.07 -2.54 -7.77
CA LEU A 1004 3.39 -3.11 -7.55
C LEU A 1004 3.79 -3.05 -6.08
N GLN A 1005 3.54 -1.90 -5.43
CA GLN A 1005 3.88 -1.76 -4.02
C GLN A 1005 3.09 -2.73 -3.16
N THR A 1006 1.79 -2.89 -3.45
CA THR A 1006 0.98 -3.85 -2.70
C THR A 1006 1.53 -5.27 -2.87
N TYR A 1007 1.86 -5.64 -4.10
CA TYR A 1007 2.41 -6.97 -4.35
C TYR A 1007 3.72 -7.16 -3.58
N VAL A 1008 4.59 -6.16 -3.59
CA VAL A 1008 5.88 -6.28 -2.93
C VAL A 1008 5.69 -6.40 -1.42
N THR A 1009 4.75 -5.66 -0.85
CA THR A 1009 4.52 -5.74 0.60
C THR A 1009 3.99 -7.10 1.00
N GLN A 1010 2.98 -7.60 0.27
CA GLN A 1010 2.44 -8.92 0.58
C GLN A 1010 3.50 -9.99 0.42
N GLN A 1011 4.34 -9.87 -0.62
CA GLN A 1011 5.40 -10.84 -0.82
C GLN A 1011 6.46 -10.76 0.28
N LEU A 1012 6.73 -9.57 0.80
CA LEU A 1012 7.65 -9.45 1.92
C LEU A 1012 7.12 -10.14 3.16
N ILE A 1013 5.83 -9.95 3.46
CA ILE A 1013 5.25 -10.63 4.62
C ILE A 1013 5.26 -12.15 4.43
N ARG A 1014 4.90 -12.61 3.23
CA ARG A 1014 4.90 -14.04 2.96
C ARG A 1014 6.30 -14.61 3.03
N ALA A 1015 7.30 -13.84 2.57
CA ALA A 1015 8.69 -14.28 2.66
C ALA A 1015 9.15 -14.36 4.10
N ALA A 1016 8.70 -13.45 4.95
CA ALA A 1016 9.01 -13.56 6.37
C ALA A 1016 8.43 -14.84 6.97
N GLU A 1017 7.17 -15.15 6.61
CA GLU A 1017 6.57 -16.39 7.10
C GLU A 1017 7.34 -17.61 6.60
N ILE A 1018 7.74 -17.60 5.32
CA ILE A 1018 8.47 -18.73 4.75
C ILE A 1018 9.85 -18.85 5.41
N ARG A 1019 10.47 -17.71 5.75
CA ARG A 1019 11.75 -17.75 6.44
C ARG A 1019 11.61 -18.35 7.82
N ALA A 1020 10.53 -18.02 8.54
CA ALA A 1020 10.29 -18.65 9.83
C ALA A 1020 10.11 -20.15 9.67
N SER A 1021 9.36 -20.57 8.65
CA SER A 1021 9.17 -22.01 8.42
C SER A 1021 10.49 -22.69 8.07
N ALA A 1022 11.34 -22.03 7.28
CA ALA A 1022 12.62 -22.60 6.91
C ALA A 1022 13.56 -22.69 8.11
N ASN A 1023 13.51 -21.70 9.01
CA ASN A 1023 14.29 -21.78 10.23
C ASN A 1023 13.83 -22.95 11.08
N LEU A 1024 12.52 -23.16 11.17
CA LEU A 1024 12.01 -24.34 11.89
C LEU A 1024 12.48 -25.63 11.23
N ALA A 1025 12.47 -25.68 9.91
CA ALA A 1025 12.92 -26.88 9.20
C ALA A 1025 14.40 -27.16 9.46
N ALA A 1026 15.23 -26.11 9.44
CA ALA A 1026 16.64 -26.28 9.75
C ALA A 1026 16.85 -26.75 11.18
N THR A 1027 16.08 -26.20 12.13
CA THR A 1027 16.17 -26.64 13.51
C THR A 1027 15.78 -28.11 13.64
N LYS A 1028 14.75 -28.55 12.93
CA LYS A 1028 14.34 -29.94 12.97
C LYS A 1028 15.38 -30.84 12.32
N MET A 1029 16.03 -30.36 11.27
CA MET A 1029 17.09 -31.15 10.64
C MET A 1029 18.29 -31.33 11.55
N SER A 1030 18.67 -30.26 12.26
CA SER A 1030 19.82 -30.35 13.16
C SER A 1030 19.49 -31.18 14.40
N GLU A 1031 18.32 -30.94 15.00
CA GLU A 1031 17.99 -31.57 16.27
C GLU A 1031 17.60 -33.03 16.13
N CYS A 1032 16.97 -33.41 15.03
CA CYS A 1032 16.36 -34.72 14.91
C CYS A 1032 17.01 -35.61 13.86
N VAL A 1033 17.31 -35.08 12.67
CA VAL A 1033 18.00 -35.88 11.67
C VAL A 1033 19.46 -36.10 12.09
N LEU A 1034 20.10 -35.07 12.62
CA LEU A 1034 21.51 -35.14 13.00
C LEU A 1034 21.72 -35.59 14.44
N GLY A 1035 20.66 -35.89 15.17
CA GLY A 1035 20.79 -36.32 16.55
C GLY A 1035 19.53 -37.00 17.03
N GLN A 1036 19.36 -37.02 18.34
CA GLN A 1036 18.15 -37.52 18.97
C GLN A 1036 17.66 -36.48 19.97
N SER A 1037 16.42 -36.06 19.81
CA SER A 1037 15.87 -34.95 20.58
C SER A 1037 15.00 -35.46 21.73
N LYS A 1038 15.18 -34.86 22.91
CA LYS A 1038 14.34 -35.13 24.06
C LYS A 1038 13.17 -34.16 24.18
N ARG A 1039 13.04 -33.23 23.24
CA ARG A 1039 11.92 -32.30 23.26
C ARG A 1039 10.63 -33.04 22.92
N VAL A 1040 9.59 -32.81 23.70
CA VAL A 1040 8.34 -33.56 23.56
C VAL A 1040 7.55 -33.00 22.38
N ASP A 1041 7.07 -33.91 21.53
CA ASP A 1041 6.25 -33.60 20.36
C ASP A 1041 6.96 -32.72 19.34
N PHE A 1042 8.27 -32.52 19.49
CA PHE A 1042 9.00 -31.74 18.50
C PHE A 1042 9.17 -32.49 17.19
N CYS A 1043 9.39 -33.80 17.27
CA CYS A 1043 9.68 -34.62 16.10
C CYS A 1043 8.87 -35.90 16.13
N GLY A 1044 7.57 -35.78 16.36
CA GLY A 1044 6.68 -36.92 16.30
C GLY A 1044 5.95 -37.20 17.59
N LYS A 1045 4.84 -37.93 17.52
CA LYS A 1045 4.05 -38.28 18.68
C LYS A 1045 4.60 -39.57 19.27
N GLY A 1046 5.32 -39.45 20.37
CA GLY A 1046 5.96 -40.57 21.01
C GLY A 1046 7.35 -40.19 21.45
N TYR A 1047 8.14 -41.20 21.82
CA TYR A 1047 9.52 -40.99 22.21
C TYR A 1047 10.40 -41.08 20.97
N HIS A 1048 11.01 -39.96 20.59
CA HIS A 1048 11.75 -39.88 19.35
C HIS A 1048 12.88 -40.89 19.30
N LEU A 1049 12.96 -41.62 18.20
CA LEU A 1049 14.08 -42.52 17.91
C LEU A 1049 15.00 -41.93 16.85
N MET A 1050 14.48 -41.59 15.67
CA MET A 1050 15.30 -41.01 14.62
C MET A 1050 14.40 -40.29 13.62
N SER A 1051 15.01 -39.74 12.58
CA SER A 1051 14.29 -39.03 11.54
C SER A 1051 15.03 -39.18 10.22
N PHE A 1052 14.28 -39.02 9.13
CA PHE A 1052 14.82 -39.14 7.78
C PHE A 1052 14.31 -38.00 6.92
N PRO A 1053 15.18 -37.22 6.29
CA PRO A 1053 14.73 -36.13 5.42
C PRO A 1053 14.49 -36.58 4.00
N GLN A 1054 13.49 -35.95 3.37
CA GLN A 1054 13.17 -36.19 1.96
C GLN A 1054 12.84 -34.85 1.32
N SER A 1055 13.52 -34.52 0.23
CA SER A 1055 13.22 -33.29 -0.47
C SER A 1055 11.85 -33.36 -1.14
N ALA A 1056 11.10 -32.28 -1.05
CA ALA A 1056 9.80 -32.14 -1.70
C ALA A 1056 9.78 -30.80 -2.40
N PRO A 1057 8.90 -30.63 -3.41
CA PRO A 1057 8.85 -29.34 -4.11
C PRO A 1057 8.68 -28.16 -3.16
N HIS A 1058 9.72 -27.33 -3.09
CA HIS A 1058 9.73 -26.14 -2.24
C HIS A 1058 9.58 -26.49 -0.76
N GLY A 1059 10.19 -27.59 -0.33
CA GLY A 1059 10.11 -27.93 1.09
C GLY A 1059 10.81 -29.23 1.41
N VAL A 1060 10.65 -29.63 2.67
CA VAL A 1060 11.29 -30.84 3.19
C VAL A 1060 10.26 -31.64 3.97
N VAL A 1061 10.29 -32.95 3.83
CA VAL A 1061 9.39 -33.86 4.53
C VAL A 1061 10.24 -34.73 5.44
N PHE A 1062 9.98 -34.67 6.74
CA PHE A 1062 10.67 -35.49 7.72
C PHE A 1062 9.81 -36.71 8.04
N LEU A 1063 10.42 -37.89 7.95
CA LEU A 1063 9.82 -39.12 8.43
C LEU A 1063 10.38 -39.38 9.82
N HIS A 1064 9.52 -39.25 10.83
CA HIS A 1064 9.91 -39.37 12.23
C HIS A 1064 9.63 -40.79 12.70
N VAL A 1065 10.68 -41.51 13.07
CA VAL A 1065 10.56 -42.84 13.64
C VAL A 1065 10.59 -42.69 15.15
N THR A 1066 9.50 -43.10 15.80
CA THR A 1066 9.31 -42.91 17.23
C THR A 1066 8.83 -44.19 17.88
N TYR A 1067 9.00 -44.25 19.20
CA TYR A 1067 8.64 -45.40 20.02
C TYR A 1067 7.35 -45.06 20.78
N VAL A 1068 6.35 -45.93 20.66
CA VAL A 1068 5.06 -45.72 21.30
C VAL A 1068 4.76 -46.91 22.21
N PRO A 1069 4.51 -46.71 23.50
CA PRO A 1069 4.13 -47.83 24.36
C PRO A 1069 2.78 -48.40 23.95
N ALA A 1070 2.58 -49.68 24.29
CA ALA A 1070 1.34 -50.36 23.95
C ALA A 1070 1.18 -51.58 24.85
N GLN A 1071 -0.07 -52.04 24.95
CA GLN A 1071 -0.44 -53.19 25.76
C GLN A 1071 -0.05 -52.97 27.22
N GLU A 1072 -0.63 -51.94 27.81
CA GLU A 1072 -0.38 -51.61 29.20
C GLU A 1072 -1.03 -52.65 30.11
N LYS A 1073 -0.50 -52.74 31.34
CA LYS A 1073 -1.03 -53.64 32.35
C LYS A 1073 -1.01 -52.95 33.70
N ASN A 1074 -2.01 -53.24 34.51
CA ASN A 1074 -2.12 -52.65 35.84
C ASN A 1074 -1.31 -53.44 36.85
N PHE A 1075 -0.65 -52.73 37.77
CA PHE A 1075 0.11 -53.34 38.84
C PHE A 1075 -0.04 -52.50 40.10
N THR A 1076 0.20 -53.14 41.24
CA THR A 1076 0.23 -52.44 42.52
C THR A 1076 1.63 -51.93 42.77
N THR A 1077 1.75 -50.64 43.09
CA THR A 1077 3.05 -49.99 43.22
C THR A 1077 3.24 -49.49 44.65
N ALA A 1078 4.47 -49.11 44.95
CA ALA A 1078 4.84 -48.63 46.28
C ALA A 1078 6.02 -47.68 46.14
N PRO A 1079 6.06 -46.59 46.92
CA PRO A 1079 7.21 -45.68 46.84
C PRO A 1079 8.52 -46.34 47.22
N ALA A 1080 8.58 -46.95 48.40
CA ALA A 1080 9.78 -47.63 48.87
C ALA A 1080 9.37 -48.97 49.46
N ILE A 1081 10.36 -49.76 49.87
CA ILE A 1081 10.13 -51.07 50.46
C ILE A 1081 10.91 -51.15 51.77
N CYS A 1082 10.24 -51.54 52.85
CA CYS A 1082 10.86 -51.61 54.17
C CYS A 1082 11.47 -52.99 54.37
N HIS A 1083 12.79 -53.04 54.51
CA HIS A 1083 13.50 -54.28 54.81
C HIS A 1083 14.30 -54.07 56.08
N ASP A 1084 14.13 -54.97 57.04
CA ASP A 1084 14.79 -54.98 58.35
C ASP A 1084 15.06 -53.57 58.87
N GLY A 1085 14.00 -52.78 58.90
CA GLY A 1085 14.06 -51.43 59.44
C GLY A 1085 14.86 -50.42 58.64
N LYS A 1086 14.75 -50.45 57.31
CA LYS A 1086 15.35 -49.44 56.46
C LYS A 1086 14.61 -49.42 55.13
N ALA A 1087 14.52 -48.24 54.54
CA ALA A 1087 13.76 -48.05 53.31
C ALA A 1087 14.65 -48.23 52.09
N HIS A 1088 14.19 -49.00 51.13
CA HIS A 1088 14.88 -49.22 49.86
C HIS A 1088 14.06 -48.60 48.74
N PHE A 1089 14.70 -47.76 47.94
CA PHE A 1089 14.11 -47.09 46.79
C PHE A 1089 14.70 -47.66 45.50
N PRO A 1090 13.91 -47.70 44.42
CA PRO A 1090 14.42 -48.28 43.17
C PRO A 1090 15.49 -47.40 42.55
N ARG A 1091 16.64 -48.00 42.24
CA ARG A 1091 17.76 -47.24 41.70
C ARG A 1091 17.44 -46.65 40.34
N GLU A 1092 16.81 -47.43 39.46
CA GLU A 1092 16.54 -46.97 38.10
C GLU A 1092 15.09 -47.21 37.70
N GLY A 1093 14.46 -48.22 38.29
CA GLY A 1093 13.13 -48.65 37.89
C GLY A 1093 12.05 -48.23 38.86
N VAL A 1094 11.06 -49.10 39.03
CA VAL A 1094 9.89 -48.84 39.86
C VAL A 1094 9.41 -50.16 40.42
N PHE A 1095 8.87 -50.12 41.64
CA PHE A 1095 8.35 -51.31 42.29
C PHE A 1095 6.94 -51.60 41.79
N VAL A 1096 6.71 -52.86 41.39
CA VAL A 1096 5.40 -53.34 40.96
C VAL A 1096 5.12 -54.64 41.69
N SER A 1097 3.87 -55.09 41.60
CA SER A 1097 3.43 -56.29 42.31
C SER A 1097 2.70 -57.22 41.35
N ASN A 1098 3.06 -58.51 41.38
CA ASN A 1098 2.30 -59.53 40.68
C ASN A 1098 0.95 -59.81 41.35
N GLY A 1099 0.72 -59.27 42.54
CA GLY A 1099 -0.41 -59.61 43.38
C GLY A 1099 0.00 -60.36 44.64
N THR A 1100 1.10 -61.09 44.59
CA THR A 1100 1.67 -61.78 45.74
C THR A 1100 3.13 -61.42 45.97
N HIS A 1101 3.90 -61.19 44.92
CA HIS A 1101 5.32 -60.86 45.01
C HIS A 1101 5.57 -59.47 44.47
N TRP A 1102 6.78 -58.96 44.72
CA TRP A 1102 7.18 -57.62 44.34
C TRP A 1102 8.39 -57.67 43.42
N PHE A 1103 8.46 -56.72 42.48
CA PHE A 1103 9.50 -56.69 41.46
C PHE A 1103 9.92 -55.26 41.18
N VAL A 1104 11.10 -55.13 40.60
CA VAL A 1104 11.61 -53.86 40.08
C VAL A 1104 11.58 -53.95 38.55
N THR A 1105 10.87 -53.03 37.91
CA THR A 1105 10.73 -53.02 36.47
C THR A 1105 11.09 -51.65 35.90
N GLN A 1106 11.49 -51.62 34.64
CA GLN A 1106 11.72 -50.35 33.98
C GLN A 1106 10.42 -49.57 33.87
N ARG A 1107 10.53 -48.24 33.90
CA ARG A 1107 9.35 -47.40 33.86
C ARG A 1107 8.67 -47.38 32.50
N ASN A 1108 9.31 -47.91 31.46
CA ASN A 1108 8.78 -47.85 30.11
C ASN A 1108 8.55 -49.20 29.46
N PHE A 1109 8.94 -50.30 30.11
CA PHE A 1109 8.77 -51.63 29.54
C PHE A 1109 8.76 -52.64 30.67
N TYR A 1110 7.74 -53.48 30.70
CA TYR A 1110 7.55 -54.41 31.81
C TYR A 1110 8.61 -55.51 31.73
N GLU A 1111 9.65 -55.38 32.55
CA GLU A 1111 10.68 -56.41 32.70
C GLU A 1111 10.88 -56.63 34.20
N PRO A 1112 10.04 -57.43 34.84
CA PRO A 1112 10.14 -57.61 36.29
C PRO A 1112 11.44 -58.28 36.68
N GLN A 1113 12.02 -57.81 37.79
CA GLN A 1113 13.27 -58.34 38.31
C GLN A 1113 13.16 -58.53 39.81
N ILE A 1114 13.87 -59.53 40.32
CA ILE A 1114 13.89 -59.78 41.76
C ILE A 1114 14.58 -58.63 42.47
N ILE A 1115 13.98 -58.15 43.55
CA ILE A 1115 14.50 -57.00 44.27
C ILE A 1115 15.76 -57.44 45.02
N THR A 1116 16.90 -56.91 44.62
CA THR A 1116 18.17 -57.16 45.29
C THR A 1116 18.75 -55.83 45.78
N THR A 1117 19.94 -55.90 46.37
CA THR A 1117 20.64 -54.71 46.83
C THR A 1117 21.44 -54.03 45.73
N ASP A 1118 21.41 -54.57 44.50
CA ASP A 1118 22.11 -53.98 43.37
C ASP A 1118 21.22 -53.08 42.53
N ASN A 1119 19.91 -53.28 42.55
CA ASN A 1119 18.98 -52.44 41.80
C ASN A 1119 18.18 -51.51 42.70
N THR A 1120 18.47 -51.46 44.00
CA THR A 1120 17.82 -50.56 44.94
C THR A 1120 18.88 -49.94 45.84
N PHE A 1121 18.56 -48.76 46.37
CA PHE A 1121 19.44 -48.06 47.30
C PHE A 1121 18.68 -47.71 48.56
N VAL A 1122 19.37 -47.77 49.70
CA VAL A 1122 18.77 -47.58 51.01
C VAL A 1122 18.97 -46.13 51.45
N SER A 1123 17.91 -45.51 51.95
CA SER A 1123 17.98 -44.12 52.42
C SER A 1123 16.98 -43.96 53.57
N GLY A 1124 17.50 -44.00 54.79
CA GLY A 1124 16.67 -43.77 55.97
C GLY A 1124 16.04 -45.03 56.51
N ASN A 1125 14.99 -44.84 57.29
CA ASN A 1125 14.23 -45.91 57.91
C ASN A 1125 12.77 -45.83 57.48
N CYS A 1126 11.97 -46.79 57.95
CA CYS A 1126 10.57 -46.89 57.55
C CYS A 1126 9.66 -46.11 58.49
N ASP A 1127 9.94 -44.81 58.58
CA ASP A 1127 9.15 -43.91 59.44
C ASP A 1127 8.70 -42.63 58.75
N VAL A 1128 9.25 -42.29 57.58
CA VAL A 1128 8.94 -41.05 56.90
C VAL A 1128 8.12 -41.26 55.64
N VAL A 1129 8.40 -42.34 54.90
CA VAL A 1129 7.74 -42.57 53.62
C VAL A 1129 6.26 -42.88 53.86
N ILE A 1130 5.40 -42.24 53.10
CA ILE A 1130 3.95 -42.43 53.20
C ILE A 1130 3.56 -43.38 52.09
N GLY A 1131 3.52 -44.68 52.40
CA GLY A 1131 3.14 -45.67 51.42
C GLY A 1131 4.11 -46.83 51.32
N ILE A 1132 5.07 -46.90 52.24
CA ILE A 1132 6.05 -47.98 52.24
C ILE A 1132 5.35 -49.31 52.55
N VAL A 1133 5.87 -50.39 51.98
CA VAL A 1133 5.30 -51.71 52.15
C VAL A 1133 6.39 -52.66 52.62
N ASN A 1134 5.95 -53.74 53.27
CA ASN A 1134 6.88 -54.76 53.77
C ASN A 1134 7.26 -55.72 52.67
N ASN A 1135 8.56 -55.98 52.51
CA ASN A 1135 9.04 -56.96 51.57
C ASN A 1135 10.49 -57.30 51.92
N THR A 1136 11.00 -58.35 51.29
CA THR A 1136 12.36 -58.82 51.52
C THR A 1136 13.23 -58.44 50.33
N VAL A 1137 14.41 -57.90 50.61
CA VAL A 1137 15.38 -57.54 49.59
C VAL A 1137 16.49 -58.59 49.62
N TYR A 1138 16.55 -59.40 48.56
CA TYR A 1138 17.49 -60.52 48.52
C TYR A 1138 18.91 -60.02 48.32
N ASP A 1139 19.80 -60.43 49.21
CA ASP A 1139 21.21 -60.05 49.13
C ASP A 1139 21.96 -61.04 48.25
N PRO A 1140 22.54 -60.61 47.13
CA PRO A 1140 23.24 -61.57 46.26
C PRO A 1140 24.43 -62.25 46.92
N LEU A 1141 25.04 -61.62 47.92
CA LEU A 1141 26.24 -62.18 48.54
C LEU A 1141 25.93 -63.34 49.47
N GLN A 1142 24.76 -63.34 50.10
CA GLN A 1142 24.46 -64.35 51.12
C GLN A 1142 24.49 -65.78 50.59
N PRO A 1143 23.83 -66.14 49.48
CA PRO A 1143 23.91 -67.54 49.02
C PRO A 1143 25.31 -67.98 48.66
N GLU A 1144 26.16 -67.09 48.16
CA GLU A 1144 27.53 -67.42 47.81
C GLU A 1144 28.49 -67.24 48.97
N LEU A 1145 27.99 -67.26 50.21
CA LEU A 1145 28.81 -67.10 51.40
C LEU A 1145 28.80 -68.36 52.25
N ASP A 1146 28.61 -69.52 51.61
CA ASP A 1146 28.66 -70.79 52.34
C ASP A 1146 30.07 -71.21 52.71
N SER A 1147 31.09 -70.52 52.18
CA SER A 1147 32.48 -70.84 52.52
C SER A 1147 33.05 -69.81 53.48
N PRO B 25 -11.36 50.84 33.23
CA PRO B 25 -10.37 50.36 34.19
C PRO B 25 -9.47 49.26 33.63
N PRO B 26 -8.16 49.47 33.67
CA PRO B 26 -7.21 48.47 33.15
C PRO B 26 -6.95 47.30 34.09
N ALA B 27 -7.77 47.10 35.11
CA ALA B 27 -7.55 46.00 36.05
C ALA B 27 -7.77 44.66 35.36
N TYR B 28 -6.89 43.72 35.64
CA TYR B 28 -6.95 42.36 35.11
C TYR B 28 -7.40 41.40 36.20
N THR B 29 -7.88 40.23 35.76
CA THR B 29 -8.24 39.17 36.70
C THR B 29 -8.14 37.83 35.99
N ASN B 30 -8.08 36.76 36.78
CA ASN B 30 -7.95 35.43 36.23
C ASN B 30 -9.32 34.83 35.94
N SER B 31 -9.48 34.28 34.73
CA SER B 31 -10.73 33.65 34.34
C SER B 31 -10.85 32.21 34.81
N PHE B 32 -9.75 31.61 35.27
CA PHE B 32 -9.69 30.22 35.75
C PHE B 32 -10.19 29.33 34.61
N THR B 33 -11.01 28.31 34.89
CA THR B 33 -11.46 27.35 33.89
C THR B 33 -12.86 27.68 33.36
N ARG B 34 -13.21 28.96 33.30
CA ARG B 34 -14.51 29.39 32.83
C ARG B 34 -14.46 29.82 31.37
N GLY B 35 -15.63 29.83 30.74
CA GLY B 35 -15.74 30.32 29.37
C GLY B 35 -15.65 29.28 28.29
N VAL B 36 -16.15 28.07 28.53
CA VAL B 36 -16.13 27.01 27.54
C VAL B 36 -17.57 26.62 27.23
N TYR B 37 -17.96 26.73 25.96
CA TYR B 37 -19.30 26.48 25.48
C TYR B 37 -19.37 25.15 24.75
N TYR B 38 -20.51 24.86 24.16
CA TYR B 38 -20.68 23.66 23.36
C TYR B 38 -20.29 23.96 21.92
N PRO B 39 -19.22 23.38 21.40
CA PRO B 39 -18.79 23.73 20.03
C PRO B 39 -19.78 23.33 18.95
N ASP B 40 -20.66 22.37 19.22
CA ASP B 40 -21.61 21.90 18.20
C ASP B 40 -22.91 21.51 18.89
N LYS B 41 -23.78 20.84 18.15
CA LYS B 41 -25.09 20.40 18.62
C LYS B 41 -25.20 18.88 18.53
N VAL B 42 -24.17 18.18 18.98
CA VAL B 42 -24.08 16.73 18.85
C VAL B 42 -24.01 16.12 20.25
N PHE B 43 -24.89 15.16 20.51
CA PHE B 43 -24.89 14.46 21.79
C PHE B 43 -23.71 13.50 21.86
N ARG B 44 -23.16 13.35 23.07
CA ARG B 44 -22.00 12.48 23.29
C ARG B 44 -22.03 11.97 24.72
N SER B 45 -21.94 10.65 24.88
CA SER B 45 -21.97 10.02 26.19
C SER B 45 -20.63 9.35 26.46
N SER B 46 -19.93 9.81 27.50
CA SER B 46 -18.65 9.26 27.91
C SER B 46 -17.65 9.27 26.75
N VAL B 47 -17.60 10.38 26.04
CA VAL B 47 -16.68 10.59 24.93
C VAL B 47 -15.79 11.78 25.27
N LEU B 48 -14.47 11.55 25.26
CA LEU B 48 -13.49 12.60 25.49
C LEU B 48 -13.09 13.16 24.13
N HIS B 49 -13.73 14.25 23.74
CA HIS B 49 -13.69 14.74 22.37
C HIS B 49 -12.77 15.95 22.26
N SER B 50 -11.88 15.93 21.26
CA SER B 50 -10.97 17.03 21.01
C SER B 50 -11.56 17.93 19.93
N THR B 51 -11.82 19.19 20.28
CA THR B 51 -12.43 20.15 19.36
C THR B 51 -11.49 21.33 19.18
N GLN B 52 -11.25 21.69 17.93
CA GLN B 52 -10.44 22.87 17.58
C GLN B 52 -11.41 24.00 17.24
N ASP B 53 -11.49 25.00 18.11
CA ASP B 53 -12.47 26.06 17.95
C ASP B 53 -11.97 27.31 18.68
N LEU B 54 -12.75 28.38 18.57
CA LEU B 54 -12.44 29.65 19.22
C LEU B 54 -12.92 29.56 20.67
N PHE B 55 -12.01 29.16 21.54
CA PHE B 55 -12.30 28.99 22.97
C PHE B 55 -11.55 30.03 23.78
N LEU B 56 -12.05 30.27 24.98
CA LEU B 56 -11.36 31.15 25.92
C LEU B 56 -10.22 30.40 26.57
N PRO B 57 -8.98 30.87 26.45
CA PRO B 57 -7.84 30.13 27.02
C PRO B 57 -7.99 29.97 28.53
N PHE B 58 -7.56 28.82 29.02
CA PHE B 58 -7.62 28.54 30.45
C PHE B 58 -6.65 29.43 31.21
N PHE B 59 -7.10 29.91 32.37
CA PHE B 59 -6.28 30.77 33.24
C PHE B 59 -5.77 32.00 32.50
N SER B 60 -6.64 32.59 31.69
CA SER B 60 -6.28 33.78 30.92
C SER B 60 -6.57 35.04 31.72
N ASN B 61 -5.97 36.14 31.29
CA ASN B 61 -6.14 37.44 31.93
C ASN B 61 -7.30 38.16 31.24
N VAL B 62 -8.43 38.26 31.92
CA VAL B 62 -9.61 38.95 31.40
C VAL B 62 -9.72 40.30 32.09
N THR B 63 -10.21 41.29 31.34
CA THR B 63 -10.26 42.66 31.82
C THR B 63 -11.53 42.89 32.64
N TRP B 64 -11.37 43.42 33.83
CA TRP B 64 -12.48 43.71 34.73
C TRP B 64 -12.83 45.20 34.61
N PHE B 65 -14.01 45.50 34.11
CA PHE B 65 -14.47 46.86 33.93
C PHE B 65 -15.57 47.16 34.95
N HIS B 66 -15.39 48.24 35.70
CA HIS B 66 -16.38 48.67 36.69
C HIS B 66 -17.45 49.53 36.04
N PHE B 79 -19.40 52.99 37.87
CA PHE B 79 -20.01 52.79 36.56
C PHE B 79 -19.06 53.22 35.45
N ASP B 80 -19.08 52.46 34.35
CA ASP B 80 -18.25 52.79 33.19
C ASP B 80 -18.87 52.16 31.96
N ASN B 81 -18.54 52.73 30.80
CA ASN B 81 -19.05 52.25 29.51
C ASN B 81 -17.97 52.48 28.45
N PRO B 82 -16.90 51.70 28.48
CA PRO B 82 -15.79 51.91 27.55
C PRO B 82 -16.10 51.30 26.19
N VAL B 83 -15.19 51.53 25.25
CA VAL B 83 -15.29 51.02 23.89
C VAL B 83 -14.28 49.89 23.73
N LEU B 84 -14.76 48.72 23.31
CA LEU B 84 -13.90 47.54 23.23
C LEU B 84 -14.00 46.90 21.85
N PRO B 85 -12.90 46.35 21.34
CA PRO B 85 -12.95 45.65 20.05
C PRO B 85 -13.65 44.30 20.12
N PHE B 86 -13.72 43.60 18.98
CA PHE B 86 -14.29 42.26 18.90
C PHE B 86 -13.30 41.20 18.45
N ASN B 87 -12.48 41.50 17.44
CA ASN B 87 -11.55 40.54 16.87
C ASN B 87 -12.26 39.25 16.45
N ASP B 88 -12.01 38.16 17.16
CA ASP B 88 -12.59 36.86 16.84
C ASP B 88 -13.82 36.53 17.67
N GLY B 89 -13.85 36.93 18.93
CA GLY B 89 -14.99 36.64 19.79
C GLY B 89 -14.89 37.43 21.07
N VAL B 90 -15.97 37.38 21.85
CA VAL B 90 -16.06 38.16 23.09
C VAL B 90 -16.69 37.31 24.17
N TYR B 91 -16.11 37.35 25.37
CA TYR B 91 -16.65 36.72 26.55
C TYR B 91 -17.13 37.78 27.53
N PHE B 92 -18.25 37.52 28.19
CA PHE B 92 -18.90 38.49 29.06
C PHE B 92 -19.33 37.81 30.34
N ALA B 93 -19.39 38.59 31.43
CA ALA B 93 -19.79 38.07 32.71
C ALA B 93 -20.47 39.17 33.53
N SER B 94 -21.27 38.73 34.50
CA SER B 94 -21.91 39.64 35.44
C SER B 94 -21.88 39.00 36.82
N THR B 95 -21.88 39.84 37.86
CA THR B 95 -21.72 39.36 39.23
C THR B 95 -22.99 39.49 40.06
N GLU B 96 -23.55 40.68 40.18
CA GLU B 96 -24.67 40.92 41.07
C GLU B 96 -25.99 40.91 40.31
N LYS B 97 -27.08 40.92 41.07
CA LYS B 97 -28.44 40.84 40.54
C LYS B 97 -29.08 42.22 40.39
N SER B 98 -28.28 43.26 40.14
CA SER B 98 -28.84 44.59 39.95
C SER B 98 -29.69 44.67 38.68
N ASN B 99 -29.31 43.92 37.64
CA ASN B 99 -30.08 43.84 36.39
C ASN B 99 -30.22 45.23 35.75
N ILE B 100 -29.08 45.88 35.55
CA ILE B 100 -29.06 47.23 34.95
C ILE B 100 -28.97 47.03 33.44
N ILE B 101 -30.12 46.76 32.82
CA ILE B 101 -30.29 46.63 31.38
C ILE B 101 -29.38 45.54 30.80
N ARG B 102 -28.12 45.89 30.54
CA ARG B 102 -27.12 45.00 29.98
C ARG B 102 -27.51 44.52 28.57
N GLY B 103 -27.70 45.50 27.70
CA GLY B 103 -27.77 45.25 26.27
C GLY B 103 -26.39 45.32 25.65
N TRP B 104 -26.37 45.25 24.31
CA TRP B 104 -25.09 45.29 23.61
C TRP B 104 -25.25 46.01 22.29
N ILE B 105 -24.14 46.57 21.80
CA ILE B 105 -24.16 47.50 20.67
C ILE B 105 -23.16 47.08 19.59
N PHE B 106 -22.95 45.77 19.39
CA PHE B 106 -21.99 45.29 18.40
C PHE B 106 -22.09 46.07 17.10
N GLY B 107 -21.00 46.74 16.71
CA GLY B 107 -21.02 47.52 15.50
C GLY B 107 -19.74 47.35 14.72
N THR B 108 -19.66 48.05 13.59
CA THR B 108 -18.44 48.01 12.79
C THR B 108 -17.95 49.42 12.48
N THR B 109 -18.88 50.38 12.34
CA THR B 109 -18.54 51.79 12.24
C THR B 109 -19.33 52.60 13.26
N LEU B 110 -20.60 52.22 13.48
CA LEU B 110 -21.46 52.85 14.47
C LEU B 110 -21.64 54.34 14.20
N ASP B 111 -21.67 54.73 12.92
CA ASP B 111 -21.92 56.12 12.57
C ASP B 111 -22.83 56.24 11.35
N SER B 112 -23.78 55.32 11.20
CA SER B 112 -24.73 55.30 10.08
C SER B 112 -23.99 55.18 8.75
N LYS B 113 -23.14 54.16 8.65
CA LYS B 113 -22.42 53.87 7.42
C LYS B 113 -22.58 52.41 7.03
N THR B 114 -22.77 51.55 8.03
CA THR B 114 -22.93 50.12 7.80
C THR B 114 -23.88 49.57 8.86
N GLN B 115 -24.47 48.41 8.55
CA GLN B 115 -25.41 47.78 9.46
C GLN B 115 -24.74 47.46 10.79
N SER B 116 -25.42 47.78 11.89
CA SER B 116 -24.89 47.57 13.22
C SER B 116 -25.86 46.71 14.03
N LEU B 117 -25.31 45.77 14.79
CA LEU B 117 -26.10 44.82 15.56
C LEU B 117 -26.34 45.39 16.96
N LEU B 118 -27.60 45.66 17.28
CA LEU B 118 -27.99 46.19 18.58
C LEU B 118 -28.94 45.22 19.26
N ILE B 119 -28.66 44.90 20.53
CA ILE B 119 -29.49 44.03 21.33
C ILE B 119 -30.02 44.84 22.52
N VAL B 120 -31.33 44.88 22.67
CA VAL B 120 -31.98 45.63 23.74
C VAL B 120 -32.90 44.70 24.51
N ASN B 121 -32.70 44.62 25.83
CA ASN B 121 -33.52 43.81 26.72
C ASN B 121 -34.30 44.74 27.64
N ASN B 122 -35.59 44.46 27.80
CA ASN B 122 -36.47 45.26 28.64
C ASN B 122 -37.28 44.39 29.60
N ALA B 123 -36.71 43.26 30.01
CA ALA B 123 -37.29 42.27 30.91
C ALA B 123 -38.46 41.52 30.28
N THR B 124 -38.88 41.88 29.07
CA THR B 124 -39.91 41.17 28.34
C THR B 124 -39.50 40.74 26.94
N ASN B 125 -38.43 41.31 26.39
CA ASN B 125 -38.02 41.03 25.02
C ASN B 125 -36.49 41.07 24.94
N VAL B 126 -35.98 40.50 23.86
CA VAL B 126 -34.54 40.41 23.61
C VAL B 126 -34.22 41.09 22.29
N VAL B 127 -34.92 42.18 22.00
CA VAL B 127 -35.02 42.71 20.64
C VAL B 127 -33.63 42.88 20.01
N ILE B 128 -33.38 42.15 18.94
CA ILE B 128 -32.12 42.19 18.21
C ILE B 128 -32.40 42.87 16.88
N LYS B 129 -32.03 44.13 16.77
CA LYS B 129 -32.19 44.90 15.54
C LYS B 129 -30.82 45.11 14.91
N VAL B 130 -30.64 44.58 13.70
CA VAL B 130 -29.44 44.84 12.91
C VAL B 130 -29.80 45.93 11.91
N CYS B 131 -29.21 47.12 12.10
CA CYS B 131 -29.56 48.31 11.35
C CYS B 131 -28.49 49.35 11.59
N GLU B 132 -28.37 50.30 10.66
CA GLU B 132 -27.32 51.31 10.71
C GLU B 132 -27.69 52.52 11.56
N PHE B 133 -28.62 52.39 12.51
CA PHE B 133 -29.00 53.55 13.32
C PHE B 133 -27.80 54.12 14.05
N GLN B 134 -27.70 55.45 14.05
CA GLN B 134 -26.51 56.16 14.53
C GLN B 134 -26.60 56.33 16.04
N PHE B 135 -25.84 55.52 16.77
CA PHE B 135 -25.72 55.71 18.21
C PHE B 135 -24.91 56.95 18.52
N CYS B 136 -25.29 57.66 19.58
CA CYS B 136 -24.57 58.86 19.97
C CYS B 136 -23.16 58.50 20.43
N ASN B 137 -22.34 59.54 20.65
CA ASN B 137 -20.96 59.33 21.05
C ASN B 137 -20.87 58.60 22.39
N ASP B 138 -21.85 58.79 23.27
CA ASP B 138 -21.89 58.11 24.56
C ASP B 138 -23.25 57.43 24.70
N PRO B 139 -23.42 56.26 24.09
CA PRO B 139 -24.70 55.55 24.20
C PRO B 139 -24.97 55.08 25.62
N PHE B 140 -26.25 54.99 25.95
CA PHE B 140 -26.66 54.55 27.28
C PHE B 140 -28.01 53.82 27.21
N PHE B 157 -35.08 53.80 23.97
CA PHE B 157 -34.48 53.54 22.65
C PHE B 157 -33.70 54.75 22.16
N ARG B 158 -33.44 55.70 23.07
CA ARG B 158 -32.73 56.93 22.75
C ARG B 158 -31.24 56.73 22.51
N VAL B 159 -30.78 55.48 22.44
CA VAL B 159 -29.39 55.20 22.13
C VAL B 159 -29.02 55.75 20.75
N TYR B 160 -29.90 55.54 19.77
CA TYR B 160 -29.71 56.00 18.41
C TYR B 160 -30.68 57.13 18.08
N SER B 161 -30.41 57.80 16.96
CA SER B 161 -31.23 58.93 16.53
C SER B 161 -31.55 58.87 15.04
N SER B 162 -31.66 57.67 14.48
CA SER B 162 -31.96 57.51 13.07
C SER B 162 -32.54 56.12 12.85
N ALA B 163 -33.09 55.92 11.65
CA ALA B 163 -33.68 54.64 11.26
C ALA B 163 -33.35 54.38 9.80
N ASN B 164 -32.33 53.57 9.56
CA ASN B 164 -31.91 53.20 8.21
C ASN B 164 -32.75 52.02 7.73
N ASN B 165 -32.30 51.38 6.65
CA ASN B 165 -32.97 50.19 6.11
C ASN B 165 -32.69 49.01 7.03
N CYS B 166 -33.46 48.93 8.11
CA CYS B 166 -33.22 47.95 9.16
C CYS B 166 -33.63 46.56 8.71
N THR B 167 -32.69 45.63 8.78
CA THR B 167 -32.88 44.25 8.36
C THR B 167 -33.33 43.40 9.55
N PHE B 168 -33.18 42.07 9.43
CA PHE B 168 -33.69 41.04 10.34
C PHE B 168 -33.70 41.45 11.80
N GLU B 169 -34.85 41.28 12.47
CA GLU B 169 -35.19 41.92 13.73
C GLU B 169 -35.78 40.92 14.72
N TYR B 170 -35.07 39.81 14.96
CA TYR B 170 -35.54 38.76 15.85
C TYR B 170 -35.93 39.32 17.22
N VAL B 171 -37.11 38.91 17.69
CA VAL B 171 -37.61 39.27 19.01
C VAL B 171 -38.22 38.02 19.65
N SER B 172 -37.88 37.78 20.92
CA SER B 172 -38.36 36.59 21.61
C SER B 172 -38.32 36.85 23.11
N GLN B 173 -38.44 35.77 23.90
CA GLN B 173 -38.49 35.89 25.35
C GLN B 173 -37.14 36.37 25.90
N PRO B 174 -37.16 37.10 27.01
CA PRO B 174 -35.90 37.54 27.61
C PRO B 174 -35.05 36.38 28.08
N PHE B 175 -33.73 36.52 27.92
CA PHE B 175 -32.78 35.56 28.45
C PHE B 175 -31.93 36.10 29.60
N LEU B 176 -31.97 37.41 29.85
CA LEU B 176 -31.13 38.03 30.86
C LEU B 176 -31.89 38.22 32.16
N LYS B 187 -23.66 37.59 43.24
CA LYS B 187 -24.22 36.29 43.55
C LYS B 187 -24.42 35.45 42.29
N ASN B 188 -25.31 35.92 41.41
CA ASN B 188 -25.68 35.18 40.21
C ASN B 188 -24.70 35.52 39.09
N LEU B 189 -23.82 34.58 38.75
CA LEU B 189 -22.92 34.77 37.63
C LEU B 189 -23.66 34.55 36.32
N ARG B 190 -23.38 35.40 35.34
CA ARG B 190 -24.11 35.44 34.08
C ARG B 190 -23.09 35.46 32.95
N GLU B 191 -22.73 34.27 32.45
CA GLU B 191 -21.68 34.13 31.45
C GLU B 191 -22.27 34.15 30.05
N PHE B 192 -21.59 34.87 29.14
CA PHE B 192 -22.01 35.03 27.76
C PHE B 192 -20.80 34.86 26.84
N VAL B 193 -21.06 34.32 25.66
CA VAL B 193 -20.04 34.21 24.61
C VAL B 193 -20.68 34.63 23.29
N PHE B 194 -20.05 35.58 22.60
CA PHE B 194 -20.53 36.09 21.32
C PHE B 194 -19.46 35.85 20.27
N LYS B 195 -19.85 35.24 19.16
CA LYS B 195 -18.91 34.99 18.07
C LYS B 195 -19.63 35.14 16.73
N ASN B 196 -18.83 35.22 15.66
CA ASN B 196 -19.36 35.34 14.31
C ASN B 196 -18.32 34.73 13.38
N ILE B 197 -18.73 33.71 12.61
CA ILE B 197 -17.81 32.95 11.77
C ILE B 197 -18.02 33.27 10.29
N ASP B 198 -19.21 32.98 9.76
CA ASP B 198 -19.50 33.12 8.34
C ASP B 198 -20.83 33.84 8.14
N GLY B 199 -21.00 34.95 8.84
CA GLY B 199 -22.24 35.68 8.80
C GLY B 199 -23.31 35.16 9.74
N TYR B 200 -22.96 34.26 10.66
CA TYR B 200 -23.88 33.75 11.65
C TYR B 200 -23.42 34.21 13.02
N PHE B 201 -24.20 35.10 13.65
CA PHE B 201 -23.89 35.59 14.98
C PHE B 201 -24.39 34.57 15.99
N LYS B 202 -23.45 33.94 16.71
CA LYS B 202 -23.75 32.91 17.68
C LYS B 202 -23.60 33.48 19.09
N ILE B 203 -24.61 33.25 19.92
CA ILE B 203 -24.62 33.69 21.31
C ILE B 203 -24.85 32.48 22.19
N TYR B 204 -23.96 32.27 23.16
CA TYR B 204 -24.07 31.23 24.16
C TYR B 204 -24.17 31.88 25.52
N SER B 205 -24.91 31.26 26.43
CA SER B 205 -25.14 31.89 27.73
C SER B 205 -25.36 30.84 28.80
N LYS B 206 -25.07 31.22 30.04
CA LYS B 206 -25.31 30.36 31.20
C LYS B 206 -25.45 31.21 32.45
N HIS B 207 -26.49 30.93 33.23
CA HIS B 207 -26.73 31.59 34.51
C HIS B 207 -26.44 30.59 35.61
N THR B 208 -25.54 30.95 36.53
CA THR B 208 -25.14 30.03 37.58
C THR B 208 -25.19 30.71 38.94
N PRO B 209 -25.56 29.96 40.00
CA PRO B 209 -25.54 30.54 41.36
C PRO B 209 -24.21 30.32 42.07
N ILE B 210 -23.68 31.38 42.68
CA ILE B 210 -22.44 31.31 43.43
C ILE B 210 -22.47 32.39 44.51
N ASN B 211 -21.51 32.34 45.43
CA ASN B 211 -21.36 33.37 46.46
C ASN B 211 -20.23 34.30 46.03
N LEU B 212 -20.56 35.58 45.86
CA LEU B 212 -19.58 36.56 45.43
C LEU B 212 -18.49 36.74 46.48
N VAL B 213 -17.24 36.61 46.06
CA VAL B 213 -16.12 36.83 46.98
C VAL B 213 -15.20 37.92 46.45
N ARG B 214 -14.53 37.67 45.32
CA ARG B 214 -13.70 38.71 44.71
C ARG B 214 -13.79 38.79 43.19
N ASP B 215 -14.14 37.72 42.49
CA ASP B 215 -14.05 37.65 41.04
C ASP B 215 -14.81 36.41 40.57
N LEU B 216 -14.62 36.05 39.31
CA LEU B 216 -15.25 34.86 38.76
C LEU B 216 -14.87 33.63 39.57
N PRO B 217 -15.81 32.78 39.93
CA PRO B 217 -15.50 31.62 40.78
C PRO B 217 -14.78 30.54 39.99
N GLN B 218 -14.26 29.56 40.73
CA GLN B 218 -13.57 28.41 40.14
C GLN B 218 -14.59 27.31 39.89
N GLY B 219 -15.07 27.22 38.65
CA GLY B 219 -16.07 26.23 38.32
C GLY B 219 -16.22 26.09 36.82
N PHE B 220 -16.98 25.07 36.42
CA PHE B 220 -17.14 24.71 35.02
C PHE B 220 -18.52 24.07 34.85
N SER B 221 -19.53 24.89 34.54
CA SER B 221 -20.87 24.29 34.52
C SER B 221 -21.28 23.71 33.16
N ALA B 222 -21.71 24.53 32.21
CA ALA B 222 -21.92 24.03 30.85
C ALA B 222 -21.66 25.06 29.75
N LEU B 223 -22.00 26.33 30.03
CA LEU B 223 -22.16 27.35 28.99
C LEU B 223 -22.92 26.84 27.77
N GLU B 224 -24.19 26.48 27.96
CA GLU B 224 -24.99 25.95 26.87
C GLU B 224 -25.25 27.04 25.81
N PRO B 225 -25.46 26.64 24.56
CA PRO B 225 -25.74 27.63 23.51
C PRO B 225 -27.11 28.26 23.69
N LEU B 226 -27.21 29.54 23.31
CA LEU B 226 -28.47 30.29 23.43
C LEU B 226 -29.19 30.43 22.10
N VAL B 227 -28.56 31.08 21.11
CA VAL B 227 -29.27 31.43 19.89
C VAL B 227 -28.27 31.77 18.79
N ASP B 228 -28.58 31.32 17.58
CA ASP B 228 -27.83 31.66 16.37
C ASP B 228 -28.70 32.51 15.46
N LEU B 229 -28.12 33.57 14.91
CA LEU B 229 -28.84 34.48 14.03
C LEU B 229 -28.12 34.60 12.68
N PRO B 230 -28.83 34.47 11.56
CA PRO B 230 -28.22 34.75 10.25
C PRO B 230 -28.20 36.25 10.01
N ILE B 231 -27.00 36.81 9.90
CA ILE B 231 -26.83 38.26 9.88
C ILE B 231 -26.13 38.68 8.59
N GLY B 232 -24.90 38.20 8.39
CA GLY B 232 -24.15 38.46 7.18
C GLY B 232 -23.22 39.67 7.23
N ILE B 233 -23.37 40.54 8.23
CA ILE B 233 -22.50 41.76 8.37
C ILE B 233 -21.11 41.37 8.92
N ASN B 234 -20.21 42.33 9.15
CA ASN B 234 -19.06 41.97 10.03
C ASN B 234 -18.97 42.90 11.24
N ILE B 235 -18.80 42.29 12.42
CA ILE B 235 -18.70 43.03 13.71
C ILE B 235 -17.21 43.12 14.04
N THR B 236 -16.65 44.32 13.99
CA THR B 236 -15.21 44.50 14.24
C THR B 236 -15.06 45.23 15.56
N ARG B 237 -16.17 45.73 16.09
CA ARG B 237 -16.15 46.44 17.35
C ARG B 237 -17.45 46.15 18.10
N PHE B 238 -17.49 46.49 19.39
CA PHE B 238 -18.69 46.26 20.17
C PHE B 238 -18.68 47.17 21.39
N GLN B 239 -19.86 47.30 22.02
CA GLN B 239 -20.03 48.15 23.18
C GLN B 239 -21.14 47.56 24.04
N THR B 240 -21.18 47.99 25.31
CA THR B 240 -22.11 47.46 26.29
C THR B 240 -23.11 48.53 26.69
N LEU B 241 -24.38 48.13 26.79
CA LEU B 241 -25.45 49.03 27.21
C LEU B 241 -25.67 48.93 28.71
N LEU B 242 -26.07 50.04 29.31
CA LEU B 242 -26.39 50.07 30.74
C LEU B 242 -27.65 50.90 30.99
N ALA B 262 -23.03 51.50 39.47
CA ALA B 262 -22.38 50.36 40.12
C ALA B 262 -22.15 49.22 39.12
N ALA B 263 -21.65 49.58 37.94
CA ALA B 263 -21.37 48.59 36.91
C ALA B 263 -20.21 47.69 37.34
N ALA B 264 -20.28 46.43 36.93
CA ALA B 264 -19.22 45.47 37.21
C ALA B 264 -19.35 44.30 36.22
N TYR B 265 -18.38 44.15 35.34
CA TYR B 265 -18.41 43.06 34.37
C TYR B 265 -16.99 42.71 33.96
N TYR B 266 -16.85 41.58 33.28
CA TYR B 266 -15.56 41.08 32.82
C TYR B 266 -15.64 40.80 31.33
N VAL B 267 -14.51 40.99 30.65
CA VAL B 267 -14.42 40.79 29.21
C VAL B 267 -13.20 39.92 28.92
N GLY B 268 -13.42 38.84 28.16
CA GLY B 268 -12.35 37.99 27.69
C GLY B 268 -12.41 37.87 26.18
N TYR B 269 -11.31 37.37 25.60
CA TYR B 269 -11.16 37.28 24.16
C TYR B 269 -10.92 35.83 23.76
N LEU B 270 -11.71 35.36 22.79
CA LEU B 270 -11.58 33.99 22.32
C LEU B 270 -10.37 33.84 21.40
N GLN B 271 -9.76 32.66 21.46
CA GLN B 271 -8.60 32.34 20.64
C GLN B 271 -8.79 30.98 20.00
N PRO B 272 -8.18 30.75 18.83
CA PRO B 272 -8.35 29.44 18.14
C PRO B 272 -7.51 28.34 18.78
N ARG B 273 -8.08 27.71 19.81
CA ARG B 273 -7.40 26.71 20.60
C ARG B 273 -7.99 25.33 20.30
N THR B 274 -7.41 24.32 20.95
CA THR B 274 -7.89 22.94 20.88
C THR B 274 -8.17 22.47 22.30
N PHE B 275 -9.41 22.06 22.56
CA PHE B 275 -9.84 21.70 23.90
C PHE B 275 -10.32 20.25 23.92
N LEU B 276 -9.96 19.53 24.97
CA LEU B 276 -10.44 18.18 25.20
C LEU B 276 -11.61 18.26 26.18
N LEU B 277 -12.82 18.02 25.68
CA LEU B 277 -14.03 18.12 26.46
C LEU B 277 -14.48 16.74 26.92
N LYS B 278 -14.81 16.61 28.19
CA LYS B 278 -15.25 15.36 28.79
C LYS B 278 -16.77 15.38 28.91
N TYR B 279 -17.43 14.42 28.29
CA TYR B 279 -18.87 14.27 28.35
C TYR B 279 -19.23 13.13 29.30
N ASN B 280 -20.27 13.36 30.11
CA ASN B 280 -20.77 12.34 31.02
C ASN B 280 -21.90 11.56 30.33
N GLU B 281 -22.65 10.77 31.10
CA GLU B 281 -23.78 10.03 30.55
C GLU B 281 -24.85 10.93 29.97
N ASN B 282 -24.92 12.19 30.42
CA ASN B 282 -26.03 13.08 30.06
C ASN B 282 -25.74 13.90 28.81
N GLY B 283 -24.53 13.78 28.26
CA GLY B 283 -24.15 14.65 27.17
C GLY B 283 -23.73 16.04 27.61
N THR B 284 -23.40 16.20 28.89
CA THR B 284 -22.99 17.48 29.46
C THR B 284 -21.47 17.52 29.56
N ILE B 285 -20.90 18.67 29.24
CA ILE B 285 -19.46 18.88 29.36
C ILE B 285 -19.16 19.19 30.83
N THR B 286 -18.80 18.16 31.59
CA THR B 286 -18.50 18.33 33.01
C THR B 286 -17.05 18.68 33.29
N ASP B 287 -16.18 18.62 32.29
CA ASP B 287 -14.77 18.92 32.48
C ASP B 287 -14.17 19.26 31.13
N ALA B 288 -13.05 19.98 31.16
CA ALA B 288 -12.34 20.33 29.94
C ALA B 288 -10.86 20.51 30.25
N VAL B 289 -10.04 20.31 29.21
CA VAL B 289 -8.60 20.47 29.30
C VAL B 289 -8.15 21.33 28.12
N ASP B 290 -7.39 22.38 28.41
CA ASP B 290 -6.83 23.26 27.38
C ASP B 290 -5.46 22.72 26.99
N CYS B 291 -5.34 22.21 25.77
CA CYS B 291 -4.10 21.57 25.37
C CYS B 291 -3.09 22.57 24.84
N ALA B 292 -2.91 23.69 25.56
CA ALA B 292 -1.79 24.58 25.32
C ALA B 292 -1.25 25.20 26.60
N LEU B 293 -1.86 24.93 27.75
CA LEU B 293 -1.54 25.65 28.98
C LEU B 293 -0.21 25.22 29.58
N ASP B 294 0.04 23.92 29.63
CA ASP B 294 1.23 23.39 30.30
C ASP B 294 1.51 22.00 29.74
N PRO B 295 2.73 21.48 29.93
CA PRO B 295 3.06 20.18 29.35
C PRO B 295 2.15 19.05 29.80
N LEU B 296 1.66 19.07 31.04
CA LEU B 296 0.78 18.00 31.50
C LEU B 296 -0.53 17.98 30.71
N SER B 297 -1.12 19.16 30.46
CA SER B 297 -2.34 19.21 29.66
C SER B 297 -2.07 18.80 28.22
N GLU B 298 -0.90 19.15 27.69
CA GLU B 298 -0.53 18.70 26.36
C GLU B 298 -0.43 17.18 26.29
N THR B 299 0.16 16.56 27.31
CA THR B 299 0.22 15.11 27.36
C THR B 299 -1.17 14.49 27.47
N LYS B 300 -2.04 15.09 28.27
CA LYS B 300 -3.38 14.56 28.47
C LYS B 300 -4.23 14.62 27.21
N CYS B 301 -3.82 15.40 26.19
CA CYS B 301 -4.59 15.52 24.97
C CYS B 301 -4.08 14.63 23.84
N THR B 302 -2.84 14.16 23.92
CA THR B 302 -2.35 13.19 22.94
C THR B 302 -2.89 11.79 23.22
N LEU B 303 -3.09 11.45 24.49
CA LEU B 303 -3.67 10.16 24.87
C LEU B 303 -5.19 10.22 25.01
N LYS B 304 -5.78 11.40 24.88
CA LYS B 304 -7.25 11.57 24.96
C LYS B 304 -7.80 11.04 26.28
N SER B 305 -7.20 11.48 27.38
CA SER B 305 -7.64 11.07 28.71
C SER B 305 -7.26 12.14 29.72
N PHE B 306 -8.00 12.16 30.83
CA PHE B 306 -7.71 13.08 31.92
C PHE B 306 -6.75 12.50 32.96
N THR B 307 -6.41 11.22 32.85
CA THR B 307 -5.43 10.60 33.74
C THR B 307 -4.34 9.97 32.90
N VAL B 308 -3.10 10.39 33.13
CA VAL B 308 -1.95 9.90 32.38
C VAL B 308 -1.15 8.99 33.30
N GLU B 309 -0.80 7.80 32.79
CA GLU B 309 0.01 6.88 33.57
C GLU B 309 1.45 7.38 33.63
N LYS B 310 2.19 6.83 34.59
CA LYS B 310 3.60 7.19 34.76
C LYS B 310 4.40 6.78 33.53
N GLY B 311 5.23 7.67 33.04
CA GLY B 311 6.07 7.40 31.89
C GLY B 311 6.47 8.66 31.17
N ILE B 312 7.10 8.47 30.02
CA ILE B 312 7.57 9.56 29.17
C ILE B 312 6.81 9.48 27.85
N TYR B 313 6.16 10.57 27.48
CA TYR B 313 5.30 10.62 26.31
C TYR B 313 5.79 11.70 25.35
N GLN B 314 5.79 11.38 24.05
CA GLN B 314 6.16 12.34 23.02
C GLN B 314 4.93 13.17 22.67
N THR B 315 4.94 14.44 23.08
CA THR B 315 3.77 15.30 22.93
C THR B 315 3.80 16.09 21.62
N SER B 316 4.86 16.85 21.39
CA SER B 316 4.95 17.71 20.22
C SER B 316 6.41 17.79 19.79
N ASN B 317 6.74 18.76 18.94
CA ASN B 317 8.08 18.94 18.41
C ASN B 317 8.56 20.34 18.70
N PHE B 318 9.78 20.46 19.22
CA PHE B 318 10.38 21.76 19.49
C PHE B 318 10.88 22.38 18.19
N ARG B 319 10.89 23.72 18.18
CA ARG B 319 11.33 24.45 16.98
C ARG B 319 11.75 25.85 17.41
N VAL B 320 12.97 26.24 17.06
CA VAL B 320 13.45 27.59 17.36
C VAL B 320 12.78 28.57 16.42
N GLN B 321 12.15 29.60 16.98
CA GLN B 321 11.38 30.55 16.19
C GLN B 321 12.30 31.54 15.48
N PRO B 322 11.93 31.96 14.27
CA PRO B 322 12.72 32.99 13.57
C PRO B 322 12.76 34.30 14.34
N THR B 323 13.85 35.03 14.15
CA THR B 323 14.05 36.29 14.85
C THR B 323 13.56 37.49 14.04
N GLU B 324 14.07 37.66 12.82
CA GLU B 324 13.76 38.83 12.00
C GLU B 324 13.59 38.38 10.56
N SER B 325 13.59 39.34 9.64
CA SER B 325 13.38 39.08 8.22
C SER B 325 14.52 39.68 7.41
N ILE B 326 14.90 38.98 6.35
CA ILE B 326 15.96 39.40 5.43
C ILE B 326 15.39 39.38 4.02
N VAL B 327 15.52 40.50 3.30
CA VAL B 327 14.92 40.62 1.97
C VAL B 327 16.05 41.02 1.01
N ARG B 328 17.25 40.52 1.26
CA ARG B 328 18.41 40.86 0.43
C ARG B 328 18.12 40.64 -1.05
N PHE B 329 18.26 41.71 -1.83
CA PHE B 329 17.95 41.73 -3.26
C PHE B 329 19.12 42.37 -4.01
N PRO B 330 19.13 42.33 -5.35
CA PRO B 330 20.23 42.99 -6.08
C PRO B 330 20.27 44.48 -5.83
N ASN B 331 21.49 45.03 -5.90
CA ASN B 331 21.73 46.44 -5.58
C ASN B 331 21.17 47.39 -6.64
N ILE B 332 20.85 46.88 -7.84
CA ILE B 332 20.47 47.78 -8.93
C ILE B 332 19.16 48.49 -8.60
N THR B 333 19.01 49.69 -9.17
CA THR B 333 17.85 50.54 -8.91
C THR B 333 17.22 51.14 -10.16
N ASN B 334 17.92 51.15 -11.29
CA ASN B 334 17.38 51.79 -12.49
C ASN B 334 16.11 51.10 -12.95
N LEU B 335 15.13 51.90 -13.38
CA LEU B 335 13.82 51.39 -13.75
C LEU B 335 13.91 50.61 -15.06
N CYS B 336 12.81 49.95 -15.39
CA CYS B 336 12.71 49.08 -16.55
C CYS B 336 12.05 49.78 -17.73
N PRO B 337 12.49 49.48 -18.96
CA PRO B 337 11.88 50.06 -20.17
C PRO B 337 10.63 49.32 -20.64
N PHE B 338 9.68 49.13 -19.74
CA PHE B 338 8.41 48.53 -20.13
C PHE B 338 7.59 49.47 -21.01
N GLY B 339 7.71 50.78 -20.79
CA GLY B 339 6.97 51.72 -21.60
C GLY B 339 7.36 51.68 -23.07
N GLU B 340 8.67 51.55 -23.33
CA GLU B 340 9.12 51.45 -24.72
C GLU B 340 8.58 50.21 -25.40
N VAL B 341 8.55 49.08 -24.69
CA VAL B 341 8.09 47.83 -25.28
C VAL B 341 6.59 47.89 -25.54
N PHE B 342 5.81 48.32 -24.53
CA PHE B 342 4.36 48.29 -24.66
C PHE B 342 3.82 49.42 -25.53
N ASN B 343 4.48 50.57 -25.53
CA ASN B 343 4.01 51.75 -26.26
C ASN B 343 4.96 52.02 -27.42
N ALA B 344 4.60 51.53 -28.60
CA ALA B 344 5.37 51.75 -29.82
C ALA B 344 4.43 52.19 -30.94
N THR B 345 4.93 53.09 -31.80
CA THR B 345 4.11 53.57 -32.91
C THR B 345 3.80 52.44 -33.89
N ARG B 346 4.80 51.65 -34.25
CA ARG B 346 4.63 50.48 -35.10
C ARG B 346 5.14 49.27 -34.32
N PHE B 347 4.24 48.32 -34.05
CA PHE B 347 4.58 47.25 -33.12
C PHE B 347 5.41 46.15 -33.79
N ALA B 348 4.79 45.40 -34.71
CA ALA B 348 5.43 44.27 -35.38
C ALA B 348 4.49 43.59 -36.35
N SER B 349 5.02 42.60 -37.08
CA SER B 349 4.22 41.65 -37.83
C SER B 349 4.35 40.28 -37.19
N VAL B 350 3.25 39.52 -37.18
CA VAL B 350 3.26 38.22 -36.50
C VAL B 350 4.22 37.25 -37.17
N TYR B 351 4.40 37.36 -38.49
CA TYR B 351 5.32 36.48 -39.19
C TYR B 351 6.77 36.74 -38.78
N ALA B 352 7.08 37.97 -38.40
CA ALA B 352 8.42 38.40 -38.00
C ALA B 352 8.38 39.10 -36.66
N TRP B 353 7.73 38.46 -35.68
CA TRP B 353 7.52 39.08 -34.37
C TRP B 353 8.84 39.49 -33.74
N ASN B 354 8.86 40.70 -33.20
CA ASN B 354 10.07 41.22 -32.56
C ASN B 354 10.25 40.59 -31.19
N ARG B 355 11.51 40.52 -30.75
CA ARG B 355 11.86 40.02 -29.44
C ARG B 355 12.81 41.01 -28.77
N LYS B 356 12.47 41.44 -27.56
CA LYS B 356 13.24 42.42 -26.82
C LYS B 356 13.76 41.81 -25.53
N ARG B 357 15.06 41.99 -25.27
CA ARG B 357 15.70 41.44 -24.09
C ARG B 357 15.63 42.47 -22.97
N ILE B 358 14.79 42.20 -21.98
CA ILE B 358 14.74 43.01 -20.76
C ILE B 358 15.71 42.40 -19.76
N SER B 359 16.70 43.18 -19.36
CA SER B 359 17.74 42.71 -18.46
C SER B 359 18.34 43.90 -17.73
N ASN B 360 18.90 43.63 -16.55
CA ASN B 360 19.55 44.64 -15.72
C ASN B 360 18.60 45.80 -15.43
N CYS B 361 17.37 45.46 -15.08
CA CYS B 361 16.33 46.45 -14.80
C CYS B 361 15.60 46.06 -13.53
N VAL B 362 14.94 47.04 -12.92
CA VAL B 362 14.05 46.83 -11.79
C VAL B 362 12.64 46.82 -12.35
N ALA B 363 12.12 45.63 -12.64
CA ALA B 363 10.80 45.51 -13.23
C ALA B 363 9.72 45.83 -12.21
N ASP B 364 8.56 46.25 -12.74
CA ASP B 364 7.41 46.57 -11.89
C ASP B 364 6.16 46.14 -12.65
N TYR B 365 5.69 44.93 -12.36
CA TYR B 365 4.52 44.36 -13.01
C TYR B 365 3.22 44.79 -12.34
N SER B 366 3.28 45.40 -11.16
CA SER B 366 2.06 45.85 -10.51
C SER B 366 1.38 46.96 -11.30
N VAL B 367 2.16 47.90 -11.87
CA VAL B 367 1.59 48.97 -12.67
C VAL B 367 1.15 48.50 -14.04
N LEU B 368 1.36 47.23 -14.38
CA LEU B 368 0.85 46.65 -15.62
C LEU B 368 -0.36 45.76 -15.41
N TYR B 369 -0.56 45.20 -14.23
CA TYR B 369 -1.69 44.33 -13.94
C TYR B 369 -2.84 45.07 -13.27
N ASN B 370 -2.55 46.03 -12.40
CA ASN B 370 -3.60 46.81 -11.77
C ASN B 370 -4.37 47.62 -12.79
N SER B 371 -3.67 48.18 -13.78
CA SER B 371 -4.34 48.91 -14.85
C SER B 371 -5.23 47.97 -15.66
N ALA B 372 -6.38 48.49 -16.08
CA ALA B 372 -7.39 47.72 -16.81
C ALA B 372 -7.41 48.04 -18.30
N SER B 373 -6.27 48.44 -18.85
CA SER B 373 -6.18 48.75 -20.28
C SER B 373 -6.00 47.50 -21.14
N PHE B 374 -5.82 46.33 -20.53
CA PHE B 374 -5.57 45.10 -21.25
C PHE B 374 -6.74 44.14 -21.07
N SER B 375 -7.15 43.50 -22.16
CA SER B 375 -8.26 42.56 -22.14
C SER B 375 -7.83 41.13 -21.79
N THR B 376 -6.53 40.87 -21.69
CA THR B 376 -6.04 39.53 -21.38
C THR B 376 -4.73 39.65 -20.64
N PHE B 377 -4.62 38.98 -19.50
CA PHE B 377 -3.40 38.96 -18.69
C PHE B 377 -3.14 37.55 -18.19
N LYS B 378 -3.26 36.57 -19.09
CA LYS B 378 -3.11 35.16 -18.71
C LYS B 378 -1.69 34.88 -18.26
N CYS B 379 -1.53 34.39 -17.04
CA CYS B 379 -0.26 33.96 -16.50
C CYS B 379 -0.28 32.44 -16.32
N TYR B 380 0.84 31.79 -16.63
CA TYR B 380 0.88 30.33 -16.68
C TYR B 380 1.78 29.75 -15.60
N GLY B 381 3.05 30.12 -15.57
CA GLY B 381 3.95 29.61 -14.56
C GLY B 381 3.99 30.38 -13.27
N VAL B 382 3.33 31.53 -13.22
CA VAL B 382 3.34 32.42 -12.07
C VAL B 382 1.94 33.00 -11.90
N SER B 383 1.79 33.85 -10.89
CA SER B 383 0.55 34.61 -10.68
C SER B 383 0.84 36.09 -10.80
N PRO B 384 -0.09 36.87 -11.36
CA PRO B 384 0.18 38.31 -11.53
C PRO B 384 0.46 39.04 -10.24
N THR B 385 -0.17 38.62 -9.13
CA THR B 385 0.07 39.29 -7.85
C THR B 385 1.49 39.04 -7.36
N LYS B 386 1.99 37.82 -7.52
CA LYS B 386 3.30 37.45 -6.99
C LYS B 386 4.46 37.86 -7.88
N LEU B 387 4.19 38.43 -9.06
CA LEU B 387 5.27 38.89 -9.93
C LEU B 387 6.05 40.05 -9.33
N ASN B 388 5.49 40.73 -8.34
CA ASN B 388 6.14 41.89 -7.75
C ASN B 388 7.23 41.51 -6.74
N ASP B 389 7.38 40.23 -6.42
CA ASP B 389 8.36 39.79 -5.44
C ASP B 389 9.36 38.77 -5.96
N LEU B 390 9.23 38.35 -7.22
CA LEU B 390 10.12 37.35 -7.78
C LEU B 390 11.28 38.00 -8.51
N CYS B 391 12.26 37.18 -8.87
CA CYS B 391 13.44 37.60 -9.61
C CYS B 391 13.68 36.67 -10.78
N PHE B 392 13.94 37.24 -11.95
CA PHE B 392 14.15 36.48 -13.17
C PHE B 392 15.50 36.84 -13.77
N THR B 393 16.17 35.82 -14.33
CA THR B 393 17.51 36.05 -14.88
C THR B 393 17.46 36.96 -16.10
N ASN B 394 16.46 36.78 -16.96
CA ASN B 394 16.31 37.61 -18.15
C ASN B 394 14.87 37.48 -18.63
N VAL B 395 14.30 38.60 -19.06
CA VAL B 395 12.92 38.63 -19.54
C VAL B 395 12.95 38.84 -21.05
N TYR B 396 11.99 38.23 -21.74
CA TYR B 396 11.89 38.38 -23.19
C TYR B 396 10.49 38.86 -23.54
N ALA B 397 10.40 40.04 -24.16
CA ALA B 397 9.13 40.63 -24.54
C ALA B 397 8.96 40.47 -26.04
N ASP B 398 8.00 39.64 -26.44
CA ASP B 398 7.70 39.40 -27.86
C ASP B 398 6.40 40.11 -28.18
N SER B 399 6.49 41.21 -28.93
CA SER B 399 5.35 42.05 -29.24
C SER B 399 4.99 41.88 -30.71
N PHE B 400 3.70 41.70 -30.98
CA PHE B 400 3.23 41.60 -32.37
C PHE B 400 1.73 41.84 -32.42
N VAL B 401 1.23 42.07 -33.62
CA VAL B 401 -0.16 42.42 -33.86
C VAL B 401 -0.84 41.26 -34.57
N ILE B 402 -1.98 40.83 -34.04
CA ILE B 402 -2.78 39.76 -34.61
C ILE B 402 -4.23 40.22 -34.69
N ARG B 403 -5.10 39.31 -35.13
CA ARG B 403 -6.52 39.61 -35.22
C ARG B 403 -7.16 39.48 -33.83
N GLY B 404 -8.49 39.51 -33.78
CA GLY B 404 -9.21 39.42 -32.52
C GLY B 404 -9.48 38.00 -32.09
N ASP B 405 -9.96 37.16 -33.01
CA ASP B 405 -10.21 35.76 -32.72
C ASP B 405 -8.95 34.90 -32.77
N GLU B 406 -7.78 35.53 -32.83
CA GLU B 406 -6.52 34.82 -32.86
C GLU B 406 -5.70 35.00 -31.59
N VAL B 407 -6.19 35.81 -30.64
CA VAL B 407 -5.49 35.98 -29.38
C VAL B 407 -5.50 34.67 -28.58
N ARG B 408 -6.60 33.92 -28.66
CA ARG B 408 -6.68 32.64 -27.97
C ARG B 408 -5.68 31.64 -28.50
N GLN B 409 -5.12 31.86 -29.70
CA GLN B 409 -4.09 30.98 -30.23
C GLN B 409 -2.74 31.18 -29.53
N ILE B 410 -2.54 32.31 -28.87
CA ILE B 410 -1.28 32.55 -28.17
C ILE B 410 -1.38 31.93 -26.78
N ALA B 411 -1.06 30.63 -26.69
CA ALA B 411 -1.13 29.87 -25.46
C ALA B 411 -0.49 28.51 -25.67
N PRO B 412 0.06 27.88 -24.64
CA PRO B 412 0.70 26.57 -24.82
C PRO B 412 -0.32 25.51 -25.24
N GLY B 413 -0.01 24.81 -26.32
CA GLY B 413 -0.83 23.72 -26.80
C GLY B 413 -1.96 24.11 -27.73
N GLN B 414 -2.21 25.40 -27.92
CA GLN B 414 -3.29 25.84 -28.79
C GLN B 414 -2.93 25.63 -30.25
N THR B 415 -3.97 25.55 -31.08
CA THR B 415 -3.81 25.36 -32.52
C THR B 415 -4.58 26.43 -33.26
N GLY B 416 -4.11 26.73 -34.46
CA GLY B 416 -4.69 27.76 -35.31
C GLY B 416 -3.62 28.35 -36.20
N LYS B 417 -4.07 29.08 -37.23
CA LYS B 417 -3.14 29.59 -38.24
C LYS B 417 -2.12 30.54 -37.66
N ILE B 418 -2.38 31.11 -36.48
CA ILE B 418 -1.41 31.98 -35.82
C ILE B 418 -0.36 31.16 -35.10
N ALA B 419 -0.76 30.09 -34.41
CA ALA B 419 0.10 29.37 -33.48
C ALA B 419 0.85 28.20 -34.10
N ASP B 420 0.60 27.88 -35.36
CA ASP B 420 1.29 26.75 -35.99
C ASP B 420 2.21 27.15 -37.14
N TYR B 421 2.10 28.37 -37.66
CA TYR B 421 2.99 28.82 -38.72
C TYR B 421 3.73 30.11 -38.41
N ASN B 422 3.30 30.87 -37.40
CA ASN B 422 3.88 32.18 -37.13
C ASN B 422 4.54 32.26 -35.76
N TYR B 423 3.85 31.81 -34.70
CA TYR B 423 4.35 31.99 -33.34
C TYR B 423 3.88 30.80 -32.51
N LYS B 424 4.76 29.84 -32.28
CA LYS B 424 4.46 28.67 -31.47
C LYS B 424 4.93 28.90 -30.04
N LEU B 425 4.03 28.68 -29.09
CA LEU B 425 4.36 28.81 -27.67
C LEU B 425 4.72 27.45 -27.10
N PRO B 426 5.81 27.34 -26.33
CA PRO B 426 6.19 26.04 -25.78
C PRO B 426 5.17 25.55 -24.75
N ASP B 427 5.09 24.22 -24.64
CA ASP B 427 4.14 23.62 -23.71
C ASP B 427 4.45 23.99 -22.27
N ASP B 428 5.73 23.97 -21.90
CA ASP B 428 6.15 24.33 -20.55
C ASP B 428 6.49 25.82 -20.45
N PHE B 429 5.55 26.66 -20.87
CA PHE B 429 5.76 28.10 -20.88
C PHE B 429 5.47 28.70 -19.51
N THR B 430 6.40 29.51 -19.02
CA THR B 430 6.24 30.24 -17.76
C THR B 430 6.37 31.73 -18.06
N GLY B 431 5.25 32.44 -17.96
CA GLY B 431 5.25 33.86 -18.26
C GLY B 431 3.83 34.38 -18.42
N CYS B 432 3.75 35.57 -18.99
CA CYS B 432 2.47 36.26 -19.19
C CYS B 432 2.18 36.43 -20.67
N VAL B 433 0.90 36.53 -21.00
CA VAL B 433 0.43 36.80 -22.36
C VAL B 433 -0.57 37.94 -22.27
N ILE B 434 -0.12 39.17 -22.51
CA ILE B 434 -0.97 40.35 -22.42
C ILE B 434 -1.45 40.71 -23.81
N ALA B 435 -2.69 41.20 -23.91
CA ALA B 435 -3.24 41.60 -25.19
C ALA B 435 -4.17 42.79 -24.99
N TRP B 436 -4.31 43.60 -26.03
CA TRP B 436 -5.22 44.74 -25.96
C TRP B 436 -5.65 45.14 -27.36
N ASN B 437 -6.92 45.51 -27.50
CA ASN B 437 -7.43 45.98 -28.77
C ASN B 437 -6.87 47.37 -29.08
N SER B 438 -6.39 47.54 -30.30
CA SER B 438 -5.73 48.79 -30.71
C SER B 438 -6.18 49.20 -32.10
N ASN B 439 -7.49 49.14 -32.35
CA ASN B 439 -8.01 49.56 -33.64
C ASN B 439 -7.85 51.06 -33.87
N ASN B 440 -7.62 51.83 -32.81
CA ASN B 440 -7.35 53.25 -32.94
C ASN B 440 -5.92 53.54 -33.37
N LEU B 441 -5.02 52.56 -33.30
CA LEU B 441 -3.62 52.76 -33.63
C LEU B 441 -3.14 51.88 -34.78
N ASP B 442 -3.85 50.80 -35.12
CA ASP B 442 -3.41 49.88 -36.16
C ASP B 442 -4.48 49.62 -37.19
N SER B 443 -5.52 50.47 -37.26
CA SER B 443 -6.61 50.30 -38.21
C SER B 443 -7.01 51.68 -38.72
N LYS B 444 -6.47 52.05 -39.88
CA LYS B 444 -6.84 53.30 -40.53
C LYS B 444 -8.01 53.03 -41.49
N VAL B 445 -8.35 54.02 -42.32
CA VAL B 445 -9.42 53.85 -43.28
C VAL B 445 -9.09 52.79 -44.31
N GLY B 446 -7.81 52.63 -44.65
CA GLY B 446 -7.41 51.66 -45.66
C GLY B 446 -7.14 50.26 -45.16
N GLY B 447 -7.18 50.04 -43.84
CA GLY B 447 -6.92 48.71 -43.33
C GLY B 447 -5.48 48.29 -43.51
N ASN B 448 -4.58 48.89 -42.73
CA ASN B 448 -3.13 48.83 -42.95
C ASN B 448 -2.67 47.46 -43.44
N TYR B 449 -1.96 47.46 -44.56
CA TYR B 449 -1.48 46.24 -45.19
C TYR B 449 -0.05 45.88 -44.80
N ASN B 450 0.58 46.67 -43.92
CA ASN B 450 1.92 46.37 -43.46
C ASN B 450 1.96 45.21 -42.46
N TYR B 451 0.81 44.82 -41.93
CA TYR B 451 0.73 43.70 -40.99
C TYR B 451 0.40 42.44 -41.77
N LEU B 452 1.33 41.49 -41.82
CA LEU B 452 1.18 40.28 -42.58
C LEU B 452 1.19 39.07 -41.66
N TYR B 453 0.93 37.90 -42.25
CA TYR B 453 0.90 36.66 -41.51
C TYR B 453 1.13 35.50 -42.48
N ARG B 454 1.82 34.47 -41.99
CA ARG B 454 2.12 33.31 -42.82
C ARG B 454 0.87 32.44 -42.93
N LEU B 455 0.31 32.35 -44.13
CA LEU B 455 -0.85 31.51 -44.38
C LEU B 455 -0.48 30.13 -44.90
N PHE B 456 0.71 29.98 -45.48
CA PHE B 456 1.13 28.73 -46.10
C PHE B 456 2.55 28.40 -45.66
N ARG B 457 2.77 27.14 -45.25
CA ARG B 457 4.08 26.67 -44.85
C ARG B 457 4.10 25.16 -44.99
N LYS B 458 5.31 24.62 -45.15
CA LYS B 458 5.50 23.19 -45.40
C LYS B 458 5.68 22.37 -44.13
N SER B 459 5.61 22.98 -42.96
CA SER B 459 5.79 22.26 -41.71
C SER B 459 5.13 23.05 -40.59
N ASN B 460 5.22 22.52 -39.37
CA ASN B 460 4.66 23.14 -38.19
C ASN B 460 5.79 23.77 -37.37
N LEU B 461 5.65 25.05 -37.04
CA LEU B 461 6.72 25.78 -36.40
C LEU B 461 7.03 25.22 -35.01
N LYS B 462 8.32 25.12 -34.70
CA LYS B 462 8.77 24.76 -33.37
C LYS B 462 8.60 25.94 -32.43
N PRO B 463 8.50 25.69 -31.12
CA PRO B 463 8.31 26.79 -30.18
C PRO B 463 9.42 27.82 -30.24
N PHE B 464 9.04 29.09 -30.16
CA PHE B 464 9.97 30.23 -30.14
C PHE B 464 10.89 30.23 -31.37
N GLU B 465 10.39 29.78 -32.51
CA GLU B 465 11.13 29.79 -33.75
C GLU B 465 10.48 30.79 -34.71
N ARG B 466 11.32 31.58 -35.38
CA ARG B 466 10.87 32.64 -36.26
C ARG B 466 11.18 32.29 -37.71
N ASP B 467 10.18 32.37 -38.58
CA ASP B 467 10.34 32.12 -40.00
C ASP B 467 10.14 33.42 -40.76
N ILE B 468 11.11 33.76 -41.62
CA ILE B 468 11.11 35.04 -42.29
C ILE B 468 11.30 34.86 -43.80
N SER B 469 11.52 33.62 -44.22
CA SER B 469 11.71 33.34 -45.63
C SER B 469 10.45 33.65 -46.44
N THR B 470 10.64 34.02 -47.69
CA THR B 470 9.54 34.42 -48.57
C THR B 470 9.48 33.55 -49.82
N GLU B 471 9.98 32.32 -49.75
CA GLU B 471 9.96 31.43 -50.90
C GLU B 471 8.53 30.98 -51.21
N ILE B 472 8.28 30.76 -52.50
CA ILE B 472 6.94 30.39 -52.94
C ILE B 472 6.64 28.95 -52.57
N TYR B 473 5.44 28.73 -52.03
CA TYR B 473 5.01 27.38 -51.67
C TYR B 473 4.80 26.53 -52.91
N GLN B 474 5.39 25.34 -52.92
CA GLN B 474 5.13 24.34 -53.95
C GLN B 474 4.01 23.46 -53.44
N ALA B 475 2.77 23.91 -53.66
CA ALA B 475 1.61 23.20 -53.11
C ALA B 475 1.35 21.91 -53.88
N GLY B 476 1.08 22.02 -55.18
CA GLY B 476 0.80 20.87 -56.00
C GLY B 476 2.05 20.26 -56.60
N SER B 477 1.83 19.35 -57.55
CA SER B 477 2.94 18.70 -58.24
C SER B 477 3.69 19.65 -59.17
N THR B 478 3.15 20.84 -59.42
CA THR B 478 3.85 21.82 -60.26
C THR B 478 5.15 22.23 -59.57
N PRO B 479 6.23 22.44 -60.34
CA PRO B 479 7.52 22.74 -59.71
C PRO B 479 7.51 23.98 -58.83
N CYS B 480 6.77 25.01 -59.22
CA CYS B 480 6.67 26.28 -58.48
C CYS B 480 8.01 26.97 -58.31
N ASN B 481 9.03 26.58 -59.08
CA ASN B 481 10.37 27.18 -58.98
C ASN B 481 10.36 28.49 -59.75
N GLY B 482 10.02 29.56 -59.06
CA GLY B 482 9.88 30.87 -59.69
C GLY B 482 8.43 31.19 -60.01
N VAL B 483 8.11 32.49 -59.92
CA VAL B 483 6.78 33.06 -60.17
C VAL B 483 5.70 32.33 -59.36
N GLU B 484 4.44 32.68 -59.56
CA GLU B 484 3.32 32.07 -58.85
C GLU B 484 2.21 31.76 -59.85
N GLY B 485 1.06 31.40 -59.33
CA GLY B 485 -0.08 31.07 -60.17
C GLY B 485 -0.47 29.61 -60.04
N PHE B 486 -1.76 29.34 -60.24
CA PHE B 486 -2.34 28.01 -60.15
C PHE B 486 -2.11 27.39 -58.77
N ASN B 487 -1.09 26.54 -58.65
CA ASN B 487 -0.78 25.85 -57.40
C ASN B 487 0.48 26.41 -56.73
N CYS B 488 0.83 27.65 -57.05
CA CYS B 488 1.96 28.33 -56.43
C CYS B 488 1.44 29.59 -55.75
N TYR B 489 1.47 29.60 -54.42
CA TYR B 489 0.92 30.69 -53.63
C TYR B 489 2.02 31.42 -52.89
N PHE B 490 1.91 32.73 -52.80
CA PHE B 490 2.82 33.51 -51.98
C PHE B 490 2.58 33.18 -50.51
N PRO B 491 3.62 32.83 -49.74
CA PRO B 491 3.38 32.31 -48.38
C PRO B 491 2.67 33.28 -47.46
N LEU B 492 2.92 34.58 -47.59
CA LEU B 492 2.37 35.56 -46.66
C LEU B 492 1.08 36.17 -47.20
N GLN B 493 0.24 36.62 -46.28
CA GLN B 493 -1.03 37.27 -46.58
C GLN B 493 -1.19 38.50 -45.70
N SER B 494 -1.95 39.47 -46.19
CA SER B 494 -2.11 40.75 -45.53
C SER B 494 -3.32 40.73 -44.59
N TYR B 495 -3.45 41.80 -43.82
CA TYR B 495 -4.53 41.96 -42.85
C TYR B 495 -5.42 43.12 -43.27
N GLY B 496 -6.71 42.84 -43.45
CA GLY B 496 -7.69 43.86 -43.77
C GLY B 496 -8.35 44.47 -42.55
N PHE B 497 -7.60 45.28 -41.80
CA PHE B 497 -8.09 45.87 -40.55
C PHE B 497 -8.92 47.12 -40.87
N GLN B 498 -10.10 46.89 -41.42
CA GLN B 498 -11.02 47.98 -41.71
C GLN B 498 -11.56 48.58 -40.42
N PRO B 499 -11.80 49.90 -40.39
CA PRO B 499 -12.39 50.50 -39.18
C PRO B 499 -13.76 49.95 -38.83
N THR B 500 -14.56 49.59 -39.83
CA THR B 500 -15.89 49.04 -39.59
C THR B 500 -15.86 47.55 -39.29
N ASN B 501 -14.71 46.90 -39.38
CA ASN B 501 -14.62 45.48 -39.08
C ASN B 501 -14.95 45.24 -37.61
N GLY B 502 -15.58 44.11 -37.33
CA GLY B 502 -16.00 43.79 -35.98
C GLY B 502 -14.85 43.54 -35.05
N VAL B 503 -15.18 43.37 -33.77
CA VAL B 503 -14.16 43.12 -32.76
C VAL B 503 -13.44 41.82 -33.02
N GLY B 504 -14.10 40.87 -33.69
CA GLY B 504 -13.45 39.62 -34.01
C GLY B 504 -12.31 39.77 -35.00
N TYR B 505 -12.48 40.65 -35.99
CA TYR B 505 -11.47 40.89 -37.01
C TYR B 505 -10.68 42.16 -36.75
N GLN B 506 -10.90 42.82 -35.61
CA GLN B 506 -10.19 44.05 -35.30
C GLN B 506 -8.74 43.76 -34.90
N PRO B 507 -7.83 44.70 -35.16
CA PRO B 507 -6.43 44.49 -34.76
C PRO B 507 -6.28 44.42 -33.24
N TYR B 508 -5.27 43.66 -32.81
CA TYR B 508 -5.01 43.41 -31.40
C TYR B 508 -3.51 43.34 -31.20
N ARG B 509 -2.99 44.21 -30.35
CA ARG B 509 -1.57 44.20 -30.01
C ARG B 509 -1.35 43.28 -28.82
N VAL B 510 -0.48 42.28 -28.99
CA VAL B 510 -0.19 41.31 -27.94
C VAL B 510 1.29 41.34 -27.63
N VAL B 511 1.60 41.11 -26.35
CA VAL B 511 2.97 41.04 -25.85
C VAL B 511 3.08 39.78 -24.99
N VAL B 512 3.98 38.89 -25.36
CA VAL B 512 4.28 37.70 -24.59
C VAL B 512 5.52 37.98 -23.76
N LEU B 513 5.38 37.96 -22.44
CA LEU B 513 6.47 38.23 -21.51
C LEU B 513 6.95 36.88 -20.98
N SER B 514 8.02 36.36 -21.57
CA SER B 514 8.60 35.09 -21.17
C SER B 514 9.65 35.34 -20.09
N PHE B 515 9.52 34.61 -18.98
CA PHE B 515 10.42 34.76 -17.85
C PHE B 515 11.46 33.63 -17.87
N GLU B 516 12.29 33.61 -16.84
CA GLU B 516 13.24 32.51 -16.63
C GLU B 516 13.31 32.27 -15.14
N LEU B 517 12.94 31.06 -14.71
CA LEU B 517 12.84 30.72 -13.31
C LEU B 517 14.21 30.43 -12.72
N LEU B 518 14.25 29.81 -11.53
CA LEU B 518 15.47 29.58 -10.78
C LEU B 518 16.61 29.10 -11.67
N HIS B 519 17.68 29.89 -11.72
CA HIS B 519 18.73 29.76 -12.73
C HIS B 519 19.94 30.54 -12.22
N ALA B 520 20.86 30.85 -13.14
CA ALA B 520 22.04 31.68 -12.89
C ALA B 520 21.67 32.99 -12.22
N PRO B 521 22.64 33.74 -11.66
CA PRO B 521 22.29 34.99 -10.98
C PRO B 521 21.45 35.92 -11.85
N ALA B 522 20.41 36.47 -11.24
CA ALA B 522 19.39 37.22 -11.96
C ALA B 522 19.71 38.71 -11.99
N THR B 523 19.11 39.40 -12.96
CA THR B 523 19.26 40.84 -13.12
C THR B 523 17.92 41.58 -13.09
N VAL B 524 16.87 40.98 -13.64
CA VAL B 524 15.54 41.58 -13.60
C VAL B 524 14.88 41.18 -12.29
N CYS B 525 14.64 42.16 -11.42
CA CYS B 525 14.06 41.91 -10.11
C CYS B 525 13.00 42.94 -9.80
N GLY B 526 12.04 42.56 -8.97
CA GLY B 526 10.99 43.45 -8.54
C GLY B 526 11.48 44.47 -7.54
N PRO B 527 10.65 45.48 -7.27
CA PRO B 527 11.03 46.54 -6.31
C PRO B 527 10.86 46.13 -4.86
N LYS B 528 11.86 45.43 -4.34
CA LYS B 528 11.88 45.00 -2.95
C LYS B 528 13.07 45.62 -2.24
N LYS B 529 12.96 45.72 -0.91
CA LYS B 529 13.99 46.37 -0.12
C LYS B 529 15.24 45.48 -0.05
N SER B 530 16.23 45.96 0.69
CA SER B 530 17.55 45.31 0.80
C SER B 530 17.98 45.26 2.26
N THR B 531 17.10 44.75 3.12
CA THR B 531 17.38 44.65 4.55
C THR B 531 18.74 43.99 4.79
N ASN B 532 19.46 44.51 5.77
CA ASN B 532 20.83 44.09 6.03
C ASN B 532 20.91 42.61 6.39
N LEU B 533 22.13 42.08 6.36
CA LEU B 533 22.39 40.67 6.60
C LEU B 533 22.81 40.45 8.04
N VAL B 534 22.19 39.47 8.69
CA VAL B 534 22.54 39.07 10.05
C VAL B 534 22.97 37.61 10.03
N LYS B 535 24.10 37.33 10.66
CA LYS B 535 24.71 36.01 10.64
C LYS B 535 24.68 35.38 12.02
N ASN B 536 24.83 34.05 12.05
CA ASN B 536 24.86 33.27 13.28
C ASN B 536 23.61 33.51 14.13
N LYS B 537 22.45 33.53 13.47
CA LYS B 537 21.18 33.76 14.14
C LYS B 537 20.06 33.20 13.27
N CYS B 538 19.13 32.47 13.89
CA CYS B 538 18.00 31.91 13.18
C CYS B 538 17.10 33.03 12.68
N VAL B 539 17.02 33.20 11.35
CA VAL B 539 16.31 34.32 10.75
C VAL B 539 15.68 33.85 9.45
N ASN B 540 14.58 34.51 9.06
CA ASN B 540 14.00 34.33 7.75
C ASN B 540 14.82 35.09 6.70
N PHE B 541 14.99 34.47 5.53
CA PHE B 541 15.73 35.08 4.44
C PHE B 541 14.94 34.94 3.14
N ASN B 542 15.16 35.91 2.25
CA ASN B 542 14.45 36.04 0.97
C ASN B 542 15.44 36.33 -0.14
N PHE B 543 16.48 35.50 -0.24
CA PHE B 543 17.61 35.77 -1.13
C PHE B 543 17.15 35.66 -2.58
N ASN B 544 17.00 36.81 -3.24
CA ASN B 544 16.69 36.89 -4.66
C ASN B 544 15.43 36.10 -5.01
N GLY B 545 14.42 36.18 -4.15
CA GLY B 545 13.18 35.47 -4.33
C GLY B 545 13.14 34.09 -3.70
N LEU B 546 14.29 33.52 -3.35
CA LEU B 546 14.35 32.23 -2.67
C LEU B 546 14.14 32.44 -1.19
N THR B 547 12.98 32.02 -0.68
CA THR B 547 12.62 32.22 0.71
C THR B 547 12.97 31.00 1.55
N GLY B 548 13.25 31.24 2.82
CA GLY B 548 13.56 30.15 3.73
C GLY B 548 13.81 30.68 5.13
N THR B 549 14.12 29.77 6.03
CA THR B 549 14.42 30.10 7.42
C THR B 549 15.66 29.33 7.84
N GLY B 550 16.59 30.01 8.51
CA GLY B 550 17.76 29.31 9.00
C GLY B 550 18.84 30.27 9.46
N VAL B 551 20.03 29.71 9.65
CA VAL B 551 21.19 30.43 10.16
C VAL B 551 22.18 30.58 9.01
N LEU B 552 22.47 31.83 8.65
CA LEU B 552 23.37 32.13 7.55
C LEU B 552 24.78 32.34 8.10
N THR B 553 25.58 31.28 8.06
CA THR B 553 26.98 31.38 8.46
C THR B 553 27.82 31.75 7.24
N GLU B 554 29.14 31.68 7.38
CA GLU B 554 30.06 31.93 6.28
C GLU B 554 30.66 30.62 5.80
N SER B 555 30.72 30.44 4.49
CA SER B 555 31.08 29.16 3.88
C SER B 555 32.50 29.20 3.35
N ASN B 556 33.10 28.01 3.26
CA ASN B 556 34.34 27.80 2.51
C ASN B 556 34.07 27.33 1.09
N LYS B 557 32.81 27.28 0.68
CA LYS B 557 32.45 26.82 -0.66
C LYS B 557 32.99 27.78 -1.71
N LYS B 558 33.38 27.21 -2.85
CA LYS B 558 33.95 27.97 -3.96
C LYS B 558 32.96 27.90 -5.13
N PHE B 559 32.05 28.85 -5.17
CA PHE B 559 31.08 28.92 -6.26
C PHE B 559 31.76 29.37 -7.54
N LEU B 560 31.45 28.69 -8.65
CA LEU B 560 31.87 29.15 -9.95
C LEU B 560 31.04 30.37 -10.35
N PRO B 561 31.55 31.20 -11.26
CA PRO B 561 30.86 32.47 -11.55
C PRO B 561 29.42 32.32 -12.01
N PHE B 562 29.07 31.21 -12.65
CA PHE B 562 27.71 31.01 -13.16
C PHE B 562 26.78 30.37 -12.15
N GLN B 563 27.25 30.08 -10.94
CA GLN B 563 26.44 29.42 -9.92
C GLN B 563 26.04 30.44 -8.86
N GLN B 564 24.75 30.46 -8.54
CA GLN B 564 24.20 31.36 -7.53
C GLN B 564 23.82 30.66 -6.23
N PHE B 565 23.22 29.47 -6.32
CA PHE B 565 22.81 28.74 -5.13
C PHE B 565 23.17 27.26 -5.29
N GLY B 566 23.34 26.59 -4.16
CA GLY B 566 23.66 25.18 -4.15
C GLY B 566 22.60 24.35 -3.46
N ARG B 567 22.57 23.05 -3.75
CA ARG B 567 21.53 22.18 -3.21
C ARG B 567 22.17 20.88 -2.74
N ASP B 568 21.45 20.20 -1.83
CA ASP B 568 21.85 18.90 -1.32
C ASP B 568 20.96 17.81 -1.93
N ILE B 569 21.10 16.59 -1.43
CA ILE B 569 20.36 15.46 -1.97
C ILE B 569 18.86 15.61 -1.81
N ALA B 570 18.42 16.40 -0.82
CA ALA B 570 17.01 16.64 -0.60
C ALA B 570 16.47 17.84 -1.36
N ASP B 571 17.27 18.44 -2.24
CA ASP B 571 16.89 19.61 -3.02
C ASP B 571 16.48 20.78 -2.13
N THR B 572 17.16 20.93 -1.00
CA THR B 572 17.03 22.07 -0.13
C THR B 572 18.29 22.92 -0.25
N THR B 573 18.12 24.23 -0.43
CA THR B 573 19.26 25.11 -0.67
C THR B 573 20.19 25.12 0.53
N ASP B 574 21.38 24.53 0.37
CA ASP B 574 22.37 24.46 1.44
C ASP B 574 23.28 25.68 1.47
N ALA B 575 23.31 26.48 0.42
CA ALA B 575 24.16 27.66 0.37
C ALA B 575 23.64 28.60 -0.70
N VAL B 576 23.78 29.90 -0.47
CA VAL B 576 23.33 30.92 -1.41
C VAL B 576 24.44 31.97 -1.53
N ARG B 577 24.40 32.69 -2.65
CA ARG B 577 25.34 33.77 -2.90
C ARG B 577 24.64 35.10 -2.70
N ASP B 578 25.23 35.96 -1.88
CA ASP B 578 24.62 37.24 -1.57
C ASP B 578 24.53 38.09 -2.84
N PRO B 579 23.36 38.63 -3.18
CA PRO B 579 23.23 39.36 -4.45
C PRO B 579 24.09 40.61 -4.55
N GLN B 580 24.57 41.16 -3.44
CA GLN B 580 25.30 42.42 -3.45
C GLN B 580 26.78 42.26 -3.16
N THR B 581 27.14 41.67 -2.02
CA THR B 581 28.55 41.49 -1.69
C THR B 581 29.16 40.26 -2.34
N LEU B 582 28.34 39.39 -2.94
CA LEU B 582 28.81 38.22 -3.70
C LEU B 582 29.66 37.30 -2.83
N GLU B 583 29.19 37.05 -1.61
CA GLU B 583 29.83 36.11 -0.70
C GLU B 583 28.93 34.91 -0.50
N ILE B 584 29.54 33.76 -0.24
CA ILE B 584 28.82 32.50 -0.13
C ILE B 584 28.44 32.28 1.33
N LEU B 585 27.13 32.16 1.58
CA LEU B 585 26.60 31.97 2.92
C LEU B 585 26.04 30.56 3.05
N ASP B 586 26.36 29.90 4.16
CA ASP B 586 25.91 28.53 4.40
C ASP B 586 24.60 28.57 5.19
N ILE B 587 23.56 27.95 4.63
CA ILE B 587 22.23 27.95 5.23
C ILE B 587 22.03 26.66 6.00
N THR B 588 21.61 26.78 7.25
CA THR B 588 21.30 25.64 8.09
C THR B 588 20.07 25.98 8.94
N PRO B 589 18.96 25.25 8.76
CA PRO B 589 17.73 25.60 9.48
C PRO B 589 17.91 25.51 11.00
N CYS B 590 17.11 26.29 11.70
CA CYS B 590 17.25 26.45 13.14
C CYS B 590 17.03 25.13 13.85
N SER B 591 17.63 25.01 15.04
CA SER B 591 17.61 23.75 15.77
C SER B 591 16.18 23.36 16.14
N PHE B 592 15.94 22.05 16.14
CA PHE B 592 14.61 21.52 16.45
C PHE B 592 14.77 20.09 16.93
N GLY B 593 13.65 19.51 17.35
CA GLY B 593 13.63 18.14 17.84
C GLY B 593 12.27 17.73 18.34
N GLY B 594 12.24 16.80 19.30
CA GLY B 594 10.99 16.37 19.88
C GLY B 594 10.86 16.72 21.34
N VAL B 595 9.67 17.10 21.77
CA VAL B 595 9.42 17.47 23.16
C VAL B 595 8.74 16.28 23.85
N SER B 596 9.36 15.79 24.91
CA SER B 596 8.83 14.68 25.69
C SER B 596 8.48 15.15 27.08
N VAL B 597 7.41 14.58 27.64
CA VAL B 597 6.96 14.91 28.98
C VAL B 597 7.11 13.66 29.84
N ILE B 598 7.87 13.79 30.93
CA ILE B 598 8.05 12.73 31.92
C ILE B 598 7.14 13.02 33.09
N THR B 599 6.22 12.11 33.36
CA THR B 599 5.25 12.31 34.43
C THR B 599 5.22 11.08 35.34
N PRO B 600 5.06 11.27 36.64
CA PRO B 600 4.92 10.14 37.57
C PRO B 600 3.49 9.62 37.72
N GLY B 601 2.59 9.99 36.81
CA GLY B 601 1.19 9.60 36.93
C GLY B 601 0.35 10.70 37.53
N THR B 602 -0.85 10.91 36.98
CA THR B 602 -1.72 11.97 37.49
C THR B 602 -2.10 11.71 38.95
N ASN B 603 -2.38 10.45 39.29
CA ASN B 603 -2.76 10.12 40.67
C ASN B 603 -1.65 10.48 41.65
N THR B 604 -0.40 10.18 41.30
CA THR B 604 0.71 10.44 42.21
C THR B 604 0.95 11.94 42.37
N SER B 605 1.03 12.68 41.26
CA SER B 605 1.33 14.10 41.32
C SER B 605 0.96 14.74 39.99
N ASN B 606 0.89 16.07 39.99
CA ASN B 606 0.65 16.85 38.78
C ASN B 606 1.90 17.56 38.29
N GLN B 607 3.07 17.22 38.83
CA GLN B 607 4.33 17.84 38.47
C GLN B 607 5.01 16.99 37.40
N VAL B 608 5.49 17.64 36.33
CA VAL B 608 6.07 16.95 35.18
C VAL B 608 7.42 17.57 34.86
N ALA B 609 8.21 16.82 34.09
CA ALA B 609 9.49 17.30 33.57
C ALA B 609 9.43 17.27 32.05
N VAL B 610 10.27 18.10 31.41
CA VAL B 610 10.27 18.24 29.97
C VAL B 610 11.65 17.90 29.43
N LEU B 611 11.70 17.02 28.45
CA LEU B 611 12.95 16.62 27.79
C LEU B 611 12.89 17.10 26.35
N TYR B 612 13.74 18.08 26.03
CA TYR B 612 13.93 18.54 24.66
C TYR B 612 15.01 17.66 24.03
N GLN B 613 14.61 16.77 23.13
CA GLN B 613 15.51 15.78 22.58
C GLN B 613 16.42 16.42 21.52
N ASP B 614 17.72 16.09 21.59
CA ASP B 614 18.71 16.56 20.63
C ASP B 614 18.79 18.09 20.58
N VAL B 615 18.55 18.74 21.71
CA VAL B 615 18.57 20.19 21.81
C VAL B 615 19.50 20.59 22.95
N ASN B 616 20.41 21.53 22.67
CA ASN B 616 21.27 22.06 23.71
C ASN B 616 20.45 22.88 24.71
N CYS B 617 20.94 22.95 25.94
CA CYS B 617 20.20 23.61 27.02
C CYS B 617 20.22 25.13 26.90
N THR B 618 20.89 25.69 25.89
CA THR B 618 20.92 27.14 25.71
C THR B 618 19.93 27.64 24.67
N GLU B 619 19.40 26.76 23.82
CA GLU B 619 18.51 27.15 22.74
C GLU B 619 17.04 26.88 23.04
N VAL B 620 16.72 26.51 24.28
CA VAL B 620 15.33 26.21 24.66
C VAL B 620 14.55 27.50 24.87
N PRO B 621 15.06 28.53 25.57
CA PRO B 621 14.19 29.69 25.71
C PRO B 621 14.08 30.51 24.43
N SER B 640 13.33 25.03 38.07
CA SER B 640 14.34 25.09 37.01
C SER B 640 15.08 23.76 36.89
N ASN B 641 16.21 23.66 37.59
CA ASN B 641 17.03 22.45 37.58
C ASN B 641 17.40 22.02 36.16
N VAL B 642 17.76 23.01 35.33
CA VAL B 642 18.11 22.76 33.95
C VAL B 642 19.51 22.16 33.87
N PHE B 643 19.60 20.86 33.62
CA PHE B 643 20.87 20.17 33.45
C PHE B 643 20.80 19.32 32.19
N GLN B 644 21.95 19.19 31.52
CA GLN B 644 22.02 18.57 30.20
C GLN B 644 22.36 17.10 30.31
N THR B 645 21.58 16.25 29.64
CA THR B 645 21.82 14.83 29.54
C THR B 645 22.33 14.50 28.14
N ARG B 646 22.60 13.20 27.92
CA ARG B 646 23.02 12.76 26.60
C ARG B 646 21.85 12.63 25.63
N ALA B 647 20.62 12.52 26.13
CA ALA B 647 19.45 12.42 25.29
C ALA B 647 18.84 13.78 24.95
N GLY B 648 19.32 14.86 25.55
CA GLY B 648 18.80 16.17 25.31
C GLY B 648 18.88 17.01 26.56
N CYS B 649 18.06 18.07 26.59
CA CYS B 649 18.01 18.99 27.71
C CYS B 649 16.81 18.65 28.60
N LEU B 650 17.05 18.48 29.88
CA LEU B 650 16.01 18.11 30.84
C LEU B 650 15.70 19.30 31.75
N ILE B 651 14.43 19.66 31.85
CA ILE B 651 13.97 20.79 32.63
C ILE B 651 12.92 20.30 33.61
N GLY B 652 13.09 20.63 34.88
CA GLY B 652 12.13 20.28 35.90
C GLY B 652 12.46 19.05 36.72
N ALA B 653 13.64 18.45 36.53
CA ALA B 653 14.06 17.27 37.27
C ALA B 653 15.38 17.54 37.96
N GLU B 654 15.49 17.07 39.21
CA GLU B 654 16.68 17.29 40.03
C GLU B 654 17.64 16.13 39.86
N HIS B 655 18.86 16.42 39.43
CA HIS B 655 19.87 15.39 39.25
C HIS B 655 20.43 14.96 40.60
N VAL B 656 20.50 13.64 40.81
CA VAL B 656 21.04 13.07 42.03
C VAL B 656 22.24 12.21 41.67
N ASN B 657 23.12 12.00 42.67
CA ASN B 657 24.34 11.23 42.48
C ASN B 657 24.19 9.76 42.86
N ASN B 658 23.00 9.34 43.26
CA ASN B 658 22.76 7.96 43.65
C ASN B 658 22.42 7.14 42.40
N SER B 659 21.97 5.90 42.60
CA SER B 659 21.59 5.03 41.50
C SER B 659 20.47 4.11 41.97
N TYR B 660 19.40 4.05 41.18
CA TYR B 660 18.24 3.21 41.48
C TYR B 660 17.82 2.48 40.21
N GLU B 661 16.97 1.48 40.38
CA GLU B 661 16.40 0.79 39.24
C GLU B 661 15.51 1.74 38.45
N CYS B 662 15.51 1.57 37.13
CA CYS B 662 14.83 2.50 36.24
C CYS B 662 13.33 2.50 36.50
N ASP B 663 12.76 3.70 36.65
CA ASP B 663 11.32 3.87 36.76
C ASP B 663 10.73 4.37 35.44
N ILE B 664 11.24 5.50 34.94
CA ILE B 664 10.83 6.06 33.65
C ILE B 664 12.09 6.17 32.79
N PRO B 665 12.18 5.44 31.68
CA PRO B 665 13.41 5.50 30.87
C PRO B 665 13.53 6.78 30.06
N ILE B 666 14.42 7.68 30.50
CA ILE B 666 14.68 8.89 29.74
C ILE B 666 15.54 8.57 28.52
N GLY B 667 16.59 7.79 28.71
CA GLY B 667 17.45 7.40 27.60
C GLY B 667 18.92 7.60 27.87
N ALA B 668 19.77 6.93 27.07
CA ALA B 668 21.22 7.07 27.15
C ALA B 668 21.74 6.78 28.57
N GLY B 669 21.14 5.79 29.21
CA GLY B 669 21.53 5.41 30.55
C GLY B 669 20.95 6.26 31.66
N ILE B 670 20.10 7.22 31.35
CA ILE B 670 19.51 8.12 32.33
C ILE B 670 18.05 7.77 32.50
N CYS B 671 17.61 7.68 33.76
CA CYS B 671 16.22 7.41 34.10
C CYS B 671 15.70 8.49 35.03
N ALA B 672 14.39 8.50 35.23
CA ALA B 672 13.72 9.46 36.08
C ALA B 672 12.73 8.74 37.00
N SER B 673 12.50 9.33 38.16
CA SER B 673 11.60 8.75 39.14
C SER B 673 11.05 9.87 40.03
N TYR B 674 10.19 9.50 40.97
CA TYR B 674 9.62 10.44 41.94
C TYR B 674 10.14 10.07 43.32
N GLN B 675 10.84 11.00 43.96
CA GLN B 675 11.51 10.73 45.23
C GLN B 675 11.09 11.77 46.26
N THR B 676 10.85 11.31 47.48
CA THR B 676 10.41 12.18 48.58
C THR B 676 11.43 13.27 48.88
N SER B 689 7.63 17.79 49.63
CA SER B 689 9.03 17.79 49.25
C SER B 689 9.31 16.75 48.17
N GLN B 690 8.27 16.03 47.76
CA GLN B 690 8.39 15.03 46.70
C GLN B 690 8.69 15.71 45.38
N SER B 691 9.75 15.26 44.70
CA SER B 691 10.20 15.89 43.48
C SER B 691 10.61 14.82 42.47
N ILE B 692 10.59 15.20 41.20
CA ILE B 692 11.05 14.32 40.12
C ILE B 692 12.57 14.39 40.08
N ILE B 693 13.22 13.24 40.16
CA ILE B 693 14.67 13.15 40.17
C ILE B 693 15.13 12.39 38.93
N ALA B 694 16.31 12.73 38.46
CA ALA B 694 16.94 12.08 37.31
C ALA B 694 18.27 11.50 37.74
N TYR B 695 18.47 10.22 37.44
CA TYR B 695 19.66 9.50 37.89
C TYR B 695 20.14 8.57 36.78
N THR B 696 21.18 7.80 37.08
CA THR B 696 21.68 6.76 36.19
C THR B 696 21.19 5.42 36.71
N MET B 697 20.55 4.64 35.83
CA MET B 697 19.97 3.37 36.24
C MET B 697 21.05 2.43 36.78
N SER B 698 20.71 1.70 37.83
CA SER B 698 21.57 0.66 38.35
C SER B 698 21.20 -0.67 37.69
N LEU B 699 22.20 -1.39 37.20
CA LEU B 699 21.95 -2.62 36.46
C LEU B 699 21.34 -3.68 37.38
N GLY B 700 21.81 -3.77 38.61
CA GLY B 700 21.24 -4.72 39.54
C GLY B 700 21.95 -4.63 40.88
N ALA B 701 21.52 -5.50 41.79
CA ALA B 701 22.12 -5.56 43.11
C ALA B 701 23.54 -6.11 43.02
N GLU B 702 24.49 -5.39 43.62
CA GLU B 702 25.89 -5.80 43.57
C GLU B 702 26.10 -7.02 44.47
N ASN B 703 26.63 -8.09 43.89
CA ASN B 703 26.93 -9.30 44.65
C ASN B 703 28.26 -9.86 44.17
N SER B 704 29.06 -10.37 45.09
CA SER B 704 30.39 -10.88 44.79
C SER B 704 30.37 -12.41 44.85
N CYS B 705 30.92 -13.04 43.81
CA CYS B 705 31.09 -14.48 43.79
C CYS B 705 32.38 -14.85 44.48
N ALA B 706 32.30 -15.74 45.46
CA ALA B 706 33.45 -16.15 46.26
C ALA B 706 34.07 -17.39 45.64
N TYR B 707 34.88 -17.16 44.60
CA TYR B 707 35.54 -18.26 43.91
C TYR B 707 36.71 -18.75 44.74
N SER B 708 36.67 -20.02 45.12
CA SER B 708 37.78 -20.71 45.74
C SER B 708 38.06 -21.98 44.94
N ASN B 709 39.34 -22.32 44.81
CA ASN B 709 39.73 -23.44 43.97
C ASN B 709 39.70 -24.78 44.72
N ASN B 710 39.30 -24.78 46.00
CA ASN B 710 39.16 -26.01 46.76
C ASN B 710 37.92 -25.98 47.65
N SER B 711 36.88 -25.27 47.23
CA SER B 711 35.67 -25.15 48.02
C SER B 711 34.45 -25.17 47.11
N ILE B 712 33.35 -25.69 47.63
CA ILE B 712 32.09 -25.80 46.89
C ILE B 712 30.97 -25.28 47.77
N ALA B 713 29.85 -24.94 47.14
CA ALA B 713 28.64 -24.53 47.82
C ALA B 713 27.52 -25.47 47.42
N ILE B 714 26.88 -26.10 48.39
CA ILE B 714 25.84 -27.10 48.09
C ILE B 714 24.56 -26.75 48.84
N PRO B 715 23.42 -26.72 48.18
CA PRO B 715 22.17 -26.39 48.87
C PRO B 715 21.77 -27.48 49.85
N THR B 716 21.15 -27.04 50.95
CA THR B 716 20.59 -27.94 51.96
C THR B 716 19.07 -27.83 52.04
N ASN B 717 18.44 -27.08 51.15
CA ASN B 717 17.00 -26.88 51.16
C ASN B 717 16.54 -26.55 49.76
N PHE B 718 15.23 -26.59 49.55
CA PHE B 718 14.66 -26.26 48.25
C PHE B 718 13.44 -25.38 48.44
N THR B 719 12.88 -24.95 47.30
CA THR B 719 11.68 -24.14 47.29
C THR B 719 10.91 -24.47 46.03
N ILE B 720 9.65 -24.87 46.18
CA ILE B 720 8.79 -25.17 45.04
C ILE B 720 8.09 -23.87 44.66
N SER B 721 8.51 -23.27 43.55
CA SER B 721 8.00 -21.96 43.14
C SER B 721 7.16 -22.11 41.88
N VAL B 722 5.98 -21.49 41.90
CA VAL B 722 5.08 -21.50 40.76
C VAL B 722 5.08 -20.10 40.17
N THR B 723 5.58 -19.97 38.94
CA THR B 723 5.60 -18.72 38.22
C THR B 723 4.39 -18.65 37.29
N THR B 724 4.33 -17.62 36.46
CA THR B 724 3.21 -17.43 35.55
C THR B 724 3.71 -16.77 34.27
N GLU B 725 3.34 -17.36 33.13
CA GLU B 725 3.70 -16.83 31.83
C GLU B 725 2.43 -16.63 31.02
N ILE B 726 2.18 -15.40 30.60
CA ILE B 726 0.99 -15.06 29.82
C ILE B 726 1.42 -14.91 28.37
N LEU B 727 0.79 -15.68 27.48
CA LEU B 727 1.17 -15.70 26.07
C LEU B 727 -0.06 -15.47 25.21
N PRO B 728 -0.10 -14.42 24.39
CA PRO B 728 -1.18 -14.29 23.41
C PRO B 728 -1.16 -15.44 22.42
N VAL B 729 -2.36 -15.86 22.00
CA VAL B 729 -2.52 -17.00 21.11
C VAL B 729 -3.25 -16.61 19.82
N SER B 730 -4.37 -15.90 19.95
CA SER B 730 -5.19 -15.57 18.80
C SER B 730 -5.59 -14.10 18.86
N MET B 731 -5.93 -13.57 17.69
CA MET B 731 -6.38 -12.19 17.54
C MET B 731 -7.89 -12.18 17.33
N THR B 732 -8.43 -10.98 17.10
CA THR B 732 -9.86 -10.83 16.82
C THR B 732 -10.07 -10.96 15.31
N LYS B 733 -10.92 -11.89 14.92
CA LYS B 733 -11.21 -12.14 13.51
C LYS B 733 -12.20 -11.08 13.03
N THR B 734 -11.71 -10.15 12.20
CA THR B 734 -12.54 -9.09 11.66
C THR B 734 -12.51 -9.14 10.14
N SER B 735 -13.64 -8.80 9.53
CA SER B 735 -13.75 -8.71 8.08
C SER B 735 -14.46 -7.42 7.70
N VAL B 736 -13.96 -6.78 6.65
CA VAL B 736 -14.43 -5.46 6.23
C VAL B 736 -15.02 -5.57 4.84
N ASP B 737 -16.23 -5.05 4.67
CA ASP B 737 -16.85 -4.93 3.35
C ASP B 737 -16.22 -3.75 2.64
N CYS B 738 -15.42 -4.01 1.62
CA CYS B 738 -14.69 -2.94 0.94
C CYS B 738 -15.64 -1.96 0.28
N THR B 739 -16.64 -2.47 -0.43
CA THR B 739 -17.59 -1.59 -1.12
C THR B 739 -18.41 -0.78 -0.13
N MET B 740 -18.88 -1.40 0.94
CA MET B 740 -19.66 -0.68 1.95
C MET B 740 -18.83 0.39 2.63
N TYR B 741 -17.58 0.07 2.96
CA TYR B 741 -16.72 1.04 3.65
C TYR B 741 -16.37 2.21 2.75
N ILE B 742 -15.92 1.94 1.52
CA ILE B 742 -15.46 3.00 0.65
C ILE B 742 -16.65 3.79 0.08
N CYS B 743 -17.60 3.10 -0.52
CA CYS B 743 -18.75 3.71 -1.17
C CYS B 743 -20.02 3.21 -0.50
N GLY B 744 -20.44 3.88 0.57
CA GLY B 744 -21.63 3.48 1.29
C GLY B 744 -22.91 3.64 0.50
N ASP B 745 -23.47 2.51 0.06
CA ASP B 745 -24.78 2.42 -0.61
C ASP B 745 -24.96 3.45 -1.73
N SER B 746 -23.85 3.90 -2.32
CA SER B 746 -23.87 4.88 -3.40
C SER B 746 -23.47 4.18 -4.69
N THR B 747 -24.43 4.02 -5.61
CA THR B 747 -24.13 3.38 -6.89
C THR B 747 -23.16 4.22 -7.72
N GLU B 748 -23.24 5.54 -7.62
CA GLU B 748 -22.32 6.40 -8.35
C GLU B 748 -20.89 6.18 -7.89
N CYS B 749 -20.68 6.02 -6.58
CA CYS B 749 -19.35 5.74 -6.08
C CYS B 749 -18.92 4.30 -6.40
N SER B 750 -19.86 3.35 -6.29
CA SER B 750 -19.53 1.96 -6.55
C SER B 750 -19.11 1.72 -7.99
N ASN B 751 -19.72 2.46 -8.93
CA ASN B 751 -19.31 2.34 -10.32
C ASN B 751 -17.92 2.93 -10.55
N LEU B 752 -17.55 3.95 -9.77
CA LEU B 752 -16.21 4.52 -9.85
C LEU B 752 -15.17 3.65 -9.15
N LEU B 753 -15.59 2.71 -8.32
CA LEU B 753 -14.68 1.76 -7.69
C LEU B 753 -14.37 0.56 -8.57
N LEU B 754 -15.14 0.36 -9.64
CA LEU B 754 -14.92 -0.78 -10.54
C LEU B 754 -13.66 -0.62 -11.37
N GLN B 755 -13.20 0.61 -11.60
CA GLN B 755 -12.05 0.84 -12.45
C GLN B 755 -10.72 0.69 -11.70
N TYR B 756 -10.75 0.39 -10.42
CA TYR B 756 -9.54 0.11 -9.65
C TYR B 756 -9.18 -1.38 -9.66
N GLY B 757 -9.93 -2.20 -10.40
CA GLY B 757 -9.59 -3.60 -10.51
C GLY B 757 -9.91 -4.38 -9.24
N SER B 758 -9.10 -5.39 -8.98
CA SER B 758 -9.28 -6.26 -7.82
C SER B 758 -8.51 -5.74 -6.60
N PHE B 759 -8.73 -4.46 -6.27
CA PHE B 759 -8.18 -3.92 -5.03
C PHE B 759 -8.99 -4.34 -3.83
N CYS B 760 -10.31 -4.50 -3.98
CA CYS B 760 -11.18 -4.86 -2.89
C CYS B 760 -11.35 -6.37 -2.73
N THR B 761 -11.10 -7.15 -3.78
CA THR B 761 -11.12 -8.60 -3.67
C THR B 761 -9.83 -9.16 -3.07
N GLN B 762 -8.82 -8.32 -2.87
CA GLN B 762 -7.54 -8.72 -2.29
C GLN B 762 -7.46 -8.42 -0.80
N LEU B 763 -7.99 -7.29 -0.36
CA LEU B 763 -8.05 -7.00 1.07
C LEU B 763 -8.93 -8.00 1.79
N ASN B 764 -10.07 -8.37 1.18
CA ASN B 764 -10.93 -9.37 1.76
C ASN B 764 -10.22 -10.72 1.86
N ARG B 765 -9.46 -11.08 0.83
CA ARG B 765 -8.71 -12.33 0.86
C ARG B 765 -7.67 -12.31 1.99
N ALA B 766 -6.97 -11.18 2.15
CA ALA B 766 -5.99 -11.06 3.23
C ALA B 766 -6.66 -11.19 4.60
N LEU B 767 -7.80 -10.54 4.78
CA LEU B 767 -8.48 -10.61 6.08
C LEU B 767 -9.00 -12.01 6.36
N THR B 768 -9.51 -12.69 5.33
CA THR B 768 -9.95 -14.07 5.50
C THR B 768 -8.77 -14.97 5.87
N GLY B 769 -7.63 -14.77 5.23
CA GLY B 769 -6.44 -15.51 5.61
C GLY B 769 -6.04 -15.26 7.05
N ILE B 770 -6.13 -14.01 7.49
CA ILE B 770 -5.80 -13.68 8.88
C ILE B 770 -6.75 -14.40 9.84
N ALA B 771 -8.04 -14.40 9.54
CA ALA B 771 -8.99 -15.08 10.41
C ALA B 771 -8.74 -16.58 10.47
N VAL B 772 -8.48 -17.20 9.32
CA VAL B 772 -8.18 -18.62 9.29
C VAL B 772 -6.90 -18.90 10.08
N GLU B 773 -5.92 -18.01 9.99
CA GLU B 773 -4.69 -18.18 10.75
C GLU B 773 -4.95 -18.08 12.24
N GLN B 774 -5.84 -17.19 12.66
CA GLN B 774 -6.20 -17.10 14.08
C GLN B 774 -6.84 -18.40 14.55
N ASP B 775 -7.75 -18.95 13.74
CA ASP B 775 -8.36 -20.24 14.10
C ASP B 775 -7.31 -21.33 14.19
N LYS B 776 -6.35 -21.35 13.25
CA LYS B 776 -5.29 -22.35 13.29
C LYS B 776 -4.42 -22.19 14.53
N ASN B 777 -4.12 -20.95 14.92
CA ASN B 777 -3.37 -20.70 16.14
C ASN B 777 -4.09 -21.27 17.35
N THR B 778 -5.38 -20.95 17.48
CA THR B 778 -6.15 -21.44 18.62
C THR B 778 -6.19 -22.96 18.66
N GLN B 779 -6.39 -23.60 17.50
CA GLN B 779 -6.43 -25.06 17.48
C GLN B 779 -5.07 -25.68 17.75
N GLU B 780 -3.99 -25.03 17.32
CA GLU B 780 -2.66 -25.60 17.51
C GLU B 780 -2.22 -25.51 18.97
N VAL B 781 -2.56 -24.42 19.64
CA VAL B 781 -2.12 -24.24 21.02
C VAL B 781 -2.80 -25.24 21.95
N PHE B 782 -4.12 -25.39 21.82
CA PHE B 782 -4.90 -26.15 22.79
C PHE B 782 -5.22 -27.57 22.34
N ALA B 783 -5.58 -27.77 21.07
CA ALA B 783 -6.00 -29.09 20.59
C ALA B 783 -4.79 -29.94 20.21
N GLN B 784 -3.96 -30.22 21.20
CA GLN B 784 -2.79 -31.09 21.01
C GLN B 784 -3.16 -32.56 21.16
N VAL B 785 -3.71 -32.92 22.30
CA VAL B 785 -4.23 -34.27 22.53
C VAL B 785 -5.72 -34.28 22.25
N LYS B 786 -6.21 -35.35 21.65
CA LYS B 786 -7.62 -35.46 21.31
C LYS B 786 -8.43 -36.21 22.35
N GLN B 787 -7.81 -37.09 23.12
CA GLN B 787 -8.53 -37.79 24.17
C GLN B 787 -8.92 -36.80 25.27
N ILE B 788 -10.19 -36.82 25.67
CA ILE B 788 -10.72 -35.88 26.65
C ILE B 788 -10.81 -36.64 27.96
N TYR B 789 -9.76 -36.53 28.77
CA TYR B 789 -9.73 -37.18 30.07
C TYR B 789 -10.60 -36.43 31.06
N LYS B 790 -11.25 -37.16 31.95
CA LYS B 790 -12.16 -36.58 32.93
C LYS B 790 -11.42 -36.29 34.23
N THR B 791 -11.80 -35.19 34.86
CA THR B 791 -11.16 -34.80 36.12
C THR B 791 -11.52 -35.80 37.22
N PRO B 792 -10.54 -36.36 37.92
CA PRO B 792 -10.84 -37.33 38.97
C PRO B 792 -11.70 -36.72 40.06
N PRO B 793 -12.73 -37.44 40.53
CA PRO B 793 -13.61 -36.92 41.58
C PRO B 793 -13.13 -37.25 43.00
N ILE B 794 -11.86 -36.97 43.27
CA ILE B 794 -11.24 -37.28 44.55
C ILE B 794 -10.25 -36.17 44.90
N LYS B 795 -9.63 -36.31 46.07
CA LYS B 795 -8.67 -35.32 46.55
C LYS B 795 -7.43 -35.96 47.17
N ASP B 796 -7.26 -37.27 47.05
CA ASP B 796 -6.14 -37.98 47.68
C ASP B 796 -4.92 -37.99 46.77
N PHE B 797 -4.47 -36.78 46.42
CA PHE B 797 -3.30 -36.59 45.58
C PHE B 797 -2.00 -36.49 46.38
N GLY B 798 -1.98 -37.07 47.58
CA GLY B 798 -0.78 -37.01 48.40
C GLY B 798 -0.54 -35.69 49.08
N GLY B 799 -1.57 -34.86 49.24
CA GLY B 799 -1.44 -33.56 49.86
C GLY B 799 -1.48 -32.39 48.89
N PHE B 800 -1.32 -32.64 47.60
CA PHE B 800 -1.40 -31.58 46.60
C PHE B 800 -2.85 -31.18 46.38
N ASN B 801 -3.10 -29.88 46.32
CA ASN B 801 -4.44 -29.31 46.42
C ASN B 801 -5.18 -29.31 45.08
N PHE B 802 -4.63 -28.61 44.09
CA PHE B 802 -5.15 -28.54 42.72
C PHE B 802 -6.54 -27.91 42.62
N SER B 803 -7.09 -27.39 43.71
CA SER B 803 -8.43 -26.83 43.65
C SER B 803 -8.49 -25.53 42.86
N GLN B 804 -7.39 -24.77 42.86
CA GLN B 804 -7.36 -23.49 42.14
C GLN B 804 -7.15 -23.64 40.64
N ILE B 805 -6.78 -24.83 40.17
CA ILE B 805 -6.55 -25.05 38.75
C ILE B 805 -7.55 -26.02 38.13
N LEU B 806 -8.18 -26.89 38.93
CA LEU B 806 -9.19 -27.78 38.39
C LEU B 806 -10.53 -27.06 38.25
N PRO B 807 -11.35 -27.46 37.29
CA PRO B 807 -12.62 -26.76 37.06
C PRO B 807 -13.53 -26.78 38.28
N ASP B 808 -14.25 -25.69 38.47
CA ASP B 808 -15.18 -25.57 39.59
C ASP B 808 -16.54 -26.11 39.17
N PRO B 809 -17.05 -27.17 39.82
CA PRO B 809 -18.34 -27.75 39.40
C PRO B 809 -19.54 -26.95 39.87
N SER B 810 -19.38 -26.22 40.98
CA SER B 810 -20.50 -25.47 41.55
C SER B 810 -20.90 -24.30 40.65
N LYS B 811 -19.90 -23.55 40.18
CA LYS B 811 -20.18 -22.37 39.37
C LYS B 811 -20.73 -22.77 38.00
N PRO B 812 -21.54 -21.91 37.37
CA PRO B 812 -22.15 -22.26 36.08
C PRO B 812 -21.13 -22.63 35.02
N SER B 813 -20.20 -21.72 34.73
CA SER B 813 -19.12 -22.02 33.80
C SER B 813 -18.11 -22.94 34.46
N LYS B 814 -17.71 -23.99 33.76
CA LYS B 814 -16.76 -24.97 34.29
C LYS B 814 -15.34 -24.45 34.13
N ARG B 815 -15.03 -23.44 34.94
CA ARG B 815 -13.73 -22.78 34.92
C ARG B 815 -13.16 -22.76 36.33
N SER B 816 -11.85 -22.96 36.42
CA SER B 816 -11.18 -22.92 37.71
C SER B 816 -11.15 -21.49 38.25
N PRO B 817 -10.95 -21.32 39.55
CA PRO B 817 -10.88 -19.96 40.10
C PRO B 817 -9.82 -19.09 39.44
N ILE B 818 -8.66 -19.66 39.10
CA ILE B 818 -7.62 -18.89 38.42
C ILE B 818 -8.10 -18.48 37.03
N GLU B 819 -8.74 -19.39 36.30
CA GLU B 819 -9.27 -19.05 34.99
C GLU B 819 -10.34 -17.97 35.09
N ASP B 820 -11.21 -18.05 36.10
CA ASP B 820 -12.22 -17.01 36.31
C ASP B 820 -11.57 -15.66 36.60
N LEU B 821 -10.53 -15.65 37.42
CA LEU B 821 -9.83 -14.39 37.70
C LEU B 821 -9.20 -13.83 36.43
N LEU B 822 -8.57 -14.68 35.63
CA LEU B 822 -7.96 -14.22 34.38
C LEU B 822 -9.00 -13.70 33.40
N PHE B 823 -10.18 -14.34 33.35
CA PHE B 823 -11.23 -13.86 32.46
C PHE B 823 -11.85 -12.56 32.96
N ASN B 824 -11.88 -12.36 34.27
CA ASN B 824 -12.39 -11.10 34.81
C ASN B 824 -11.40 -9.96 34.67
N LYS B 825 -10.10 -10.26 34.68
CA LYS B 825 -9.10 -9.20 34.61
C LYS B 825 -9.08 -8.54 33.23
N VAL B 826 -9.15 -9.33 32.17
CA VAL B 826 -9.09 -8.82 30.81
C VAL B 826 -10.48 -8.38 30.37
N THR B 827 -10.60 -7.14 29.93
CA THR B 827 -11.87 -6.61 29.45
C THR B 827 -12.03 -6.85 27.96
N ALA B 852 -25.36 -5.18 17.43
CA ALA B 852 -26.08 -4.25 16.56
C ALA B 852 -25.30 -4.01 15.26
N GLN B 853 -24.10 -4.59 15.19
CA GLN B 853 -23.22 -4.52 14.02
C GLN B 853 -22.68 -3.12 13.80
N LYS B 854 -21.48 -3.01 13.24
CA LYS B 854 -20.92 -1.71 12.93
C LYS B 854 -21.53 -1.15 11.66
N PHE B 855 -21.45 0.17 11.51
CA PHE B 855 -22.18 0.86 10.46
C PHE B 855 -21.58 0.67 9.07
N ASN B 856 -20.25 0.52 8.97
CA ASN B 856 -19.55 0.63 7.71
C ASN B 856 -18.95 -0.69 7.24
N GLY B 857 -19.72 -1.77 7.36
CA GLY B 857 -19.30 -3.04 6.82
C GLY B 857 -18.31 -3.82 7.66
N LEU B 858 -18.00 -3.35 8.86
CA LEU B 858 -17.05 -4.03 9.74
C LEU B 858 -17.79 -5.08 10.54
N THR B 859 -17.36 -6.34 10.45
CA THR B 859 -17.95 -7.43 11.20
C THR B 859 -16.85 -8.18 11.94
N VAL B 860 -17.23 -8.75 13.09
CA VAL B 860 -16.31 -9.52 13.92
C VAL B 860 -16.80 -10.97 13.86
N LEU B 861 -16.13 -11.80 13.08
CA LEU B 861 -16.50 -13.20 12.99
C LEU B 861 -16.20 -13.91 14.31
N PRO B 862 -17.05 -14.84 14.73
CA PRO B 862 -16.81 -15.54 16.00
C PRO B 862 -15.74 -16.60 15.83
N PRO B 863 -14.95 -16.85 16.88
CA PRO B 863 -13.95 -17.92 16.79
C PRO B 863 -14.59 -19.29 16.66
N LEU B 864 -13.88 -20.19 15.97
CA LEU B 864 -14.41 -21.53 15.76
C LEU B 864 -14.46 -22.33 17.06
N LEU B 865 -13.49 -22.12 17.95
CA LEU B 865 -13.46 -22.78 19.24
C LEU B 865 -13.99 -21.82 20.30
N THR B 866 -15.15 -22.13 20.84
CA THR B 866 -15.75 -21.29 21.87
C THR B 866 -14.94 -21.35 23.16
N ASP B 867 -15.16 -20.36 24.02
CA ASP B 867 -14.45 -20.32 25.30
C ASP B 867 -14.79 -21.53 26.17
N GLU B 868 -15.99 -22.09 26.02
CA GLU B 868 -16.34 -23.30 26.74
C GLU B 868 -15.61 -24.51 26.16
N MET B 869 -15.34 -24.50 24.86
CA MET B 869 -14.64 -25.61 24.23
C MET B 869 -13.14 -25.59 24.55
N ILE B 870 -12.56 -24.40 24.64
CA ILE B 870 -11.15 -24.28 25.03
C ILE B 870 -10.98 -24.69 26.49
N ALA B 871 -11.95 -24.35 27.33
CA ALA B 871 -11.89 -24.73 28.74
C ALA B 871 -11.91 -26.26 28.89
N GLN B 872 -12.69 -26.94 28.06
CA GLN B 872 -12.68 -28.41 28.10
C GLN B 872 -11.32 -28.96 27.69
N TYR B 873 -10.68 -28.36 26.69
CA TYR B 873 -9.34 -28.79 26.30
C TYR B 873 -8.35 -28.59 27.44
N THR B 874 -8.41 -27.44 28.11
CA THR B 874 -7.51 -27.18 29.23
C THR B 874 -7.77 -28.16 30.37
N SER B 875 -9.03 -28.46 30.66
CA SER B 875 -9.35 -29.41 31.72
C SER B 875 -8.89 -30.82 31.36
N ALA B 876 -9.00 -31.20 30.09
CA ALA B 876 -8.51 -32.50 29.66
C ALA B 876 -7.00 -32.59 29.81
N LEU B 877 -6.29 -31.53 29.43
CA LEU B 877 -4.83 -31.53 29.61
C LEU B 877 -4.46 -31.62 31.07
N LEU B 878 -5.15 -30.87 31.93
CA LEU B 878 -4.86 -30.90 33.36
C LEU B 878 -5.14 -32.29 33.95
N ALA B 879 -6.26 -32.90 33.56
CA ALA B 879 -6.59 -34.24 34.05
C ALA B 879 -5.58 -35.28 33.56
N GLY B 880 -5.12 -35.15 32.32
CA GLY B 880 -4.09 -36.06 31.84
C GLY B 880 -2.77 -35.89 32.57
N THR B 881 -2.39 -34.65 32.87
CA THR B 881 -1.16 -34.41 33.62
C THR B 881 -1.25 -34.97 35.03
N ILE B 882 -2.40 -34.75 35.70
CA ILE B 882 -2.56 -35.24 37.06
C ILE B 882 -2.64 -36.76 37.08
N CYS B 883 -3.37 -37.35 36.13
CA CYS B 883 -3.53 -38.80 36.07
C CYS B 883 -2.19 -39.48 35.85
N SER B 884 -1.55 -39.21 34.71
CA SER B 884 -0.43 -40.00 34.23
C SER B 884 0.88 -39.24 34.19
N GLY B 885 0.87 -37.93 33.98
CA GLY B 885 2.11 -37.18 33.89
C GLY B 885 2.47 -36.84 32.46
N TRP B 886 3.63 -37.28 32.00
CA TRP B 886 4.08 -37.04 30.64
C TRP B 886 3.75 -38.20 29.70
N THR B 887 3.15 -39.28 30.21
CA THR B 887 2.91 -40.46 29.38
C THR B 887 1.68 -40.34 28.51
N PHE B 888 0.80 -39.37 28.78
CA PHE B 888 -0.39 -39.21 27.96
C PHE B 888 -0.13 -38.40 26.70
N GLY B 889 1.03 -37.76 26.59
CA GLY B 889 1.43 -37.06 25.39
C GLY B 889 2.38 -37.81 24.49
N ALA B 890 2.67 -39.09 24.78
CA ALA B 890 3.57 -39.89 23.98
C ALA B 890 3.02 -41.29 23.75
N GLY B 891 1.70 -41.44 23.80
CA GLY B 891 1.05 -42.72 23.62
C GLY B 891 -0.15 -42.87 24.53
N PRO B 892 -0.46 -44.10 24.91
CA PRO B 892 -1.56 -44.32 25.85
C PRO B 892 -1.23 -43.74 27.22
N ALA B 893 -2.27 -43.30 27.92
CA ALA B 893 -2.10 -42.70 29.24
C ALA B 893 -1.95 -43.80 30.27
N LEU B 894 -0.78 -43.88 30.90
CA LEU B 894 -0.48 -44.89 31.90
C LEU B 894 -0.58 -44.24 33.28
N GLN B 895 -1.56 -44.67 34.06
CA GLN B 895 -1.81 -44.03 35.35
C GLN B 895 -0.64 -44.24 36.31
N ILE B 896 -0.46 -43.28 37.21
CA ILE B 896 0.60 -43.32 38.21
C ILE B 896 0.18 -42.43 39.38
N PRO B 897 0.42 -42.84 40.63
CA PRO B 897 0.12 -41.96 41.75
C PRO B 897 0.92 -40.68 41.67
N PHE B 898 0.29 -39.56 42.04
CA PHE B 898 0.95 -38.28 41.93
C PHE B 898 2.22 -38.16 42.78
N PRO B 899 2.25 -38.60 44.05
CA PRO B 899 3.53 -38.60 44.77
C PRO B 899 4.62 -39.39 44.07
N MET B 900 4.26 -40.45 43.35
CA MET B 900 5.26 -41.18 42.58
C MET B 900 5.62 -40.46 41.29
N GLN B 901 4.66 -39.75 40.68
CA GLN B 901 4.95 -38.98 39.48
C GLN B 901 5.91 -37.83 39.79
N MET B 902 5.69 -37.15 40.93
CA MET B 902 6.59 -36.07 41.32
C MET B 902 7.97 -36.58 41.69
N ALA B 903 8.08 -37.85 42.11
CA ALA B 903 9.39 -38.44 42.34
C ALA B 903 10.12 -38.76 41.04
N TYR B 904 9.39 -38.90 39.93
CA TYR B 904 10.02 -39.03 38.63
C TYR B 904 10.55 -37.69 38.14
N ARG B 905 9.83 -36.60 38.43
CA ARG B 905 10.25 -35.27 38.02
C ARG B 905 11.36 -34.73 38.90
N PHE B 906 11.36 -35.09 40.19
CA PHE B 906 12.52 -34.80 41.03
C PHE B 906 13.75 -35.55 40.53
N ASN B 907 13.56 -36.81 40.12
CA ASN B 907 14.65 -37.59 39.55
C ASN B 907 15.14 -37.04 38.22
N GLY B 908 14.34 -36.23 37.53
CA GLY B 908 14.75 -35.66 36.27
C GLY B 908 15.62 -34.43 36.36
N ILE B 909 15.73 -33.84 37.55
CA ILE B 909 16.52 -32.64 37.74
C ILE B 909 17.77 -32.91 38.59
N GLY B 910 18.21 -34.16 38.63
CA GLY B 910 19.41 -34.52 39.37
C GLY B 910 19.21 -34.79 40.84
N VAL B 911 17.99 -34.77 41.33
CA VAL B 911 17.70 -35.00 42.75
C VAL B 911 17.12 -36.39 42.91
N THR B 912 17.58 -37.11 43.93
CA THR B 912 17.18 -38.51 44.09
C THR B 912 15.71 -38.62 44.46
N GLN B 913 15.19 -39.85 44.35
CA GLN B 913 13.78 -40.10 44.63
C GLN B 913 13.43 -39.84 46.09
N ASN B 914 14.32 -40.26 47.00
CA ASN B 914 14.00 -40.20 48.43
C ASN B 914 13.85 -38.78 48.94
N VAL B 915 14.34 -37.78 48.20
CA VAL B 915 14.21 -36.40 48.64
C VAL B 915 12.74 -35.99 48.71
N LEU B 916 11.92 -36.47 47.77
CA LEU B 916 10.50 -36.14 47.81
C LEU B 916 9.74 -37.00 48.81
N TYR B 917 10.03 -38.32 48.84
CA TYR B 917 9.29 -39.20 49.73
C TYR B 917 9.54 -38.87 51.20
N GLU B 918 10.73 -38.39 51.54
CA GLU B 918 11.04 -38.00 52.91
C GLU B 918 10.69 -36.56 53.21
N ASN B 919 10.23 -35.79 52.22
CA ASN B 919 9.79 -34.42 52.41
C ASN B 919 8.46 -34.16 51.71
N GLN B 920 7.59 -35.18 51.67
CA GLN B 920 6.35 -35.07 50.90
C GLN B 920 5.44 -34.00 51.47
N LYS B 921 5.30 -33.96 52.80
CA LYS B 921 4.41 -32.98 53.41
C LYS B 921 4.90 -31.55 53.17
N LEU B 922 6.20 -31.32 53.33
CA LEU B 922 6.75 -29.99 53.12
C LEU B 922 6.63 -29.57 51.65
N ILE B 923 6.90 -30.49 50.72
CA ILE B 923 6.80 -30.16 49.30
C ILE B 923 5.35 -29.85 48.94
N ALA B 924 4.41 -30.65 49.44
CA ALA B 924 2.99 -30.39 49.17
C ALA B 924 2.55 -29.05 49.74
N ASN B 925 3.01 -28.73 50.95
CA ASN B 925 2.66 -27.45 51.56
C ASN B 925 3.22 -26.29 50.74
N GLN B 926 4.47 -26.40 50.29
CA GLN B 926 5.07 -25.35 49.47
C GLN B 926 4.31 -25.19 48.15
N PHE B 927 3.93 -26.31 47.53
CA PHE B 927 3.17 -26.26 46.28
C PHE B 927 1.83 -25.56 46.48
N ASN B 928 1.11 -25.94 47.54
CA ASN B 928 -0.18 -25.32 47.83
C ASN B 928 -0.03 -23.84 48.12
N SER B 929 0.99 -23.47 48.89
CA SER B 929 1.21 -22.05 49.20
C SER B 929 1.53 -21.25 47.95
N ALA B 930 2.37 -21.81 47.07
CA ALA B 930 2.70 -21.11 45.83
C ALA B 930 1.49 -20.93 44.94
N ILE B 931 0.67 -21.98 44.80
CA ILE B 931 -0.53 -21.87 43.98
C ILE B 931 -1.51 -20.87 44.58
N GLY B 932 -1.62 -20.85 45.91
CA GLY B 932 -2.47 -19.87 46.55
C GLY B 932 -1.99 -18.45 46.33
N LYS B 933 -0.68 -18.22 46.45
CA LYS B 933 -0.12 -16.90 46.23
C LYS B 933 -0.19 -16.48 44.77
N ILE B 934 -0.33 -17.44 43.85
CA ILE B 934 -0.46 -17.09 42.43
C ILE B 934 -1.68 -16.22 42.21
N GLN B 935 -2.82 -16.57 42.84
CA GLN B 935 -4.04 -15.78 42.66
C GLN B 935 -3.86 -14.35 43.17
N ASP B 936 -3.24 -14.20 44.35
CA ASP B 936 -3.03 -12.86 44.89
C ASP B 936 -2.07 -12.06 44.01
N SER B 937 -1.03 -12.70 43.49
CA SER B 937 -0.09 -12.00 42.62
C SER B 937 -0.74 -11.59 41.31
N LEU B 938 -1.67 -12.40 40.80
CA LEU B 938 -2.36 -12.06 39.58
C LEU B 938 -3.43 -10.98 39.78
N SER B 939 -4.06 -10.95 40.95
CA SER B 939 -5.15 -10.03 41.22
C SER B 939 -4.69 -8.71 41.83
N SER B 940 -3.38 -8.51 42.03
CA SER B 940 -2.87 -7.28 42.60
C SER B 940 -1.86 -6.56 41.72
N THR B 941 -1.18 -7.26 40.83
CA THR B 941 -0.26 -6.60 39.91
C THR B 941 -1.05 -5.70 38.96
N PRO B 942 -0.63 -4.44 38.77
CA PRO B 942 -1.35 -3.56 37.84
C PRO B 942 -1.37 -4.10 36.42
N SER B 943 -0.20 -4.26 35.83
CA SER B 943 -0.07 -4.86 34.50
C SER B 943 0.13 -6.37 34.62
N ALA B 944 -0.80 -7.03 35.30
CA ALA B 944 -0.72 -8.48 35.46
C ALA B 944 -0.89 -9.17 34.10
N LEU B 945 -2.09 -9.12 33.54
CA LEU B 945 -2.34 -9.60 32.18
C LEU B 945 -2.16 -8.48 31.17
N GLY B 946 -0.99 -7.85 31.21
CA GLY B 946 -0.72 -6.73 30.32
C GLY B 946 -0.65 -7.14 28.86
N LYS B 947 -0.09 -8.32 28.58
CA LYS B 947 0.10 -8.75 27.21
C LYS B 947 -1.24 -8.96 26.50
N LEU B 948 -2.15 -9.67 27.14
CA LEU B 948 -3.47 -9.89 26.54
C LEU B 948 -4.24 -8.60 26.42
N GLN B 949 -4.13 -7.72 27.41
CA GLN B 949 -4.83 -6.44 27.34
C GLN B 949 -4.28 -5.57 26.21
N ASP B 950 -2.97 -5.61 25.98
CA ASP B 950 -2.40 -4.90 24.84
C ASP B 950 -2.87 -5.51 23.53
N VAL B 951 -2.99 -6.84 23.47
CA VAL B 951 -3.53 -7.48 22.27
C VAL B 951 -4.95 -7.01 22.01
N VAL B 952 -5.76 -6.90 23.07
CA VAL B 952 -7.14 -6.43 22.91
C VAL B 952 -7.17 -4.97 22.48
N ASN B 953 -6.32 -4.13 23.09
CA ASN B 953 -6.38 -2.70 22.84
C ASN B 953 -5.86 -2.35 21.45
N GLN B 954 -4.83 -3.05 20.97
CA GLN B 954 -4.25 -2.74 19.67
C GLN B 954 -5.27 -2.93 18.55
N ASN B 955 -6.08 -3.98 18.63
CA ASN B 955 -7.10 -4.20 17.61
CA ASN B 955 -7.10 -4.20 17.61
C ASN B 955 -8.28 -3.26 17.77
N ALA B 956 -8.61 -2.87 19.01
CA ALA B 956 -9.72 -1.97 19.23
C ALA B 956 -9.40 -0.56 18.72
N GLN B 957 -8.16 -0.11 18.90
CA GLN B 957 -7.78 1.20 18.41
C GLN B 957 -7.57 1.20 16.90
N ALA B 958 -7.17 0.08 16.32
CA ALA B 958 -7.03 0.00 14.87
C ALA B 958 -8.37 0.16 14.17
N LEU B 959 -9.40 -0.52 14.67
CA LEU B 959 -10.74 -0.37 14.10
C LEU B 959 -11.26 1.04 14.29
N ASN B 960 -11.01 1.64 15.47
CA ASN B 960 -11.46 3.00 15.72
C ASN B 960 -10.79 3.98 14.77
N THR B 961 -9.49 3.81 14.52
CA THR B 961 -8.80 4.68 13.57
C THR B 961 -9.29 4.45 12.15
N LEU B 962 -9.61 3.19 11.80
CA LEU B 962 -10.12 2.92 10.46
C LEU B 962 -11.49 3.56 10.24
N VAL B 963 -12.37 3.48 11.23
CA VAL B 963 -13.71 4.03 11.03
C VAL B 963 -13.69 5.55 11.15
N LYS B 964 -12.74 6.11 11.91
CA LYS B 964 -12.62 7.55 12.03
C LYS B 964 -12.03 8.21 10.80
N GLN B 965 -11.52 7.43 9.86
CA GLN B 965 -10.99 7.98 8.61
C GLN B 965 -12.06 8.20 7.56
N LEU B 966 -13.31 7.89 7.88
CA LEU B 966 -14.43 8.16 6.98
C LEU B 966 -14.95 9.58 7.11
N SER B 967 -14.42 10.36 8.06
CA SER B 967 -14.82 11.74 8.26
C SER B 967 -13.75 12.73 7.77
N SER B 968 -12.87 12.29 6.88
CA SER B 968 -11.80 13.13 6.35
C SER B 968 -12.08 13.45 4.89
N ASN B 969 -11.75 14.67 4.49
CA ASN B 969 -12.01 15.10 3.11
C ASN B 969 -11.01 14.48 2.13
N PHE B 970 -9.76 14.30 2.54
CA PHE B 970 -8.69 13.82 1.67
C PHE B 970 -8.50 14.75 0.46
N GLY B 971 -8.80 16.03 0.64
CA GLY B 971 -8.72 17.01 -0.42
C GLY B 971 -10.05 17.35 -1.06
N ALA B 972 -11.08 16.55 -0.83
CA ALA B 972 -12.40 16.81 -1.40
C ALA B 972 -13.08 17.95 -0.65
N ILE B 973 -14.25 18.35 -1.14
CA ILE B 973 -14.99 19.45 -0.51
C ILE B 973 -15.69 18.98 0.76
N SER B 974 -16.03 17.69 0.84
CA SER B 974 -16.74 17.18 2.00
C SER B 974 -16.41 15.70 2.17
N SER B 975 -16.66 15.20 3.38
CA SER B 975 -16.44 13.80 3.71
C SER B 975 -17.69 12.96 3.55
N VAL B 976 -18.78 13.53 3.03
CA VAL B 976 -20.04 12.83 2.83
C VAL B 976 -20.31 12.75 1.34
N LEU B 977 -20.57 11.54 0.85
CA LEU B 977 -20.81 11.36 -0.58
C LEU B 977 -22.14 11.96 -1.01
N ASN B 978 -23.13 11.96 -0.11
CA ASN B 978 -24.43 12.54 -0.46
C ASN B 978 -24.33 14.03 -0.73
N ASP B 979 -23.55 14.75 0.09
CA ASP B 979 -23.36 16.18 -0.13
C ASP B 979 -22.70 16.45 -1.48
N ILE B 980 -21.69 15.67 -1.83
CA ILE B 980 -21.03 15.84 -3.12
C ILE B 980 -21.99 15.54 -4.26
N LEU B 981 -22.78 14.47 -4.13
CA LEU B 981 -23.67 14.07 -5.22
C LEU B 981 -24.82 15.04 -5.40
N SER B 982 -25.26 15.70 -4.32
CA SER B 982 -26.39 16.62 -4.43
C SER B 982 -25.96 18.03 -4.80
N ARG B 983 -24.95 18.57 -4.10
CA ARG B 983 -24.55 19.95 -4.31
C ARG B 983 -23.91 20.16 -5.68
N LEU B 984 -23.10 19.21 -6.13
CA LEU B 984 -22.30 19.39 -7.33
C LEU B 984 -22.89 18.66 -8.52
N ASP B 985 -22.47 19.09 -9.71
CA ASP B 985 -22.82 18.41 -10.94
C ASP B 985 -22.06 17.08 -11.04
N PRO B 986 -22.60 16.12 -11.79
CA PRO B 986 -21.95 14.80 -11.90
C PRO B 986 -20.52 14.86 -12.38
N PRO B 987 -20.17 15.72 -13.38
CA PRO B 987 -18.78 15.71 -13.85
C PRO B 987 -17.74 16.03 -12.77
N GLU B 988 -18.04 16.96 -11.86
CA GLU B 988 -17.08 17.28 -10.80
C GLU B 988 -17.31 16.48 -9.54
N ALA B 989 -18.55 16.04 -9.32
CA ALA B 989 -18.81 15.06 -8.27
C ALA B 989 -18.01 13.80 -8.51
N GLU B 990 -17.78 13.45 -9.78
CA GLU B 990 -16.91 12.30 -10.09
C GLU B 990 -15.50 12.53 -9.57
N VAL B 991 -14.95 13.73 -9.76
CA VAL B 991 -13.60 14.02 -9.30
C VAL B 991 -13.53 13.98 -7.78
N GLN B 992 -14.48 14.62 -7.11
CA GLN B 992 -14.47 14.63 -5.65
C GLN B 992 -14.65 13.22 -5.08
N ILE B 993 -15.55 12.44 -5.68
CA ILE B 993 -15.77 11.07 -5.24
C ILE B 993 -14.52 10.23 -5.50
N ASP B 994 -13.79 10.49 -6.58
CA ASP B 994 -12.56 9.76 -6.83
C ASP B 994 -11.49 10.10 -5.79
N ARG B 995 -11.42 11.36 -5.38
CA ARG B 995 -10.51 11.73 -4.29
C ARG B 995 -10.88 10.99 -3.00
N LEU B 996 -12.18 10.96 -2.68
CA LEU B 996 -12.62 10.23 -1.49
C LEU B 996 -12.30 8.74 -1.61
N ILE B 997 -12.49 8.17 -2.80
CA ILE B 997 -12.21 6.76 -3.02
C ILE B 997 -10.73 6.47 -2.80
N THR B 998 -9.87 7.33 -3.35
CA THR B 998 -8.43 7.13 -3.16
C THR B 998 -8.06 7.19 -1.68
N GLY B 999 -8.60 8.18 -0.96
CA GLY B 999 -8.29 8.29 0.45
C GLY B 999 -8.75 7.08 1.25
N ARG B 1000 -10.00 6.65 1.03
CA ARG B 1000 -10.55 5.55 1.81
C ARG B 1000 -9.89 4.23 1.45
N LEU B 1001 -9.55 4.03 0.18
CA LEU B 1001 -8.84 2.83 -0.23
C LEU B 1001 -7.45 2.80 0.39
N GLN B 1002 -6.77 3.95 0.45
CA GLN B 1002 -5.47 4.00 1.11
C GLN B 1002 -5.61 3.67 2.60
N SER B 1003 -6.65 4.19 3.24
CA SER B 1003 -6.87 3.87 4.65
C SER B 1003 -7.12 2.38 4.86
N LEU B 1004 -7.93 1.78 3.99
CA LEU B 1004 -8.21 0.34 4.11
C LEU B 1004 -6.95 -0.48 3.87
N GLN B 1005 -6.13 -0.08 2.89
CA GLN B 1005 -4.88 -0.79 2.64
C GLN B 1005 -3.93 -0.68 3.84
N THR B 1006 -3.86 0.50 4.44
CA THR B 1006 -3.04 0.68 5.64
C THR B 1006 -3.52 -0.23 6.76
N TYR B 1007 -4.84 -0.29 6.98
CA TYR B 1007 -5.39 -1.14 8.03
C TYR B 1007 -5.05 -2.60 7.76
N VAL B 1008 -5.21 -3.05 6.51
CA VAL B 1008 -4.96 -4.45 6.18
C VAL B 1008 -3.49 -4.79 6.36
N THR B 1009 -2.59 -3.90 5.93
CA THR B 1009 -1.16 -4.17 6.08
C THR B 1009 -0.75 -4.22 7.54
N GLN B 1010 -1.25 -3.28 8.35
CA GLN B 1010 -0.93 -3.29 9.78
C GLN B 1010 -1.48 -4.55 10.44
N GLN B 1011 -2.69 -4.97 10.06
CA GLN B 1011 -3.25 -6.19 10.62
C GLN B 1011 -2.45 -7.42 10.19
N LEU B 1012 -1.93 -7.42 8.97
CA LEU B 1012 -1.09 -8.53 8.52
C LEU B 1012 0.19 -8.61 9.35
N ILE B 1013 0.83 -7.47 9.58
CA ILE B 1013 2.05 -7.46 10.40
C ILE B 1013 1.75 -7.89 11.83
N ARG B 1014 0.64 -7.39 12.39
CA ARG B 1014 0.28 -7.75 13.76
C ARG B 1014 -0.07 -9.23 13.88
N ALA B 1015 -0.72 -9.79 12.86
CA ALA B 1015 -1.04 -11.22 12.88
C ALA B 1015 0.21 -12.07 12.71
N ALA B 1016 1.18 -11.61 11.92
CA ALA B 1016 2.46 -12.31 11.84
C ALA B 1016 3.18 -12.26 13.19
N GLU B 1017 3.03 -11.15 13.93
CA GLU B 1017 3.64 -11.07 15.25
C GLU B 1017 2.92 -11.97 16.24
N ILE B 1018 1.59 -12.07 16.15
CA ILE B 1018 0.83 -12.92 17.06
C ILE B 1018 1.10 -14.38 16.77
N ARG B 1019 1.25 -14.74 15.49
CA ARG B 1019 1.50 -16.13 15.12
C ARG B 1019 2.82 -16.63 15.69
N ALA B 1020 3.80 -15.75 15.90
CA ALA B 1020 5.03 -16.15 16.55
C ALA B 1020 4.84 -16.42 18.02
N SER B 1021 3.85 -15.76 18.65
CA SER B 1021 3.53 -16.03 20.04
C SER B 1021 2.64 -17.25 20.21
N ALA B 1022 1.90 -17.65 19.17
CA ALA B 1022 1.11 -18.86 19.20
C ALA B 1022 1.92 -20.09 18.87
N ASN B 1023 3.03 -19.94 18.14
CA ASN B 1023 3.95 -21.04 17.90
C ASN B 1023 4.87 -21.28 19.10
N LEU B 1024 4.93 -20.33 20.03
CA LEU B 1024 5.67 -20.49 21.26
C LEU B 1024 4.79 -21.05 22.37
N ALA B 1025 3.51 -20.66 22.40
CA ALA B 1025 2.58 -21.25 23.36
C ALA B 1025 2.31 -22.72 23.03
N ALA B 1026 2.31 -23.07 21.74
CA ALA B 1026 2.14 -24.47 21.36
C ALA B 1026 3.40 -25.27 21.67
N THR B 1027 4.58 -24.64 21.58
CA THR B 1027 5.81 -25.33 21.93
C THR B 1027 5.92 -25.51 23.44
N LYS B 1028 5.54 -24.49 24.21
CA LYS B 1028 5.56 -24.60 25.66
C LYS B 1028 4.50 -25.56 26.19
N MET B 1029 3.43 -25.79 25.42
CA MET B 1029 2.45 -26.78 25.82
C MET B 1029 2.97 -28.20 25.61
N SER B 1030 3.68 -28.43 24.50
CA SER B 1030 4.19 -29.77 24.23
C SER B 1030 5.35 -30.13 25.15
N GLU B 1031 6.29 -29.21 25.33
CA GLU B 1031 7.53 -29.51 26.03
C GLU B 1031 7.46 -29.27 27.53
N CYS B 1032 6.39 -28.66 28.03
CA CYS B 1032 6.32 -28.40 29.46
C CYS B 1032 5.05 -28.91 30.11
N VAL B 1033 3.91 -28.84 29.42
CA VAL B 1033 2.69 -29.42 29.96
C VAL B 1033 2.63 -30.91 29.68
N LEU B 1034 3.04 -31.33 28.49
CA LEU B 1034 3.07 -32.74 28.11
C LEU B 1034 4.44 -33.38 28.33
N GLY B 1035 5.27 -32.79 29.19
CA GLY B 1035 6.58 -33.35 29.45
C GLY B 1035 7.34 -32.48 30.43
N GLN B 1036 8.58 -32.86 30.67
CA GLN B 1036 9.48 -32.13 31.55
C GLN B 1036 10.64 -31.58 30.73
N SER B 1037 10.88 -30.28 30.83
CA SER B 1037 11.83 -29.58 29.98
C SER B 1037 13.18 -29.44 30.67
N LYS B 1038 14.24 -29.71 29.92
CA LYS B 1038 15.60 -29.47 30.36
C LYS B 1038 16.17 -28.16 29.85
N ARG B 1039 15.42 -27.44 29.01
CA ARG B 1039 15.89 -26.17 28.49
C ARG B 1039 15.89 -25.12 29.59
N VAL B 1040 17.01 -24.40 29.72
CA VAL B 1040 17.18 -23.47 30.83
C VAL B 1040 16.33 -22.23 30.60
N ASP B 1041 15.59 -21.82 31.62
CA ASP B 1041 14.73 -20.64 31.64
C ASP B 1041 13.65 -20.68 30.57
N PHE B 1042 13.42 -21.84 29.95
CA PHE B 1042 12.36 -21.93 28.95
C PHE B 1042 10.98 -21.95 29.61
N CYS B 1043 10.86 -22.60 30.77
CA CYS B 1043 9.58 -22.76 31.45
C CYS B 1043 9.72 -22.44 32.93
N GLY B 1044 10.33 -21.30 33.23
CA GLY B 1044 10.42 -20.84 34.60
C GLY B 1044 11.84 -20.71 35.12
N LYS B 1045 12.04 -19.86 36.12
CA LYS B 1045 13.36 -19.67 36.72
C LYS B 1045 13.59 -20.77 37.75
N GLY B 1046 14.49 -21.69 37.45
CA GLY B 1046 14.79 -22.83 38.28
C GLY B 1046 14.80 -24.09 37.46
N TYR B 1047 14.83 -25.22 38.15
CA TYR B 1047 14.81 -26.52 37.51
C TYR B 1047 13.36 -26.96 37.31
N HIS B 1048 12.95 -27.09 36.06
CA HIS B 1048 11.55 -27.35 35.74
C HIS B 1048 11.07 -28.65 36.37
N LEU B 1049 9.91 -28.58 37.02
CA LEU B 1049 9.23 -29.77 37.52
C LEU B 1049 8.01 -30.09 36.67
N MET B 1050 7.08 -29.15 36.51
CA MET B 1050 5.90 -29.37 35.69
C MET B 1050 5.28 -28.03 35.33
N SER B 1051 4.13 -28.08 34.64
CA SER B 1051 3.44 -26.88 34.21
C SER B 1051 1.95 -27.17 34.09
N PHE B 1052 1.16 -26.11 34.26
CA PHE B 1052 -0.29 -26.22 34.17
C PHE B 1052 -0.83 -25.12 33.26
N PRO B 1053 -1.66 -25.46 32.27
CA PRO B 1053 -2.24 -24.44 31.40
C PRO B 1053 -3.60 -23.96 31.88
N GLN B 1054 -3.87 -22.69 31.60
CA GLN B 1054 -5.17 -22.07 31.89
C GLN B 1054 -5.54 -21.14 30.75
N SER B 1055 -6.73 -21.34 30.18
CA SER B 1055 -7.18 -20.46 29.12
C SER B 1055 -7.46 -19.06 29.66
N ALA B 1056 -7.20 -18.06 28.83
CA ALA B 1056 -7.45 -16.67 29.16
C ALA B 1056 -7.92 -15.97 27.89
N PRO B 1057 -8.61 -14.84 28.02
CA PRO B 1057 -9.09 -14.13 26.82
C PRO B 1057 -7.98 -13.86 25.81
N HIS B 1058 -8.08 -14.50 24.65
CA HIS B 1058 -7.12 -14.35 23.56
C HIS B 1058 -5.72 -14.81 23.96
N GLY B 1059 -5.61 -15.84 24.79
CA GLY B 1059 -4.29 -16.33 25.14
C GLY B 1059 -4.33 -17.44 26.16
N VAL B 1060 -3.13 -17.81 26.62
CA VAL B 1060 -2.95 -18.92 27.54
C VAL B 1060 -2.00 -18.49 28.65
N VAL B 1061 -2.23 -19.02 29.85
CA VAL B 1061 -1.39 -18.74 31.01
C VAL B 1061 -0.80 -20.05 31.48
N PHE B 1062 0.52 -20.08 31.63
CA PHE B 1062 1.24 -21.25 32.09
C PHE B 1062 1.72 -21.02 33.51
N LEU B 1063 1.31 -21.90 34.43
CA LEU B 1063 1.84 -21.90 35.78
C LEU B 1063 2.97 -22.92 35.81
N HIS B 1064 4.20 -22.42 35.95
CA HIS B 1064 5.40 -23.25 35.88
C HIS B 1064 5.83 -23.62 37.29
N VAL B 1065 5.63 -24.87 37.66
CA VAL B 1065 6.08 -25.38 38.95
C VAL B 1065 7.53 -25.81 38.80
N THR B 1066 8.43 -25.13 39.52
CA THR B 1066 9.87 -25.33 39.38
C THR B 1066 10.52 -25.46 40.75
N TYR B 1067 11.74 -25.98 40.74
CA TYR B 1067 12.51 -26.29 41.93
C TYR B 1067 13.66 -25.30 42.02
N VAL B 1068 13.78 -24.60 43.14
CA VAL B 1068 14.80 -23.59 43.35
C VAL B 1068 15.65 -24.01 44.55
N PRO B 1069 16.97 -24.11 44.42
CA PRO B 1069 17.80 -24.42 45.58
C PRO B 1069 17.77 -23.29 46.60
N ALA B 1070 18.08 -23.64 47.85
CA ALA B 1070 18.08 -22.66 48.92
C ALA B 1070 18.91 -23.18 50.08
N GLN B 1071 19.36 -22.24 50.92
CA GLN B 1071 20.13 -22.54 52.13
C GLN B 1071 21.41 -23.31 51.79
N GLU B 1072 22.28 -22.65 51.03
CA GLU B 1072 23.54 -23.26 50.64
C GLU B 1072 24.49 -23.33 51.82
N LYS B 1073 25.36 -24.33 51.81
CA LYS B 1073 26.40 -24.49 52.80
C LYS B 1073 27.75 -24.60 52.10
N ASN B 1074 28.81 -24.42 52.89
CA ASN B 1074 30.14 -24.02 52.42
C ASN B 1074 31.09 -25.17 52.75
N PHE B 1075 31.41 -26.00 51.76
CA PHE B 1075 32.22 -27.18 52.00
C PHE B 1075 33.55 -27.07 51.27
N THR B 1076 34.46 -27.99 51.61
CA THR B 1076 35.73 -28.15 50.92
C THR B 1076 35.66 -29.38 50.04
N THR B 1077 35.99 -29.22 48.76
CA THR B 1077 35.80 -30.27 47.77
C THR B 1077 37.13 -30.67 47.15
N ALA B 1078 37.17 -31.91 46.66
CA ALA B 1078 38.35 -32.47 46.02
C ALA B 1078 37.96 -33.16 44.72
N PRO B 1079 38.85 -33.18 43.73
CA PRO B 1079 38.55 -33.88 42.48
C PRO B 1079 38.43 -35.39 42.66
N ALA B 1080 39.42 -35.98 43.31
CA ALA B 1080 39.46 -37.42 43.53
C ALA B 1080 40.01 -37.69 44.92
N ILE B 1081 40.07 -38.97 45.29
CA ILE B 1081 40.53 -39.40 46.60
C ILE B 1081 41.47 -40.58 46.42
N CYS B 1082 42.65 -40.51 47.04
CA CYS B 1082 43.65 -41.56 46.93
C CYS B 1082 43.51 -42.54 48.09
N HIS B 1083 43.45 -43.83 47.76
CA HIS B 1083 43.27 -44.88 48.76
C HIS B 1083 44.49 -45.79 48.87
N ASP B 1084 44.88 -46.43 47.77
CA ASP B 1084 46.02 -47.34 47.73
C ASP B 1084 46.87 -47.06 46.50
N GLY B 1085 47.18 -45.78 46.30
CA GLY B 1085 47.77 -45.39 45.03
C GLY B 1085 46.79 -45.37 43.88
N LYS B 1086 45.49 -45.31 44.19
CA LYS B 1086 44.43 -45.32 43.20
C LYS B 1086 43.55 -44.10 43.39
N ALA B 1087 43.13 -43.49 42.29
CA ALA B 1087 42.27 -42.32 42.33
C ALA B 1087 40.81 -42.75 42.24
N HIS B 1088 40.00 -42.27 43.17
CA HIS B 1088 38.58 -42.59 43.23
C HIS B 1088 37.78 -41.34 42.86
N PHE B 1089 36.96 -41.45 41.83
CA PHE B 1089 36.12 -40.35 41.40
C PHE B 1089 34.66 -40.66 41.73
N PRO B 1090 33.86 -39.65 42.07
CA PRO B 1090 32.46 -39.92 42.42
C PRO B 1090 31.66 -40.35 41.20
N ARG B 1091 30.84 -41.38 41.41
CA ARG B 1091 30.06 -41.93 40.30
C ARG B 1091 28.95 -40.97 39.88
N GLU B 1092 28.20 -40.43 40.83
CA GLU B 1092 27.10 -39.53 40.54
C GLU B 1092 27.07 -38.28 41.39
N GLY B 1093 28.01 -38.11 42.33
CA GLY B 1093 27.99 -37.01 43.26
C GLY B 1093 29.28 -36.22 43.25
N VAL B 1094 29.57 -35.61 44.40
CA VAL B 1094 30.72 -34.75 44.59
C VAL B 1094 31.28 -35.00 45.98
N PHE B 1095 32.60 -34.96 46.10
CA PHE B 1095 33.26 -35.14 47.38
C PHE B 1095 33.25 -33.83 48.17
N VAL B 1096 32.86 -33.90 49.43
CA VAL B 1096 32.83 -32.74 50.32
C VAL B 1096 33.44 -33.13 51.66
N SER B 1097 33.88 -32.12 52.39
CA SER B 1097 34.45 -32.31 53.72
C SER B 1097 33.79 -31.33 54.69
N ASN B 1098 33.35 -31.84 55.83
CA ASN B 1098 32.76 -31.02 56.89
C ASN B 1098 33.79 -30.59 57.92
N GLY B 1099 35.06 -30.55 57.56
CA GLY B 1099 36.11 -30.11 58.46
C GLY B 1099 37.10 -31.20 58.81
N THR B 1100 36.61 -32.43 58.99
CA THR B 1100 37.46 -33.55 59.38
C THR B 1100 37.32 -34.75 58.47
N HIS B 1101 36.09 -35.19 58.19
CA HIS B 1101 35.84 -36.40 57.42
C HIS B 1101 35.28 -36.04 56.05
N TRP B 1102 35.36 -37.00 55.12
CA TRP B 1102 34.98 -36.79 53.74
C TRP B 1102 33.75 -37.62 53.39
N PHE B 1103 32.83 -37.01 52.65
CA PHE B 1103 31.60 -37.66 52.23
C PHE B 1103 31.40 -37.44 50.74
N VAL B 1104 30.50 -38.23 50.15
CA VAL B 1104 30.06 -38.05 48.78
C VAL B 1104 28.58 -37.71 48.79
N THR B 1105 28.22 -36.61 48.13
CA THR B 1105 26.86 -36.09 48.21
C THR B 1105 26.34 -35.79 46.81
N GLN B 1106 25.02 -35.67 46.70
CA GLN B 1106 24.42 -35.21 45.46
C GLN B 1106 24.81 -33.77 45.18
N ARG B 1107 24.75 -33.39 43.91
CA ARG B 1107 25.19 -32.06 43.50
C ARG B 1107 24.13 -30.99 43.73
N ASN B 1108 22.88 -31.37 43.96
CA ASN B 1108 21.79 -30.42 44.12
C ASN B 1108 21.09 -30.50 45.47
N PHE B 1109 21.60 -31.33 46.39
CA PHE B 1109 21.00 -31.47 47.71
C PHE B 1109 22.02 -32.13 48.63
N TYR B 1110 22.25 -31.52 49.78
CA TYR B 1110 23.26 -32.01 50.71
C TYR B 1110 22.75 -33.28 51.38
N GLU B 1111 23.20 -34.42 50.89
CA GLU B 1111 22.92 -35.73 51.48
C GLU B 1111 24.25 -36.47 51.59
N PRO B 1112 25.05 -36.17 52.61
CA PRO B 1112 26.37 -36.80 52.73
C PRO B 1112 26.25 -38.29 52.97
N GLN B 1113 27.14 -39.04 52.33
CA GLN B 1113 27.19 -40.49 52.45
C GLN B 1113 28.63 -40.92 52.68
N ILE B 1114 28.80 -42.06 53.35
CA ILE B 1114 30.12 -42.62 53.57
C ILE B 1114 30.71 -43.04 52.23
N ILE B 1115 31.96 -42.65 51.98
CA ILE B 1115 32.61 -42.92 50.70
C ILE B 1115 32.98 -44.40 50.67
N THR B 1116 32.30 -45.16 49.82
CA THR B 1116 32.55 -46.59 49.64
C THR B 1116 32.96 -46.86 48.19
N THR B 1117 33.05 -48.13 47.84
CA THR B 1117 33.41 -48.54 46.49
C THR B 1117 32.21 -48.65 45.55
N ASP B 1118 31.02 -48.33 46.03
CA ASP B 1118 29.82 -48.35 45.19
C ASP B 1118 29.46 -46.97 44.65
N ASN B 1119 29.82 -45.90 45.36
CA ASN B 1119 29.57 -44.54 44.89
C ASN B 1119 30.81 -43.90 44.28
N THR B 1120 31.90 -44.65 44.15
CA THR B 1120 33.14 -44.17 43.54
C THR B 1120 33.65 -45.20 42.54
N PHE B 1121 34.39 -44.72 41.55
CA PHE B 1121 35.03 -45.59 40.57
C PHE B 1121 36.50 -45.22 40.45
N VAL B 1122 37.32 -46.24 40.20
CA VAL B 1122 38.78 -46.10 40.17
C VAL B 1122 39.23 -45.78 38.75
N SER B 1123 40.23 -44.92 38.64
CA SER B 1123 40.81 -44.60 37.33
C SER B 1123 42.24 -44.08 37.57
N GLY B 1124 43.21 -44.94 37.28
CA GLY B 1124 44.60 -44.52 37.33
C GLY B 1124 45.15 -44.41 38.74
N ASN B 1125 46.28 -43.72 38.84
CA ASN B 1125 47.00 -43.53 40.10
C ASN B 1125 46.98 -42.06 40.51
N CYS B 1126 47.48 -41.80 41.71
CA CYS B 1126 47.38 -40.48 42.34
C CYS B 1126 48.59 -39.60 42.03
N ASP B 1127 48.89 -39.40 40.75
CA ASP B 1127 49.95 -38.47 40.37
C ASP B 1127 49.64 -37.71 39.09
N VAL B 1128 48.42 -37.81 38.55
CA VAL B 1128 48.02 -37.04 37.39
C VAL B 1128 46.89 -36.07 37.68
N VAL B 1129 46.24 -36.19 38.83
CA VAL B 1129 45.13 -35.30 39.21
C VAL B 1129 45.68 -34.23 40.15
N ILE B 1130 45.32 -32.98 39.87
CA ILE B 1130 45.77 -31.84 40.66
C ILE B 1130 44.64 -31.50 41.64
N GLY B 1131 44.93 -31.64 42.94
CA GLY B 1131 43.93 -31.45 43.97
C GLY B 1131 43.50 -32.73 44.66
N ILE B 1132 44.05 -33.88 44.27
CA ILE B 1132 43.66 -35.14 44.89
C ILE B 1132 44.08 -35.14 46.36
N VAL B 1133 43.18 -35.62 47.22
CA VAL B 1133 43.43 -35.65 48.66
C VAL B 1133 43.54 -37.08 49.14
N ASN B 1134 43.83 -37.26 50.43
CA ASN B 1134 44.01 -38.57 51.03
C ASN B 1134 42.84 -38.90 51.92
N ASN B 1135 42.19 -40.03 51.67
CA ASN B 1135 41.09 -40.49 52.51
C ASN B 1135 40.88 -41.97 52.27
N THR B 1136 40.30 -42.65 53.26
CA THR B 1136 40.02 -44.07 53.14
C THR B 1136 38.70 -44.30 52.42
N VAL B 1137 38.68 -45.29 51.53
CA VAL B 1137 37.48 -45.72 50.85
C VAL B 1137 37.02 -47.02 51.51
N TYR B 1138 35.89 -46.97 52.20
CA TYR B 1138 35.42 -48.11 52.96
CA TYR B 1138 35.43 -48.11 52.97
C TYR B 1138 34.87 -49.18 52.05
N ASP B 1139 35.31 -50.41 52.24
CA ASP B 1139 34.83 -51.55 51.46
C ASP B 1139 33.65 -52.19 52.17
N PRO B 1140 32.49 -52.33 51.52
CA PRO B 1140 31.32 -52.90 52.18
C PRO B 1140 31.31 -54.41 52.25
N LEU B 1141 32.30 -55.09 51.66
CA LEU B 1141 32.34 -56.54 51.63
C LEU B 1141 33.44 -57.14 52.47
N GLN B 1142 34.55 -56.42 52.68
CA GLN B 1142 35.62 -56.94 53.52
C GLN B 1142 35.19 -57.20 54.96
N PRO B 1143 34.44 -56.31 55.64
CA PRO B 1143 33.92 -56.67 56.96
C PRO B 1143 33.03 -57.89 56.94
N GLU B 1144 32.27 -58.11 55.85
CA GLU B 1144 31.45 -59.31 55.76
C GLU B 1144 32.33 -60.57 55.75
N LEU B 1145 33.43 -60.53 55.01
CA LEU B 1145 34.37 -61.65 55.00
C LEU B 1145 35.13 -61.76 56.32
N ASP B 1146 35.23 -60.66 57.07
CA ASP B 1146 35.90 -60.71 58.37
C ASP B 1146 35.17 -61.63 59.33
N SER B 1147 33.84 -61.58 59.35
CA SER B 1147 33.05 -62.43 60.22
C SER B 1147 32.57 -63.68 59.48
N ASN C 17 37.19 30.20 -55.57
CA ASN C 17 38.08 30.85 -54.61
C ASN C 17 39.16 29.87 -54.13
N LEU C 18 39.27 29.70 -52.81
CA LEU C 18 40.33 28.89 -52.21
C LEU C 18 39.74 27.53 -51.84
N THR C 19 39.62 26.67 -52.83
CA THR C 19 39.10 25.32 -52.66
C THR C 19 40.15 24.31 -53.12
N THR C 20 39.82 23.02 -52.96
CA THR C 20 40.69 21.91 -53.34
C THR C 20 42.11 22.08 -52.79
N ARG C 21 42.18 22.49 -51.52
CA ARG C 21 43.48 22.64 -50.87
C ARG C 21 44.19 21.30 -50.76
N THR C 22 43.46 20.25 -50.41
CA THR C 22 44.00 18.90 -50.38
C THR C 22 42.83 17.91 -50.43
N GLN C 23 43.12 16.72 -50.93
CA GLN C 23 42.12 15.65 -51.06
C GLN C 23 42.63 14.45 -50.26
N LEU C 24 42.11 14.27 -49.05
CA LEU C 24 42.55 13.20 -48.17
C LEU C 24 41.34 12.48 -47.59
N PRO C 25 41.50 11.20 -47.24
CA PRO C 25 40.41 10.50 -46.55
C PRO C 25 40.22 11.07 -45.15
N PRO C 26 39.00 10.99 -44.62
CA PRO C 26 38.73 11.58 -43.30
C PRO C 26 39.29 10.70 -42.18
N ALA C 27 40.17 11.27 -41.37
CA ALA C 27 40.77 10.57 -40.25
C ALA C 27 39.86 10.62 -39.03
N TYR C 28 39.93 9.58 -38.22
CA TYR C 28 39.10 9.45 -37.02
C TYR C 28 39.99 9.33 -35.80
N THR C 29 39.48 9.83 -34.67
CA THR C 29 40.22 9.84 -33.41
C THR C 29 39.29 9.42 -32.29
N ASN C 30 39.85 8.80 -31.27
CA ASN C 30 39.10 8.37 -30.10
C ASN C 30 39.00 9.52 -29.11
N SER C 31 37.77 9.88 -28.73
CA SER C 31 37.51 10.85 -27.68
C SER C 31 37.20 10.05 -26.41
N PHE C 32 38.23 9.87 -25.57
CA PHE C 32 38.14 8.96 -24.45
C PHE C 32 37.02 9.34 -23.49
N THR C 33 37.17 10.48 -22.80
CA THR C 33 36.14 11.03 -21.93
C THR C 33 36.21 12.54 -22.08
N ARG C 34 35.45 13.08 -23.03
CA ARG C 34 35.49 14.50 -23.35
C ARG C 34 34.09 15.01 -23.61
N GLY C 35 33.92 16.32 -23.47
CA GLY C 35 32.64 16.94 -23.73
C GLY C 35 31.60 16.74 -22.65
N VAL C 36 32.02 16.59 -21.41
CA VAL C 36 31.10 16.41 -20.29
C VAL C 36 30.89 17.78 -19.66
N TYR C 37 29.87 18.49 -20.13
CA TYR C 37 29.61 19.83 -19.67
C TYR C 37 28.79 19.82 -18.38
N TYR C 38 28.58 21.00 -17.82
CA TYR C 38 27.80 21.12 -16.60
C TYR C 38 26.32 21.16 -16.94
N PRO C 39 25.52 20.19 -16.47
CA PRO C 39 24.10 20.14 -16.87
C PRO C 39 23.30 21.37 -16.44
N ASP C 40 23.61 21.96 -15.31
CA ASP C 40 22.85 23.10 -14.80
C ASP C 40 23.80 24.04 -14.07
N LYS C 41 23.24 25.00 -13.34
CA LYS C 41 24.00 26.02 -12.64
C LYS C 41 23.72 25.97 -11.14
N VAL C 42 23.72 24.77 -10.57
CA VAL C 42 23.48 24.56 -9.15
C VAL C 42 24.72 23.93 -8.55
N PHE C 43 25.22 24.52 -7.46
CA PHE C 43 26.42 24.01 -6.82
C PHE C 43 26.12 22.68 -6.12
N ARG C 44 26.94 21.68 -6.39
CA ARG C 44 26.84 20.39 -5.74
C ARG C 44 28.23 19.91 -5.37
N SER C 45 28.37 19.40 -4.14
CA SER C 45 29.66 18.95 -3.63
C SER C 45 29.53 17.56 -3.03
N SER C 46 30.52 16.71 -3.34
CA SER C 46 30.60 15.35 -2.82
C SER C 46 29.29 14.58 -3.07
N VAL C 47 28.83 14.62 -4.32
CA VAL C 47 27.55 14.04 -4.69
C VAL C 47 27.70 13.27 -5.99
N LEU C 48 26.70 12.42 -6.27
CA LEU C 48 26.61 11.67 -7.52
C LEU C 48 25.28 11.99 -8.17
N HIS C 49 25.31 12.58 -9.36
CA HIS C 49 24.11 13.09 -10.01
C HIS C 49 23.89 12.36 -11.33
N SER C 50 22.67 11.89 -11.54
CA SER C 50 22.29 11.23 -12.79
C SER C 50 21.52 12.22 -13.64
N THR C 51 22.06 12.54 -14.82
CA THR C 51 21.46 13.54 -15.71
C THR C 51 21.23 12.93 -17.08
N GLN C 52 20.02 13.14 -17.62
CA GLN C 52 19.68 12.72 -18.97
C GLN C 52 19.71 13.95 -19.87
N ASP C 53 20.58 13.94 -20.87
CA ASP C 53 20.75 15.14 -21.70
C ASP C 53 21.34 14.70 -23.04
N LEU C 54 21.87 15.66 -23.80
CA LEU C 54 22.57 15.39 -25.05
C LEU C 54 24.07 15.44 -24.75
N PHE C 55 24.68 14.27 -24.60
CA PHE C 55 26.09 14.16 -24.24
C PHE C 55 26.86 13.49 -25.36
N LEU C 56 28.15 13.79 -25.42
CA LEU C 56 29.03 13.11 -26.36
C LEU C 56 29.38 11.73 -25.84
N PRO C 57 29.07 10.66 -26.56
CA PRO C 57 29.32 9.31 -26.03
C PRO C 57 30.80 9.06 -25.77
N PHE C 58 31.07 8.26 -24.74
CA PHE C 58 32.44 7.94 -24.39
C PHE C 58 33.07 7.05 -25.45
N PHE C 59 34.36 7.29 -25.70
CA PHE C 59 35.15 6.48 -26.64
C PHE C 59 34.50 6.44 -28.02
N SER C 60 33.95 7.57 -28.46
CA SER C 60 33.35 7.67 -29.77
C SER C 60 34.40 8.12 -30.81
N ASN C 61 34.01 8.04 -32.08
CA ASN C 61 34.93 8.41 -33.17
C ASN C 61 34.66 9.85 -33.59
N VAL C 62 35.59 10.75 -33.34
CA VAL C 62 35.48 12.16 -33.71
C VAL C 62 36.33 12.37 -34.95
N THR C 63 35.77 13.06 -35.94
CA THR C 63 36.47 13.28 -37.20
C THR C 63 37.50 14.39 -37.03
N TRP C 64 38.73 14.12 -37.48
CA TRP C 64 39.85 15.04 -37.33
C TRP C 64 40.10 15.68 -38.69
N PHE C 65 39.98 17.01 -38.76
CA PHE C 65 40.22 17.75 -39.98
C PHE C 65 41.47 18.59 -39.85
N HIS C 66 42.23 18.67 -40.94
CA HIS C 66 43.50 19.40 -40.94
C HIS C 66 43.34 20.77 -41.58
N ARG C 78 48.28 21.60 -43.05
CA ARG C 78 47.47 21.86 -44.23
C ARG C 78 46.34 22.83 -43.90
N PHE C 79 45.18 22.64 -44.52
CA PHE C 79 44.05 23.52 -44.32
C PHE C 79 42.79 22.81 -44.76
N ASP C 80 41.81 22.68 -43.86
CA ASP C 80 40.55 22.00 -44.16
C ASP C 80 39.38 22.88 -43.74
N ASN C 81 38.31 22.83 -44.53
CA ASN C 81 37.12 23.62 -44.21
C ASN C 81 35.89 23.06 -44.92
N PRO C 82 35.35 21.92 -44.49
CA PRO C 82 34.12 21.39 -45.08
C PRO C 82 32.89 21.85 -44.32
N VAL C 83 31.73 21.60 -44.92
CA VAL C 83 30.44 21.88 -44.32
C VAL C 83 29.92 20.57 -43.73
N LEU C 84 29.61 20.58 -42.44
CA LEU C 84 29.22 19.38 -41.72
C LEU C 84 27.78 19.47 -41.22
N PRO C 85 27.14 18.34 -40.97
CA PRO C 85 25.81 18.37 -40.35
C PRO C 85 25.89 18.78 -38.90
N PHE C 86 24.75 19.19 -38.36
CA PHE C 86 24.62 19.60 -36.97
C PHE C 86 23.90 18.57 -36.11
N ASN C 87 22.86 17.93 -36.64
CA ASN C 87 22.12 16.89 -35.95
C ASN C 87 21.54 17.39 -34.65
N ASP C 88 22.04 16.90 -33.51
CA ASP C 88 21.55 17.30 -32.20
C ASP C 88 22.51 18.17 -31.42
N GLY C 89 23.78 18.23 -31.82
CA GLY C 89 24.75 19.05 -31.13
C GLY C 89 26.13 18.71 -31.64
N VAL C 90 27.08 19.57 -31.30
CA VAL C 90 28.45 19.43 -31.79
C VAL C 90 29.43 19.62 -30.64
N TYR C 91 30.33 18.66 -30.46
CA TYR C 91 31.51 18.83 -29.64
C TYR C 91 32.66 19.17 -30.58
N PHE C 92 33.11 20.43 -30.52
CA PHE C 92 34.15 20.95 -31.41
C PHE C 92 35.39 21.22 -30.56
N ALA C 93 36.45 20.44 -30.78
CA ALA C 93 37.71 20.67 -30.10
C ALA C 93 38.73 21.18 -31.10
N SER C 94 39.58 22.10 -30.68
CA SER C 94 40.60 22.66 -31.55
C SER C 94 41.85 22.95 -30.73
N THR C 95 42.94 22.27 -31.07
CA THR C 95 44.24 22.51 -30.45
C THR C 95 45.16 23.11 -31.50
N GLU C 96 45.73 24.27 -31.18
CA GLU C 96 46.58 25.00 -32.11
C GLU C 96 47.47 25.94 -31.30
N LYS C 97 48.17 26.83 -32.00
CA LYS C 97 49.07 27.79 -31.36
C LYS C 97 48.60 29.22 -31.54
N SER C 98 48.36 29.65 -32.78
CA SER C 98 47.92 31.01 -33.07
C SER C 98 46.39 31.06 -33.08
N ASN C 99 45.84 32.07 -33.75
CA ASN C 99 44.40 32.29 -33.82
C ASN C 99 43.81 31.81 -35.14
N ILE C 100 44.34 30.70 -35.69
CA ILE C 100 43.95 30.25 -37.02
C ILE C 100 42.47 29.92 -37.10
N ILE C 101 41.86 29.52 -35.98
CA ILE C 101 40.43 29.25 -35.92
C ILE C 101 39.74 30.43 -35.25
N ARG C 102 38.81 31.06 -35.97
CA ARG C 102 38.12 32.24 -35.47
C ARG C 102 36.74 31.93 -34.92
N GLY C 103 35.85 31.37 -35.74
CA GLY C 103 34.51 31.13 -35.31
C GLY C 103 33.81 30.07 -36.13
N TRP C 104 32.49 30.14 -36.15
CA TRP C 104 31.67 29.15 -36.85
C TRP C 104 30.43 29.84 -37.41
N ILE C 105 29.82 29.21 -38.41
CA ILE C 105 28.51 29.62 -38.91
C ILE C 105 27.58 28.43 -38.79
N PHE C 106 26.33 28.70 -38.40
CA PHE C 106 25.31 27.67 -38.24
C PHE C 106 24.07 28.09 -39.02
N GLY C 107 23.62 27.22 -39.93
CA GLY C 107 22.49 27.58 -40.75
C GLY C 107 21.80 26.37 -41.32
N THR C 108 20.92 26.62 -42.28
CA THR C 108 20.16 25.58 -42.96
C THR C 108 20.61 25.39 -44.40
N THR C 109 20.55 26.46 -45.20
CA THR C 109 21.06 26.43 -46.57
C THR C 109 22.29 27.31 -46.75
N LEU C 110 22.69 28.07 -45.73
CA LEU C 110 23.89 28.89 -45.77
C LEU C 110 23.84 29.91 -46.91
N ASP C 111 22.65 30.43 -47.17
CA ASP C 111 22.45 31.48 -48.18
C ASP C 111 21.40 32.46 -47.65
N SER C 112 21.02 33.41 -48.50
CA SER C 112 20.10 34.47 -48.11
C SER C 112 18.66 34.01 -48.02
N LYS C 113 18.34 32.80 -48.46
CA LYS C 113 16.96 32.33 -48.42
C LYS C 113 16.45 32.19 -46.99
N THR C 114 17.30 31.69 -46.09
CA THR C 114 16.93 31.48 -44.70
C THR C 114 17.96 32.11 -43.79
N GLN C 115 17.52 32.44 -42.57
CA GLN C 115 18.40 33.05 -41.59
C GLN C 115 19.50 32.10 -41.17
N SER C 116 20.67 32.67 -40.86
CA SER C 116 21.83 31.88 -40.47
C SER C 116 22.60 32.61 -39.38
N LEU C 117 23.09 31.84 -38.42
CA LEU C 117 23.98 32.34 -37.37
C LEU C 117 25.41 32.45 -37.88
N LEU C 118 26.19 33.30 -37.22
CA LEU C 118 27.59 33.49 -37.56
C LEU C 118 28.30 34.03 -36.34
N ILE C 119 29.42 33.41 -35.98
CA ILE C 119 30.25 33.81 -34.84
C ILE C 119 31.64 34.10 -35.35
N VAL C 120 32.17 35.27 -35.00
CA VAL C 120 33.53 35.66 -35.33
C VAL C 120 34.23 36.11 -34.06
N ASN C 121 35.40 35.56 -33.80
CA ASN C 121 36.18 35.93 -32.61
C ASN C 121 36.99 37.17 -32.95
N ASN C 122 36.41 38.34 -32.68
CA ASN C 122 37.12 39.60 -32.76
C ASN C 122 38.36 39.55 -31.87
N ALA C 123 39.36 40.36 -32.23
CA ALA C 123 40.62 40.34 -31.51
C ALA C 123 40.43 40.57 -30.01
N THR C 124 39.43 41.37 -29.65
CA THR C 124 39.13 41.64 -28.25
C THR C 124 37.62 41.68 -28.02
N ASN C 125 36.87 40.92 -28.80
CA ASN C 125 35.41 40.98 -28.75
C ASN C 125 34.84 39.75 -29.45
N VAL C 126 33.52 39.73 -29.59
CA VAL C 126 32.78 38.66 -30.27
C VAL C 126 31.69 39.30 -31.11
N VAL C 127 31.47 38.75 -32.31
CA VAL C 127 30.63 39.39 -33.32
C VAL C 127 29.45 38.48 -33.69
N ILE C 128 28.93 37.76 -32.70
CA ILE C 128 27.77 36.88 -32.91
C ILE C 128 26.63 37.65 -33.58
N LYS C 129 26.21 37.19 -34.75
CA LYS C 129 25.09 37.80 -35.48
C LYS C 129 24.33 36.69 -36.20
N VAL C 130 23.00 36.71 -36.09
CA VAL C 130 22.15 35.79 -36.82
C VAL C 130 21.35 36.62 -37.83
N CYS C 131 21.77 36.57 -39.09
CA CYS C 131 21.11 37.32 -40.15
C CYS C 131 21.02 36.44 -41.39
N GLU C 132 20.33 36.95 -42.41
CA GLU C 132 20.20 36.22 -43.68
C GLU C 132 21.44 36.43 -44.55
N PHE C 133 22.57 35.96 -44.04
CA PHE C 133 23.83 36.09 -44.76
C PHE C 133 23.80 35.25 -46.03
N GLN C 134 24.37 35.80 -47.10
CA GLN C 134 24.61 35.05 -48.33
C GLN C 134 26.06 34.57 -48.24
N PHE C 135 26.24 33.40 -47.65
CA PHE C 135 27.57 32.87 -47.41
C PHE C 135 28.20 32.39 -48.71
N CYS C 136 29.45 32.76 -48.93
CA CYS C 136 30.18 32.30 -50.10
C CYS C 136 30.52 30.82 -49.95
N ASN C 137 30.88 30.19 -51.07
CA ASN C 137 31.20 28.77 -51.06
C ASN C 137 32.49 28.45 -50.30
N ASP C 138 33.33 29.44 -50.04
CA ASP C 138 34.58 29.26 -49.29
C ASP C 138 34.68 30.34 -48.22
N PRO C 139 33.93 30.21 -47.13
CA PRO C 139 33.98 31.23 -46.07
C PRO C 139 35.35 31.25 -45.39
N PHE C 140 35.89 32.46 -45.22
CA PHE C 140 37.09 32.64 -44.42
C PHE C 140 37.18 34.11 -44.00
N LEU C 141 37.80 34.34 -42.86
CA LEU C 141 37.97 35.69 -42.32
C LEU C 141 39.37 36.18 -42.69
N GLY C 142 39.43 37.13 -43.60
CA GLY C 142 40.71 37.70 -44.01
C GLY C 142 41.11 38.89 -43.16
N VAL C 143 42.42 39.06 -42.99
CA VAL C 143 42.95 40.17 -42.22
C VAL C 143 43.75 41.11 -43.11
N SER C 155 40.08 41.51 -40.36
CA SER C 155 39.18 42.65 -40.22
C SER C 155 38.14 42.67 -41.34
N GLU C 156 38.62 42.56 -42.58
CA GLU C 156 37.72 42.54 -43.73
C GLU C 156 36.89 41.26 -43.72
N PHE C 157 35.61 41.40 -44.10
CA PHE C 157 34.69 40.27 -44.11
C PHE C 157 34.67 39.66 -45.51
N ARG C 158 35.36 38.54 -45.66
CA ARG C 158 35.31 37.74 -46.88
C ARG C 158 34.42 36.51 -46.72
N VAL C 159 33.65 36.43 -45.63
CA VAL C 159 32.83 35.26 -45.37
C VAL C 159 31.53 35.33 -46.17
N TYR C 160 30.79 36.43 -46.03
CA TYR C 160 29.50 36.61 -46.67
C TYR C 160 29.55 37.79 -47.62
N SER C 161 28.43 38.04 -48.30
CA SER C 161 28.31 39.16 -49.21
C SER C 161 26.98 39.91 -49.10
N SER C 162 26.11 39.53 -48.17
CA SER C 162 24.83 40.19 -48.01
C SER C 162 24.43 40.15 -46.53
N ALA C 163 23.62 41.13 -46.12
CA ALA C 163 23.15 41.24 -44.74
C ALA C 163 21.71 41.76 -44.77
N ASN C 164 20.75 40.84 -44.71
CA ASN C 164 19.34 41.19 -44.70
C ASN C 164 18.93 41.57 -43.27
N ASN C 165 17.63 41.68 -43.03
CA ASN C 165 17.14 42.13 -41.74
C ASN C 165 17.42 41.09 -40.65
N CYS C 166 17.81 41.57 -39.48
CA CYS C 166 18.00 40.71 -38.32
C CYS C 166 17.82 41.54 -37.06
N THR C 167 17.57 40.84 -35.95
CA THR C 167 17.27 41.47 -34.67
C THR C 167 18.06 40.84 -33.54
N PHE C 168 19.33 40.52 -33.81
CA PHE C 168 20.18 39.91 -32.78
C PHE C 168 21.63 40.12 -33.18
N GLU C 169 22.37 40.90 -32.39
CA GLU C 169 23.76 41.24 -32.68
C GLU C 169 24.60 41.15 -31.41
N TYR C 170 24.45 40.03 -30.69
CA TYR C 170 25.13 39.86 -29.40
C TYR C 170 26.64 40.05 -29.53
N VAL C 171 27.20 40.83 -28.61
CA VAL C 171 28.62 41.13 -28.58
C VAL C 171 29.10 41.04 -27.15
N SER C 172 30.20 40.32 -26.92
CA SER C 172 30.71 40.15 -25.56
C SER C 172 32.23 39.93 -25.65
N GLN C 173 32.81 39.47 -24.55
CA GLN C 173 34.25 39.23 -24.50
C GLN C 173 34.63 38.05 -25.40
N PRO C 174 35.87 38.03 -25.91
CA PRO C 174 36.27 36.98 -26.85
C PRO C 174 36.21 35.60 -26.22
N PHE C 175 35.82 34.61 -27.02
CA PHE C 175 35.82 33.21 -26.62
C PHE C 175 37.20 32.57 -26.70
N LEU C 176 38.15 33.23 -27.35
CA LEU C 176 39.49 32.68 -27.59
C LEU C 176 39.41 31.34 -28.31
N PHE C 186 51.30 21.83 -30.10
CA PHE C 186 50.35 22.80 -29.56
C PHE C 186 50.20 22.61 -28.05
N LYS C 187 49.97 23.71 -27.34
CA LYS C 187 50.00 23.69 -25.88
C LYS C 187 48.63 23.89 -25.23
N ASN C 188 47.60 24.22 -25.98
CA ASN C 188 46.27 24.44 -25.42
C ASN C 188 45.22 23.68 -26.21
N LEU C 189 44.14 23.32 -25.53
CA LEU C 189 42.99 22.65 -26.13
C LEU C 189 41.74 23.42 -25.73
N ARG C 190 40.99 23.90 -26.72
CA ARG C 190 39.78 24.69 -26.50
C ARG C 190 38.59 23.85 -26.93
N GLU C 191 37.91 23.23 -25.97
CA GLU C 191 36.74 22.42 -26.26
C GLU C 191 35.48 23.27 -26.17
N PHE C 192 34.57 23.05 -27.11
CA PHE C 192 33.29 23.73 -27.15
C PHE C 192 32.18 22.72 -27.37
N VAL C 193 31.02 23.00 -26.80
CA VAL C 193 29.80 22.23 -27.04
C VAL C 193 28.73 23.19 -27.50
N PHE C 194 28.22 22.98 -28.71
CA PHE C 194 27.14 23.76 -29.28
C PHE C 194 25.87 22.93 -29.29
N LYS C 195 24.79 23.48 -28.74
CA LYS C 195 23.51 22.79 -28.68
C LYS C 195 22.41 23.77 -29.03
N ASN C 196 21.33 23.26 -29.60
CA ASN C 196 20.20 24.10 -30.02
C ASN C 196 18.92 23.42 -29.57
N ILE C 197 18.33 23.93 -28.49
CA ILE C 197 17.14 23.31 -27.91
C ILE C 197 16.14 24.40 -27.51
N ASP C 198 14.87 24.18 -27.86
CA ASP C 198 13.77 25.06 -27.46
C ASP C 198 14.00 26.50 -27.87
N GLY C 199 14.54 26.68 -29.08
CA GLY C 199 14.80 28.02 -29.57
C GLY C 199 15.93 28.74 -28.87
N TYR C 200 16.81 28.00 -28.19
CA TYR C 200 17.95 28.59 -27.50
C TYR C 200 19.22 27.90 -27.96
N PHE C 201 20.22 28.71 -28.33
CA PHE C 201 21.53 28.21 -28.73
C PHE C 201 22.47 28.32 -27.52
N LYS C 202 22.85 27.18 -26.98
CA LYS C 202 23.68 27.09 -25.78
C LYS C 202 25.09 26.69 -26.17
N ILE C 203 26.06 27.47 -25.72
CA ILE C 203 27.48 27.20 -25.97
C ILE C 203 28.17 27.02 -24.62
N TYR C 204 28.82 25.87 -24.46
CA TYR C 204 29.69 25.57 -23.32
C TYR C 204 31.11 25.50 -23.82
N SER C 205 32.07 25.76 -22.93
CA SER C 205 33.47 25.81 -23.37
C SER C 205 34.40 25.51 -22.22
N LYS C 206 35.64 25.17 -22.57
CA LYS C 206 36.71 24.99 -21.60
C LYS C 206 38.05 25.07 -22.31
N HIS C 207 39.05 25.62 -21.61
CA HIS C 207 40.41 25.70 -22.11
C HIS C 207 41.32 24.92 -21.17
N THR C 208 42.13 24.01 -21.73
CA THR C 208 43.00 23.19 -20.90
C THR C 208 44.40 23.12 -21.48
N PRO C 209 45.44 23.24 -20.64
CA PRO C 209 46.82 23.10 -21.13
C PRO C 209 47.18 21.63 -21.34
N ILE C 210 47.66 21.31 -22.54
CA ILE C 210 47.99 19.94 -22.92
C ILE C 210 49.39 19.92 -23.54
N ASN C 211 49.99 18.73 -23.52
CA ASN C 211 51.32 18.54 -24.08
C ASN C 211 51.31 17.59 -25.27
N LEU C 212 50.78 16.38 -25.13
CA LEU C 212 50.71 15.44 -26.24
C LEU C 212 49.56 15.84 -27.15
N VAL C 213 49.90 16.20 -28.39
CA VAL C 213 48.94 16.82 -29.31
C VAL C 213 48.51 15.88 -30.43
N ARG C 214 49.02 14.64 -30.45
CA ARG C 214 48.64 13.71 -31.51
C ARG C 214 47.17 13.33 -31.45
N ASP C 215 46.52 13.50 -30.30
CA ASP C 215 45.11 13.20 -30.14
C ASP C 215 44.60 13.92 -28.91
N LEU C 216 43.29 13.79 -28.65
CA LEU C 216 42.72 14.40 -27.47
C LEU C 216 43.23 13.70 -26.21
N PRO C 217 43.45 14.44 -25.14
CA PRO C 217 44.05 13.83 -23.93
C PRO C 217 43.13 12.82 -23.28
N GLN C 218 43.75 11.87 -22.58
CA GLN C 218 43.02 10.85 -21.83
C GLN C 218 42.79 11.32 -20.39
N GLY C 219 42.20 12.50 -20.28
CA GLY C 219 41.93 13.08 -18.97
C GLY C 219 40.45 13.31 -18.73
N PHE C 220 40.12 14.29 -17.89
CA PHE C 220 38.73 14.58 -17.59
C PHE C 220 38.61 16.06 -17.26
N SER C 221 38.08 16.84 -18.20
CA SER C 221 37.81 18.27 -17.99
C SER C 221 36.36 18.54 -18.31
N ALA C 222 35.67 19.20 -17.37
CA ALA C 222 34.24 19.46 -17.50
C ALA C 222 34.03 20.85 -18.08
N LEU C 223 33.33 20.91 -19.21
CA LEU C 223 33.06 22.19 -19.85
C LEU C 223 32.06 22.98 -19.01
N GLU C 224 32.31 24.29 -18.90
CA GLU C 224 31.42 25.16 -18.15
C GLU C 224 30.57 25.99 -19.09
N PRO C 225 29.34 26.34 -18.69
CA PRO C 225 28.47 27.12 -19.57
C PRO C 225 29.09 28.47 -19.90
N LEU C 226 28.92 28.89 -21.16
CA LEU C 226 29.37 30.20 -21.61
C LEU C 226 28.21 31.10 -22.00
N VAL C 227 27.38 30.69 -22.98
CA VAL C 227 26.30 31.53 -23.45
C VAL C 227 25.04 30.71 -23.65
N ASP C 228 23.90 31.40 -23.59
CA ASP C 228 22.56 30.82 -23.70
C ASP C 228 21.70 31.68 -24.62
N LEU C 229 22.22 31.98 -25.81
CA LEU C 229 21.62 32.99 -26.67
C LEU C 229 20.20 32.59 -27.08
N PRO C 230 19.27 33.53 -27.13
CA PRO C 230 17.87 33.28 -27.59
C PRO C 230 17.70 33.44 -29.10
N ILE C 231 18.11 32.41 -29.84
CA ILE C 231 18.12 32.43 -31.30
C ILE C 231 17.13 31.38 -31.80
N GLY C 232 16.19 31.80 -32.64
CA GLY C 232 15.25 30.86 -33.22
C GLY C 232 15.52 30.57 -34.69
N ILE C 233 16.11 29.41 -34.96
CA ILE C 233 16.40 28.94 -36.31
C ILE C 233 16.47 27.42 -36.27
N ASN C 234 16.38 26.81 -37.44
CA ASN C 234 16.54 25.36 -37.56
C ASN C 234 17.95 25.08 -38.07
N ILE C 235 18.89 24.99 -37.12
CA ILE C 235 20.29 24.73 -37.47
C ILE C 235 20.43 23.30 -37.93
N THR C 236 20.90 23.11 -39.15
CA THR C 236 21.09 21.80 -39.74
C THR C 236 22.51 21.55 -40.22
N ARG C 237 23.20 22.57 -40.71
CA ARG C 237 24.58 22.45 -41.15
C ARG C 237 25.42 23.55 -40.50
N PHE C 238 26.73 23.34 -40.50
CA PHE C 238 27.64 24.28 -39.87
C PHE C 238 29.01 24.18 -40.54
N GLN C 239 29.83 25.21 -40.29
CA GLN C 239 31.12 25.33 -40.95
C GLN C 239 32.03 26.18 -40.07
N THR C 240 33.32 25.88 -40.12
CA THR C 240 34.32 26.55 -39.28
C THR C 240 35.01 27.66 -40.06
N LEU C 241 35.23 28.79 -39.40
CA LEU C 241 35.97 29.91 -39.96
C LEU C 241 37.46 29.78 -39.65
N LEU C 242 38.28 30.12 -40.63
CA LEU C 242 39.73 30.11 -40.47
C LEU C 242 40.30 31.43 -40.95
N ALA C 243 41.30 31.93 -40.23
CA ALA C 243 41.93 33.20 -40.58
C ALA C 243 42.81 33.04 -41.81
N LEU C 244 42.65 33.94 -42.77
CA LEU C 244 43.40 33.93 -44.02
C LEU C 244 44.17 35.24 -44.11
N HIS C 245 45.41 35.22 -43.63
CA HIS C 245 46.26 36.41 -43.65
C HIS C 245 46.85 36.63 -45.03
N ALA C 260 47.30 29.53 -45.17
CA ALA C 260 47.61 30.49 -44.12
C ALA C 260 48.07 29.78 -42.84
N GLY C 261 48.93 28.80 -43.01
CA GLY C 261 49.45 28.03 -41.89
C GLY C 261 48.80 26.67 -41.78
N ALA C 262 48.85 26.11 -40.58
CA ALA C 262 48.30 24.80 -40.30
C ALA C 262 46.87 24.93 -39.79
N ALA C 263 46.24 23.79 -39.50
CA ALA C 263 44.88 23.75 -38.97
C ALA C 263 44.60 22.33 -38.50
N ALA C 264 43.82 22.21 -37.43
CA ALA C 264 43.42 20.91 -36.91
C ALA C 264 42.25 21.09 -35.95
N TYR C 265 41.15 20.41 -36.22
CA TYR C 265 40.03 20.41 -35.29
C TYR C 265 39.29 19.09 -35.35
N TYR C 266 38.81 18.65 -34.19
CA TYR C 266 38.06 17.41 -34.05
C TYR C 266 36.59 17.73 -33.85
N VAL C 267 35.73 17.03 -34.57
CA VAL C 267 34.29 17.27 -34.51
C VAL C 267 33.61 15.96 -34.12
N GLY C 268 32.78 16.00 -33.07
CA GLY C 268 31.94 14.89 -32.71
C GLY C 268 30.51 15.36 -32.54
N TYR C 269 29.59 14.40 -32.54
CA TYR C 269 28.16 14.69 -32.50
C TYR C 269 27.56 14.20 -31.20
N LEU C 270 26.81 15.08 -30.54
CA LEU C 270 26.14 14.72 -29.29
C LEU C 270 24.99 13.75 -29.57
N GLN C 271 24.77 12.85 -28.62
CA GLN C 271 23.69 11.89 -28.67
C GLN C 271 22.91 11.93 -27.36
N PRO C 272 21.62 11.58 -27.39
CA PRO C 272 20.84 11.54 -26.14
C PRO C 272 21.32 10.43 -25.23
N ARG C 273 21.96 10.81 -24.12
CA ARG C 273 22.54 9.84 -23.19
C ARG C 273 22.22 10.24 -21.76
N THR C 274 22.26 9.24 -20.89
CA THR C 274 22.18 9.43 -19.45
C THR C 274 23.58 9.24 -18.88
N PHE C 275 24.07 10.24 -18.15
CA PHE C 275 25.38 10.22 -17.55
C PHE C 275 25.25 10.23 -16.03
N LEU C 276 26.23 9.65 -15.35
CA LEU C 276 26.35 9.73 -13.90
C LEU C 276 27.62 10.50 -13.60
N LEU C 277 27.48 11.70 -13.04
CA LEU C 277 28.58 12.60 -12.78
C LEU C 277 28.91 12.64 -11.29
N LYS C 278 30.18 12.82 -10.98
CA LYS C 278 30.68 12.83 -9.62
C LYS C 278 31.17 14.24 -9.29
N TYR C 279 30.44 14.94 -8.43
CA TYR C 279 30.86 16.24 -7.94
C TYR C 279 31.72 16.04 -6.70
N ASN C 280 32.95 16.54 -6.74
CA ASN C 280 33.87 16.40 -5.62
C ASN C 280 33.58 17.48 -4.58
N GLU C 281 34.40 17.55 -3.54
CA GLU C 281 34.13 18.44 -2.42
C GLU C 281 34.25 19.92 -2.78
N ASN C 282 34.93 20.25 -3.88
CA ASN C 282 35.04 21.63 -4.33
C ASN C 282 33.94 22.03 -5.29
N GLY C 283 33.05 21.11 -5.66
CA GLY C 283 31.97 21.42 -6.58
C GLY C 283 32.29 21.29 -8.05
N THR C 284 33.35 20.57 -8.40
CA THR C 284 33.75 20.39 -9.78
C THR C 284 33.60 18.92 -10.18
N ILE C 285 33.09 18.69 -11.39
CA ILE C 285 32.92 17.32 -11.88
C ILE C 285 34.31 16.74 -12.16
N THR C 286 34.65 15.67 -11.45
CA THR C 286 35.94 15.02 -11.62
C THR C 286 35.84 13.64 -12.26
N ASP C 287 34.65 13.09 -12.40
CA ASP C 287 34.47 11.77 -13.01
C ASP C 287 33.05 11.65 -13.52
N ALA C 288 32.85 10.74 -14.45
CA ALA C 288 31.53 10.46 -14.98
C ALA C 288 31.54 9.10 -15.66
N VAL C 289 30.37 8.47 -15.68
CA VAL C 289 30.19 7.20 -16.36
C VAL C 289 29.02 7.31 -17.33
N ASP C 290 29.20 6.75 -18.52
CA ASP C 290 28.17 6.72 -19.56
C ASP C 290 27.34 5.46 -19.39
N CYS C 291 26.06 5.63 -19.08
CA CYS C 291 25.21 4.49 -18.73
C CYS C 291 24.89 3.58 -19.91
N ALA C 292 25.38 3.88 -21.11
CA ALA C 292 25.11 3.05 -22.27
C ALA C 292 26.39 2.59 -22.97
N LEU C 293 27.55 2.70 -22.31
CA LEU C 293 28.80 2.31 -22.96
C LEU C 293 29.00 0.80 -22.91
N ASP C 294 29.14 0.23 -21.71
CA ASP C 294 29.38 -1.19 -21.55
C ASP C 294 28.55 -1.71 -20.37
N PRO C 295 28.45 -3.03 -20.17
CA PRO C 295 27.66 -3.54 -19.04
C PRO C 295 28.14 -3.05 -17.69
N LEU C 296 29.45 -2.84 -17.51
CA LEU C 296 29.94 -2.36 -16.22
C LEU C 296 29.42 -0.97 -15.90
N SER C 297 29.44 -0.06 -16.87
CA SER C 297 28.92 1.28 -16.65
C SER C 297 27.41 1.26 -16.43
N GLU C 298 26.71 0.36 -17.13
CA GLU C 298 25.28 0.19 -16.89
C GLU C 298 25.01 -0.25 -15.45
N THR C 299 25.82 -1.19 -14.94
CA THR C 299 25.69 -1.62 -13.56
C THR C 299 25.99 -0.48 -12.60
N LYS C 300 27.03 0.30 -12.87
CA LYS C 300 27.37 1.43 -12.01
C LYS C 300 26.24 2.45 -11.98
N CYS C 301 25.61 2.71 -13.13
CA CYS C 301 24.49 3.64 -13.16
C CYS C 301 23.27 3.08 -12.45
N THR C 302 23.07 1.77 -12.51
CA THR C 302 21.93 1.17 -11.81
C THR C 302 22.05 1.35 -10.30
N LEU C 303 23.25 1.17 -9.76
CA LEU C 303 23.48 1.30 -8.32
C LEU C 303 23.76 2.73 -7.89
N LYS C 304 23.90 3.66 -8.84
CA LYS C 304 24.25 5.05 -8.55
C LYS C 304 25.53 5.14 -7.72
N SER C 305 26.53 4.38 -8.14
CA SER C 305 27.83 4.38 -7.47
C SER C 305 28.92 4.20 -8.51
N PHE C 306 30.12 4.70 -8.18
CA PHE C 306 31.28 4.55 -9.04
C PHE C 306 32.09 3.31 -8.74
N THR C 307 31.91 2.71 -7.57
CA THR C 307 32.53 1.44 -7.22
C THR C 307 31.45 0.37 -7.10
N VAL C 308 31.81 -0.85 -7.47
CA VAL C 308 30.87 -1.96 -7.54
C VAL C 308 31.52 -3.18 -6.88
N GLU C 309 30.78 -3.81 -5.97
CA GLU C 309 31.28 -4.99 -5.27
C GLU C 309 31.20 -6.23 -6.17
N LYS C 310 31.54 -7.37 -5.62
CA LYS C 310 31.57 -8.62 -6.36
C LYS C 310 30.21 -9.31 -6.29
N GLY C 311 29.69 -9.72 -7.44
CA GLY C 311 28.47 -10.48 -7.47
C GLY C 311 27.71 -10.26 -8.76
N ILE C 312 26.42 -10.60 -8.70
CA ILE C 312 25.48 -10.46 -9.81
C ILE C 312 24.60 -9.25 -9.55
N TYR C 313 24.48 -8.38 -10.56
CA TYR C 313 23.60 -7.22 -10.46
C TYR C 313 22.66 -7.20 -11.66
N GLN C 314 21.36 -7.10 -11.40
CA GLN C 314 20.37 -6.98 -12.47
C GLN C 314 20.34 -5.53 -12.93
N THR C 315 20.68 -5.30 -14.20
CA THR C 315 20.90 -3.96 -14.70
C THR C 315 19.67 -3.43 -15.43
N SER C 316 19.36 -2.16 -15.19
CA SER C 316 18.30 -1.47 -15.90
C SER C 316 18.72 -1.15 -17.33
N ASN C 317 17.73 -0.98 -18.20
CA ASN C 317 17.97 -0.86 -19.64
C ASN C 317 18.22 0.60 -19.99
N PHE C 318 19.49 0.96 -20.16
CA PHE C 318 19.88 2.25 -20.74
C PHE C 318 20.32 1.99 -22.19
N ARG C 319 19.34 1.87 -23.08
CA ARG C 319 19.61 1.57 -24.48
C ARG C 319 18.45 2.08 -25.32
N VAL C 320 18.68 2.18 -26.63
CA VAL C 320 17.73 2.75 -27.57
C VAL C 320 17.11 1.60 -28.36
N GLN C 321 15.82 1.35 -28.15
CA GLN C 321 15.10 0.27 -28.79
C GLN C 321 14.56 0.57 -30.20
N PRO C 322 13.87 1.68 -30.46
CA PRO C 322 13.07 1.77 -31.69
C PRO C 322 13.89 2.09 -32.91
N THR C 323 13.40 1.63 -34.07
CA THR C 323 14.07 1.87 -35.34
C THR C 323 13.23 2.70 -36.31
N GLU C 324 12.02 2.25 -36.65
CA GLU C 324 11.23 2.91 -37.68
C GLU C 324 9.75 2.75 -37.35
N SER C 325 8.90 3.11 -38.29
CA SER C 325 7.45 3.03 -38.14
C SER C 325 6.84 2.32 -39.34
N ILE C 326 5.71 1.66 -39.11
CA ILE C 326 4.97 0.96 -40.15
C ILE C 326 3.49 1.24 -39.96
N VAL C 327 2.79 1.60 -41.04
CA VAL C 327 1.37 1.90 -41.01
C VAL C 327 0.70 1.04 -42.07
N ARG C 328 -0.24 0.20 -41.66
CA ARG C 328 -0.94 -0.71 -42.56
C ARG C 328 -2.45 -0.54 -42.37
N PHE C 329 -3.05 0.25 -43.26
CA PHE C 329 -4.46 0.58 -43.32
C PHE C 329 -5.16 -0.22 -44.41
N PRO C 330 -6.48 -0.34 -44.36
CA PRO C 330 -7.21 -0.97 -45.47
C PRO C 330 -7.13 -0.13 -46.74
N ASN C 331 -7.35 -0.80 -47.87
CA ASN C 331 -7.18 -0.16 -49.17
C ASN C 331 -8.37 0.66 -49.61
N ILE C 332 -9.45 0.70 -48.81
CA ILE C 332 -10.68 1.40 -49.18
C ILE C 332 -10.37 2.84 -49.54
N THR C 333 -10.79 3.26 -50.74
CA THR C 333 -10.47 4.59 -51.26
C THR C 333 -11.73 5.24 -51.82
N ASN C 334 -12.39 6.04 -50.98
CA ASN C 334 -13.53 6.85 -51.40
C ASN C 334 -13.76 7.91 -50.34
N LEU C 335 -13.91 9.15 -50.77
CA LEU C 335 -14.00 10.26 -49.82
C LEU C 335 -15.28 10.16 -48.99
N CYS C 336 -15.18 10.55 -47.73
CA CYS C 336 -16.33 10.52 -46.84
C CYS C 336 -17.29 11.68 -47.17
N PRO C 337 -18.59 11.48 -46.97
CA PRO C 337 -19.54 12.57 -47.20
C PRO C 337 -19.43 13.66 -46.15
N PHE C 338 -18.84 14.79 -46.51
CA PHE C 338 -18.68 15.92 -45.60
C PHE C 338 -19.25 17.21 -46.14
N GLY C 339 -19.41 17.35 -47.46
CA GLY C 339 -20.04 18.54 -48.00
C GLY C 339 -21.52 18.62 -47.69
N GLU C 340 -22.17 17.48 -47.49
CA GLU C 340 -23.57 17.43 -47.11
C GLU C 340 -23.78 17.60 -45.61
N VAL C 341 -22.71 17.68 -44.83
CA VAL C 341 -22.80 17.87 -43.39
C VAL C 341 -22.44 19.29 -42.99
N PHE C 342 -21.36 19.83 -43.55
CA PHE C 342 -20.89 21.16 -43.21
C PHE C 342 -21.31 22.23 -44.20
N ASN C 343 -21.41 21.89 -45.49
CA ASN C 343 -21.75 22.86 -46.52
C ASN C 343 -23.22 22.76 -46.96
N ALA C 344 -24.04 22.03 -46.22
CA ALA C 344 -25.45 21.95 -46.54
C ALA C 344 -26.14 23.27 -46.26
N THR C 345 -27.31 23.46 -46.86
CA THR C 345 -28.09 24.69 -46.73
C THR C 345 -29.28 24.55 -45.80
N ARG C 346 -29.94 23.39 -45.79
CA ARG C 346 -31.11 23.17 -44.95
C ARG C 346 -30.69 22.50 -43.65
N PHE C 347 -30.04 23.28 -42.80
CA PHE C 347 -29.64 22.78 -41.49
C PHE C 347 -30.88 22.54 -40.61
N ALA C 348 -30.86 21.43 -39.88
CA ALA C 348 -32.01 21.03 -39.09
C ALA C 348 -32.17 21.93 -37.87
N SER C 349 -33.22 21.66 -37.09
CA SER C 349 -33.55 22.43 -35.90
C SER C 349 -32.96 21.76 -34.66
N VAL C 350 -33.04 22.49 -33.53
CA VAL C 350 -32.47 22.00 -32.29
C VAL C 350 -33.21 20.75 -31.80
N TYR C 351 -34.54 20.82 -31.77
CA TYR C 351 -35.33 19.68 -31.29
C TYR C 351 -35.31 18.51 -32.27
N ALA C 352 -34.84 18.73 -33.50
CA ALA C 352 -34.79 17.72 -34.54
C ALA C 352 -33.42 17.70 -35.20
N TRP C 353 -32.37 17.68 -34.39
CA TRP C 353 -31.01 17.70 -34.91
C TRP C 353 -30.78 16.53 -35.86
N ASN C 354 -30.14 16.81 -36.99
CA ASN C 354 -30.02 15.84 -38.07
C ASN C 354 -28.77 14.98 -37.87
N ARG C 355 -28.95 13.68 -37.77
CA ARG C 355 -27.85 12.73 -37.55
C ARG C 355 -27.58 11.99 -38.83
N LYS C 356 -26.31 11.94 -39.22
CA LYS C 356 -25.86 11.23 -40.41
C LYS C 356 -24.74 10.25 -40.03
N ARG C 357 -24.80 9.05 -40.58
CA ARG C 357 -23.83 8.00 -40.27
C ARG C 357 -22.80 7.95 -41.38
N ILE C 358 -21.61 8.49 -41.11
CA ILE C 358 -20.49 8.43 -42.04
C ILE C 358 -19.78 7.11 -41.79
N SER C 359 -19.75 6.25 -42.80
CA SER C 359 -19.15 4.93 -42.66
C SER C 359 -18.61 4.46 -44.01
N ASN C 360 -17.56 3.63 -43.94
CA ASN C 360 -16.96 2.98 -45.11
C ASN C 360 -16.47 4.01 -46.13
N CYS C 361 -15.50 4.81 -45.68
CA CYS C 361 -14.89 5.82 -46.53
C CYS C 361 -13.58 6.26 -45.86
N VAL C 362 -12.95 7.27 -46.45
CA VAL C 362 -11.71 7.86 -45.93
C VAL C 362 -12.01 9.32 -45.60
N ALA C 363 -11.77 9.70 -44.35
CA ALA C 363 -12.10 11.03 -43.86
C ALA C 363 -10.82 11.83 -43.68
N ASP C 364 -10.73 12.97 -44.36
CA ASP C 364 -9.58 13.86 -44.24
C ASP C 364 -9.91 14.91 -43.17
N TYR C 365 -9.73 14.52 -41.91
CA TYR C 365 -10.02 15.42 -40.80
C TYR C 365 -9.12 16.64 -40.81
N SER C 366 -7.94 16.54 -41.43
CA SER C 366 -7.03 17.68 -41.48
C SER C 366 -7.60 18.82 -42.31
N VAL C 367 -8.47 18.50 -43.29
CA VAL C 367 -9.06 19.55 -44.13
C VAL C 367 -9.97 20.44 -43.28
N LEU C 368 -10.85 19.83 -42.50
CA LEU C 368 -11.71 20.61 -41.61
C LEU C 368 -10.91 21.25 -40.48
N TYR C 369 -9.90 20.54 -39.99
CA TYR C 369 -9.10 21.03 -38.86
C TYR C 369 -8.33 22.30 -39.25
N ASN C 370 -7.79 22.34 -40.47
CA ASN C 370 -7.01 23.48 -40.93
C ASN C 370 -7.87 24.62 -41.45
N SER C 371 -9.16 24.41 -41.67
CA SER C 371 -10.04 25.47 -42.15
C SER C 371 -10.20 26.55 -41.07
N ALA C 372 -10.15 27.80 -41.50
CA ALA C 372 -10.32 28.94 -40.61
C ALA C 372 -11.76 29.43 -40.54
N SER C 373 -12.69 28.75 -41.19
CA SER C 373 -14.10 29.15 -41.22
C SER C 373 -14.88 28.60 -40.02
N PHE C 374 -14.20 28.21 -38.96
CA PHE C 374 -14.85 27.69 -37.76
C PHE C 374 -14.40 28.50 -36.55
N SER C 375 -15.32 28.73 -35.62
CA SER C 375 -15.00 29.47 -34.40
C SER C 375 -14.57 28.55 -33.27
N THR C 376 -15.29 27.46 -33.04
CA THR C 376 -14.93 26.50 -32.00
C THR C 376 -14.71 25.12 -32.63
N PHE C 377 -13.64 24.45 -32.22
CA PHE C 377 -13.28 23.13 -32.70
C PHE C 377 -12.90 22.24 -31.51
N LYS C 378 -13.78 22.20 -30.52
CA LYS C 378 -13.43 21.59 -29.23
C LYS C 378 -13.53 20.07 -29.32
N CYS C 379 -12.40 19.39 -29.17
CA CYS C 379 -12.35 17.94 -29.24
C CYS C 379 -12.18 17.36 -27.84
N TYR C 380 -13.04 16.41 -27.48
CA TYR C 380 -13.03 15.78 -26.17
C TYR C 380 -12.72 14.30 -26.33
N GLY C 381 -11.72 13.83 -25.59
CA GLY C 381 -11.30 12.46 -25.67
C GLY C 381 -10.39 12.14 -26.83
N VAL C 382 -10.11 13.11 -27.70
CA VAL C 382 -9.26 12.94 -28.87
C VAL C 382 -8.61 14.28 -29.18
N SER C 383 -7.61 14.27 -30.06
CA SER C 383 -6.93 15.48 -30.46
C SER C 383 -6.99 15.66 -31.97
N PRO C 384 -7.22 16.88 -32.45
CA PRO C 384 -7.31 17.10 -33.90
C PRO C 384 -6.05 16.71 -34.65
N THR C 385 -4.87 16.90 -34.06
CA THR C 385 -3.64 16.54 -34.74
C THR C 385 -3.49 15.03 -34.90
N LYS C 386 -4.18 14.24 -34.09
CA LYS C 386 -4.13 12.79 -34.18
C LYS C 386 -5.34 12.18 -34.88
N LEU C 387 -6.31 13.02 -35.30
CA LEU C 387 -7.47 12.49 -35.99
C LEU C 387 -7.11 11.93 -37.36
N ASN C 388 -6.08 12.49 -38.00
CA ASN C 388 -5.67 12.02 -39.32
C ASN C 388 -5.03 10.64 -39.27
N ASP C 389 -4.54 10.21 -38.10
CA ASP C 389 -3.84 8.94 -37.96
C ASP C 389 -4.67 7.89 -37.25
N LEU C 390 -5.97 8.12 -37.07
CA LEU C 390 -6.84 7.22 -36.33
C LEU C 390 -7.94 6.68 -37.22
N CYS C 391 -8.25 5.39 -37.07
CA CYS C 391 -9.31 4.73 -37.80
C CYS C 391 -10.43 4.38 -36.83
N PHE C 392 -11.55 5.10 -36.94
CA PHE C 392 -12.75 4.83 -36.16
C PHE C 392 -13.71 3.98 -36.97
N THR C 393 -14.93 3.83 -36.45
CA THR C 393 -16.00 3.15 -37.17
C THR C 393 -17.30 3.91 -36.95
N ASN C 394 -18.16 3.87 -37.97
CA ASN C 394 -19.50 4.46 -37.97
C ASN C 394 -19.54 5.81 -37.26
N VAL C 395 -18.77 6.75 -37.81
CA VAL C 395 -18.76 8.11 -37.28
C VAL C 395 -20.17 8.69 -37.37
N TYR C 396 -20.56 9.47 -36.37
CA TYR C 396 -21.89 10.07 -36.31
C TYR C 396 -21.74 11.58 -36.34
N ALA C 397 -22.41 12.22 -37.30
CA ALA C 397 -22.39 13.68 -37.43
C ALA C 397 -23.79 14.20 -37.14
N ASP C 398 -23.94 14.90 -36.01
CA ASP C 398 -25.21 15.49 -35.62
C ASP C 398 -25.12 17.00 -35.82
N SER C 399 -25.94 17.54 -36.71
CA SER C 399 -25.88 18.93 -37.10
C SER C 399 -27.16 19.66 -36.67
N PHE C 400 -27.00 20.90 -36.23
CA PHE C 400 -28.12 21.75 -35.85
C PHE C 400 -27.65 23.20 -35.82
N VAL C 401 -28.56 24.10 -35.48
CA VAL C 401 -28.27 25.53 -35.34
C VAL C 401 -28.79 25.98 -33.98
N ILE C 402 -27.94 26.69 -33.23
CA ILE C 402 -28.25 27.12 -31.88
C ILE C 402 -28.01 28.63 -31.79
N ARG C 403 -28.18 29.15 -30.57
CA ARG C 403 -28.10 30.58 -30.32
C ARG C 403 -26.63 31.02 -30.31
N GLY C 404 -26.39 32.28 -29.94
CA GLY C 404 -25.01 32.78 -29.96
C GLY C 404 -24.25 32.27 -28.76
N ASP C 405 -24.65 32.71 -27.57
CA ASP C 405 -23.95 32.29 -26.32
C ASP C 405 -24.60 31.00 -25.81
N GLU C 406 -24.44 29.91 -26.56
CA GLU C 406 -24.96 28.61 -26.07
C GLU C 406 -24.07 27.48 -26.61
N VAL C 407 -22.99 27.81 -27.33
CA VAL C 407 -22.12 26.73 -27.79
C VAL C 407 -21.52 25.99 -26.60
N ARG C 408 -21.34 26.68 -25.47
CA ARG C 408 -20.82 26.04 -24.28
C ARG C 408 -21.74 24.94 -23.75
N GLN C 409 -23.03 24.99 -24.08
CA GLN C 409 -23.95 23.94 -23.67
C GLN C 409 -23.73 22.65 -24.44
N ILE C 410 -23.18 22.72 -25.65
CA ILE C 410 -22.93 21.53 -26.46
C ILE C 410 -21.54 21.03 -26.04
N ALA C 411 -21.51 20.29 -24.95
CA ALA C 411 -20.29 19.75 -24.36
C ALA C 411 -20.67 18.67 -23.35
N PRO C 412 -19.85 17.63 -23.19
CA PRO C 412 -20.20 16.58 -22.21
C PRO C 412 -20.30 17.13 -20.80
N GLY C 413 -21.28 16.64 -20.05
CA GLY C 413 -21.50 17.08 -18.69
C GLY C 413 -21.78 18.56 -18.56
N GLN C 414 -22.90 19.02 -19.13
CA GLN C 414 -23.28 20.42 -19.07
C GLN C 414 -24.77 20.53 -18.80
N THR C 415 -25.18 21.68 -18.25
CA THR C 415 -26.56 21.93 -17.91
C THR C 415 -26.99 23.27 -18.48
N GLY C 416 -28.29 23.38 -18.78
CA GLY C 416 -28.83 24.61 -19.33
C GLY C 416 -30.13 24.41 -20.05
N LYS C 417 -30.27 25.00 -21.24
CA LYS C 417 -31.48 24.87 -22.04
C LYS C 417 -31.35 23.78 -23.11
N ILE C 418 -30.35 23.90 -23.99
CA ILE C 418 -30.20 22.90 -25.04
C ILE C 418 -29.44 21.67 -24.55
N ALA C 419 -28.76 21.77 -23.42
CA ALA C 419 -28.03 20.63 -22.86
C ALA C 419 -28.86 19.80 -21.91
N ASP C 420 -30.08 20.24 -21.57
CA ASP C 420 -30.93 19.53 -20.62
C ASP C 420 -32.02 18.72 -21.32
N TYR C 421 -32.86 19.36 -22.12
CA TYR C 421 -34.00 18.69 -22.72
C TYR C 421 -34.05 18.85 -24.24
N ASN C 422 -32.94 19.22 -24.88
CA ASN C 422 -32.88 19.32 -26.33
C ASN C 422 -31.87 18.37 -26.95
N TYR C 423 -30.62 18.39 -26.47
CA TYR C 423 -29.57 17.55 -27.05
C TYR C 423 -28.52 17.35 -25.95
N LYS C 424 -28.54 16.19 -25.33
CA LYS C 424 -27.66 15.87 -24.20
C LYS C 424 -26.49 15.03 -24.69
N LEU C 425 -25.28 15.54 -24.51
CA LEU C 425 -24.09 14.78 -24.82
C LEU C 425 -23.78 13.81 -23.66
N PRO C 426 -23.24 12.64 -23.97
CA PRO C 426 -22.89 11.69 -22.90
C PRO C 426 -21.77 12.22 -22.04
N ASP C 427 -21.73 11.75 -20.79
CA ASP C 427 -20.70 12.20 -19.86
C ASP C 427 -19.30 11.82 -20.30
N ASP C 428 -19.17 10.78 -21.13
CA ASP C 428 -17.88 10.33 -21.65
C ASP C 428 -17.87 10.41 -23.18
N PHE C 429 -18.38 11.51 -23.72
CA PHE C 429 -18.46 11.68 -25.16
C PHE C 429 -17.06 11.84 -25.76
N THR C 430 -16.75 11.03 -26.77
CA THR C 430 -15.49 11.09 -27.48
C THR C 430 -15.75 11.59 -28.89
N GLY C 431 -15.18 12.73 -29.23
CA GLY C 431 -15.41 13.31 -30.55
C GLY C 431 -14.97 14.75 -30.60
N CYS C 432 -15.61 15.50 -31.49
CA CYS C 432 -15.30 16.91 -31.69
C CYS C 432 -16.56 17.70 -31.99
N VAL C 433 -16.73 18.82 -31.29
CA VAL C 433 -17.83 19.75 -31.54
C VAL C 433 -17.26 20.94 -32.31
N ILE C 434 -17.78 21.17 -33.51
CA ILE C 434 -17.31 22.24 -34.38
C ILE C 434 -18.48 23.20 -34.61
N ALA C 435 -18.29 24.45 -34.21
CA ALA C 435 -19.33 25.47 -34.33
C ALA C 435 -18.77 26.69 -35.02
N TRP C 436 -19.60 27.32 -35.85
CA TRP C 436 -19.19 28.53 -36.57
C TRP C 436 -20.40 29.41 -36.84
N ASN C 437 -20.13 30.69 -37.06
CA ASN C 437 -21.19 31.67 -37.25
C ASN C 437 -21.89 31.46 -38.59
N SER C 438 -23.22 31.60 -38.58
CA SER C 438 -24.03 31.37 -39.77
C SER C 438 -25.15 32.39 -39.92
N ASN C 439 -24.93 33.64 -39.47
CA ASN C 439 -25.96 34.65 -39.60
C ASN C 439 -26.12 35.20 -41.01
N ASN C 440 -25.20 34.87 -41.92
CA ASN C 440 -25.38 35.26 -43.32
C ASN C 440 -26.43 34.40 -44.02
N LEU C 441 -26.65 33.17 -43.56
CA LEU C 441 -27.57 32.25 -44.21
C LEU C 441 -28.85 32.00 -43.43
N ASP C 442 -28.88 32.30 -42.13
CA ASP C 442 -30.06 32.10 -41.31
C ASP C 442 -30.78 33.41 -40.99
N SER C 443 -30.06 34.41 -40.51
CA SER C 443 -30.66 35.70 -40.18
C SER C 443 -31.05 36.46 -41.45
N ASN C 448 -34.52 34.18 -39.67
CA ASN C 448 -35.47 33.11 -39.94
C ASN C 448 -36.16 32.65 -38.66
N TYR C 449 -37.48 32.49 -38.73
CA TYR C 449 -38.28 32.07 -37.58
C TYR C 449 -38.51 30.57 -37.55
N ASN C 450 -37.95 29.83 -38.50
CA ASN C 450 -38.17 28.38 -38.55
C ASN C 450 -37.37 27.65 -37.47
N TYR C 451 -36.17 28.12 -37.18
CA TYR C 451 -35.31 27.45 -36.18
C TYR C 451 -35.87 27.71 -34.79
N LEU C 452 -36.26 26.63 -34.11
CA LEU C 452 -36.92 26.72 -32.82
C LEU C 452 -36.43 25.60 -31.92
N TYR C 453 -36.51 25.81 -30.61
CA TYR C 453 -36.02 24.87 -29.61
C TYR C 453 -37.15 24.48 -28.67
N ARG C 454 -36.80 23.73 -27.63
CA ARG C 454 -37.75 23.29 -26.61
C ARG C 454 -37.55 24.11 -25.35
N LEU C 455 -38.64 24.67 -24.83
CA LEU C 455 -38.57 25.50 -23.63
C LEU C 455 -38.63 24.66 -22.35
N PHE C 456 -39.48 23.65 -22.30
CA PHE C 456 -39.59 22.79 -21.12
C PHE C 456 -40.29 21.50 -21.51
N ARG C 457 -40.10 20.48 -20.68
CA ARG C 457 -40.80 19.21 -20.83
C ARG C 457 -40.78 18.52 -19.47
N LYS C 458 -41.09 17.21 -19.48
CA LYS C 458 -41.26 16.48 -18.22
C LYS C 458 -39.98 16.46 -17.40
N SER C 459 -38.86 16.06 -18.00
CA SER C 459 -37.60 15.93 -17.27
C SER C 459 -36.45 16.05 -18.26
N ASN C 460 -35.26 15.69 -17.80
CA ASN C 460 -34.06 15.79 -18.62
C ASN C 460 -34.06 14.72 -19.71
N LEU C 461 -33.25 14.96 -20.73
CA LEU C 461 -33.13 14.06 -21.88
C LEU C 461 -32.00 13.06 -21.65
N LYS C 462 -32.27 11.80 -21.97
CA LYS C 462 -31.22 10.80 -21.97
C LYS C 462 -30.18 11.16 -23.03
N PRO C 463 -28.89 10.92 -22.77
CA PRO C 463 -27.87 11.31 -23.76
C PRO C 463 -28.09 10.63 -25.10
N PHE C 464 -27.86 11.40 -26.18
CA PHE C 464 -28.08 10.95 -27.55
C PHE C 464 -29.51 10.41 -27.74
N GLU C 465 -30.48 11.27 -27.43
CA GLU C 465 -31.89 10.96 -27.64
C GLU C 465 -32.59 12.20 -28.16
N ARG C 466 -33.46 12.01 -29.14
CA ARG C 466 -34.20 13.09 -29.77
C ARG C 466 -35.68 13.00 -29.42
N ASP C 467 -36.28 14.15 -29.10
CA ASP C 467 -37.69 14.24 -28.78
C ASP C 467 -38.35 15.21 -29.75
N ILE C 468 -39.31 14.71 -30.53
CA ILE C 468 -40.01 15.51 -31.53
C ILE C 468 -41.48 15.66 -31.19
N SER C 469 -41.88 15.31 -29.97
CA SER C 469 -43.28 15.40 -29.57
C SER C 469 -43.71 16.86 -29.48
N THR C 470 -44.97 17.10 -29.84
CA THR C 470 -45.55 18.44 -29.82
C THR C 470 -46.71 18.56 -28.84
N GLU C 471 -46.91 17.57 -27.97
CA GLU C 471 -47.99 17.62 -27.01
C GLU C 471 -47.79 18.76 -26.03
N ILE C 472 -48.88 19.44 -25.69
CA ILE C 472 -48.84 20.59 -24.79
C ILE C 472 -48.38 20.13 -23.41
N TYR C 473 -47.20 20.60 -22.99
CA TYR C 473 -46.63 20.13 -21.73
C TYR C 473 -47.43 20.67 -20.55
N GLN C 474 -47.78 19.79 -19.62
CA GLN C 474 -48.61 20.14 -18.47
C GLN C 474 -47.71 20.55 -17.32
N ALA C 475 -47.48 21.84 -17.20
CA ALA C 475 -46.68 22.39 -16.10
C ALA C 475 -47.58 22.84 -14.94
N GLY C 476 -48.43 21.94 -14.48
CA GLY C 476 -49.35 22.27 -13.39
C GLY C 476 -50.04 21.04 -12.86
N SER C 477 -50.60 21.19 -11.67
CA SER C 477 -51.38 20.10 -11.07
C SER C 477 -52.72 19.92 -11.76
N THR C 478 -53.26 20.98 -12.34
CA THR C 478 -54.51 20.87 -13.09
C THR C 478 -54.30 19.98 -14.30
N PRO C 479 -55.19 19.01 -14.56
CA PRO C 479 -55.03 18.16 -15.74
C PRO C 479 -55.00 18.97 -17.02
N CYS C 480 -54.14 18.56 -17.95
CA CYS C 480 -53.97 19.30 -19.19
C CYS C 480 -55.22 19.15 -20.07
N ASN C 481 -55.69 20.27 -20.61
CA ASN C 481 -56.85 20.30 -21.47
C ASN C 481 -56.52 20.06 -22.94
N GLY C 482 -55.25 19.87 -23.28
CA GLY C 482 -54.86 19.64 -24.65
C GLY C 482 -54.69 20.88 -25.50
N VAL C 483 -54.86 22.07 -24.92
CA VAL C 483 -54.70 23.33 -25.62
C VAL C 483 -53.96 24.30 -24.71
N GLU C 484 -53.75 25.52 -25.21
CA GLU C 484 -53.05 26.53 -24.44
C GLU C 484 -53.94 27.04 -23.30
N GLY C 485 -53.31 27.30 -22.16
CA GLY C 485 -54.03 27.80 -21.00
C GLY C 485 -53.12 28.47 -19.98
N PHE C 486 -53.41 28.26 -18.70
CA PHE C 486 -52.59 28.83 -17.63
C PHE C 486 -51.58 27.83 -17.07
N ASN C 487 -51.75 26.55 -17.32
CA ASN C 487 -50.81 25.53 -16.86
C ASN C 487 -50.13 24.76 -17.98
N CYS C 488 -50.77 24.63 -19.13
CA CYS C 488 -50.19 23.95 -20.29
C CYS C 488 -49.73 24.96 -21.32
N TYR C 489 -48.47 24.85 -21.73
CA TYR C 489 -47.91 25.70 -22.77
C TYR C 489 -47.28 24.82 -23.84
N PHE C 490 -47.16 25.37 -25.04
CA PHE C 490 -46.57 24.63 -26.16
C PHE C 490 -45.08 24.42 -25.88
N PRO C 491 -44.61 23.17 -25.83
CA PRO C 491 -43.19 22.94 -25.48
C PRO C 491 -42.22 23.55 -26.48
N LEU C 492 -42.58 23.62 -27.76
CA LEU C 492 -41.67 24.11 -28.79
C LEU C 492 -41.75 25.63 -28.84
N GLN C 493 -40.74 26.29 -28.29
CA GLN C 493 -40.64 27.74 -28.35
C GLN C 493 -39.72 28.14 -29.50
N SER C 494 -39.89 29.39 -29.97
CA SER C 494 -39.16 29.86 -31.13
C SER C 494 -38.60 31.26 -30.86
N TYR C 495 -37.50 31.57 -31.55
CA TYR C 495 -36.92 32.92 -31.50
C TYR C 495 -36.34 33.19 -32.89
N GLY C 496 -37.11 33.88 -33.73
CA GLY C 496 -36.67 34.20 -35.07
C GLY C 496 -35.47 35.14 -35.09
N PHE C 497 -34.33 34.64 -35.57
CA PHE C 497 -33.14 35.46 -35.63
C PHE C 497 -33.29 36.58 -36.64
N GLN C 498 -32.72 37.74 -36.32
CA GLN C 498 -32.70 38.89 -37.20
C GLN C 498 -31.27 39.25 -37.57
N PRO C 499 -31.04 39.87 -38.72
CA PRO C 499 -29.66 40.25 -39.09
C PRO C 499 -29.01 41.19 -38.08
N THR C 500 -29.79 42.02 -37.39
CA THR C 500 -29.28 42.93 -36.37
C THR C 500 -29.88 42.51 -35.03
N ASN C 501 -29.21 41.57 -34.36
CA ASN C 501 -29.68 41.11 -33.05
C ASN C 501 -28.53 40.89 -32.06
N GLY C 502 -27.31 41.25 -32.41
CA GLY C 502 -26.18 41.08 -31.51
C GLY C 502 -25.46 39.77 -31.74
N VAL C 503 -24.14 39.79 -31.52
CA VAL C 503 -23.32 38.60 -31.72
C VAL C 503 -23.62 37.54 -30.67
N GLY C 504 -24.19 37.92 -29.53
CA GLY C 504 -24.57 36.95 -28.52
C GLY C 504 -25.85 36.19 -28.81
N TYR C 505 -26.57 36.57 -29.86
CA TYR C 505 -27.80 35.89 -30.26
C TYR C 505 -27.79 35.46 -31.72
N GLN C 506 -26.73 35.76 -32.46
CA GLN C 506 -26.66 35.37 -33.86
C GLN C 506 -26.63 33.86 -33.98
N PRO C 507 -27.28 33.29 -35.01
CA PRO C 507 -27.30 31.84 -35.16
C PRO C 507 -25.91 31.25 -35.31
N TYR C 508 -25.70 30.08 -34.72
CA TYR C 508 -24.43 29.38 -34.76
C TYR C 508 -24.68 27.95 -35.24
N ARG C 509 -24.03 27.57 -36.33
CA ARG C 509 -24.14 26.21 -36.84
C ARG C 509 -23.18 25.30 -36.08
N VAL C 510 -23.73 24.20 -35.55
CA VAL C 510 -22.96 23.28 -34.71
C VAL C 510 -23.05 21.89 -35.33
N VAL C 511 -21.90 21.23 -35.46
CA VAL C 511 -21.80 19.85 -35.91
C VAL C 511 -21.01 19.08 -34.88
N VAL C 512 -21.59 18.02 -34.34
CA VAL C 512 -20.95 17.18 -33.35
C VAL C 512 -20.59 15.86 -34.03
N LEU C 513 -19.29 15.56 -34.10
CA LEU C 513 -18.81 14.31 -34.65
C LEU C 513 -18.44 13.41 -33.49
N SER C 514 -19.03 12.22 -33.46
CA SER C 514 -18.76 11.23 -32.42
C SER C 514 -18.19 9.98 -33.07
N PHE C 515 -17.07 9.51 -32.53
CA PHE C 515 -16.39 8.32 -33.03
C PHE C 515 -16.59 7.18 -32.04
N GLU C 516 -17.06 6.04 -32.55
CA GLU C 516 -17.17 4.83 -31.74
C GLU C 516 -15.83 4.11 -31.85
N LEU C 517 -14.94 4.40 -30.91
CA LEU C 517 -13.54 4.00 -31.03
C LEU C 517 -13.30 2.52 -30.79
N LEU C 518 -14.29 1.77 -30.30
CA LEU C 518 -14.10 0.34 -30.10
C LEU C 518 -15.44 -0.35 -30.36
N HIS C 519 -15.66 -0.75 -31.61
CA HIS C 519 -16.79 -1.62 -31.97
C HIS C 519 -16.56 -2.18 -33.37
N ALA C 520 -16.40 -3.51 -33.47
CA ALA C 520 -16.22 -4.20 -34.75
C ALA C 520 -14.91 -3.77 -35.41
N PRO C 521 -14.49 -4.42 -36.48
CA PRO C 521 -13.32 -3.91 -37.23
C PRO C 521 -13.55 -2.49 -37.71
N ALA C 522 -12.50 -1.67 -37.64
CA ALA C 522 -12.60 -0.28 -38.04
C ALA C 522 -12.84 -0.16 -39.54
N THR C 523 -13.65 0.82 -39.92
CA THR C 523 -14.01 1.03 -41.31
C THR C 523 -13.75 2.44 -41.80
N VAL C 524 -13.91 3.45 -40.95
CA VAL C 524 -13.64 4.84 -41.32
C VAL C 524 -12.19 5.15 -40.94
N CYS C 525 -11.30 5.10 -41.92
CA CYS C 525 -9.89 5.32 -41.68
C CYS C 525 -9.50 6.75 -42.07
N GLY C 526 -8.25 7.10 -41.76
CA GLY C 526 -7.73 8.40 -42.09
C GLY C 526 -6.82 8.36 -43.31
N PRO C 527 -6.31 9.51 -43.71
CA PRO C 527 -5.39 9.59 -44.87
C PRO C 527 -3.98 9.10 -44.54
N LYS C 528 -3.83 7.78 -44.52
CA LYS C 528 -2.54 7.16 -44.24
C LYS C 528 -2.24 6.13 -45.31
N LYS C 529 -0.98 6.11 -45.77
CA LYS C 529 -0.56 5.20 -46.82
C LYS C 529 -0.12 3.87 -46.24
N SER C 530 -0.50 2.79 -46.91
CA SER C 530 -0.15 1.44 -46.45
C SER C 530 1.32 1.16 -46.77
N THR C 531 2.17 1.23 -45.75
CA THR C 531 3.59 0.96 -45.88
C THR C 531 3.82 -0.55 -45.82
N ASN C 532 4.85 -1.01 -46.54
CA ASN C 532 5.21 -2.42 -46.53
C ASN C 532 5.57 -2.86 -45.11
N LEU C 533 5.15 -4.06 -44.75
CA LEU C 533 5.36 -4.56 -43.40
C LEU C 533 6.74 -5.18 -43.27
N VAL C 534 7.48 -4.76 -42.24
CA VAL C 534 8.79 -5.31 -41.93
C VAL C 534 8.69 -6.06 -40.61
N LYS C 535 9.51 -7.09 -40.45
CA LYS C 535 9.42 -8.01 -39.33
C LYS C 535 10.79 -8.23 -38.71
N ASN C 536 10.79 -8.82 -37.52
CA ASN C 536 12.00 -9.20 -36.79
C ASN C 536 12.84 -7.98 -36.42
N LYS C 537 12.19 -6.85 -36.14
CA LYS C 537 12.90 -5.66 -35.66
C LYS C 537 11.91 -4.76 -34.94
N CYS C 538 12.45 -3.87 -34.11
CA CYS C 538 11.62 -2.98 -33.30
C CYS C 538 10.99 -1.92 -34.19
N VAL C 539 9.66 -1.92 -34.24
CA VAL C 539 8.91 -1.02 -35.10
C VAL C 539 7.81 -0.34 -34.28
N ASN C 540 7.03 0.50 -34.96
CA ASN C 540 6.00 1.36 -34.38
C ASN C 540 4.66 1.14 -35.09
N PHE C 541 4.24 -0.13 -35.14
CA PHE C 541 3.16 -0.52 -36.04
C PHE C 541 1.85 0.20 -35.71
N ASN C 542 1.03 0.37 -36.74
CA ASN C 542 -0.23 1.12 -36.67
C ASN C 542 -1.33 0.35 -37.39
N PHE C 543 -1.49 -0.92 -37.06
CA PHE C 543 -2.43 -1.81 -37.76
C PHE C 543 -3.86 -1.37 -37.46
N ASN C 544 -4.46 -0.62 -38.40
CA ASN C 544 -5.87 -0.21 -38.33
C ASN C 544 -6.18 0.50 -37.02
N GLY C 545 -5.30 1.42 -36.64
CA GLY C 545 -5.45 2.16 -35.40
C GLY C 545 -4.88 1.50 -34.17
N LEU C 546 -4.37 0.26 -34.30
CA LEU C 546 -3.75 -0.45 -33.19
C LEU C 546 -2.28 -0.03 -33.08
N THR C 547 -2.10 1.20 -32.60
CA THR C 547 -0.75 1.72 -32.43
C THR C 547 0.01 0.90 -31.39
N GLY C 548 1.28 0.64 -31.67
CA GLY C 548 2.09 -0.13 -30.73
C GLY C 548 3.54 -0.27 -31.14
N THR C 549 4.44 -0.09 -30.16
CA THR C 549 5.87 -0.27 -30.38
C THR C 549 6.27 -1.69 -29.99
N GLY C 550 6.95 -2.37 -30.90
CA GLY C 550 7.40 -3.71 -30.61
C GLY C 550 7.67 -4.49 -31.88
N VAL C 551 8.46 -5.55 -31.73
CA VAL C 551 8.82 -6.40 -32.86
C VAL C 551 7.62 -7.24 -33.27
N LEU C 552 7.34 -7.25 -34.57
CA LEU C 552 6.30 -8.09 -35.15
C LEU C 552 6.95 -9.30 -35.80
N THR C 553 6.48 -10.50 -35.43
CA THR C 553 7.02 -11.72 -36.02
C THR C 553 5.88 -12.66 -36.37
N GLU C 554 6.12 -13.50 -37.37
CA GLU C 554 5.10 -14.44 -37.82
C GLU C 554 4.74 -15.40 -36.68
N SER C 555 3.45 -15.61 -36.48
CA SER C 555 2.94 -16.40 -35.37
C SER C 555 2.24 -17.65 -35.89
N ASN C 556 2.15 -18.65 -35.01
CA ASN C 556 1.49 -19.92 -35.32
C ASN C 556 0.10 -20.01 -34.71
N LYS C 557 -0.51 -18.87 -34.37
CA LYS C 557 -1.83 -18.88 -33.79
C LYS C 557 -2.87 -19.32 -34.82
N LYS C 558 -4.04 -19.70 -34.31
CA LYS C 558 -5.09 -20.27 -35.14
C LYS C 558 -6.32 -19.38 -35.15
N PHE C 559 -6.10 -18.08 -35.35
CA PHE C 559 -7.17 -17.08 -35.42
C PHE C 559 -8.34 -17.57 -36.26
N LEU C 560 -9.53 -17.56 -35.67
CA LEU C 560 -10.73 -17.85 -36.42
C LEU C 560 -11.02 -16.69 -37.38
N PRO C 561 -11.74 -16.97 -38.49
CA PRO C 561 -11.91 -15.92 -39.51
C PRO C 561 -12.52 -14.63 -38.99
N PHE C 562 -13.44 -14.70 -38.03
CA PHE C 562 -14.02 -13.47 -37.49
C PHE C 562 -13.08 -12.78 -36.53
N GLN C 563 -12.25 -13.53 -35.81
CA GLN C 563 -11.34 -12.93 -34.83
C GLN C 563 -10.34 -12.02 -35.52
N GLN C 564 -10.10 -10.86 -34.92
CA GLN C 564 -9.29 -9.83 -35.54
C GLN C 564 -8.02 -9.53 -34.78
N PHE C 565 -8.10 -9.22 -33.48
CA PHE C 565 -6.93 -8.71 -32.76
C PHE C 565 -6.14 -9.83 -32.08
N GLY C 566 -6.75 -10.48 -31.09
CA GLY C 566 -6.00 -11.44 -30.29
C GLY C 566 -5.34 -10.79 -29.10
N ARG C 567 -5.77 -11.16 -27.89
CA ARG C 567 -5.29 -10.55 -26.66
C ARG C 567 -4.68 -11.60 -25.75
N ASP C 568 -4.27 -11.17 -24.56
CA ASP C 568 -3.71 -12.05 -23.54
C ASP C 568 -4.39 -11.79 -22.20
N ILE C 569 -3.84 -12.36 -21.12
CA ILE C 569 -4.48 -12.26 -19.81
C ILE C 569 -4.57 -10.80 -19.37
N ALA C 570 -3.50 -10.03 -19.58
CA ALA C 570 -3.45 -8.65 -19.11
C ALA C 570 -4.18 -7.68 -20.03
N ASP C 571 -5.01 -8.17 -20.94
CA ASP C 571 -5.75 -7.33 -21.89
C ASP C 571 -4.80 -6.45 -22.71
N THR C 572 -3.65 -7.00 -23.07
CA THR C 572 -2.67 -6.34 -23.92
C THR C 572 -2.58 -7.09 -25.24
N THR C 573 -2.62 -6.34 -26.34
CA THR C 573 -2.60 -6.95 -27.67
C THR C 573 -1.23 -7.57 -27.92
N ASP C 574 -1.20 -8.89 -28.07
CA ASP C 574 0.02 -9.62 -28.36
C ASP C 574 0.02 -10.22 -29.76
N ALA C 575 -0.99 -9.92 -30.57
CA ALA C 575 -1.04 -10.36 -31.95
C ALA C 575 -1.99 -9.44 -32.70
N VAL C 576 -1.81 -9.38 -34.03
CA VAL C 576 -2.72 -8.66 -34.91
C VAL C 576 -2.91 -9.48 -36.19
N ARG C 577 -4.13 -9.48 -36.71
CA ARG C 577 -4.39 -9.99 -38.06
C ARG C 577 -4.27 -8.84 -39.03
N ASP C 578 -3.30 -8.91 -39.94
CA ASP C 578 -3.02 -7.80 -40.82
C ASP C 578 -4.18 -7.59 -41.80
N PRO C 579 -4.70 -6.37 -41.93
CA PRO C 579 -5.82 -6.15 -42.87
C PRO C 579 -5.46 -6.44 -44.32
N GLN C 580 -4.20 -6.22 -44.73
CA GLN C 580 -3.83 -6.48 -46.12
C GLN C 580 -3.69 -7.97 -46.39
N THR C 581 -2.79 -8.63 -45.69
CA THR C 581 -2.62 -10.08 -45.78
C THR C 581 -3.17 -10.71 -44.51
N LEU C 582 -4.06 -11.70 -44.68
CA LEU C 582 -4.75 -12.29 -43.54
C LEU C 582 -3.85 -13.09 -42.62
N GLU C 583 -2.54 -13.12 -42.88
CA GLU C 583 -1.60 -13.71 -41.93
C GLU C 583 -1.56 -12.89 -40.65
N ILE C 584 -1.26 -13.56 -39.54
CA ILE C 584 -1.23 -12.92 -38.23
C ILE C 584 0.21 -12.72 -37.80
N LEU C 585 0.43 -11.69 -37.00
CA LEU C 585 1.77 -11.33 -36.52
C LEU C 585 1.69 -11.07 -35.02
N ASP C 586 2.49 -11.80 -34.26
CA ASP C 586 2.56 -11.57 -32.82
C ASP C 586 3.59 -10.51 -32.48
N ILE C 587 3.40 -9.87 -31.33
CA ILE C 587 4.17 -8.70 -30.92
C ILE C 587 4.99 -9.07 -29.69
N THR C 588 6.29 -8.79 -29.76
CA THR C 588 7.17 -8.92 -28.60
C THR C 588 7.74 -7.53 -28.29
N PRO C 589 7.58 -7.02 -27.07
CA PRO C 589 8.12 -5.70 -26.75
C PRO C 589 9.64 -5.69 -26.85
N CYS C 590 10.19 -4.54 -27.24
CA CYS C 590 11.63 -4.35 -27.30
C CYS C 590 12.17 -4.06 -25.91
N SER C 591 13.42 -3.59 -25.82
CA SER C 591 14.05 -3.20 -24.56
C SER C 591 14.08 -4.36 -23.56
N PHE C 592 14.92 -5.34 -23.91
CA PHE C 592 15.08 -6.57 -23.13
C PHE C 592 15.09 -6.32 -21.62
N GLY C 593 16.09 -5.59 -21.13
CA GLY C 593 16.11 -5.21 -19.73
C GLY C 593 16.46 -6.32 -18.74
N GLY C 594 16.25 -7.58 -19.14
CA GLY C 594 16.53 -8.70 -18.28
C GLY C 594 17.96 -9.19 -18.39
N VAL C 595 18.91 -8.36 -17.97
CA VAL C 595 20.32 -8.62 -18.10
C VAL C 595 20.96 -8.59 -16.71
N SER C 596 21.79 -9.58 -16.41
CA SER C 596 22.55 -9.61 -15.18
C SER C 596 24.03 -9.49 -15.49
N VAL C 597 24.75 -8.76 -14.64
CA VAL C 597 26.18 -8.53 -14.81
C VAL C 597 26.90 -9.18 -13.64
N ILE C 598 27.85 -10.08 -13.96
CA ILE C 598 28.70 -10.74 -12.98
C ILE C 598 30.02 -9.99 -12.95
N THR C 599 30.37 -9.44 -11.80
CA THR C 599 31.59 -8.66 -11.68
C THR C 599 32.39 -9.08 -10.46
N PRO C 600 33.70 -9.25 -10.58
CA PRO C 600 34.54 -9.55 -9.41
C PRO C 600 34.87 -8.33 -8.56
N GLY C 601 34.21 -7.19 -8.78
CA GLY C 601 34.50 -5.99 -8.05
C GLY C 601 35.40 -5.05 -8.81
N THR C 602 35.04 -3.77 -8.89
CA THR C 602 35.84 -2.80 -9.61
C THR C 602 37.20 -2.57 -8.95
N ASN C 603 37.31 -2.85 -7.64
CA ASN C 603 38.60 -2.75 -6.97
C ASN C 603 39.56 -3.83 -7.44
N THR C 604 39.03 -4.96 -7.92
CA THR C 604 39.86 -6.06 -8.39
C THR C 604 40.08 -5.99 -9.90
N SER C 605 39.01 -5.92 -10.68
CA SER C 605 39.13 -5.89 -12.13
C SER C 605 37.94 -5.16 -12.73
N ASN C 606 38.11 -4.70 -13.97
CA ASN C 606 37.04 -4.09 -14.74
C ASN C 606 36.35 -5.08 -15.66
N GLN C 607 36.73 -6.35 -15.61
CA GLN C 607 36.10 -7.37 -16.43
C GLN C 607 34.69 -7.65 -15.93
N VAL C 608 33.82 -8.08 -16.85
CA VAL C 608 32.44 -8.40 -16.53
C VAL C 608 32.00 -9.57 -17.38
N ALA C 609 31.05 -10.34 -16.85
CA ALA C 609 30.33 -11.36 -17.61
C ALA C 609 28.86 -10.97 -17.67
N VAL C 610 28.18 -11.38 -18.73
CA VAL C 610 26.79 -10.99 -18.96
C VAL C 610 25.95 -12.25 -19.03
N LEU C 611 24.93 -12.33 -18.17
CA LEU C 611 23.95 -13.41 -18.19
C LEU C 611 22.65 -12.85 -18.75
N TYR C 612 22.09 -13.55 -19.74
CA TYR C 612 20.88 -13.10 -20.42
C TYR C 612 19.73 -14.00 -19.99
N GLN C 613 18.97 -13.53 -19.00
CA GLN C 613 17.80 -14.16 -18.38
C GLN C 613 17.62 -15.63 -18.75
N ASP C 614 16.89 -15.90 -19.84
CA ASP C 614 16.76 -17.25 -20.39
C ASP C 614 16.56 -17.08 -21.90
N VAL C 615 17.66 -17.16 -22.64
CA VAL C 615 17.67 -16.61 -24.00
C VAL C 615 18.17 -17.58 -25.06
N ASN C 616 18.93 -18.63 -24.74
CA ASN C 616 19.38 -19.59 -25.74
C ASN C 616 20.17 -18.91 -26.86
N CYS C 617 21.45 -18.71 -26.46
CA CYS C 617 22.53 -17.94 -27.11
C CYS C 617 22.61 -17.75 -28.62
N THR C 618 21.90 -18.53 -29.42
CA THR C 618 21.90 -18.21 -30.86
C THR C 618 20.91 -17.08 -31.05
N GLU C 619 20.41 -16.48 -29.96
CA GLU C 619 19.37 -15.43 -30.05
C GLU C 619 19.76 -14.21 -29.21
N VAL C 620 21.01 -14.08 -28.80
CA VAL C 620 21.45 -12.85 -28.06
C VAL C 620 21.66 -11.71 -29.08
N PRO C 621 22.33 -11.85 -30.25
CA PRO C 621 22.35 -10.76 -31.25
C PRO C 621 20.97 -10.35 -31.72
N VAL C 622 20.04 -11.30 -31.86
CA VAL C 622 18.68 -10.95 -32.24
C VAL C 622 17.99 -10.16 -31.14
N ALA C 623 18.09 -10.64 -29.91
CA ALA C 623 17.64 -9.89 -28.75
C ALA C 623 18.61 -8.74 -28.47
N ILE C 624 18.28 -7.94 -27.45
CA ILE C 624 19.04 -6.77 -26.99
C ILE C 624 19.31 -5.77 -28.11
N HIS C 625 18.86 -6.08 -29.33
CA HIS C 625 19.06 -5.26 -30.51
C HIS C 625 20.52 -4.80 -30.62
N ALA C 626 21.40 -5.80 -30.78
CA ALA C 626 22.84 -5.53 -30.78
C ALA C 626 23.27 -4.64 -31.94
N ASP C 627 22.52 -4.67 -33.05
CA ASP C 627 22.87 -3.83 -34.19
C ASP C 627 22.83 -2.35 -33.84
N GLN C 628 22.03 -1.99 -32.83
CA GLN C 628 21.86 -0.60 -32.42
C GLN C 628 22.73 -0.25 -31.21
N LEU C 629 23.57 -1.17 -30.77
CA LEU C 629 24.35 -1.00 -29.54
C LEU C 629 25.76 -0.51 -29.87
N THR C 630 26.44 -0.01 -28.84
CA THR C 630 27.84 0.35 -28.97
C THR C 630 28.67 -0.91 -29.20
N PRO C 631 29.79 -0.81 -29.92
CA PRO C 631 30.62 -2.00 -30.14
C PRO C 631 31.13 -2.64 -28.86
N THR C 632 31.41 -1.85 -27.82
CA THR C 632 31.81 -2.42 -26.55
C THR C 632 30.66 -3.22 -25.92
N TRP C 633 29.41 -2.85 -26.19
CA TRP C 633 28.29 -3.67 -25.79
C TRP C 633 28.12 -4.88 -26.69
N ARG C 634 28.40 -4.72 -27.99
CA ARG C 634 28.33 -5.84 -28.92
C ARG C 634 29.38 -6.90 -28.64
N VAL C 635 30.46 -6.53 -27.94
CA VAL C 635 31.48 -7.51 -27.57
C VAL C 635 30.88 -8.60 -26.68
N TYR C 636 29.97 -8.22 -25.79
CA TYR C 636 29.34 -9.15 -24.86
C TYR C 636 28.07 -9.78 -25.42
N SER C 637 27.77 -9.55 -26.69
CA SER C 637 26.61 -10.19 -27.31
C SER C 637 26.99 -11.49 -28.01
N THR C 638 28.18 -11.56 -28.60
CA THR C 638 28.65 -12.77 -29.25
C THR C 638 30.15 -12.88 -29.06
N GLY C 639 30.64 -14.11 -29.18
CA GLY C 639 32.06 -14.36 -29.01
C GLY C 639 32.34 -15.85 -28.86
N SER C 640 33.54 -16.15 -28.37
CA SER C 640 33.97 -17.52 -28.14
C SER C 640 33.76 -17.97 -26.70
N ASN C 641 33.14 -17.14 -25.86
CA ASN C 641 32.96 -17.44 -24.45
C ASN C 641 31.50 -17.63 -24.07
N VAL C 642 30.62 -17.93 -25.03
CA VAL C 642 29.23 -18.19 -24.73
C VAL C 642 29.10 -19.53 -24.02
N PHE C 643 28.14 -19.62 -23.10
CA PHE C 643 27.92 -20.86 -22.36
C PHE C 643 26.48 -20.88 -21.86
N GLN C 644 25.70 -21.86 -22.29
CA GLN C 644 24.26 -21.90 -22.04
C GLN C 644 23.98 -22.73 -20.79
N THR C 645 23.52 -22.07 -19.72
CA THR C 645 23.06 -22.72 -18.51
C THR C 645 21.54 -22.67 -18.44
N ARG C 646 20.97 -23.47 -17.55
CA ARG C 646 19.53 -23.54 -17.39
C ARG C 646 18.96 -22.25 -16.82
N ALA C 647 19.82 -21.29 -16.54
CA ALA C 647 19.45 -19.94 -16.13
C ALA C 647 19.83 -18.93 -17.20
N GLY C 648 19.64 -19.29 -18.47
CA GLY C 648 20.06 -18.42 -19.55
C GLY C 648 21.51 -18.65 -19.88
N CYS C 649 22.07 -17.79 -20.70
CA CYS C 649 23.45 -18.04 -21.09
C CYS C 649 24.36 -16.88 -20.70
N LEU C 650 25.63 -17.22 -20.59
CA LEU C 650 26.66 -16.38 -20.00
C LEU C 650 27.73 -16.12 -21.05
N ILE C 651 28.06 -14.85 -21.25
CA ILE C 651 29.07 -14.43 -22.22
C ILE C 651 30.15 -13.66 -21.47
N GLY C 652 31.41 -14.04 -21.69
CA GLY C 652 32.53 -13.41 -21.03
C GLY C 652 33.17 -14.24 -19.95
N ALA C 653 32.69 -15.46 -19.69
CA ALA C 653 33.25 -16.33 -18.68
C ALA C 653 33.58 -17.68 -19.27
N GLU C 654 34.77 -18.19 -18.95
CA GLU C 654 35.25 -19.46 -19.47
C GLU C 654 34.73 -20.62 -18.62
N HIS C 655 34.13 -21.61 -19.28
CA HIS C 655 33.58 -22.76 -18.57
C HIS C 655 34.69 -23.74 -18.24
N VAL C 656 34.88 -24.01 -16.95
CA VAL C 656 35.87 -24.97 -16.49
C VAL C 656 35.15 -26.26 -16.11
N ASN C 657 35.84 -27.39 -16.31
CA ASN C 657 35.26 -28.69 -16.02
C ASN C 657 35.38 -29.08 -14.55
N ASN C 658 36.10 -28.29 -13.75
CA ASN C 658 36.27 -28.59 -12.34
C ASN C 658 35.05 -28.12 -11.56
N SER C 659 35.14 -28.16 -10.23
CA SER C 659 34.03 -27.75 -9.38
C SER C 659 34.58 -27.25 -8.05
N TYR C 660 34.33 -25.99 -7.75
CA TYR C 660 34.72 -25.38 -6.49
C TYR C 660 33.47 -24.89 -5.75
N GLU C 661 33.68 -24.36 -4.55
CA GLU C 661 32.58 -23.77 -3.81
C GLU C 661 32.07 -22.53 -4.54
N CYS C 662 30.78 -22.26 -4.37
CA CYS C 662 30.17 -21.12 -5.06
C CYS C 662 30.74 -19.81 -4.55
N ASP C 663 31.16 -18.96 -5.49
CA ASP C 663 31.62 -17.61 -5.19
C ASP C 663 30.59 -16.55 -5.59
N ILE C 664 30.16 -16.58 -6.85
CA ILE C 664 29.10 -15.69 -7.33
C ILE C 664 27.96 -16.56 -7.82
N PRO C 665 26.81 -16.56 -7.14
CA PRO C 665 25.73 -17.47 -7.53
C PRO C 665 25.02 -17.04 -8.81
N ILE C 666 25.19 -17.81 -9.88
CA ILE C 666 24.49 -17.53 -11.13
C ILE C 666 23.12 -18.18 -11.16
N GLY C 667 23.05 -19.47 -10.83
CA GLY C 667 21.77 -20.16 -10.79
C GLY C 667 21.78 -21.51 -11.46
N ALA C 668 20.80 -22.35 -11.13
CA ALA C 668 20.66 -23.70 -11.69
C ALA C 668 21.92 -24.54 -11.44
N GLY C 669 22.57 -24.32 -10.31
CA GLY C 669 23.79 -25.02 -9.97
C GLY C 669 25.05 -24.44 -10.56
N ILE C 670 24.96 -23.34 -11.32
CA ILE C 670 26.10 -22.73 -11.98
C ILE C 670 26.54 -21.52 -11.17
N CYS C 671 27.85 -21.39 -10.94
CA CYS C 671 28.44 -20.28 -10.21
C CYS C 671 29.59 -19.71 -11.04
N ALA C 672 30.08 -18.55 -10.61
CA ALA C 672 31.17 -17.86 -11.28
C ALA C 672 32.20 -17.41 -10.26
N SER C 673 33.43 -17.21 -10.73
CA SER C 673 34.52 -16.81 -9.87
C SER C 673 35.59 -16.12 -10.71
N TYR C 674 36.58 -15.55 -10.02
CA TYR C 674 37.71 -14.87 -10.64
C TYR C 674 38.96 -15.70 -10.34
N GLN C 675 39.47 -16.39 -11.36
CA GLN C 675 40.57 -17.34 -11.19
C GLN C 675 41.68 -17.00 -12.17
N THR C 676 42.93 -17.16 -11.71
CA THR C 676 44.09 -16.87 -12.54
C THR C 676 44.40 -18.03 -13.48
N SER C 689 46.03 -14.56 -17.65
CA SER C 689 46.17 -14.63 -16.20
C SER C 689 44.79 -14.67 -15.53
N GLN C 690 44.44 -13.59 -14.84
CA GLN C 690 43.15 -13.49 -14.19
C GLN C 690 42.03 -13.49 -15.22
N SER C 691 40.99 -14.26 -14.95
CA SER C 691 39.83 -14.31 -15.83
C SER C 691 38.63 -14.82 -15.05
N ILE C 692 37.44 -14.54 -15.60
CA ILE C 692 36.19 -14.98 -14.98
C ILE C 692 35.86 -16.37 -15.48
N ILE C 693 35.65 -17.30 -14.56
CA ILE C 693 35.34 -18.69 -14.88
C ILE C 693 33.94 -19.00 -14.37
N ALA C 694 33.27 -19.91 -15.08
CA ALA C 694 31.94 -20.38 -14.70
C ALA C 694 31.98 -21.89 -14.55
N TYR C 695 31.50 -22.38 -13.41
CA TYR C 695 31.56 -23.80 -13.11
C TYR C 695 30.26 -24.24 -12.44
N THR C 696 30.23 -25.49 -12.02
CA THR C 696 29.15 -26.04 -11.22
C THR C 696 29.61 -26.17 -9.78
N MET C 697 28.75 -25.80 -8.84
CA MET C 697 29.15 -25.82 -7.44
C MET C 697 29.47 -27.24 -6.99
N SER C 698 30.45 -27.36 -6.09
CA SER C 698 30.68 -28.60 -5.38
C SER C 698 29.82 -28.60 -4.13
N LEU C 699 29.01 -29.65 -3.98
CA LEU C 699 28.13 -29.71 -2.82
C LEU C 699 28.92 -29.92 -1.52
N GLY C 700 30.11 -30.48 -1.62
CA GLY C 700 30.96 -30.66 -0.46
C GLY C 700 32.09 -31.61 -0.77
N ALA C 701 32.95 -31.77 0.23
CA ALA C 701 34.07 -32.70 0.12
C ALA C 701 33.54 -34.12 0.11
N GLU C 702 33.72 -34.82 -1.01
CA GLU C 702 33.23 -36.18 -1.14
C GLU C 702 33.90 -37.08 -0.11
N ASN C 703 33.08 -37.76 0.69
CA ASN C 703 33.56 -38.63 1.76
C ASN C 703 32.92 -39.99 1.62
N SER C 704 33.59 -41.00 2.16
CA SER C 704 33.10 -42.38 2.13
C SER C 704 32.94 -42.87 3.56
N CYS C 705 31.75 -43.38 3.87
CA CYS C 705 31.46 -43.96 5.17
C CYS C 705 31.48 -45.47 5.02
N ALA C 706 32.44 -46.12 5.66
CA ALA C 706 32.65 -47.56 5.50
C ALA C 706 31.77 -48.30 6.50
N TYR C 707 30.48 -48.41 6.15
CA TYR C 707 29.55 -49.17 6.97
C TYR C 707 29.92 -50.64 6.97
N SER C 708 29.89 -51.24 8.16
CA SER C 708 30.12 -52.67 8.30
C SER C 708 29.58 -53.11 9.65
N ASN C 709 28.91 -54.25 9.67
CA ASN C 709 28.48 -54.80 10.95
C ASN C 709 29.69 -55.37 11.68
N ASN C 710 29.49 -55.65 12.98
CA ASN C 710 30.56 -56.09 13.89
C ASN C 710 31.82 -55.24 13.76
N SER C 711 31.64 -53.96 13.43
CA SER C 711 32.76 -53.01 13.32
C SER C 711 32.31 -51.65 13.81
N ILE C 712 33.07 -51.07 14.74
CA ILE C 712 32.76 -49.78 15.31
C ILE C 712 34.00 -48.90 15.24
N ALA C 713 33.78 -47.59 15.31
CA ALA C 713 34.86 -46.61 15.36
C ALA C 713 34.72 -45.80 16.63
N ILE C 714 35.79 -45.75 17.42
CA ILE C 714 35.76 -45.02 18.69
C ILE C 714 36.87 -43.97 18.69
N PRO C 715 36.59 -42.75 19.15
CA PRO C 715 37.63 -41.73 19.18
C PRO C 715 38.60 -41.95 20.33
N THR C 716 39.89 -41.80 20.03
CA THR C 716 40.93 -41.92 21.04
C THR C 716 41.47 -40.56 21.49
N ASN C 717 40.91 -39.46 21.02
CA ASN C 717 41.36 -38.13 21.40
C ASN C 717 40.22 -37.16 21.18
N PHE C 718 40.43 -35.92 21.62
CA PHE C 718 39.40 -34.89 21.51
C PHE C 718 40.03 -33.58 21.07
N THR C 719 39.16 -32.59 20.86
CA THR C 719 39.58 -31.24 20.49
C THR C 719 38.57 -30.27 21.07
N ILE C 720 39.06 -29.27 21.80
CA ILE C 720 38.20 -28.24 22.37
C ILE C 720 38.15 -27.09 21.37
N SER C 721 37.01 -26.89 20.73
CA SER C 721 36.88 -25.93 19.65
C SER C 721 35.93 -24.81 20.07
N VAL C 722 36.37 -23.57 19.89
CA VAL C 722 35.56 -22.40 20.19
C VAL C 722 35.11 -21.81 18.86
N THR C 723 33.81 -21.88 18.60
CA THR C 723 33.23 -21.29 17.40
C THR C 723 32.56 -19.96 17.75
N THR C 724 32.20 -19.21 16.71
CA THR C 724 31.64 -17.88 16.87
C THR C 724 30.26 -17.81 16.26
N GLU C 725 29.34 -17.12 16.94
CA GLU C 725 27.97 -16.95 16.46
C GLU C 725 27.56 -15.51 16.67
N ILE C 726 27.37 -14.77 15.58
CA ILE C 726 27.01 -13.36 15.63
C ILE C 726 25.51 -13.24 15.44
N LEU C 727 24.84 -12.52 16.34
CA LEU C 727 23.40 -12.35 16.23
C LEU C 727 23.00 -10.89 16.45
N PRO C 728 22.34 -10.27 15.49
CA PRO C 728 21.82 -8.91 15.72
C PRO C 728 20.68 -8.93 16.72
N VAL C 729 20.72 -8.00 17.67
CA VAL C 729 19.75 -7.93 18.74
C VAL C 729 18.81 -6.74 18.58
N SER C 730 19.34 -5.57 18.25
CA SER C 730 18.54 -4.37 18.09
C SER C 730 19.08 -3.56 16.93
N MET C 731 18.27 -2.60 16.48
CA MET C 731 18.64 -1.70 15.40
C MET C 731 18.44 -0.26 15.86
N THR C 732 18.71 0.68 14.97
CA THR C 732 18.64 2.09 15.33
C THR C 732 17.20 2.53 15.56
N LYS C 733 17.01 3.37 16.57
CA LYS C 733 15.67 3.84 16.94
C LYS C 733 15.41 5.20 16.30
N THR C 734 15.18 5.17 15.00
CA THR C 734 14.85 6.38 14.26
C THR C 734 13.41 6.80 14.51
N SER C 735 13.18 8.11 14.53
CA SER C 735 11.85 8.67 14.66
C SER C 735 11.69 9.78 13.64
N VAL C 736 10.57 9.79 12.94
CA VAL C 736 10.32 10.70 11.82
C VAL C 736 9.15 11.60 12.18
N ASP C 737 9.37 12.91 12.09
CA ASP C 737 8.28 13.87 12.24
C ASP C 737 7.57 14.00 10.91
N CYS C 738 6.35 13.46 10.84
CA CYS C 738 5.63 13.41 9.57
C CYS C 738 5.33 14.81 9.03
N THR C 739 4.87 15.71 9.89
CA THR C 739 4.54 17.06 9.43
C THR C 739 5.78 17.81 8.95
N MET C 740 6.88 17.72 9.71
CA MET C 740 8.10 18.42 9.32
C MET C 740 8.74 17.82 8.07
N TYR C 741 8.48 16.54 7.79
CA TYR C 741 9.03 15.91 6.59
C TYR C 741 8.18 16.24 5.36
N ILE C 742 6.88 16.01 5.44
CA ILE C 742 6.01 16.26 4.29
C ILE C 742 5.92 17.74 3.99
N CYS C 743 5.74 18.57 5.02
CA CYS C 743 5.52 20.00 4.87
C CYS C 743 6.50 20.74 5.78
N GLY C 744 7.70 21.02 5.27
CA GLY C 744 8.71 21.68 6.06
C GLY C 744 8.37 23.11 6.43
N ASP C 745 8.04 23.32 7.70
CA ASP C 745 7.72 24.63 8.28
C ASP C 745 6.83 25.49 7.40
N SER C 746 5.87 24.87 6.71
CA SER C 746 4.92 25.59 5.87
C SER C 746 3.53 25.41 6.46
N THR C 747 2.86 26.52 6.79
CA THR C 747 1.57 26.43 7.46
C THR C 747 0.47 26.03 6.48
N GLU C 748 0.54 26.51 5.24
CA GLU C 748 -0.45 26.12 4.25
C GLU C 748 -0.39 24.63 3.96
N CYS C 749 0.82 24.08 3.82
CA CYS C 749 0.96 22.65 3.59
C CYS C 749 0.50 21.85 4.79
N SER C 750 0.75 22.34 6.01
CA SER C 750 0.26 21.66 7.20
C SER C 750 -1.26 21.64 7.24
N ASN C 751 -1.89 22.76 6.89
CA ASN C 751 -3.35 22.80 6.86
C ASN C 751 -3.90 21.86 5.80
N LEU C 752 -3.24 21.77 4.66
CA LEU C 752 -3.68 20.84 3.62
C LEU C 752 -3.50 19.39 4.05
N LEU C 753 -2.42 19.11 4.78
CA LEU C 753 -2.16 17.75 5.25
C LEU C 753 -3.12 17.36 6.37
N LEU C 754 -3.64 18.34 7.12
CA LEU C 754 -4.59 18.05 8.19
C LEU C 754 -5.87 17.40 7.66
N GLN C 755 -6.15 17.54 6.36
CA GLN C 755 -7.36 16.96 5.78
C GLN C 755 -7.23 15.47 5.49
N TYR C 756 -6.05 14.88 5.68
CA TYR C 756 -5.83 13.47 5.43
C TYR C 756 -6.07 12.60 6.65
N GLY C 757 -6.56 13.18 7.74
CA GLY C 757 -6.86 12.39 8.92
C GLY C 757 -5.62 11.99 9.69
N SER C 758 -5.77 10.92 10.47
CA SER C 758 -4.70 10.41 11.32
C SER C 758 -3.82 9.45 10.51
N PHE C 759 -2.93 10.03 9.71
CA PHE C 759 -1.89 9.29 9.02
C PHE C 759 -0.52 9.49 9.67
N CYS C 760 -0.16 10.75 9.90
CA CYS C 760 1.08 11.04 10.60
C CYS C 760 1.06 10.48 12.02
N THR C 761 -0.11 10.51 12.66
CA THR C 761 -0.23 9.91 13.98
C THR C 761 0.03 8.41 13.94
N GLN C 762 -0.51 7.73 12.93
CA GLN C 762 -0.24 6.29 12.78
C GLN C 762 1.24 6.02 12.55
N LEU C 763 1.88 6.83 11.70
CA LEU C 763 3.29 6.62 11.44
C LEU C 763 4.13 6.85 12.70
N ASN C 764 3.81 7.90 13.45
CA ASN C 764 4.53 8.17 14.70
C ASN C 764 4.32 7.06 15.71
N ARG C 765 3.09 6.56 15.82
CA ARG C 765 2.82 5.46 16.74
C ARG C 765 3.61 4.21 16.35
N ALA C 766 3.66 3.89 15.05
CA ALA C 766 4.41 2.74 14.60
C ALA C 766 5.90 2.89 14.90
N LEU C 767 6.46 4.06 14.62
CA LEU C 767 7.89 4.26 14.87
C LEU C 767 8.21 4.24 16.35
N THR C 768 7.33 4.80 17.20
CA THR C 768 7.53 4.73 18.63
C THR C 768 7.48 3.29 19.14
N GLY C 769 6.53 2.50 18.62
CA GLY C 769 6.48 1.10 18.98
C GLY C 769 7.73 0.35 18.55
N ILE C 770 8.26 0.67 17.38
CA ILE C 770 9.50 0.04 16.92
C ILE C 770 10.65 0.40 17.85
N ALA C 771 10.74 1.67 18.26
CA ALA C 771 11.81 2.08 19.17
C ALA C 771 11.68 1.39 20.53
N VAL C 772 10.46 1.29 21.04
CA VAL C 772 10.25 0.62 22.33
C VAL C 772 10.62 -0.86 22.22
N GLU C 773 10.26 -1.51 21.11
CA GLU C 773 10.63 -2.90 20.91
C GLU C 773 12.15 -3.05 20.83
N GLN C 774 12.82 -2.10 20.19
CA GLN C 774 14.28 -2.16 20.11
C GLN C 774 14.91 -2.00 21.48
N ASP C 775 14.32 -1.17 22.34
CA ASP C 775 14.81 -1.05 23.71
C ASP C 775 14.54 -2.34 24.50
N LYS C 776 13.42 -3.00 24.22
CA LYS C 776 13.07 -4.21 24.95
C LYS C 776 13.93 -5.39 24.54
N ASN C 777 14.38 -5.42 23.28
CA ASN C 777 15.19 -6.54 22.81
C ASN C 777 16.49 -6.67 23.60
N THR C 778 17.18 -5.54 23.82
CA THR C 778 18.44 -5.57 24.55
C THR C 778 18.24 -6.00 25.99
N GLN C 779 17.15 -5.54 26.63
CA GLN C 779 16.87 -5.97 27.99
C GLN C 779 16.55 -7.46 28.06
N GLU C 780 15.83 -7.98 27.08
CA GLU C 780 15.57 -9.41 27.04
C GLU C 780 16.82 -10.23 26.82
N VAL C 781 17.74 -9.76 25.99
CA VAL C 781 18.95 -10.53 25.69
C VAL C 781 19.96 -10.47 26.83
N PHE C 782 20.34 -9.26 27.25
CA PHE C 782 21.44 -9.11 28.19
C PHE C 782 21.01 -9.08 29.66
N ALA C 783 19.87 -8.46 29.97
CA ALA C 783 19.41 -8.36 31.35
C ALA C 783 18.64 -9.61 31.77
N GLN C 784 19.34 -10.74 31.72
CA GLN C 784 18.75 -12.01 32.16
C GLN C 784 18.83 -12.14 33.68
N VAL C 785 20.04 -12.13 34.22
CA VAL C 785 20.26 -12.11 35.66
C VAL C 785 20.60 -10.68 36.07
N LYS C 786 19.91 -10.18 37.09
CA LYS C 786 20.09 -8.80 37.55
C LYS C 786 20.93 -8.73 38.82
N GLN C 787 21.88 -9.65 38.98
CA GLN C 787 22.90 -9.57 40.03
C GLN C 787 24.25 -9.40 39.35
N ILE C 788 24.97 -8.34 39.72
CA ILE C 788 26.20 -7.97 39.04
C ILE C 788 27.36 -8.62 39.80
N TYR C 789 27.91 -9.70 39.24
CA TYR C 789 29.07 -10.35 39.81
C TYR C 789 30.35 -9.70 39.29
N LYS C 790 31.42 -9.87 40.05
CA LYS C 790 32.74 -9.36 39.69
C LYS C 790 33.73 -10.51 39.65
N THR C 791 34.57 -10.53 38.61
CA THR C 791 35.56 -11.59 38.49
C THR C 791 36.59 -11.48 39.61
N PRO C 792 37.02 -12.59 40.19
CA PRO C 792 37.98 -12.52 41.28
C PRO C 792 39.31 -11.95 40.82
N PRO C 793 40.01 -11.24 41.69
CA PRO C 793 41.33 -10.72 41.29
C PRO C 793 42.34 -11.81 40.99
N ILE C 794 42.24 -12.95 41.65
CA ILE C 794 43.19 -14.05 41.47
C ILE C 794 42.74 -14.90 40.28
N LYS C 795 43.60 -15.01 39.27
CA LYS C 795 43.33 -15.84 38.10
C LYS C 795 43.91 -17.23 38.36
N ASP C 796 43.17 -18.01 39.14
CA ASP C 796 43.61 -19.34 39.54
C ASP C 796 42.61 -20.39 39.06
N PHE C 797 42.21 -20.30 37.80
CA PHE C 797 41.16 -21.14 37.25
C PHE C 797 41.66 -22.49 36.75
N GLY C 798 42.79 -22.96 37.26
CA GLY C 798 43.27 -24.28 36.90
C GLY C 798 43.94 -24.38 35.55
N GLY C 799 44.48 -23.29 35.03
CA GLY C 799 45.11 -23.26 33.74
C GLY C 799 44.27 -22.65 32.64
N PHE C 800 42.96 -22.54 32.84
CA PHE C 800 42.10 -21.87 31.88
C PHE C 800 42.34 -20.36 31.96
N ASN C 801 42.46 -19.73 30.80
CA ASN C 801 42.85 -18.32 30.70
C ASN C 801 41.72 -17.56 30.02
N PHE C 802 41.04 -16.70 30.78
CA PHE C 802 39.90 -15.93 30.30
C PHE C 802 40.24 -14.47 30.06
N SER C 803 41.51 -14.14 29.89
CA SER C 803 41.90 -12.74 29.71
C SER C 803 41.30 -12.15 28.44
N GLN C 804 41.13 -12.97 27.41
CA GLN C 804 40.60 -12.46 26.14
C GLN C 804 39.12 -12.14 26.21
N ILE C 805 38.40 -12.65 27.21
CA ILE C 805 36.97 -12.43 27.33
C ILE C 805 36.59 -11.65 28.57
N LEU C 806 37.47 -11.51 29.56
CA LEU C 806 37.19 -10.72 30.74
C LEU C 806 37.57 -9.26 30.51
N PRO C 807 36.91 -8.33 31.22
CA PRO C 807 37.19 -6.90 30.99
C PRO C 807 38.64 -6.56 31.24
N ASP C 808 39.16 -5.64 30.43
CA ASP C 808 40.54 -5.19 30.53
C ASP C 808 40.59 -3.89 31.31
N PRO C 809 41.19 -3.87 32.50
CA PRO C 809 41.21 -2.62 33.29
C PRO C 809 42.19 -1.58 32.76
N SER C 810 43.16 -1.97 31.95
CA SER C 810 44.15 -1.00 31.46
C SER C 810 43.50 0.01 30.51
N LYS C 811 42.73 -0.47 29.53
CA LYS C 811 42.07 0.43 28.61
C LYS C 811 40.95 1.20 29.32
N PRO C 812 40.65 2.41 28.87
CA PRO C 812 39.59 3.19 29.55
C PRO C 812 38.24 2.51 29.51
N SER C 813 37.77 2.10 28.33
CA SER C 813 36.53 1.34 28.24
C SER C 813 36.76 -0.05 28.83
N LYS C 814 35.85 -0.46 29.72
CA LYS C 814 36.00 -1.73 30.44
C LYS C 814 35.46 -2.89 29.61
N ARG C 815 36.05 -3.08 28.44
CA ARG C 815 35.70 -4.14 27.52
C ARG C 815 36.88 -5.09 27.35
N SER C 816 36.56 -6.36 27.09
CA SER C 816 37.59 -7.35 26.85
C SER C 816 38.25 -7.09 25.50
N PRO C 817 39.45 -7.65 25.28
CA PRO C 817 40.09 -7.49 23.96
C PRO C 817 39.23 -7.95 22.80
N ILE C 818 38.47 -9.03 22.98
CA ILE C 818 37.58 -9.50 21.90
C ILE C 818 36.48 -8.48 21.65
N GLU C 819 35.89 -7.92 22.71
CA GLU C 819 34.87 -6.90 22.54
C GLU C 819 35.44 -5.65 21.88
N ASP C 820 36.66 -5.26 22.25
CA ASP C 820 37.30 -4.12 21.62
C ASP C 820 37.51 -4.37 20.13
N LEU C 821 37.93 -5.59 19.77
CA LEU C 821 38.09 -5.92 18.37
C LEU C 821 36.75 -5.89 17.63
N LEU C 822 35.69 -6.37 18.27
CA LEU C 822 34.38 -6.40 17.63
C LEU C 822 33.84 -4.98 17.43
N PHE C 823 34.08 -4.08 18.38
CA PHE C 823 33.56 -2.73 18.27
C PHE C 823 34.29 -1.92 17.20
N ASN C 824 35.58 -2.18 16.98
CA ASN C 824 36.33 -1.48 15.95
C ASN C 824 36.10 -2.04 14.56
N LYS C 825 35.50 -3.23 14.44
CA LYS C 825 35.28 -3.85 13.14
C LYS C 825 33.94 -3.47 12.51
N VAL C 826 33.01 -2.90 13.29
CA VAL C 826 31.71 -2.47 12.80
C VAL C 826 31.72 -0.96 12.72
N THR C 827 31.58 -0.42 11.51
CA THR C 827 31.63 1.02 11.31
C THR C 827 30.24 1.63 11.50
N LEU C 828 30.24 2.86 12.02
CA LEU C 828 29.01 3.61 12.27
C LEU C 828 28.05 2.84 13.17
N ASP C 848 25.87 22.50 16.04
CA ASP C 848 26.34 22.88 14.71
C ASP C 848 25.67 22.01 13.64
N LEU C 849 26.22 22.04 12.43
CA LEU C 849 25.70 21.23 11.35
C LEU C 849 25.89 19.75 11.67
N ILE C 850 24.87 18.94 11.39
CA ILE C 850 24.91 17.52 11.71
C ILE C 850 24.81 16.68 10.44
N CYS C 851 23.70 16.78 9.73
CA CYS C 851 23.44 15.95 8.56
C CYS C 851 22.22 16.51 7.83
N ALA C 852 21.86 15.85 6.73
CA ALA C 852 20.66 16.20 5.99
C ALA C 852 19.43 15.47 6.51
N GLN C 853 19.59 14.22 6.95
CA GLN C 853 18.47 13.50 7.54
C GLN C 853 17.99 14.17 8.82
N LYS C 854 18.93 14.59 9.67
CA LYS C 854 18.57 15.25 10.93
C LYS C 854 17.78 16.52 10.68
N PHE C 855 17.98 17.16 9.54
CA PHE C 855 17.39 18.46 9.25
C PHE C 855 16.04 18.36 8.53
N ASN C 856 15.54 17.15 8.28
CA ASN C 856 14.25 16.95 7.63
C ASN C 856 13.25 16.24 8.54
N GLY C 857 13.43 16.35 9.85
CA GLY C 857 12.56 15.68 10.80
C GLY C 857 12.97 14.27 11.16
N LEU C 858 14.02 13.75 10.55
CA LEU C 858 14.47 12.37 10.80
C LEU C 858 15.50 12.40 11.93
N THR C 859 15.08 12.11 13.15
CA THR C 859 15.99 12.11 14.29
C THR C 859 16.29 10.69 14.71
N VAL C 860 17.38 10.52 15.43
CA VAL C 860 17.83 9.22 15.91
C VAL C 860 17.86 9.28 17.44
N LEU C 861 17.11 8.38 18.07
CA LEU C 861 17.02 8.33 19.53
C LEU C 861 18.12 7.44 20.10
N PRO C 862 18.80 7.90 21.15
CA PRO C 862 19.85 7.06 21.75
C PRO C 862 19.22 5.85 22.43
N PRO C 863 19.92 4.73 22.45
CA PRO C 863 19.40 3.56 23.18
C PRO C 863 19.37 3.80 24.68
N LEU C 864 18.44 3.13 25.34
CA LEU C 864 18.31 3.29 26.79
C LEU C 864 19.52 2.70 27.50
N LEU C 865 20.07 1.61 26.99
CA LEU C 865 21.25 0.97 27.57
C LEU C 865 22.47 1.36 26.75
N THR C 866 23.39 2.09 27.37
CA THR C 866 24.63 2.44 26.70
C THR C 866 25.54 1.22 26.59
N ASP C 867 26.56 1.34 25.73
CA ASP C 867 27.46 0.21 25.51
C ASP C 867 28.27 -0.11 26.76
N GLU C 868 28.61 0.90 27.57
CA GLU C 868 29.40 0.67 28.77
C GLU C 868 28.64 -0.10 29.83
N MET C 869 27.31 -0.17 29.71
CA MET C 869 26.50 -0.93 30.65
C MET C 869 26.04 -2.27 30.09
N ILE C 870 25.85 -2.36 28.77
CA ILE C 870 25.69 -3.67 28.13
C ILE C 870 26.94 -4.50 28.36
N ALA C 871 28.12 -3.87 28.25
CA ALA C 871 29.37 -4.57 28.53
C ALA C 871 29.45 -4.99 29.99
N GLN C 872 28.91 -4.19 30.91
CA GLN C 872 28.92 -4.58 32.31
C GLN C 872 27.97 -5.75 32.57
N TYR C 873 26.83 -5.77 31.88
CA TYR C 873 25.94 -6.93 31.96
C TYR C 873 26.64 -8.18 31.46
N THR C 874 27.35 -8.07 30.33
CA THR C 874 28.09 -9.19 29.78
C THR C 874 29.18 -9.66 30.74
N SER C 875 29.89 -8.72 31.36
CA SER C 875 30.92 -9.07 32.32
C SER C 875 30.33 -9.77 33.55
N ALA C 876 29.16 -9.31 34.00
CA ALA C 876 28.49 -9.98 35.12
C ALA C 876 28.10 -11.39 34.75
N LEU C 877 27.60 -11.59 33.53
CA LEU C 877 27.25 -12.94 33.08
C LEU C 877 28.49 -13.82 33.04
N LEU C 878 29.61 -13.31 32.51
CA LEU C 878 30.83 -14.08 32.45
C LEU C 878 31.35 -14.44 33.83
N ALA C 879 31.32 -13.48 34.76
CA ALA C 879 31.78 -13.74 36.12
C ALA C 879 30.89 -14.75 36.83
N GLY C 880 29.57 -14.67 36.61
CA GLY C 880 28.68 -15.66 37.19
C GLY C 880 28.92 -17.05 36.63
N THR C 881 29.19 -17.13 35.33
CA THR C 881 29.48 -18.42 34.72
C THR C 881 30.78 -19.00 35.27
N ILE C 882 31.81 -18.16 35.44
CA ILE C 882 33.10 -18.65 35.94
C ILE C 882 32.99 -19.07 37.40
N CYS C 883 32.36 -18.24 38.23
CA CYS C 883 32.33 -18.52 39.66
C CYS C 883 31.36 -19.65 40.00
N SER C 884 30.21 -19.70 39.34
CA SER C 884 29.14 -20.62 39.70
C SER C 884 28.91 -21.71 38.67
N GLY C 885 28.86 -21.37 37.39
CA GLY C 885 28.53 -22.35 36.37
C GLY C 885 27.14 -22.13 35.83
N TRP C 886 26.33 -23.19 35.80
CA TRP C 886 24.93 -23.06 35.42
C TRP C 886 24.02 -22.86 36.63
N THR C 887 24.58 -22.79 37.83
CA THR C 887 23.77 -22.75 39.04
C THR C 887 23.26 -21.36 39.38
N PHE C 888 23.82 -20.31 38.78
CA PHE C 888 23.38 -18.96 39.09
C PHE C 888 22.21 -18.50 38.25
N GLY C 889 21.89 -19.21 37.17
CA GLY C 889 20.72 -18.92 36.36
C GLY C 889 19.48 -19.67 36.75
N ALA C 890 19.58 -20.59 37.71
CA ALA C 890 18.44 -21.38 38.17
C ALA C 890 18.23 -21.26 39.67
N GLY C 891 18.75 -20.20 40.28
CA GLY C 891 18.63 -20.00 41.70
C GLY C 891 19.82 -19.26 42.28
N PRO C 892 20.11 -19.51 43.56
CA PRO C 892 21.28 -18.89 44.18
C PRO C 892 22.57 -19.34 43.51
N ALA C 893 23.53 -18.43 43.41
CA ALA C 893 24.81 -18.75 42.82
C ALA C 893 25.63 -19.61 43.78
N LEU C 894 26.00 -20.80 43.34
CA LEU C 894 26.77 -21.74 44.14
C LEU C 894 28.18 -21.84 43.57
N GLN C 895 29.18 -21.51 44.39
CA GLN C 895 30.56 -21.52 43.93
C GLN C 895 31.03 -22.96 43.67
N ILE C 896 31.95 -23.08 42.73
CA ILE C 896 32.54 -24.38 42.37
C ILE C 896 33.84 -24.10 41.64
N PRO C 897 34.91 -24.85 41.90
CA PRO C 897 36.15 -24.67 41.13
C PRO C 897 35.92 -24.93 39.66
N PHE C 898 36.57 -24.15 38.81
CA PHE C 898 36.35 -24.28 37.37
C PHE C 898 36.72 -25.66 36.82
N PRO C 899 37.83 -26.30 37.23
CA PRO C 899 38.04 -27.69 36.78
C PRO C 899 36.89 -28.62 37.15
N MET C 900 36.29 -28.43 38.32
CA MET C 900 35.16 -29.28 38.72
C MET C 900 33.93 -28.99 37.87
N GLN C 901 33.68 -27.71 37.57
CA GLN C 901 32.56 -27.36 36.69
C GLN C 901 32.76 -27.93 35.29
N MET C 902 34.00 -27.90 34.80
CA MET C 902 34.29 -28.50 33.50
C MET C 902 34.17 -30.01 33.54
N ALA C 903 34.46 -30.63 34.68
CA ALA C 903 34.19 -32.06 34.83
C ALA C 903 32.70 -32.35 34.78
N TYR C 904 31.88 -31.48 35.41
CA TYR C 904 30.43 -31.61 35.29
C TYR C 904 29.99 -31.48 33.84
N ARG C 905 30.55 -30.52 33.11
CA ARG C 905 30.17 -30.31 31.72
C ARG C 905 30.65 -31.44 30.82
N PHE C 906 31.76 -32.09 31.19
CA PHE C 906 32.18 -33.31 30.49
C PHE C 906 31.22 -34.44 30.76
N ASN C 907 30.76 -34.58 32.00
CA ASN C 907 29.72 -35.57 32.30
C ASN C 907 28.46 -35.30 31.51
N GLY C 908 28.14 -34.03 31.27
CA GLY C 908 26.95 -33.69 30.53
C GLY C 908 26.92 -34.26 29.13
N ILE C 909 28.08 -34.34 28.47
CA ILE C 909 28.13 -34.84 27.09
C ILE C 909 28.40 -36.33 27.01
N GLY C 910 28.50 -37.03 28.14
CA GLY C 910 28.71 -38.45 28.14
C GLY C 910 30.15 -38.90 28.36
N VAL C 911 31.03 -38.03 28.82
CA VAL C 911 32.42 -38.36 29.08
C VAL C 911 32.67 -38.25 30.57
N THR C 912 33.36 -39.25 31.13
CA THR C 912 33.55 -39.33 32.57
C THR C 912 34.52 -38.24 33.05
N GLN C 913 34.52 -38.03 34.37
CA GLN C 913 35.32 -36.96 34.96
C GLN C 913 36.82 -37.23 34.81
N ASN C 914 37.23 -38.48 34.95
CA ASN C 914 38.66 -38.78 34.97
C ASN C 914 39.35 -38.35 33.70
N VAL C 915 38.63 -38.30 32.58
CA VAL C 915 39.22 -37.82 31.33
C VAL C 915 39.74 -36.40 31.50
N LEU C 916 38.90 -35.51 32.04
CA LEU C 916 39.35 -34.13 32.26
C LEU C 916 40.34 -34.05 33.41
N TYR C 917 40.11 -34.80 34.49
CA TYR C 917 41.03 -34.71 35.62
C TYR C 917 42.41 -35.25 35.28
N GLU C 918 42.55 -36.03 34.21
CA GLU C 918 43.86 -36.50 33.79
C GLU C 918 44.43 -35.76 32.58
N ASN C 919 43.59 -35.10 31.78
CA ASN C 919 44.05 -34.26 30.68
C ASN C 919 43.72 -32.79 30.91
N GLN C 920 43.76 -32.35 32.18
CA GLN C 920 43.48 -30.96 32.50
C GLN C 920 44.41 -30.00 31.77
N LYS C 921 45.71 -30.28 31.77
CA LYS C 921 46.65 -29.38 31.11
C LYS C 921 46.41 -29.32 29.62
N LEU C 922 46.17 -30.48 28.99
CA LEU C 922 45.90 -30.53 27.56
C LEU C 922 44.63 -29.76 27.22
N ILE C 923 43.57 -29.95 28.01
CA ILE C 923 42.31 -29.28 27.73
C ILE C 923 42.45 -27.77 27.93
N ALA C 924 43.16 -27.36 28.97
CA ALA C 924 43.37 -25.93 29.19
C ALA C 924 44.17 -25.31 28.05
N ASN C 925 45.21 -26.00 27.59
CA ASN C 925 46.00 -25.48 26.47
C ASN C 925 45.17 -25.39 25.21
N GLN C 926 44.35 -26.40 24.93
CA GLN C 926 43.50 -26.37 23.74
C GLN C 926 42.49 -25.23 23.82
N PHE C 927 41.87 -25.04 24.99
CA PHE C 927 40.92 -23.95 25.15
C PHE C 927 41.59 -22.60 24.99
N ASN C 928 42.77 -22.42 25.57
CA ASN C 928 43.50 -21.17 25.42
C ASN C 928 43.87 -20.90 23.97
N SER C 929 44.32 -21.93 23.26
CA SER C 929 44.67 -21.77 21.85
C SER C 929 43.44 -21.39 21.02
N ALA C 930 42.31 -22.03 21.28
CA ALA C 930 41.09 -21.69 20.55
C ALA C 930 40.64 -20.26 20.83
N ILE C 931 40.70 -19.84 22.09
CA ILE C 931 40.31 -18.47 22.43
C ILE C 931 41.27 -17.47 21.79
N GLY C 932 42.55 -17.81 21.73
CA GLY C 932 43.50 -16.93 21.07
C GLY C 932 43.27 -16.83 19.58
N LYS C 933 42.95 -17.97 18.94
CA LYS C 933 42.69 -17.96 17.50
C LYS C 933 41.36 -17.30 17.16
N ILE C 934 40.46 -17.15 18.14
CA ILE C 934 39.19 -16.48 17.89
C ILE C 934 39.43 -15.04 17.43
N GLN C 935 40.37 -14.34 18.08
CA GLN C 935 40.67 -12.97 17.69
C GLN C 935 41.17 -12.90 16.26
N ASP C 936 42.09 -13.80 15.88
CA ASP C 936 42.61 -13.81 14.52
C ASP C 936 41.50 -14.13 13.51
N SER C 937 40.63 -15.08 13.85
CA SER C 937 39.53 -15.42 12.94
C SER C 937 38.60 -14.24 12.74
N LEU C 938 38.28 -13.51 13.81
CA LEU C 938 37.39 -12.36 13.69
C LEU C 938 38.06 -11.19 12.96
N SER C 939 39.38 -11.03 13.13
CA SER C 939 40.05 -9.86 12.58
C SER C 939 40.44 -10.06 11.12
N SER C 940 41.14 -11.16 10.81
CA SER C 940 41.68 -11.34 9.47
C SER C 940 40.58 -11.43 8.42
N THR C 941 39.52 -12.17 8.70
CA THR C 941 38.41 -12.29 7.76
C THR C 941 37.64 -10.97 7.71
N PRO C 942 37.49 -10.34 6.55
CA PRO C 942 36.81 -9.04 6.48
C PRO C 942 35.32 -9.14 6.82
N SER C 943 34.62 -10.06 6.16
CA SER C 943 33.19 -10.24 6.38
C SER C 943 32.91 -11.21 7.53
N ALA C 944 33.52 -10.94 8.68
CA ALA C 944 33.25 -11.75 9.87
C ALA C 944 31.98 -11.28 10.57
N LEU C 945 31.89 -9.99 10.86
CA LEU C 945 30.68 -9.40 11.43
C LEU C 945 29.75 -8.87 10.33
N GLY C 946 29.46 -9.73 9.35
CA GLY C 946 28.60 -9.30 8.26
C GLY C 946 27.16 -9.07 8.70
N LYS C 947 26.65 -9.91 9.60
CA LYS C 947 25.26 -9.80 10.03
C LYS C 947 25.02 -8.47 10.73
N LEU C 948 25.97 -8.04 11.57
CA LEU C 948 25.79 -6.77 12.29
C LEU C 948 25.95 -5.58 11.37
N GLN C 949 26.89 -5.64 10.43
CA GLN C 949 27.10 -4.53 9.52
C GLN C 949 25.94 -4.38 8.54
N ASP C 950 25.30 -5.50 8.18
CA ASP C 950 24.16 -5.43 7.26
C ASP C 950 23.00 -4.64 7.85
N VAL C 951 22.78 -4.73 9.15
CA VAL C 951 21.70 -3.97 9.77
C VAL C 951 21.94 -2.48 9.64
N VAL C 952 23.17 -2.05 9.94
CA VAL C 952 23.52 -0.63 9.83
C VAL C 952 23.41 -0.17 8.38
N ASN C 953 23.92 -0.99 7.45
CA ASN C 953 23.85 -0.62 6.04
C ASN C 953 22.42 -0.49 5.57
N GLN C 954 21.55 -1.42 5.97
CA GLN C 954 20.16 -1.38 5.55
C GLN C 954 19.43 -0.16 6.13
N ASN C 955 19.67 0.14 7.40
CA ASN C 955 19.04 1.31 8.00
C ASN C 955 19.50 2.59 7.33
N ALA C 956 20.82 2.69 7.07
CA ALA C 956 21.35 3.88 6.41
C ALA C 956 20.79 4.01 5.00
N GLN C 957 20.67 2.89 4.27
CA GLN C 957 20.11 2.94 2.93
C GLN C 957 18.66 3.38 2.94
N ALA C 958 17.87 2.86 3.89
CA ALA C 958 16.47 3.27 3.99
C ALA C 958 16.34 4.75 4.30
N LEU C 959 17.14 5.25 5.24
CA LEU C 959 17.09 6.68 5.56
C LEU C 959 17.55 7.53 4.39
N ASN C 960 18.57 7.08 3.66
CA ASN C 960 19.04 7.82 2.50
C ASN C 960 17.98 7.89 1.42
N THR C 961 17.29 6.77 1.17
CA THR C 961 16.21 6.79 0.18
C THR C 961 15.08 7.71 0.61
N LEU C 962 14.71 7.66 1.90
CA LEU C 962 13.62 8.51 2.37
C LEU C 962 13.99 9.98 2.26
N VAL C 963 15.25 10.34 2.55
CA VAL C 963 15.66 11.73 2.47
C VAL C 963 15.86 12.17 1.02
N LYS C 964 16.19 11.25 0.12
CA LYS C 964 16.33 11.58 -1.29
C LYS C 964 14.99 11.67 -2.00
N GLN C 965 13.94 11.07 -1.44
CA GLN C 965 12.62 11.19 -2.07
C GLN C 965 12.00 12.56 -1.91
N LEU C 966 12.66 13.50 -1.23
CA LEU C 966 12.16 14.86 -1.12
C LEU C 966 12.51 15.72 -2.33
N SER C 967 13.30 15.20 -3.27
CA SER C 967 13.70 15.93 -4.45
C SER C 967 12.87 15.56 -5.68
N SER C 968 11.82 14.78 -5.50
CA SER C 968 11.00 14.32 -6.61
C SER C 968 9.78 15.21 -6.80
N ASN C 969 9.49 15.54 -8.05
CA ASN C 969 8.36 16.43 -8.35
C ASN C 969 7.03 15.76 -8.02
N PHE C 970 6.91 14.46 -8.30
CA PHE C 970 5.66 13.72 -8.16
C PHE C 970 4.55 14.33 -9.03
N GLY C 971 4.93 14.98 -10.12
CA GLY C 971 4.00 15.62 -11.02
C GLY C 971 3.85 17.12 -10.83
N ALA C 972 4.34 17.66 -9.71
CA ALA C 972 4.24 19.08 -9.45
C ALA C 972 5.25 19.85 -10.31
N ILE C 973 5.08 21.17 -10.33
CA ILE C 973 5.98 22.02 -11.10
C ILE C 973 7.37 22.08 -10.49
N SER C 974 7.50 21.77 -9.20
CA SER C 974 8.79 21.82 -8.53
C SER C 974 8.74 20.91 -7.32
N SER C 975 9.93 20.49 -6.89
CA SER C 975 10.08 19.66 -5.70
C SER C 975 10.27 20.47 -4.43
N VAL C 976 10.18 21.79 -4.51
CA VAL C 976 10.35 22.69 -3.37
C VAL C 976 9.02 23.37 -3.12
N LEU C 977 8.52 23.25 -1.88
CA LEU C 977 7.27 23.90 -1.52
C LEU C 977 7.38 25.42 -1.55
N ASN C 978 8.57 25.95 -1.26
CA ASN C 978 8.73 27.40 -1.20
C ASN C 978 8.55 28.03 -2.57
N ASP C 979 9.07 27.40 -3.63
CA ASP C 979 8.89 27.95 -4.97
C ASP C 979 7.42 27.94 -5.37
N ILE C 980 6.70 26.85 -5.08
CA ILE C 980 5.28 26.77 -5.41
C ILE C 980 4.49 27.83 -4.65
N LEU C 981 4.85 28.05 -3.38
CA LEU C 981 4.14 29.04 -2.57
C LEU C 981 4.45 30.46 -3.02
N SER C 982 5.68 30.73 -3.44
CA SER C 982 6.09 32.08 -3.80
C SER C 982 5.81 32.43 -5.26
N ARG C 983 5.46 31.45 -6.09
CA ARG C 983 5.15 31.72 -7.49
C ARG C 983 3.64 31.75 -7.76
N LEU C 984 2.90 30.80 -7.21
CA LEU C 984 1.49 30.66 -7.52
C LEU C 984 0.62 31.19 -6.39
N ASP C 985 -0.57 31.67 -6.77
CA ASP C 985 -1.57 32.05 -5.79
C ASP C 985 -2.12 30.80 -5.11
N PRO C 986 -2.67 30.93 -3.90
CA PRO C 986 -3.09 29.76 -3.12
C PRO C 986 -4.01 28.81 -3.90
N PRO C 987 -5.05 29.31 -4.59
CA PRO C 987 -5.97 28.35 -5.24
C PRO C 987 -5.30 27.46 -6.28
N GLU C 988 -4.33 27.99 -7.03
CA GLU C 988 -3.62 27.20 -8.02
C GLU C 988 -2.32 26.60 -7.50
N ALA C 989 -1.90 26.96 -6.29
CA ALA C 989 -0.74 26.32 -5.66
C ALA C 989 -1.12 25.12 -4.83
N GLU C 990 -2.38 25.06 -4.36
CA GLU C 990 -2.82 23.92 -3.57
C GLU C 990 -2.77 22.63 -4.37
N VAL C 991 -2.95 22.70 -5.69
CA VAL C 991 -2.91 21.48 -6.51
C VAL C 991 -1.51 20.86 -6.47
N GLN C 992 -0.48 21.67 -6.72
CA GLN C 992 0.89 21.17 -6.68
C GLN C 992 1.30 20.79 -5.25
N ILE C 993 0.86 21.55 -4.26
CA ILE C 993 1.17 21.20 -2.87
C ILE C 993 0.53 19.86 -2.51
N ASP C 994 -0.68 19.60 -3.03
CA ASP C 994 -1.34 18.34 -2.75
C ASP C 994 -0.65 17.18 -3.48
N ARG C 995 -0.14 17.44 -4.69
CA ARG C 995 0.65 16.41 -5.36
C ARG C 995 1.90 16.06 -4.54
N LEU C 996 2.60 17.08 -4.04
CA LEU C 996 3.77 16.83 -3.20
C LEU C 996 3.39 16.07 -1.93
N ILE C 997 2.25 16.45 -1.32
CA ILE C 997 1.81 15.77 -0.11
C ILE C 997 1.50 14.30 -0.39
N THR C 998 0.79 14.03 -1.48
CA THR C 998 0.41 12.65 -1.77
C THR C 998 1.58 11.81 -2.25
N GLY C 999 2.68 12.45 -2.66
CA GLY C 999 3.89 11.68 -2.92
C GLY C 999 4.70 11.41 -1.67
N ARG C 1000 4.88 12.44 -0.85
CA ARG C 1000 5.72 12.32 0.34
C ARG C 1000 5.06 11.41 1.38
N LEU C 1001 3.73 11.46 1.50
CA LEU C 1001 3.03 10.57 2.41
C LEU C 1001 3.20 9.11 2.00
N GLN C 1002 3.13 8.85 0.68
CA GLN C 1002 3.36 7.50 0.20
C GLN C 1002 4.78 7.03 0.48
N SER C 1003 5.75 7.92 0.28
CA SER C 1003 7.14 7.57 0.61
C SER C 1003 7.30 7.24 2.08
N LEU C 1004 6.71 8.06 2.96
CA LEU C 1004 6.79 7.82 4.39
C LEU C 1004 6.12 6.50 4.77
N GLN C 1005 4.96 6.21 4.16
CA GLN C 1005 4.27 4.95 4.44
C GLN C 1005 5.12 3.76 4.03
N THR C 1006 5.74 3.83 2.86
CA THR C 1006 6.61 2.74 2.42
C THR C 1006 7.78 2.56 3.40
N TYR C 1007 8.39 3.66 3.83
CA TYR C 1007 9.48 3.56 4.79
C TYR C 1007 9.03 2.92 6.10
N VAL C 1008 7.87 3.32 6.60
CA VAL C 1008 7.39 2.79 7.89
C VAL C 1008 7.05 1.31 7.76
N THR C 1009 6.45 0.92 6.64
CA THR C 1009 6.10 -0.49 6.46
C THR C 1009 7.35 -1.37 6.37
N GLN C 1010 8.33 -0.94 5.57
CA GLN C 1010 9.56 -1.72 5.47
C GLN C 1010 10.31 -1.75 6.80
N GLN C 1011 10.26 -0.65 7.56
CA GLN C 1011 10.88 -0.66 8.89
C GLN C 1011 10.16 -1.58 9.85
N LEU C 1012 8.84 -1.68 9.74
CA LEU C 1012 8.10 -2.62 10.59
C LEU C 1012 8.47 -4.05 10.27
N ILE C 1013 8.60 -4.38 8.98
CA ILE C 1013 9.01 -5.74 8.59
C ILE C 1013 10.41 -6.03 9.12
N ARG C 1014 11.33 -5.08 8.95
CA ARG C 1014 12.70 -5.27 9.44
C ARG C 1014 12.71 -5.38 10.95
N ALA C 1015 11.84 -4.65 11.64
CA ALA C 1015 11.76 -4.75 13.09
C ALA C 1015 11.25 -6.11 13.53
N ALA C 1016 10.30 -6.69 12.78
CA ALA C 1016 9.86 -8.06 13.08
C ALA C 1016 11.00 -9.04 12.92
N GLU C 1017 11.78 -8.91 11.84
CA GLU C 1017 12.93 -9.79 11.65
C GLU C 1017 13.95 -9.63 12.78
N ILE C 1018 14.23 -8.39 13.17
CA ILE C 1018 15.19 -8.14 14.24
C ILE C 1018 14.68 -8.67 15.57
N ARG C 1019 13.37 -8.59 15.80
CA ARG C 1019 12.79 -9.14 17.01
C ARG C 1019 12.92 -10.66 17.04
N ALA C 1020 12.72 -11.31 15.91
CA ALA C 1020 12.94 -12.75 15.84
C ALA C 1020 14.39 -13.10 16.16
N SER C 1021 15.33 -12.34 15.59
CA SER C 1021 16.74 -12.60 15.86
C SER C 1021 17.08 -12.35 17.33
N ALA C 1022 16.48 -11.33 17.94
CA ALA C 1022 16.72 -11.04 19.34
C ALA C 1022 16.12 -12.12 20.24
N ASN C 1023 14.97 -12.67 19.86
CA ASN C 1023 14.40 -13.79 20.60
C ASN C 1023 15.32 -15.00 20.53
N LEU C 1024 15.89 -15.27 19.35
CA LEU C 1024 16.85 -16.37 19.25
C LEU C 1024 18.08 -16.11 20.10
N ALA C 1025 18.57 -14.87 20.12
CA ALA C 1025 19.73 -14.53 20.94
C ALA C 1025 19.44 -14.70 22.43
N ALA C 1026 18.25 -14.29 22.86
CA ALA C 1026 17.87 -14.46 24.26
C ALA C 1026 17.74 -15.93 24.62
N THR C 1027 17.19 -16.74 23.72
CA THR C 1027 17.11 -18.18 23.97
C THR C 1027 18.50 -18.78 24.07
N LYS C 1028 19.43 -18.36 23.20
CA LYS C 1028 20.79 -18.87 23.26
C LYS C 1028 21.48 -18.47 24.56
N MET C 1029 21.27 -17.23 25.00
CA MET C 1029 21.84 -16.79 26.26
C MET C 1029 21.29 -17.60 27.43
N SER C 1030 19.98 -17.86 27.43
CA SER C 1030 19.38 -18.64 28.51
C SER C 1030 19.87 -20.08 28.53
N GLU C 1031 19.96 -20.71 27.35
CA GLU C 1031 20.17 -22.15 27.29
C GLU C 1031 21.61 -22.56 27.05
N CYS C 1032 22.53 -21.62 26.82
CA CYS C 1032 23.91 -22.00 26.55
C CYS C 1032 24.89 -21.27 27.46
N VAL C 1033 24.57 -20.03 27.82
CA VAL C 1033 25.42 -19.30 28.75
C VAL C 1033 25.05 -19.66 30.19
N LEU C 1034 23.76 -19.77 30.48
CA LEU C 1034 23.29 -20.12 31.82
C LEU C 1034 23.09 -21.62 32.00
N GLY C 1035 23.42 -22.42 30.99
CA GLY C 1035 23.25 -23.86 31.11
C GLY C 1035 24.00 -24.56 29.99
N GLN C 1036 23.87 -25.88 29.98
CA GLN C 1036 24.50 -26.73 28.98
C GLN C 1036 23.39 -27.41 28.17
N SER C 1037 23.39 -27.19 26.87
CA SER C 1037 22.30 -27.62 26.00
C SER C 1037 22.65 -28.92 25.30
N LYS C 1038 21.68 -29.83 25.26
CA LYS C 1038 21.79 -31.09 24.52
C LYS C 1038 21.26 -30.97 23.10
N ARG C 1039 20.72 -29.82 22.72
CA ARG C 1039 20.20 -29.63 21.38
C ARG C 1039 21.36 -29.64 20.38
N VAL C 1040 21.19 -30.43 19.32
CA VAL C 1040 22.29 -30.65 18.37
C VAL C 1040 22.44 -29.43 17.48
N ASP C 1041 23.68 -28.96 17.34
CA ASP C 1041 24.06 -27.83 16.51
C ASP C 1041 23.36 -26.54 16.91
N PHE C 1042 22.74 -26.50 18.09
CA PHE C 1042 22.12 -25.26 18.55
C PHE C 1042 23.16 -24.25 18.97
N CYS C 1043 24.26 -24.71 19.59
CA CYS C 1043 25.29 -23.84 20.13
C CYS C 1043 26.67 -24.35 19.74
N GLY C 1044 26.85 -24.63 18.45
CA GLY C 1044 28.16 -24.99 17.93
C GLY C 1044 28.24 -26.38 17.35
N LYS C 1045 29.19 -26.60 16.45
CA LYS C 1045 29.39 -27.91 15.84
C LYS C 1045 30.19 -28.77 16.80
N GLY C 1046 29.53 -29.75 17.40
CA GLY C 1046 30.14 -30.62 18.39
C GLY C 1046 29.28 -30.72 19.62
N TYR C 1047 29.79 -31.46 20.61
CA TYR C 1047 29.08 -31.64 21.87
C TYR C 1047 29.32 -30.41 22.73
N HIS C 1048 28.24 -29.65 22.96
CA HIS C 1048 28.36 -28.37 23.66
C HIS C 1048 28.96 -28.55 25.04
N LEU C 1049 29.95 -27.72 25.36
CA LEU C 1049 30.51 -27.65 26.71
C LEU C 1049 30.04 -26.40 27.43
N MET C 1050 30.26 -25.22 26.85
CA MET C 1050 29.80 -23.98 27.47
C MET C 1050 29.78 -22.87 26.42
N SER C 1051 29.43 -21.66 26.86
CA SER C 1051 29.33 -20.53 25.97
C SER C 1051 29.69 -19.25 26.71
N PHE C 1052 30.21 -18.28 25.98
CA PHE C 1052 30.60 -16.98 26.54
C PHE C 1052 29.96 -15.88 25.71
N PRO C 1053 29.21 -14.96 26.33
CA PRO C 1053 28.66 -13.83 25.58
C PRO C 1053 29.62 -12.66 25.51
N GLN C 1054 29.53 -11.92 24.40
CA GLN C 1054 30.27 -10.69 24.21
C GLN C 1054 29.35 -9.67 23.56
N SER C 1055 29.39 -8.44 24.06
CA SER C 1055 28.61 -7.38 23.44
C SER C 1055 29.27 -6.94 22.14
N ALA C 1056 28.47 -6.59 21.15
CA ALA C 1056 28.96 -6.08 19.88
C ALA C 1056 28.00 -5.01 19.41
N PRO C 1057 28.44 -4.09 18.53
CA PRO C 1057 27.55 -3.03 18.07
C PRO C 1057 26.24 -3.56 17.51
N HIS C 1058 25.14 -3.27 18.21
CA HIS C 1058 23.79 -3.68 17.83
C HIS C 1058 23.65 -5.20 17.80
N GLY C 1059 24.32 -5.91 18.70
CA GLY C 1059 24.15 -7.36 18.70
C GLY C 1059 25.02 -8.03 19.74
N VAL C 1060 24.99 -9.36 19.69
CA VAL C 1060 25.70 -10.21 20.63
C VAL C 1060 26.55 -11.19 19.85
N VAL C 1061 27.63 -11.64 20.47
CA VAL C 1061 28.55 -12.61 19.88
C VAL C 1061 28.74 -13.73 20.89
N PHE C 1062 28.37 -14.94 20.52
CA PHE C 1062 28.52 -16.10 21.38
C PHE C 1062 29.76 -16.87 20.98
N LEU C 1063 30.66 -17.09 21.93
CA LEU C 1063 31.79 -18.00 21.76
C LEU C 1063 31.38 -19.35 22.31
N HIS C 1064 31.14 -20.31 21.43
CA HIS C 1064 30.66 -21.63 21.81
C HIS C 1064 31.85 -22.56 21.97
N VAL C 1065 32.13 -22.97 23.20
CA VAL C 1065 33.19 -23.92 23.49
C VAL C 1065 32.58 -25.31 23.48
N THR C 1066 33.03 -26.15 22.55
CA THR C 1066 32.45 -27.46 22.30
C THR C 1066 33.55 -28.51 22.22
N TYR C 1067 33.13 -29.76 22.41
CA TYR C 1067 33.99 -30.93 22.41
C TYR C 1067 33.81 -31.68 21.10
N VAL C 1068 34.90 -31.92 20.39
CA VAL C 1068 34.87 -32.60 19.11
C VAL C 1068 35.72 -33.86 19.19
N PRO C 1069 35.19 -35.04 18.89
CA PRO C 1069 36.01 -36.24 18.88
C PRO C 1069 37.06 -36.20 17.78
N ALA C 1070 38.14 -36.95 17.98
CA ALA C 1070 39.22 -36.96 17.01
C ALA C 1070 40.06 -38.21 17.22
N GLN C 1071 40.84 -38.55 16.19
CA GLN C 1071 41.72 -39.72 16.18
C GLN C 1071 40.94 -41.00 16.42
N GLU C 1072 40.04 -41.29 15.47
CA GLU C 1072 39.21 -42.48 15.55
C GLU C 1072 40.04 -43.74 15.36
N LYS C 1073 39.53 -44.86 15.86
CA LYS C 1073 40.15 -46.16 15.67
C LYS C 1073 39.06 -47.21 15.50
N ASN C 1074 39.29 -48.15 14.60
CA ASN C 1074 38.32 -49.19 14.28
C ASN C 1074 38.55 -50.42 15.16
N PHE C 1075 37.47 -50.94 15.73
CA PHE C 1075 37.49 -52.15 16.54
C PHE C 1075 36.35 -53.07 16.11
N THR C 1076 36.47 -54.34 16.49
CA THR C 1076 35.40 -55.30 16.32
C THR C 1076 34.46 -55.20 17.50
N THR C 1077 33.16 -55.14 17.23
CA THR C 1077 32.17 -54.90 18.27
C THR C 1077 31.19 -56.06 18.35
N ALA C 1078 30.43 -56.10 19.44
CA ALA C 1078 29.48 -57.17 19.68
C ALA C 1078 28.29 -56.64 20.47
N PRO C 1079 27.06 -57.00 20.09
CA PRO C 1079 25.90 -56.55 20.88
C PRO C 1079 25.94 -57.03 22.32
N ALA C 1080 26.42 -58.24 22.56
CA ALA C 1080 26.48 -58.79 23.92
C ALA C 1080 27.54 -59.88 23.95
N ILE C 1081 27.93 -60.26 25.16
CA ILE C 1081 28.94 -61.28 25.37
C ILE C 1081 28.32 -62.43 26.16
N CYS C 1082 28.47 -63.65 25.64
CA CYS C 1082 27.83 -64.83 26.21
C CYS C 1082 28.78 -65.49 27.21
N HIS C 1083 28.50 -65.30 28.49
CA HIS C 1083 29.15 -66.07 29.54
C HIS C 1083 28.46 -67.42 29.65
N ASP C 1084 28.70 -68.15 30.73
CA ASP C 1084 28.11 -69.48 30.88
C ASP C 1084 26.59 -69.40 30.95
N GLY C 1085 25.92 -69.79 29.86
CA GLY C 1085 24.48 -69.81 29.81
C GLY C 1085 23.81 -68.47 30.05
N LYS C 1086 24.51 -67.37 29.83
CA LYS C 1086 23.98 -66.05 30.12
C LYS C 1086 24.48 -65.04 29.09
N ALA C 1087 23.68 -63.99 28.88
CA ALA C 1087 24.02 -62.91 27.96
C ALA C 1087 24.26 -61.65 28.76
N HIS C 1088 25.41 -61.01 28.54
CA HIS C 1088 25.81 -59.81 29.27
C HIS C 1088 25.83 -58.62 28.33
N PHE C 1089 25.11 -57.56 28.72
CA PHE C 1089 25.08 -56.31 27.98
C PHE C 1089 25.77 -55.21 28.77
N PRO C 1090 26.51 -54.32 28.11
CA PRO C 1090 27.21 -53.27 28.85
C PRO C 1090 26.24 -52.29 29.49
N ARG C 1091 26.52 -51.93 30.73
CA ARG C 1091 25.67 -50.98 31.45
C ARG C 1091 25.69 -49.62 30.77
N GLU C 1092 26.86 -48.98 30.72
CA GLU C 1092 27.04 -47.69 30.04
C GLU C 1092 28.37 -47.79 29.28
N GLY C 1093 28.29 -48.25 28.04
CA GLY C 1093 29.50 -48.43 27.25
C GLY C 1093 29.22 -49.29 26.04
N VAL C 1094 30.29 -49.82 25.47
CA VAL C 1094 30.23 -50.64 24.26
C VAL C 1094 31.34 -51.67 24.32
N PHE C 1095 31.07 -52.86 23.80
CA PHE C 1095 32.06 -53.93 23.73
C PHE C 1095 32.90 -53.76 22.47
N VAL C 1096 34.22 -53.75 22.63
CA VAL C 1096 35.16 -53.66 21.53
C VAL C 1096 36.23 -54.74 21.71
N SER C 1097 36.98 -54.99 20.64
CA SER C 1097 38.03 -55.99 20.65
C SER C 1097 39.25 -55.43 19.94
N ASN C 1098 40.42 -55.54 20.58
CA ASN C 1098 41.67 -55.14 19.96
C ASN C 1098 42.31 -56.26 19.18
N GLY C 1099 41.53 -57.27 18.77
CA GLY C 1099 42.04 -58.38 18.00
C GLY C 1099 42.02 -59.69 18.75
N THR C 1100 42.38 -59.66 20.03
CA THR C 1100 42.43 -60.86 20.85
C THR C 1100 41.52 -60.79 22.07
N HIS C 1101 41.59 -59.71 22.84
CA HIS C 1101 40.80 -59.56 24.06
C HIS C 1101 39.61 -58.65 23.83
N TRP C 1102 38.61 -58.81 24.69
CA TRP C 1102 37.37 -58.04 24.63
C TRP C 1102 37.30 -57.09 25.82
N PHE C 1103 37.03 -55.82 25.53
CA PHE C 1103 36.95 -54.78 26.56
C PHE C 1103 35.61 -54.06 26.44
N VAL C 1104 35.24 -53.38 27.52
CA VAL C 1104 34.08 -52.50 27.54
C VAL C 1104 34.56 -51.07 27.76
N THR C 1105 34.17 -50.17 26.87
CA THR C 1105 34.62 -48.79 26.90
C THR C 1105 33.41 -47.86 26.97
N GLN C 1106 33.68 -46.57 27.08
CA GLN C 1106 32.66 -45.56 26.89
C GLN C 1106 32.58 -45.17 25.43
N ARG C 1107 31.38 -44.82 24.98
CA ARG C 1107 31.12 -44.64 23.56
C ARG C 1107 31.72 -43.37 22.97
N ASN C 1108 32.24 -42.46 23.81
CA ASN C 1108 32.76 -41.20 23.34
C ASN C 1108 34.26 -41.02 23.54
N PHE C 1109 34.93 -42.01 24.14
CA PHE C 1109 36.37 -41.90 24.40
C PHE C 1109 36.89 -43.30 24.65
N TYR C 1110 38.02 -43.64 24.02
CA TYR C 1110 38.59 -44.97 24.11
C TYR C 1110 39.25 -45.14 25.47
N GLU C 1111 38.53 -45.78 26.40
CA GLU C 1111 39.07 -46.16 27.71
C GLU C 1111 38.69 -47.61 27.94
N PRO C 1112 39.47 -48.55 27.39
CA PRO C 1112 39.12 -49.97 27.54
C PRO C 1112 39.21 -50.42 28.98
N GLN C 1113 38.22 -51.21 29.39
CA GLN C 1113 38.14 -51.74 30.74
C GLN C 1113 37.87 -53.24 30.67
N ILE C 1114 38.40 -53.97 31.65
CA ILE C 1114 38.19 -55.41 31.71
C ILE C 1114 36.72 -55.68 31.99
N ILE C 1115 36.13 -56.59 31.23
CA ILE C 1115 34.70 -56.85 31.32
C ILE C 1115 34.43 -57.67 32.57
N THR C 1116 33.80 -57.05 33.56
CA THR C 1116 33.46 -57.70 34.83
C THR C 1116 31.96 -57.66 35.04
N THR C 1117 31.53 -58.10 36.22
CA THR C 1117 30.11 -58.12 36.53
C THR C 1117 29.56 -56.71 36.75
N ASP C 1118 30.37 -55.83 37.32
CA ASP C 1118 29.90 -54.45 37.54
C ASP C 1118 29.78 -53.69 36.23
N ASN C 1119 30.55 -54.07 35.21
CA ASN C 1119 30.48 -53.38 33.93
C ASN C 1119 29.21 -53.73 33.15
N THR C 1120 28.72 -54.96 33.29
CA THR C 1120 27.64 -55.48 32.46
C THR C 1120 26.45 -55.90 33.32
N PHE C 1121 25.37 -56.28 32.65
CA PHE C 1121 24.19 -56.83 33.31
C PHE C 1121 23.65 -57.99 32.48
N VAL C 1122 23.00 -58.93 33.16
CA VAL C 1122 22.52 -60.17 32.54
C VAL C 1122 21.06 -60.02 32.17
N SER C 1123 20.72 -60.42 30.95
CA SER C 1123 19.34 -60.33 30.46
C SER C 1123 18.95 -61.58 29.68
N GLY C 1124 19.26 -62.76 30.23
CA GLY C 1124 18.76 -64.01 29.69
C GLY C 1124 19.90 -64.91 29.21
N ASN C 1125 19.65 -65.59 28.09
CA ASN C 1125 20.57 -66.58 27.54
C ASN C 1125 21.02 -66.18 26.15
N CYS C 1126 21.94 -66.97 25.61
CA CYS C 1126 22.59 -66.66 24.33
C CYS C 1126 21.88 -67.37 23.17
N ASP C 1127 20.61 -67.03 22.97
CA ASP C 1127 19.84 -67.64 21.88
C ASP C 1127 18.99 -66.65 21.08
N VAL C 1128 18.78 -65.43 21.56
CA VAL C 1128 17.93 -64.47 20.87
C VAL C 1128 18.70 -63.27 20.34
N VAL C 1129 19.96 -63.09 20.74
CA VAL C 1129 20.76 -61.96 20.29
C VAL C 1129 21.55 -62.37 19.07
N ILE C 1130 21.46 -61.57 18.01
CA ILE C 1130 22.17 -61.83 16.76
C ILE C 1130 23.48 -61.06 16.81
N GLY C 1131 24.59 -61.77 16.96
CA GLY C 1131 25.89 -61.15 17.06
C GLY C 1131 26.57 -61.38 18.39
N ILE C 1132 25.94 -62.20 19.23
CA ILE C 1132 26.50 -62.50 20.55
C ILE C 1132 27.81 -63.25 20.39
N VAL C 1133 28.81 -62.88 21.20
CA VAL C 1133 30.17 -63.38 21.06
C VAL C 1133 30.59 -64.04 22.37
N ASN C 1134 31.19 -65.22 22.27
CA ASN C 1134 31.63 -65.96 23.43
C ASN C 1134 32.85 -65.30 24.05
N ASN C 1135 32.78 -64.99 25.34
CA ASN C 1135 33.91 -64.45 26.08
C ASN C 1135 33.63 -64.61 27.57
N THR C 1136 34.68 -64.42 28.36
CA THR C 1136 34.59 -64.59 29.80
C THR C 1136 34.35 -63.26 30.50
N VAL C 1137 33.41 -63.25 31.44
CA VAL C 1137 33.15 -62.09 32.29
C VAL C 1137 33.76 -62.40 33.64
N TYR C 1138 34.78 -61.63 34.01
CA TYR C 1138 35.52 -61.89 35.23
CA TYR C 1138 35.52 -61.90 35.23
C TYR C 1138 34.71 -61.45 36.45
N ASP C 1139 34.58 -62.34 37.43
CA ASP C 1139 33.86 -62.03 38.65
C ASP C 1139 34.76 -61.22 39.58
N PRO C 1140 34.36 -60.03 40.00
CA PRO C 1140 35.23 -59.22 40.88
C PRO C 1140 35.29 -59.72 42.32
N LEU C 1141 34.46 -60.68 42.71
CA LEU C 1141 34.40 -61.15 44.09
C LEU C 1141 34.98 -62.54 44.31
N GLN C 1142 34.78 -63.46 43.36
CA GLN C 1142 35.21 -64.84 43.57
C GLN C 1142 36.70 -65.00 43.84
N PRO C 1143 37.63 -64.34 43.13
CA PRO C 1143 39.04 -64.50 43.49
C PRO C 1143 39.36 -64.10 44.93
N GLU C 1144 38.73 -63.04 45.44
CA GLU C 1144 38.98 -62.64 46.82
C GLU C 1144 38.33 -63.61 47.80
N LEU C 1145 37.16 -64.14 47.44
CA LEU C 1145 36.48 -65.11 48.31
C LEU C 1145 37.26 -66.42 48.41
N ASP C 1146 37.90 -66.84 47.31
CA ASP C 1146 38.64 -68.08 47.30
C ASP C 1146 39.96 -68.00 48.04
N SER C 1147 40.41 -66.80 48.41
CA SER C 1147 41.66 -66.65 49.15
C SER C 1147 41.41 -65.98 50.50
#